data_6K8N
#
_entry.id   6K8N
#
_cell.length_a   110.671
_cell.length_b   90.040
_cell.length_c   156.184
_cell.angle_alpha   90.00
_cell.angle_beta   100.52
_cell.angle_gamma   90.00
#
_symmetry.space_group_name_H-M   'P 1 21 1'
#
loop_
_entity.id
_entity.type
_entity.pdbx_description
1 polymer 'topoisomerase III'
2 non-polymer 'ZINC ION'
3 water water
#
_entity_poly.entity_id   1
_entity_poly.type   'polypeptide(L)'
_entity_poly.pdbx_seq_one_letter_code
;MNLCNVNNYYLIIAEKSKAAKKIAEALSEKPILCRKYNVSYWIIKDHNSSKYVIVPAAGHLFGLKGESGFPVYDADWKPL
WEIDKNSYYTKRYYQLISSLSKYALGFINACDYDIEGSVIGYLIIKNLGDIKKAKRMKFSALTKSDILSAFRNISALDYD
MINAGIARHKIDWLWGINVSRALMISLQDFAKKRVILSAGRVQSPTLVQVVNSEIERNLFIPLPKFTVSIIVKIKDYSLN
IKVNKEFEKITEAKEFLNKLINKTVKVVEVENRVRLLERPSPFNLTDLQIEAGRIYGISPYNVERIAEDLYLDGLISFPR
TNSQKIPSTISIYNIIKGLENSSYRKLVDLVRKITGGKYVVKQGIKDDPAHPAIHPTGEAPKNLPNSKFKIYDLIARRFL
GSVSADAKLSNTIYTLKVSDFPLEFTVSYTKILERNWLDIYHFHNVKEDKPIFLSKGDEGKIVDGKVNISLSKPTSRYTK
VSLLKWMESSNLGTEATRGRIIEILVKRKYLTNNGRYIIPTKLGFYIAEILNKFFPDIVDVRMTADMESKLEMIKTGKVL
ESKVIKENIEKLNKFIEEYKVNKDKVGESLAKALGLIKIVKCKYCDLEQYKDGLCKYHYEAKVRLLDAVEIWKERTKYDH
KKILKRISSSKSTGKYVKDIVTYMLSSE
;
_entity_poly.pdbx_strand_id   A,B,C,D
#
loop_
_chem_comp.id
_chem_comp.type
_chem_comp.name
_chem_comp.formula
ZN non-polymer 'ZINC ION' 'Zn 2'
#
# COMPACT_ATOMS: atom_id res chain seq x y z
N MET A 1 27.72 -36.96 26.71
CA MET A 1 26.53 -36.42 26.07
C MET A 1 26.37 -36.84 24.60
N ASN A 2 25.21 -37.38 24.26
CA ASN A 2 24.89 -37.79 22.90
C ASN A 2 23.96 -36.74 22.31
N LEU A 3 24.44 -36.01 21.31
CA LEU A 3 23.66 -34.88 20.77
C LEU A 3 22.26 -35.32 20.31
N CYS A 4 22.16 -36.48 19.68
CA CYS A 4 20.92 -36.92 19.08
C CYS A 4 20.14 -37.89 19.97
N ASN A 5 20.44 -37.89 21.26
CA ASN A 5 19.69 -38.66 22.23
C ASN A 5 18.56 -37.80 22.77
N VAL A 6 17.33 -38.31 22.71
CA VAL A 6 16.18 -37.57 23.18
C VAL A 6 15.09 -38.54 23.59
N ASN A 7 14.26 -38.11 24.54
CA ASN A 7 13.14 -38.92 24.99
C ASN A 7 12.06 -37.96 25.45
N ASN A 8 10.85 -38.48 25.65
CA ASN A 8 9.70 -37.66 26.10
C ASN A 8 9.50 -36.47 25.17
N TYR A 9 9.22 -36.79 23.91
CA TYR A 9 9.08 -35.79 22.89
C TYR A 9 7.76 -36.00 22.15
N TYR A 10 7.27 -34.92 21.56
CA TYR A 10 6.20 -34.94 20.59
C TYR A 10 6.80 -35.10 19.20
N LEU A 11 6.23 -36.00 18.40
CA LEU A 11 6.74 -36.27 17.05
C LEU A 11 5.98 -35.42 16.04
N ILE A 12 6.68 -34.52 15.35
CA ILE A 12 6.06 -33.69 14.32
C ILE A 12 6.38 -34.27 12.96
N ILE A 13 5.34 -34.64 12.22
CA ILE A 13 5.52 -35.24 10.90
C ILE A 13 5.30 -34.17 9.86
N ALA A 14 6.32 -33.96 9.03
CA ALA A 14 6.23 -33.09 7.88
C ALA A 14 6.34 -33.93 6.62
N GLU A 15 5.87 -33.33 5.54
CA GLU A 15 5.83 -34.00 4.26
C GLU A 15 7.21 -34.08 3.62
N LYS A 16 7.95 -32.98 3.63
CA LYS A 16 9.20 -32.87 2.89
C LYS A 16 10.30 -32.43 3.83
N SER A 17 11.53 -32.81 3.49
CA SER A 17 12.69 -32.39 4.29
C SER A 17 12.76 -30.88 4.43
N LYS A 18 12.46 -30.12 3.38
CA LYS A 18 12.54 -28.67 3.50
C LYS A 18 11.52 -28.13 4.49
N ALA A 19 10.31 -28.68 4.50
CA ALA A 19 9.32 -28.22 5.47
C ALA A 19 9.74 -28.57 6.89
N ALA A 20 10.28 -29.78 7.08
CA ALA A 20 10.75 -30.18 8.41
C ALA A 20 11.81 -29.22 8.91
N LYS A 21 12.81 -28.92 8.07
CA LYS A 21 13.83 -27.93 8.43
C LYS A 21 13.20 -26.58 8.77
N LYS A 22 12.26 -26.11 7.93
CA LYS A 22 11.64 -24.81 8.21
C LYS A 22 10.92 -24.82 9.54
N ILE A 23 10.24 -25.92 9.87
CA ILE A 23 9.50 -25.99 11.13
C ILE A 23 10.47 -26.00 12.31
N ALA A 24 11.59 -26.71 12.18
CA ALA A 24 12.60 -26.72 13.22
C ALA A 24 13.14 -25.32 13.49
N GLU A 25 13.49 -24.58 12.44
CA GLU A 25 13.99 -23.22 12.59
C GLU A 25 12.94 -22.26 13.13
N ALA A 26 11.65 -22.56 12.93
CA ALA A 26 10.63 -21.73 13.54
C ALA A 26 10.54 -21.97 15.04
N LEU A 27 10.88 -23.17 15.47
CA LEU A 27 10.63 -23.55 16.86
C LEU A 27 11.84 -23.36 17.76
N SER A 28 13.01 -23.15 17.21
CA SER A 28 14.22 -23.10 18.02
C SER A 28 15.29 -22.31 17.28
N GLU A 29 16.07 -21.52 18.00
CA GLU A 29 17.20 -20.86 17.38
C GLU A 29 18.37 -21.80 17.19
N LYS A 30 18.37 -22.94 17.86
CA LYS A 30 19.41 -23.95 17.70
C LYS A 30 18.76 -25.33 17.62
N PRO A 31 18.08 -25.62 16.51
CA PRO A 31 17.60 -26.99 16.31
C PRO A 31 18.80 -27.89 16.04
N ILE A 32 18.62 -29.16 16.34
CA ILE A 32 19.69 -30.15 16.23
C ILE A 32 19.42 -31.04 15.01
N LEU A 33 20.37 -31.07 14.09
CA LEU A 33 20.29 -31.94 12.93
C LEU A 33 20.81 -33.32 13.29
N CYS A 34 20.00 -34.36 13.03
CA CYS A 34 20.38 -35.75 13.27
C CYS A 34 20.18 -36.57 12.01
N ARG A 35 20.86 -37.71 11.94
CA ARG A 35 20.72 -38.59 10.79
C ARG A 35 20.55 -40.02 11.25
N LYS A 36 19.54 -40.69 10.71
CA LYS A 36 19.37 -42.11 10.97
C LYS A 36 18.73 -42.75 9.75
N TYR A 37 19.15 -43.97 9.41
CA TYR A 37 18.71 -44.61 8.17
C TYR A 37 18.98 -43.75 6.95
N ASN A 38 19.93 -42.82 7.07
CA ASN A 38 20.28 -41.85 6.04
C ASN A 38 19.19 -40.81 5.80
N VAL A 39 18.38 -40.49 6.82
CA VAL A 39 17.35 -39.47 6.73
C VAL A 39 17.63 -38.40 7.75
N SER A 40 17.61 -37.14 7.31
CA SER A 40 17.85 -36.04 8.23
C SER A 40 16.57 -35.70 8.99
N TYR A 41 16.69 -35.50 10.30
CA TYR A 41 15.56 -35.09 11.11
C TYR A 41 16.06 -34.12 12.17
N TRP A 42 15.14 -33.52 12.91
CA TRP A 42 15.48 -32.42 13.79
C TRP A 42 14.95 -32.68 15.20
N ILE A 43 15.76 -32.30 16.18
CA ILE A 43 15.36 -32.32 17.59
C ILE A 43 15.29 -30.88 18.08
N ILE A 44 14.18 -30.55 18.73
CA ILE A 44 13.97 -29.28 19.40
C ILE A 44 13.92 -29.60 20.89
N LYS A 45 15.00 -29.31 21.62
CA LYS A 45 14.96 -29.34 23.07
C LYS A 45 14.60 -27.99 23.68
N ASP A 46 14.55 -26.92 22.87
CA ASP A 46 14.48 -25.55 23.35
C ASP A 46 13.07 -25.03 23.58
N HIS A 47 12.10 -25.40 22.74
CA HIS A 47 10.84 -24.66 22.67
C HIS A 47 9.95 -24.97 23.86
N ASN A 48 9.76 -23.97 24.71
CA ASN A 48 8.97 -24.09 25.94
C ASN A 48 9.56 -25.22 26.77
N SER A 49 8.71 -25.90 27.55
CA SER A 49 9.17 -26.99 28.39
C SER A 49 9.14 -28.33 27.67
N SER A 50 8.48 -28.41 26.52
CA SER A 50 8.32 -29.66 25.82
C SER A 50 9.43 -29.84 24.79
N LYS A 51 9.71 -31.10 24.48
CA LYS A 51 10.66 -31.47 23.45
C LYS A 51 9.94 -31.87 22.17
N TYR A 52 10.61 -31.73 21.02
CA TYR A 52 10.01 -32.05 19.73
C TYR A 52 11.04 -32.68 18.82
N VAL A 53 10.60 -33.67 18.06
CA VAL A 53 11.37 -34.28 16.99
C VAL A 53 10.58 -34.06 15.70
N ILE A 54 11.24 -33.56 14.66
CA ILE A 54 10.58 -33.20 13.41
C ILE A 54 11.21 -34.05 12.31
N VAL A 55 10.37 -34.85 11.67
CA VAL A 55 10.82 -35.88 10.73
C VAL A 55 10.07 -35.71 9.42
N PRO A 56 10.72 -35.85 8.27
CA PRO A 56 10.00 -35.79 7.00
C PRO A 56 9.44 -37.15 6.59
N ALA A 57 8.26 -37.12 5.99
CA ALA A 57 7.71 -38.34 5.40
C ALA A 57 8.28 -38.61 4.02
N ALA A 58 8.75 -37.56 3.35
CA ALA A 58 9.27 -37.58 1.98
C ALA A 58 8.18 -37.65 0.92
N GLY A 59 6.89 -37.68 1.30
CA GLY A 59 5.80 -37.99 0.42
C GLY A 59 4.94 -39.09 1.00
N HIS A 60 4.15 -39.73 0.16
CA HIS A 60 3.33 -40.84 0.64
C HIS A 60 4.22 -41.94 1.20
N LEU A 61 3.88 -42.48 2.37
CA LEU A 61 4.54 -43.71 2.80
C LEU A 61 3.65 -44.93 2.65
N PHE A 62 2.37 -44.75 2.36
CA PHE A 62 1.45 -45.86 2.27
C PHE A 62 0.74 -45.83 0.92
N GLY A 63 0.30 -47.01 0.50
CA GLY A 63 -0.37 -47.17 -0.77
C GLY A 63 -1.46 -48.21 -0.64
N LEU A 64 -2.23 -48.37 -1.70
CA LEU A 64 -3.37 -49.26 -1.68
C LEU A 64 -2.98 -50.58 -2.32
N LYS A 65 -3.38 -51.65 -1.67
CA LYS A 65 -3.17 -53.01 -2.14
C LYS A 65 -4.53 -53.70 -2.25
N GLY A 66 -4.73 -54.42 -3.33
CA GLY A 66 -5.96 -55.18 -3.50
C GLY A 66 -5.77 -56.59 -4.04
N GLU A 67 -6.88 -57.25 -4.37
CA GLU A 67 -6.87 -58.54 -5.04
C GLU A 67 -6.16 -58.46 -6.38
N SER A 68 -5.52 -59.56 -6.79
CA SER A 68 -5.02 -59.71 -8.14
C SER A 68 -6.18 -60.07 -9.08
N GLY A 69 -5.97 -59.84 -10.37
CA GLY A 69 -6.99 -60.17 -11.36
C GLY A 69 -8.21 -59.24 -11.33
N PHE A 70 -9.24 -59.64 -12.08
CA PHE A 70 -10.48 -58.88 -12.21
C PHE A 70 -11.68 -59.72 -11.77
N PRO A 71 -12.62 -59.15 -10.99
CA PRO A 71 -12.69 -57.82 -10.39
C PRO A 71 -12.00 -57.66 -9.05
N VAL A 72 -11.86 -56.41 -8.64
CA VAL A 72 -11.18 -56.02 -7.41
C VAL A 72 -12.18 -55.24 -6.59
N TYR A 73 -12.60 -55.78 -5.46
CA TYR A 73 -13.53 -55.05 -4.64
C TYR A 73 -12.90 -54.32 -3.48
N ASP A 74 -11.65 -54.61 -3.15
CA ASP A 74 -11.07 -54.20 -1.89
C ASP A 74 -9.80 -53.40 -2.13
N ALA A 75 -9.55 -52.43 -1.25
CA ALA A 75 -8.32 -51.63 -1.32
C ALA A 75 -7.90 -51.29 0.10
N ASP A 76 -6.75 -51.80 0.51
CA ASP A 76 -6.26 -51.63 1.87
C ASP A 76 -4.85 -51.04 1.85
N TRP A 77 -4.58 -50.24 2.88
CA TRP A 77 -3.33 -49.49 2.96
C TRP A 77 -2.19 -50.38 3.39
N LYS A 78 -1.12 -50.36 2.61
CA LYS A 78 0.11 -51.02 2.99
C LYS A 78 1.27 -50.06 2.75
N PRO A 79 2.37 -50.24 3.49
CA PRO A 79 3.58 -49.46 3.21
C PRO A 79 3.98 -49.56 1.75
N LEU A 80 4.32 -48.42 1.16
CA LEU A 80 4.69 -48.41 -0.24
C LEU A 80 5.94 -49.22 -0.53
N TRP A 81 6.87 -49.31 0.41
CA TRP A 81 8.09 -50.07 0.14
C TRP A 81 7.79 -51.56 -0.02
N GLU A 82 6.73 -52.05 0.63
CA GLU A 82 6.30 -53.44 0.52
C GLU A 82 5.53 -53.73 -0.77
N ILE A 83 4.94 -52.74 -1.43
CA ILE A 83 4.01 -53.06 -2.51
C ILE A 83 4.33 -52.35 -3.83
N ASP A 84 5.32 -51.47 -3.83
CA ASP A 84 5.67 -50.72 -5.03
C ASP A 84 7.19 -50.63 -5.14
N LYS A 85 7.76 -51.41 -6.06
CA LYS A 85 9.22 -51.48 -6.13
C LYS A 85 9.86 -50.16 -6.56
N ASN A 86 9.12 -49.28 -7.23
CA ASN A 86 9.60 -47.92 -7.47
C ASN A 86 9.57 -47.06 -6.22
N SER A 87 9.21 -47.62 -5.07
CA SER A 87 9.06 -46.86 -3.84
C SER A 87 9.81 -47.51 -2.68
N TYR A 88 10.69 -48.49 -2.95
CA TYR A 88 11.47 -49.06 -1.87
C TYR A 88 12.38 -48.04 -1.20
N TYR A 89 12.71 -46.92 -1.86
CA TYR A 89 13.56 -45.94 -1.20
C TYR A 89 12.85 -45.32 0.01
N THR A 90 11.52 -45.29 -0.02
CA THR A 90 10.77 -44.76 1.11
C THR A 90 10.86 -45.64 2.34
N LYS A 91 11.37 -46.87 2.22
CA LYS A 91 11.48 -47.73 3.39
C LYS A 91 12.25 -47.06 4.51
N ARG A 92 13.30 -46.31 4.18
CA ARG A 92 14.09 -45.74 5.26
C ARG A 92 13.33 -44.63 5.99
N TYR A 93 12.49 -43.88 5.28
CA TYR A 93 11.61 -42.92 5.94
C TYR A 93 10.60 -43.64 6.81
N TYR A 94 10.09 -44.76 6.34
CA TYR A 94 9.16 -45.55 7.14
C TYR A 94 9.83 -46.07 8.40
N GLN A 95 11.07 -46.56 8.27
CA GLN A 95 11.80 -47.08 9.43
C GLN A 95 12.09 -45.99 10.45
N LEU A 96 12.54 -44.81 10.00
CA LEU A 96 12.85 -43.73 10.92
C LEU A 96 11.61 -43.34 11.74
N ILE A 97 10.50 -43.08 11.07
CA ILE A 97 9.29 -42.65 11.76
C ILE A 97 8.81 -43.71 12.73
N SER A 98 8.85 -44.98 12.30
CA SER A 98 8.39 -46.06 13.18
C SER A 98 9.25 -46.15 14.44
N SER A 99 10.57 -46.00 14.28
CA SER A 99 11.48 -45.98 15.42
C SER A 99 11.23 -44.77 16.33
N LEU A 100 11.08 -43.57 15.76
CA LEU A 100 10.84 -42.40 16.59
C LEU A 100 9.45 -42.40 17.22
N SER A 101 8.47 -43.10 16.63
CA SER A 101 7.10 -43.07 17.15
C SER A 101 6.91 -43.86 18.45
N LYS A 102 7.69 -44.90 18.68
CA LYS A 102 7.50 -45.75 19.84
C LYS A 102 7.69 -45.00 21.14
N TYR A 103 8.66 -44.11 21.18
CA TYR A 103 9.01 -43.38 22.38
C TYR A 103 8.45 -41.95 22.40
N ALA A 104 7.28 -41.74 21.81
CA ALA A 104 6.74 -40.41 21.63
C ALA A 104 5.53 -40.15 22.50
N LEU A 105 5.42 -38.96 23.05
CA LEU A 105 4.27 -38.59 23.89
C LEU A 105 3.03 -38.29 23.08
N GLY A 106 3.17 -38.02 21.78
CA GLY A 106 2.05 -37.65 20.94
C GLY A 106 2.57 -37.28 19.56
N PHE A 107 1.63 -36.93 18.68
CA PHE A 107 1.96 -36.83 17.27
C PHE A 107 1.32 -35.58 16.68
N ILE A 108 2.08 -34.84 15.88
CA ILE A 108 1.57 -33.65 15.20
C ILE A 108 1.73 -33.85 13.70
N ASN A 109 0.62 -33.83 12.97
CA ASN A 109 0.64 -33.81 11.52
C ASN A 109 0.88 -32.37 11.05
N ALA A 110 2.09 -32.11 10.57
CA ALA A 110 2.45 -30.84 9.96
C ALA A 110 2.71 -30.99 8.45
N CYS A 111 2.06 -31.96 7.81
CA CYS A 111 2.08 -32.03 6.37
C CYS A 111 1.35 -30.83 5.79
N ASP A 112 1.44 -30.66 4.47
CA ASP A 112 0.82 -29.51 3.84
C ASP A 112 -0.67 -29.47 4.13
N TYR A 113 -1.22 -28.27 4.02
CA TYR A 113 -2.58 -27.95 4.44
C TYR A 113 -3.51 -28.15 3.24
N ASP A 114 -3.64 -29.41 2.85
CA ASP A 114 -4.61 -29.83 1.86
C ASP A 114 -4.99 -31.25 2.19
N ILE A 115 -5.86 -31.81 1.35
CA ILE A 115 -6.45 -33.11 1.66
C ILE A 115 -5.38 -34.20 1.63
N GLU A 116 -4.44 -34.10 0.69
CA GLU A 116 -3.37 -35.09 0.61
C GLU A 116 -2.52 -35.07 1.89
N GLY A 117 -2.21 -33.87 2.39
CA GLY A 117 -1.41 -33.79 3.60
C GLY A 117 -2.15 -34.32 4.80
N SER A 118 -3.47 -34.13 4.83
CA SER A 118 -4.27 -34.72 5.90
C SER A 118 -4.20 -36.23 5.86
N VAL A 119 -4.27 -36.81 4.66
CA VAL A 119 -4.23 -38.27 4.52
C VAL A 119 -2.84 -38.81 4.86
N ILE A 120 -1.80 -38.19 4.29
CA ILE A 120 -0.43 -38.68 4.51
C ILE A 120 -0.14 -38.72 6.00
N GLY A 121 -0.41 -37.62 6.70
CA GLY A 121 -0.11 -37.59 8.12
C GLY A 121 -0.97 -38.57 8.90
N TYR A 122 -2.24 -38.69 8.53
CA TYR A 122 -3.14 -39.60 9.21
C TYR A 122 -2.66 -41.04 9.09
N LEU A 123 -2.38 -41.50 7.87
CA LEU A 123 -1.96 -42.88 7.68
C LEU A 123 -0.69 -43.17 8.45
N ILE A 124 0.22 -42.22 8.50
CA ILE A 124 1.48 -42.46 9.18
C ILE A 124 1.25 -42.56 10.68
N ILE A 125 0.54 -41.59 11.24
CA ILE A 125 0.27 -41.62 12.67
C ILE A 125 -0.60 -42.82 13.03
N LYS A 126 -1.62 -43.12 12.22
CA LYS A 126 -2.51 -44.19 12.60
C LYS A 126 -1.78 -45.52 12.63
N ASN A 127 -0.86 -45.73 11.70
CA ASN A 127 -0.20 -47.01 11.52
C ASN A 127 1.10 -47.12 12.27
N LEU A 128 1.85 -46.02 12.38
CA LEU A 128 3.13 -46.08 13.03
C LEU A 128 3.10 -45.50 14.43
N GLY A 129 2.14 -44.64 14.74
CA GLY A 129 2.07 -44.07 16.07
C GLY A 129 0.76 -44.40 16.77
N ASP A 130 0.19 -43.42 17.45
CA ASP A 130 -1.06 -43.62 18.18
C ASP A 130 -2.00 -42.52 17.75
N ILE A 131 -3.05 -42.91 17.03
CA ILE A 131 -4.00 -41.95 16.49
C ILE A 131 -4.73 -41.20 17.59
N LYS A 132 -4.83 -41.77 18.79
CA LYS A 132 -5.55 -41.11 19.87
C LYS A 132 -4.74 -39.99 20.50
N LYS A 133 -3.50 -39.79 20.07
CA LYS A 133 -2.58 -38.78 20.61
C LYS A 133 -2.08 -37.89 19.48
N ALA A 134 -3.00 -37.53 18.59
CA ALA A 134 -2.71 -36.93 17.29
C ALA A 134 -3.33 -35.55 17.18
N LYS A 135 -2.52 -34.60 16.72
CA LYS A 135 -2.97 -33.23 16.51
C LYS A 135 -2.51 -32.76 15.13
N ARG A 136 -3.12 -31.68 14.67
CA ARG A 136 -2.96 -31.15 13.32
C ARG A 136 -2.49 -29.70 13.39
N MET A 137 -1.41 -29.40 12.67
CA MET A 137 -0.95 -28.04 12.41
C MET A 137 -1.44 -27.65 11.04
N LYS A 138 -2.12 -26.52 10.94
CA LYS A 138 -2.70 -26.09 9.68
C LYS A 138 -2.09 -24.73 9.32
N PHE A 139 -1.11 -24.72 8.41
CA PHE A 139 -0.47 -23.46 8.03
C PHE A 139 -0.50 -23.30 6.52
N SER A 140 -0.58 -22.06 6.06
CA SER A 140 -0.64 -21.77 4.64
C SER A 140 0.66 -21.24 4.06
N ALA A 141 1.73 -21.16 4.86
CA ALA A 141 3.03 -20.71 4.40
C ALA A 141 4.05 -21.22 5.40
N LEU A 142 5.25 -21.46 4.93
CA LEU A 142 6.31 -21.94 5.79
C LEU A 142 7.20 -20.80 6.29
N THR A 143 6.59 -19.69 6.69
CA THR A 143 7.27 -18.63 7.42
C THR A 143 7.26 -18.94 8.90
N LYS A 144 8.27 -18.41 9.61
CA LYS A 144 8.36 -18.62 11.06
C LYS A 144 7.07 -18.22 11.76
N SER A 145 6.52 -17.06 11.40
CA SER A 145 5.31 -16.61 12.07
C SER A 145 4.09 -17.46 11.71
N ASP A 146 3.99 -17.92 10.46
CA ASP A 146 2.86 -18.79 10.13
C ASP A 146 2.99 -20.15 10.82
N ILE A 147 4.18 -20.71 10.84
CA ILE A 147 4.40 -21.99 11.50
C ILE A 147 4.10 -21.87 12.98
N LEU A 148 4.68 -20.85 13.65
CA LEU A 148 4.46 -20.68 15.08
C LEU A 148 2.99 -20.47 15.40
N SER A 149 2.30 -19.71 14.56
CA SER A 149 0.87 -19.49 14.73
C SER A 149 0.12 -20.81 14.66
N ALA A 150 0.49 -21.67 13.72
CA ALA A 150 -0.21 -22.94 13.60
C ALA A 150 0.16 -23.86 14.75
N PHE A 151 1.38 -23.75 15.24
CA PHE A 151 1.79 -24.55 16.38
C PHE A 151 1.00 -24.16 17.61
N ARG A 152 0.80 -22.86 17.80
CA ARG A 152 0.03 -22.35 18.93
C ARG A 152 -1.44 -22.75 18.81
N ASN A 153 -1.97 -22.88 17.58
CA ASN A 153 -3.38 -23.21 17.39
C ASN A 153 -3.60 -24.66 16.95
N ILE A 154 -2.73 -25.56 17.40
CA ILE A 154 -2.84 -26.98 17.09
C ILE A 154 -4.23 -27.49 17.46
N SER A 155 -4.84 -28.27 16.57
CA SER A 155 -6.21 -28.73 16.75
C SER A 155 -6.27 -30.23 16.57
N ALA A 156 -7.46 -30.80 16.78
CA ALA A 156 -7.67 -32.19 16.42
C ALA A 156 -7.47 -32.36 14.91
N LEU A 157 -7.10 -33.57 14.51
CA LEU A 157 -7.15 -33.94 13.11
C LEU A 157 -8.56 -33.71 12.59
N ASP A 158 -8.67 -33.36 11.30
CA ASP A 158 -9.98 -33.14 10.70
C ASP A 158 -10.36 -34.43 9.99
N TYR A 159 -11.03 -35.33 10.72
CA TYR A 159 -11.37 -36.65 10.18
C TYR A 159 -12.30 -36.55 8.99
N ASP A 160 -13.08 -35.48 8.88
CA ASP A 160 -13.89 -35.37 7.66
C ASP A 160 -13.02 -35.09 6.45
N MET A 161 -11.98 -34.28 6.63
CA MET A 161 -11.06 -34.04 5.54
C MET A 161 -10.31 -35.32 5.18
N ILE A 162 -9.88 -36.06 6.22
CA ILE A 162 -9.16 -37.32 6.04
C ILE A 162 -10.01 -38.31 5.26
N ASN A 163 -11.26 -38.50 5.69
CA ASN A 163 -12.16 -39.42 5.02
C ASN A 163 -12.42 -39.02 3.58
N ALA A 164 -12.45 -37.72 3.29
CA ALA A 164 -12.67 -37.31 1.92
C ALA A 164 -11.47 -37.67 1.03
N GLY A 165 -10.26 -37.53 1.55
CA GLY A 165 -9.09 -37.91 0.77
C GLY A 165 -8.97 -39.42 0.60
N ILE A 166 -9.22 -40.17 1.68
CA ILE A 166 -9.21 -41.63 1.59
C ILE A 166 -10.24 -42.13 0.57
N ALA A 167 -11.44 -41.59 0.65
CA ALA A 167 -12.48 -41.99 -0.29
C ALA A 167 -12.05 -41.75 -1.73
N ARG A 168 -11.48 -40.59 -2.01
CA ARG A 168 -11.06 -40.29 -3.37
C ARG A 168 -9.92 -41.20 -3.83
N HIS A 169 -8.94 -41.48 -2.95
CA HIS A 169 -7.87 -42.39 -3.32
C HIS A 169 -8.42 -43.80 -3.59
N LYS A 170 -9.23 -44.32 -2.68
CA LYS A 170 -9.74 -45.68 -2.85
C LYS A 170 -10.63 -45.78 -4.09
N ILE A 171 -11.49 -44.78 -4.31
CA ILE A 171 -12.37 -44.88 -5.47
C ILE A 171 -11.57 -44.73 -6.76
N ASP A 172 -10.59 -43.82 -6.78
CA ASP A 172 -9.71 -43.69 -7.95
C ASP A 172 -8.97 -44.99 -8.24
N TRP A 173 -8.37 -45.58 -7.21
CA TRP A 173 -7.59 -46.79 -7.42
C TRP A 173 -8.47 -47.94 -7.87
N LEU A 174 -9.63 -48.08 -7.25
CA LEU A 174 -10.54 -49.16 -7.64
C LEU A 174 -10.97 -49.04 -9.10
N TRP A 175 -11.35 -47.83 -9.53
CA TRP A 175 -11.78 -47.69 -10.93
C TRP A 175 -10.64 -47.89 -11.89
N GLY A 176 -9.47 -47.33 -11.59
CA GLY A 176 -8.33 -47.52 -12.47
C GLY A 176 -7.93 -48.98 -12.58
N ILE A 177 -7.82 -49.66 -11.44
CA ILE A 177 -7.40 -51.07 -11.46
C ILE A 177 -8.41 -51.92 -12.21
N ASN A 178 -9.70 -51.75 -11.91
CA ASN A 178 -10.70 -52.64 -12.49
C ASN A 178 -10.82 -52.44 -13.99
N VAL A 179 -10.94 -51.19 -14.44
CA VAL A 179 -11.11 -50.92 -15.87
C VAL A 179 -9.86 -51.28 -16.65
N SER A 180 -8.68 -50.95 -16.11
CA SER A 180 -7.48 -51.24 -16.87
C SER A 180 -7.25 -52.75 -16.97
N ARG A 181 -7.50 -53.51 -15.89
CA ARG A 181 -7.38 -54.96 -16.02
C ARG A 181 -8.47 -55.53 -16.93
N ALA A 182 -9.71 -55.07 -16.80
CA ALA A 182 -10.76 -55.52 -17.71
C ALA A 182 -10.36 -55.33 -19.17
N LEU A 183 -9.69 -54.21 -19.49
CA LEU A 183 -9.24 -54.00 -20.87
C LEU A 183 -8.14 -54.98 -21.24
N MET A 184 -7.11 -55.08 -20.40
CA MET A 184 -6.00 -55.98 -20.72
C MET A 184 -6.44 -57.43 -20.76
N ILE A 185 -7.37 -57.81 -19.88
CA ILE A 185 -7.80 -59.21 -19.85
C ILE A 185 -8.59 -59.55 -21.11
N SER A 186 -9.45 -58.63 -21.57
CA SER A 186 -10.24 -58.93 -22.77
C SER A 186 -9.33 -59.10 -23.99
N LEU A 187 -8.20 -58.41 -24.04
CA LEU A 187 -7.28 -58.61 -25.16
C LEU A 187 -6.53 -59.93 -25.03
N GLN A 188 -6.07 -60.26 -23.81
CA GLN A 188 -5.36 -61.52 -23.60
C GLN A 188 -6.21 -62.71 -24.01
N ASP A 189 -7.49 -62.70 -23.66
CA ASP A 189 -8.37 -63.83 -23.94
C ASP A 189 -8.72 -63.94 -25.42
N PHE A 190 -8.57 -62.86 -26.19
CA PHE A 190 -9.01 -62.86 -27.58
C PHE A 190 -7.86 -62.96 -28.56
N ALA A 191 -6.69 -62.41 -28.23
CA ALA A 191 -5.54 -62.41 -29.10
C ALA A 191 -4.32 -63.08 -28.50
N LYS A 192 -4.39 -63.48 -27.22
CA LYS A 192 -3.32 -64.20 -26.52
C LYS A 192 -2.04 -63.38 -26.41
N LYS A 193 -2.14 -62.07 -26.53
CA LYS A 193 -1.04 -61.15 -26.26
C LYS A 193 -1.40 -60.30 -25.06
N ARG A 194 -0.43 -59.98 -24.23
CA ARG A 194 -0.69 -59.10 -23.10
C ARG A 194 0.05 -57.79 -23.31
N VAL A 195 -0.72 -56.70 -23.45
CA VAL A 195 -0.18 -55.35 -23.51
C VAL A 195 -0.66 -54.59 -22.29
N ILE A 196 0.19 -53.67 -21.83
CA ILE A 196 -0.16 -52.79 -20.71
C ILE A 196 -1.09 -51.70 -21.22
N LEU A 197 -2.29 -51.63 -20.63
CA LEU A 197 -3.23 -50.56 -20.91
C LEU A 197 -3.68 -49.96 -19.59
N SER A 198 -4.05 -48.68 -19.62
CA SER A 198 -4.42 -48.00 -18.39
C SER A 198 -5.76 -47.27 -18.54
N ALA A 199 -6.36 -46.95 -17.41
CA ALA A 199 -7.60 -46.20 -17.41
C ALA A 199 -7.73 -45.51 -16.06
N GLY A 200 -8.60 -44.51 -15.97
CA GLY A 200 -8.76 -43.80 -14.72
C GLY A 200 -10.08 -43.08 -14.62
N ARG A 201 -10.58 -42.98 -13.39
CA ARG A 201 -11.86 -42.31 -13.14
C ARG A 201 -11.89 -40.90 -13.73
N VAL A 202 -10.75 -40.20 -13.77
CA VAL A 202 -10.72 -38.89 -14.38
C VAL A 202 -9.92 -38.87 -15.68
N GLN A 203 -8.86 -39.67 -15.79
CA GLN A 203 -8.11 -39.76 -17.05
C GLN A 203 -9.00 -40.14 -18.21
N SER A 204 -9.87 -41.12 -17.99
CA SER A 204 -10.64 -41.66 -19.11
C SER A 204 -11.68 -40.66 -19.64
N PRO A 205 -12.57 -40.08 -18.82
CA PRO A 205 -13.42 -39.02 -19.39
C PRO A 205 -12.61 -37.91 -19.97
N THR A 206 -11.42 -37.64 -19.46
CA THR A 206 -10.62 -36.57 -20.04
C THR A 206 -10.12 -36.96 -21.42
N LEU A 207 -9.65 -38.21 -21.57
CA LEU A 207 -9.18 -38.64 -22.88
C LEU A 207 -10.32 -38.65 -23.89
N VAL A 208 -11.51 -39.06 -23.44
CA VAL A 208 -12.67 -39.12 -24.33
C VAL A 208 -13.04 -37.72 -24.79
N GLN A 209 -13.00 -36.74 -23.88
CA GLN A 209 -13.25 -35.36 -24.25
C GLN A 209 -12.31 -34.91 -25.35
N VAL A 210 -11.03 -35.23 -25.23
CA VAL A 210 -10.07 -34.79 -26.23
C VAL A 210 -10.32 -35.51 -27.56
N VAL A 211 -10.59 -36.81 -27.50
CA VAL A 211 -10.79 -37.57 -28.73
C VAL A 211 -12.04 -37.08 -29.47
N ASN A 212 -13.16 -36.94 -28.75
CA ASN A 212 -14.37 -36.38 -29.34
C ASN A 212 -14.14 -35.03 -29.97
N SER A 213 -13.40 -34.15 -29.30
CA SER A 213 -13.12 -32.85 -29.90
C SER A 213 -12.19 -32.98 -31.10
N GLU A 214 -11.28 -33.95 -31.10
CA GLU A 214 -10.43 -34.11 -32.27
C GLU A 214 -11.21 -34.64 -33.47
N ILE A 215 -12.12 -35.59 -33.23
CA ILE A 215 -12.98 -36.06 -34.31
C ILE A 215 -13.75 -34.89 -34.92
N GLU A 216 -14.42 -34.11 -34.07
CA GLU A 216 -15.21 -32.97 -34.55
C GLU A 216 -14.36 -32.02 -35.39
N ARG A 217 -13.15 -31.72 -34.91
CA ARG A 217 -12.20 -30.90 -35.64
C ARG A 217 -11.84 -31.50 -36.99
N ASN A 218 -11.63 -32.81 -37.05
CA ASN A 218 -11.19 -33.48 -38.26
C ASN A 218 -12.30 -33.63 -39.29
N LEU A 219 -13.55 -33.41 -38.86
CA LEU A 219 -14.74 -33.43 -39.71
C LEU A 219 -15.24 -32.02 -40.03
N PHE A 220 -14.51 -30.98 -39.63
CA PHE A 220 -14.99 -29.61 -39.79
C PHE A 220 -14.82 -29.17 -41.23
N ILE A 221 -15.77 -28.37 -41.71
CA ILE A 221 -15.69 -27.74 -43.02
C ILE A 221 -16.02 -26.28 -42.87
N PRO A 222 -15.11 -25.37 -43.25
CA PRO A 222 -15.44 -23.95 -43.16
C PRO A 222 -16.57 -23.65 -44.12
N LEU A 223 -17.56 -22.90 -43.65
CA LEU A 223 -18.63 -22.36 -44.47
C LEU A 223 -18.40 -20.87 -44.73
N PRO A 224 -18.80 -20.36 -45.90
CA PRO A 224 -18.56 -18.94 -46.21
C PRO A 224 -19.67 -18.00 -45.77
N LYS A 225 -19.24 -16.77 -45.46
CA LYS A 225 -20.10 -15.61 -45.30
C LYS A 225 -19.35 -14.43 -45.91
N PHE A 226 -20.02 -13.28 -45.99
CA PHE A 226 -19.43 -12.13 -46.64
C PHE A 226 -19.58 -10.89 -45.78
N THR A 227 -18.50 -10.11 -45.72
CA THR A 227 -18.46 -8.83 -45.02
C THR A 227 -18.19 -7.71 -46.01
N VAL A 228 -18.58 -6.50 -45.63
CA VAL A 228 -18.41 -5.31 -46.46
C VAL A 228 -17.54 -4.31 -45.71
N SER A 229 -16.39 -3.99 -46.28
CA SER A 229 -15.54 -2.90 -45.83
C SER A 229 -15.70 -1.71 -46.75
N ILE A 230 -15.67 -0.51 -46.19
CA ILE A 230 -15.83 0.73 -46.96
C ILE A 230 -14.68 1.66 -46.64
N ILE A 231 -14.36 2.54 -47.57
CA ILE A 231 -13.41 3.62 -47.36
C ILE A 231 -14.20 4.91 -47.28
N VAL A 232 -14.06 5.61 -46.16
CA VAL A 232 -14.75 6.87 -45.92
C VAL A 232 -13.73 7.99 -45.99
N LYS A 233 -13.93 8.93 -46.92
CA LYS A 233 -13.13 10.15 -47.02
C LYS A 233 -13.87 11.23 -46.22
N ILE A 234 -13.31 11.62 -45.09
CA ILE A 234 -13.87 12.66 -44.25
C ILE A 234 -12.72 13.47 -43.68
N LYS A 235 -12.79 14.81 -43.82
CA LYS A 235 -11.67 15.71 -43.58
C LYS A 235 -10.38 15.12 -44.16
N ASP A 236 -9.27 15.18 -43.43
CA ASP A 236 -8.05 14.65 -44.04
C ASP A 236 -7.91 13.12 -43.86
N TYR A 237 -8.91 12.44 -43.30
CA TYR A 237 -8.77 11.02 -43.04
C TYR A 237 -9.33 10.17 -44.18
N SER A 238 -8.72 9.01 -44.37
CA SER A 238 -9.20 7.95 -45.27
C SER A 238 -9.40 6.71 -44.40
N LEU A 239 -10.65 6.44 -44.03
CA LEU A 239 -10.97 5.47 -42.99
C LEU A 239 -11.45 4.17 -43.62
N ASN A 240 -10.69 3.09 -43.40
CA ASN A 240 -11.11 1.75 -43.81
C ASN A 240 -11.97 1.18 -42.69
N ILE A 241 -13.26 1.01 -42.96
CA ILE A 241 -14.24 0.63 -41.96
C ILE A 241 -14.82 -0.71 -42.35
N LYS A 242 -14.73 -1.69 -41.44
CA LYS A 242 -15.38 -2.96 -41.65
C LYS A 242 -16.79 -2.87 -41.08
N VAL A 243 -17.79 -2.96 -41.95
CA VAL A 243 -19.17 -2.80 -41.52
C VAL A 243 -19.58 -3.95 -40.62
N ASN A 244 -20.29 -3.64 -39.57
CA ASN A 244 -20.71 -4.58 -38.55
C ASN A 244 -21.82 -5.53 -39.02
N LYS A 245 -22.21 -5.54 -40.30
CA LYS A 245 -23.29 -6.40 -40.78
C LYS A 245 -22.71 -7.49 -41.68
N GLU A 246 -23.19 -8.72 -41.52
CA GLU A 246 -22.70 -9.87 -42.26
C GLU A 246 -23.76 -10.39 -43.22
N PHE A 247 -23.30 -11.02 -44.30
CA PHE A 247 -24.18 -11.51 -45.36
C PHE A 247 -23.86 -12.95 -45.71
N GLU A 248 -24.89 -13.79 -45.78
CA GLU A 248 -24.67 -15.16 -46.24
C GLU A 248 -24.35 -15.23 -47.72
N LYS A 249 -25.15 -14.57 -48.55
CA LYS A 249 -25.01 -14.69 -50.00
C LYS A 249 -24.20 -13.51 -50.54
N ILE A 250 -23.33 -13.81 -51.52
CA ILE A 250 -22.43 -12.79 -52.02
C ILE A 250 -23.19 -11.70 -52.77
N THR A 251 -24.39 -12.01 -53.30
CA THR A 251 -25.12 -11.00 -54.06
C THR A 251 -25.73 -9.95 -53.13
N GLU A 252 -26.24 -10.37 -51.97
CA GLU A 252 -26.69 -9.39 -50.97
C GLU A 252 -25.56 -8.48 -50.53
N ALA A 253 -24.35 -9.03 -50.39
CA ALA A 253 -23.22 -8.19 -49.98
C ALA A 253 -22.82 -7.20 -51.08
N LYS A 254 -22.80 -7.66 -52.35
CA LYS A 254 -22.55 -6.75 -53.48
C LYS A 254 -23.62 -5.67 -53.59
N GLU A 255 -24.89 -6.08 -53.47
CA GLU A 255 -25.98 -5.11 -53.44
C GLU A 255 -25.72 -4.04 -52.40
N PHE A 256 -25.34 -4.47 -51.19
CA PHE A 256 -25.18 -3.57 -50.07
C PHE A 256 -24.03 -2.59 -50.30
N LEU A 257 -22.88 -3.10 -50.75
CA LEU A 257 -21.73 -2.25 -51.03
C LEU A 257 -22.05 -1.19 -52.08
N ASN A 258 -22.71 -1.58 -53.17
CA ASN A 258 -22.86 -0.68 -54.30
C ASN A 258 -23.81 0.49 -53.98
N LYS A 259 -24.84 0.25 -53.18
CA LYS A 259 -25.73 1.34 -52.78
C LYS A 259 -25.10 2.30 -51.78
N LEU A 260 -23.90 2.01 -51.31
CA LEU A 260 -23.19 2.89 -50.37
C LEU A 260 -22.14 3.75 -51.05
N ILE A 261 -21.64 3.34 -52.21
CA ILE A 261 -20.61 4.13 -52.89
C ILE A 261 -21.16 5.53 -53.17
N ASN A 262 -20.30 6.54 -52.97
CA ASN A 262 -20.57 7.94 -53.25
C ASN A 262 -21.69 8.53 -52.37
N LYS A 263 -22.17 7.81 -51.36
CA LYS A 263 -23.11 8.41 -50.42
C LYS A 263 -22.38 9.28 -49.39
N THR A 264 -23.13 10.18 -48.77
CA THR A 264 -22.60 11.08 -47.77
C THR A 264 -22.85 10.48 -46.39
N VAL A 265 -21.89 10.70 -45.49
CA VAL A 265 -21.95 10.25 -44.10
C VAL A 265 -21.73 11.45 -43.20
N LYS A 266 -22.42 11.44 -42.06
CA LYS A 266 -22.45 12.59 -41.16
C LYS A 266 -22.14 12.13 -39.75
N VAL A 267 -21.11 12.72 -39.13
CA VAL A 267 -20.83 12.45 -37.73
C VAL A 267 -22.02 12.95 -36.90
N VAL A 268 -22.82 12.02 -36.37
CA VAL A 268 -23.99 12.39 -35.58
C VAL A 268 -23.80 12.21 -34.07
N GLU A 269 -22.68 11.64 -33.63
CA GLU A 269 -22.42 11.50 -32.20
C GLU A 269 -20.93 11.35 -31.97
N VAL A 270 -20.43 12.03 -30.94
CA VAL A 270 -19.05 11.89 -30.50
C VAL A 270 -19.08 11.50 -29.03
N GLU A 271 -18.32 10.48 -28.68
CA GLU A 271 -18.29 9.97 -27.32
C GLU A 271 -16.83 9.81 -26.91
N ASN A 272 -16.39 10.63 -25.95
CA ASN A 272 -15.07 10.54 -25.36
C ASN A 272 -15.24 10.06 -23.94
N ARG A 273 -14.62 8.92 -23.61
CA ARG A 273 -14.77 8.40 -22.27
C ARG A 273 -13.48 7.76 -21.83
N VAL A 274 -13.26 7.79 -20.52
CA VAL A 274 -12.14 7.09 -19.91
C VAL A 274 -12.65 5.72 -19.46
N ARG A 275 -12.03 4.68 -19.97
CA ARG A 275 -12.37 3.32 -19.56
C ARG A 275 -11.31 2.78 -18.59
N LEU A 276 -11.76 2.06 -17.58
CA LEU A 276 -10.86 1.41 -16.65
C LEU A 276 -10.43 0.06 -17.18
N LEU A 277 -9.18 -0.29 -16.95
CA LEU A 277 -8.69 -1.65 -17.18
C LEU A 277 -8.22 -2.14 -15.82
N GLU A 278 -9.03 -2.98 -15.20
CA GLU A 278 -8.85 -3.30 -13.79
C GLU A 278 -7.55 -4.06 -13.59
N ARG A 279 -6.87 -3.75 -12.49
CA ARG A 279 -5.71 -4.53 -12.09
C ARG A 279 -6.13 -5.99 -11.81
N PRO A 280 -5.23 -6.94 -12.01
CA PRO A 280 -5.63 -8.35 -11.85
C PRO A 280 -5.74 -8.71 -10.39
N SER A 281 -6.38 -9.83 -10.16
CA SER A 281 -6.48 -10.42 -8.84
C SER A 281 -5.36 -11.43 -8.61
N PRO A 282 -5.04 -11.71 -7.35
CA PRO A 282 -4.02 -12.74 -7.07
C PRO A 282 -4.44 -14.08 -7.65
N PHE A 283 -3.41 -14.84 -8.04
CA PHE A 283 -3.54 -16.18 -8.60
C PHE A 283 -4.20 -17.15 -7.62
N ASN A 284 -5.14 -17.93 -8.12
CA ASN A 284 -5.30 -19.27 -7.61
C ASN A 284 -4.43 -20.19 -8.46
N LEU A 285 -4.40 -21.48 -8.15
CA LEU A 285 -3.45 -22.36 -8.84
C LEU A 285 -3.77 -22.44 -10.33
N THR A 286 -5.05 -22.63 -10.68
CA THR A 286 -5.41 -22.69 -12.10
C THR A 286 -4.97 -21.44 -12.86
N ASP A 287 -5.22 -20.26 -12.30
CA ASP A 287 -4.80 -19.04 -13.01
C ASP A 287 -3.30 -19.02 -13.23
N LEU A 288 -2.53 -19.45 -12.22
CA LEU A 288 -1.08 -19.47 -12.35
C LEU A 288 -0.66 -20.42 -13.45
N GLN A 289 -1.20 -21.64 -13.43
CA GLN A 289 -0.91 -22.61 -14.48
C GLN A 289 -1.24 -22.05 -15.85
N ILE A 290 -2.42 -21.44 -15.98
CA ILE A 290 -2.80 -20.84 -17.26
C ILE A 290 -1.77 -19.79 -17.68
N GLU A 291 -1.46 -18.84 -16.79
CA GLU A 291 -0.56 -17.77 -17.20
C GLU A 291 0.84 -18.30 -17.48
N ALA A 292 1.35 -19.19 -16.63
CA ALA A 292 2.70 -19.68 -16.89
C ALA A 292 2.74 -20.55 -18.14
N GLY A 293 1.63 -21.21 -18.48
CA GLY A 293 1.61 -21.95 -19.74
C GLY A 293 1.67 -21.02 -20.93
N ARG A 294 0.80 -20.00 -20.93
CA ARG A 294 0.79 -19.00 -22.00
C ARG A 294 2.13 -18.30 -22.15
N ILE A 295 2.71 -17.85 -21.04
CA ILE A 295 3.90 -16.99 -21.15
C ILE A 295 5.16 -17.81 -21.38
N TYR A 296 5.34 -18.91 -20.66
CA TYR A 296 6.61 -19.62 -20.70
C TYR A 296 6.48 -21.04 -21.23
N GLY A 297 5.27 -21.50 -21.52
CA GLY A 297 5.16 -22.85 -22.02
C GLY A 297 5.37 -23.92 -20.99
N ILE A 298 5.39 -23.56 -19.71
CA ILE A 298 5.55 -24.55 -18.66
C ILE A 298 4.24 -25.31 -18.47
N SER A 299 4.32 -26.63 -18.44
CA SER A 299 3.13 -27.46 -18.34
C SER A 299 2.45 -27.28 -16.99
N PRO A 300 1.13 -27.50 -16.92
CA PRO A 300 0.44 -27.37 -15.63
C PRO A 300 1.08 -28.16 -14.51
N TYR A 301 1.51 -29.38 -14.78
CA TYR A 301 2.09 -30.24 -13.74
C TYR A 301 3.39 -29.64 -13.23
N ASN A 302 4.22 -29.16 -14.13
CA ASN A 302 5.47 -28.54 -13.70
C ASN A 302 5.23 -27.22 -12.98
N VAL A 303 4.24 -26.45 -13.38
CA VAL A 303 3.95 -25.20 -12.66
C VAL A 303 3.67 -25.51 -11.20
N GLU A 304 2.82 -26.50 -10.96
CA GLU A 304 2.43 -26.89 -9.62
C GLU A 304 3.64 -27.39 -8.83
N ARG A 305 4.48 -28.21 -9.46
CA ARG A 305 5.66 -28.71 -8.77
C ARG A 305 6.60 -27.57 -8.42
N ILE A 306 6.77 -26.63 -9.34
CA ILE A 306 7.65 -25.50 -9.09
C ILE A 306 7.07 -24.61 -8.00
N ALA A 307 5.75 -24.39 -8.03
CA ALA A 307 5.12 -23.60 -6.99
C ALA A 307 5.26 -24.29 -5.65
N GLU A 308 5.14 -25.62 -5.62
CA GLU A 308 5.32 -26.31 -4.35
C GLU A 308 6.74 -26.10 -3.82
N ASP A 309 7.73 -26.15 -4.71
CA ASP A 309 9.11 -25.90 -4.30
C ASP A 309 9.28 -24.50 -3.72
N LEU A 310 8.70 -23.50 -4.38
CA LEU A 310 8.80 -22.13 -3.90
C LEU A 310 8.12 -21.97 -2.55
N TYR A 311 7.03 -22.70 -2.33
CA TYR A 311 6.38 -22.65 -1.04
C TYR A 311 7.25 -23.31 0.02
N LEU A 312 7.93 -24.39 -0.37
CA LEU A 312 8.85 -25.07 0.54
C LEU A 312 10.06 -24.21 0.83
N ASP A 313 10.43 -23.32 -0.10
CA ASP A 313 11.48 -22.34 0.16
C ASP A 313 11.02 -21.23 1.09
N GLY A 314 9.73 -21.18 1.43
CA GLY A 314 9.23 -20.08 2.25
C GLY A 314 8.96 -18.81 1.49
N LEU A 315 8.95 -18.87 0.17
CA LEU A 315 8.89 -17.68 -0.68
C LEU A 315 7.48 -17.30 -1.08
N ILE A 316 6.56 -18.28 -1.14
CA ILE A 316 5.18 -18.05 -1.51
C ILE A 316 4.30 -18.84 -0.55
N SER A 317 3.02 -18.51 -0.59
CA SER A 317 2.03 -19.23 0.19
C SER A 317 1.66 -20.53 -0.53
N PHE A 318 1.00 -21.41 0.20
CA PHE A 318 0.70 -22.76 -0.29
C PHE A 318 -0.14 -22.71 -1.56
N PRO A 319 0.29 -23.35 -2.65
CA PRO A 319 -0.31 -23.05 -3.95
C PRO A 319 -1.55 -23.86 -4.31
N ARG A 320 -1.91 -24.91 -3.56
CA ARG A 320 -3.12 -25.67 -3.87
C ARG A 320 -4.30 -24.91 -3.28
N THR A 321 -4.84 -23.99 -4.06
CA THR A 321 -5.98 -23.18 -3.63
C THR A 321 -6.80 -22.80 -4.85
N ASN A 322 -8.09 -22.63 -4.62
CA ASN A 322 -9.03 -22.07 -5.58
C ASN A 322 -9.23 -20.59 -5.36
N SER A 323 -8.80 -20.08 -4.21
CA SER A 323 -9.10 -18.70 -3.84
C SER A 323 -8.36 -17.71 -4.73
N GLN A 324 -9.04 -16.62 -5.03
CA GLN A 324 -8.44 -15.45 -5.66
C GLN A 324 -8.54 -14.27 -4.71
N LYS A 325 -8.58 -14.54 -3.42
CA LYS A 325 -8.73 -13.50 -2.42
C LYS A 325 -7.60 -13.55 -1.41
N ILE A 326 -7.26 -12.39 -0.89
CA ILE A 326 -6.36 -12.28 0.24
C ILE A 326 -7.10 -11.62 1.39
N PRO A 327 -7.51 -12.39 2.38
CA PRO A 327 -8.28 -11.84 3.49
C PRO A 327 -7.43 -10.98 4.40
N SER A 328 -8.11 -10.23 5.24
CA SER A 328 -7.50 -9.24 6.11
C SER A 328 -6.65 -9.87 7.19
N THR A 329 -6.75 -11.18 7.40
CA THR A 329 -5.84 -11.84 8.33
C THR A 329 -4.40 -11.92 7.79
N ILE A 330 -4.19 -11.64 6.50
CA ILE A 330 -2.85 -11.58 5.91
C ILE A 330 -2.40 -10.13 5.91
N SER A 331 -1.22 -9.87 6.45
CA SER A 331 -0.62 -8.54 6.44
C SER A 331 0.02 -8.26 5.08
N ILE A 332 -0.71 -7.52 4.25
CA ILE A 332 -0.13 -6.99 3.00
C ILE A 332 1.10 -6.15 3.30
N TYR A 333 1.03 -5.30 4.34
CA TYR A 333 2.13 -4.41 4.65
C TYR A 333 3.41 -5.19 4.91
N ASN A 334 3.32 -6.32 5.62
CA ASN A 334 4.52 -7.10 5.91
C ASN A 334 5.10 -7.69 4.64
N ILE A 335 4.24 -8.17 3.75
CA ILE A 335 4.69 -8.68 2.47
C ILE A 335 5.42 -7.58 1.70
N ILE A 336 4.80 -6.40 1.61
CA ILE A 336 5.37 -5.28 0.87
C ILE A 336 6.72 -4.88 1.46
N LYS A 337 6.81 -4.84 2.79
CA LYS A 337 8.08 -4.49 3.42
C LYS A 337 9.13 -5.56 3.16
N GLY A 338 8.72 -6.84 3.13
CA GLY A 338 9.65 -7.89 2.77
C GLY A 338 10.19 -7.71 1.37
N LEU A 339 9.29 -7.50 0.40
CA LEU A 339 9.73 -7.32 -0.98
C LEU A 339 10.56 -6.05 -1.15
N GLU A 340 10.33 -5.03 -0.32
CA GLU A 340 11.15 -3.83 -0.39
C GLU A 340 12.59 -4.16 -0.05
N ASN A 341 12.79 -5.15 0.80
CA ASN A 341 14.12 -5.60 1.20
C ASN A 341 14.53 -6.83 0.37
N SER A 342 14.49 -6.69 -0.96
CA SER A 342 14.79 -7.78 -1.87
C SER A 342 15.08 -7.18 -3.24
N SER A 343 15.44 -8.06 -4.17
CA SER A 343 15.62 -7.63 -5.56
C SER A 343 14.36 -7.03 -6.17
N TYR A 344 13.22 -7.09 -5.50
CA TYR A 344 12.01 -6.45 -6.03
C TYR A 344 11.83 -5.04 -5.48
N ARG A 345 12.86 -4.48 -4.82
CA ARG A 345 12.73 -3.17 -4.18
C ARG A 345 12.24 -2.10 -5.15
N LYS A 346 12.84 -2.04 -6.35
CA LYS A 346 12.46 -0.99 -7.29
C LYS A 346 11.06 -1.19 -7.84
N LEU A 347 10.64 -2.44 -8.05
CA LEU A 347 9.25 -2.66 -8.41
C LEU A 347 8.30 -2.19 -7.30
N VAL A 348 8.65 -2.41 -6.03
CA VAL A 348 7.79 -1.95 -4.94
C VAL A 348 7.77 -0.42 -4.89
N ASP A 349 8.92 0.23 -5.12
CA ASP A 349 8.93 1.69 -5.16
C ASP A 349 7.98 2.21 -6.24
N LEU A 350 7.89 1.50 -7.36
CA LEU A 350 6.96 1.88 -8.40
C LEU A 350 5.52 1.69 -7.95
N VAL A 351 5.21 0.60 -7.23
CA VAL A 351 3.84 0.44 -6.77
C VAL A 351 3.51 1.52 -5.74
N ARG A 352 4.48 1.89 -4.91
CA ARG A 352 4.29 2.99 -3.97
C ARG A 352 3.94 4.28 -4.69
N LYS A 353 4.63 4.55 -5.80
CA LYS A 353 4.39 5.77 -6.58
C LYS A 353 3.04 5.70 -7.26
N ILE A 354 2.66 4.53 -7.77
CA ILE A 354 1.37 4.41 -8.46
C ILE A 354 0.20 4.59 -7.49
N THR A 355 0.34 4.15 -6.23
CA THR A 355 -0.77 4.13 -5.28
C THR A 355 -0.72 5.24 -4.24
N GLY A 356 0.39 5.94 -4.11
CA GLY A 356 0.53 6.86 -3.00
C GLY A 356 0.79 6.18 -1.68
N GLY A 357 1.16 4.91 -1.69
CA GLY A 357 1.37 4.18 -0.47
C GLY A 357 0.14 3.46 0.09
N LYS A 358 -0.93 3.33 -0.69
CA LYS A 358 -2.12 2.61 -0.25
C LYS A 358 -2.21 1.30 -1.03
N TYR A 359 -2.02 0.17 -0.33
CA TYR A 359 -1.95 -1.15 -0.98
C TYR A 359 -3.23 -1.94 -0.70
N VAL A 360 -4.09 -2.02 -1.70
CA VAL A 360 -5.41 -2.65 -1.55
C VAL A 360 -5.52 -3.74 -2.60
N VAL A 361 -5.65 -4.99 -2.13
CA VAL A 361 -5.84 -6.12 -3.03
C VAL A 361 -7.14 -5.99 -3.79
N LYS A 362 -7.06 -6.16 -5.11
CA LYS A 362 -8.22 -6.36 -5.96
C LYS A 362 -8.70 -7.80 -5.76
N GLN A 363 -9.66 -7.99 -4.86
CA GLN A 363 -10.11 -9.32 -4.48
C GLN A 363 -10.79 -10.00 -5.65
N GLY A 364 -10.41 -11.24 -5.95
CA GLY A 364 -11.09 -12.00 -6.99
C GLY A 364 -12.41 -12.61 -6.51
N ILE A 365 -13.10 -13.26 -7.44
CA ILE A 365 -14.40 -13.87 -7.14
C ILE A 365 -14.25 -15.18 -6.37
N LYS A 366 -13.45 -16.12 -6.86
CA LYS A 366 -13.38 -17.44 -6.24
C LYS A 366 -12.84 -17.35 -4.82
N ASP A 367 -13.44 -18.14 -3.96
CA ASP A 367 -13.02 -18.17 -2.57
C ASP A 367 -12.53 -19.58 -2.26
N ASP A 368 -11.88 -19.69 -1.12
CA ASP A 368 -11.40 -20.94 -0.52
C ASP A 368 -11.00 -20.47 0.87
N PRO A 369 -11.96 -20.40 1.77
CA PRO A 369 -11.77 -19.51 2.93
C PRO A 369 -10.59 -19.89 3.81
N ALA A 370 -10.21 -21.17 3.84
CA ALA A 370 -9.04 -21.52 4.63
C ALA A 370 -7.72 -21.40 3.86
N HIS A 371 -7.75 -21.08 2.58
CA HIS A 371 -6.57 -21.14 1.72
C HIS A 371 -6.49 -19.92 0.82
N PRO A 372 -5.83 -18.87 1.29
CA PRO A 372 -5.77 -17.63 0.52
C PRO A 372 -5.12 -17.82 -0.84
N ALA A 373 -5.34 -16.83 -1.69
CA ALA A 373 -4.72 -16.82 -3.00
C ALA A 373 -3.20 -16.87 -2.89
N ILE A 374 -2.57 -17.35 -3.97
CA ILE A 374 -1.13 -17.48 -4.02
C ILE A 374 -0.51 -16.09 -3.99
N HIS A 375 0.43 -15.89 -3.08
CA HIS A 375 1.12 -14.61 -2.98
C HIS A 375 2.54 -14.83 -2.47
N PRO A 376 3.44 -13.88 -2.71
CA PRO A 376 4.74 -13.93 -2.06
C PRO A 376 4.60 -13.70 -0.57
N THR A 377 5.46 -14.37 0.20
CA THR A 377 5.49 -14.14 1.63
C THR A 377 6.23 -12.86 1.97
N GLY A 378 7.06 -12.36 1.09
CA GLY A 378 7.90 -11.24 1.41
C GLY A 378 9.33 -11.62 1.71
N GLU A 379 9.60 -12.89 1.98
CA GLU A 379 10.97 -13.34 2.08
C GLU A 379 11.63 -13.20 0.71
N ALA A 380 12.92 -12.87 0.75
CA ALA A 380 13.66 -12.45 -0.44
C ALA A 380 14.03 -13.66 -1.29
N PRO A 381 13.66 -13.67 -2.56
CA PRO A 381 14.15 -14.74 -3.45
C PRO A 381 15.64 -14.53 -3.73
N LYS A 382 16.40 -15.62 -3.75
CA LYS A 382 17.83 -15.56 -4.02
C LYS A 382 18.27 -16.85 -4.69
N ASN A 383 19.12 -16.75 -5.71
CA ASN A 383 19.75 -17.93 -6.34
C ASN A 383 18.71 -18.90 -6.89
N LEU A 384 17.59 -18.37 -7.38
CA LEU A 384 16.54 -19.28 -7.86
C LEU A 384 16.95 -19.84 -9.21
N PRO A 385 16.90 -21.16 -9.40
CA PRO A 385 17.03 -21.69 -10.74
C PRO A 385 16.04 -21.02 -11.68
N ASN A 386 16.28 -21.22 -12.97
CA ASN A 386 15.63 -20.44 -14.02
C ASN A 386 14.10 -20.59 -13.97
N SER A 387 13.60 -21.83 -13.98
CA SER A 387 12.14 -22.02 -14.03
C SER A 387 11.47 -21.57 -12.73
N LYS A 388 12.13 -21.77 -11.59
CA LYS A 388 11.67 -21.26 -10.31
C LYS A 388 11.49 -19.75 -10.36
N PHE A 389 12.48 -19.05 -10.92
CA PHE A 389 12.46 -17.59 -10.90
C PHE A 389 11.33 -17.05 -11.76
N LYS A 390 11.07 -17.70 -12.90
CA LYS A 390 9.98 -17.29 -13.76
C LYS A 390 8.65 -17.40 -13.03
N ILE A 391 8.43 -18.50 -12.32
CA ILE A 391 7.18 -18.70 -11.60
C ILE A 391 7.06 -17.73 -10.44
N TYR A 392 8.13 -17.59 -9.65
CA TYR A 392 8.10 -16.62 -8.55
C TYR A 392 7.81 -15.22 -9.07
N ASP A 393 8.47 -14.82 -10.16
CA ASP A 393 8.30 -13.48 -10.71
C ASP A 393 6.86 -13.26 -11.20
N LEU A 394 6.27 -14.29 -11.79
CA LEU A 394 4.85 -14.24 -12.13
C LEU A 394 4.00 -13.99 -10.90
N ILE A 395 4.22 -14.78 -9.85
CA ILE A 395 3.40 -14.65 -8.65
C ILE A 395 3.63 -13.29 -8.01
N ALA A 396 4.89 -12.87 -7.93
CA ALA A 396 5.20 -11.61 -7.26
C ALA A 396 4.60 -10.43 -8.02
N ARG A 397 4.65 -10.47 -9.36
CA ARG A 397 4.15 -9.36 -10.15
C ARG A 397 2.63 -9.36 -10.20
N ARG A 398 2.03 -10.56 -10.22
CA ARG A 398 0.59 -10.65 -10.11
C ARG A 398 0.11 -10.03 -8.80
N PHE A 399 0.74 -10.41 -7.70
CA PHE A 399 0.36 -9.85 -6.41
C PHE A 399 0.58 -8.33 -6.37
N LEU A 400 1.80 -7.89 -6.71
CA LEU A 400 2.10 -6.46 -6.73
C LEU A 400 1.16 -5.71 -7.68
N GLY A 401 0.85 -6.31 -8.82
CA GLY A 401 -0.16 -5.72 -9.69
C GLY A 401 -1.51 -5.62 -9.02
N SER A 402 -1.90 -6.64 -8.25
CA SER A 402 -3.21 -6.63 -7.62
C SER A 402 -3.31 -5.58 -6.53
N VAL A 403 -2.20 -5.15 -5.94
CA VAL A 403 -2.27 -4.08 -4.94
C VAL A 403 -1.86 -2.73 -5.52
N SER A 404 -1.82 -2.58 -6.83
CA SER A 404 -1.42 -1.29 -7.36
C SER A 404 -2.68 -0.51 -7.72
N ALA A 405 -2.92 -0.23 -9.00
CA ALA A 405 -4.02 0.64 -9.38
C ALA A 405 -4.51 0.28 -10.77
N ASP A 406 -5.80 0.51 -11.02
CA ASP A 406 -6.36 0.14 -12.31
C ASP A 406 -5.78 1.02 -13.41
N ALA A 407 -5.60 0.45 -14.60
CA ALA A 407 -5.12 1.25 -15.71
C ALA A 407 -6.28 2.05 -16.29
N LYS A 408 -5.96 3.17 -16.96
CA LYS A 408 -6.97 4.02 -17.58
C LYS A 408 -6.70 4.15 -19.06
N LEU A 409 -7.76 3.94 -19.86
CA LEU A 409 -7.71 4.07 -21.30
C LEU A 409 -8.66 5.17 -21.73
N SER A 410 -8.24 5.99 -22.67
CA SER A 410 -9.13 6.97 -23.29
C SER A 410 -9.77 6.33 -24.51
N ASN A 411 -11.10 6.37 -24.59
CA ASN A 411 -11.80 5.87 -25.77
C ASN A 411 -12.61 6.99 -26.44
N THR A 412 -12.57 7.00 -27.77
CA THR A 412 -13.38 7.93 -28.55
C THR A 412 -14.12 7.14 -29.61
N ILE A 413 -15.44 7.26 -29.61
CA ILE A 413 -16.30 6.59 -30.57
C ILE A 413 -17.04 7.65 -31.38
N TYR A 414 -16.93 7.57 -32.70
CA TYR A 414 -17.70 8.39 -33.61
C TYR A 414 -18.82 7.56 -34.24
N THR A 415 -20.04 8.06 -34.16
CA THR A 415 -21.16 7.46 -34.87
C THR A 415 -21.41 8.26 -36.13
N LEU A 416 -21.45 7.57 -37.28
CA LEU A 416 -21.57 8.18 -38.60
C LEU A 416 -22.84 7.66 -39.27
N LYS A 417 -23.75 8.57 -39.60
CA LYS A 417 -25.04 8.25 -40.21
C LYS A 417 -24.93 8.37 -41.73
N VAL A 418 -25.30 7.32 -42.45
CA VAL A 418 -25.27 7.38 -43.91
C VAL A 418 -26.48 8.19 -44.39
N SER A 419 -26.24 9.09 -45.34
CA SER A 419 -27.32 9.87 -45.93
C SER A 419 -28.27 8.98 -46.70
N ASP A 420 -29.57 9.16 -46.48
CA ASP A 420 -30.69 8.54 -47.18
C ASP A 420 -30.95 7.11 -46.70
N PHE A 421 -30.14 6.55 -45.81
CA PHE A 421 -30.32 5.17 -45.36
C PHE A 421 -30.45 5.10 -43.84
N PRO A 422 -31.23 4.12 -43.32
CA PRO A 422 -31.35 3.90 -41.87
C PRO A 422 -30.15 3.14 -41.28
N LEU A 423 -28.95 3.54 -41.68
CA LEU A 423 -27.72 2.82 -41.36
C LEU A 423 -26.71 3.80 -40.78
N GLU A 424 -26.14 3.44 -39.63
CA GLU A 424 -25.02 4.17 -39.08
C GLU A 424 -23.98 3.20 -38.54
N PHE A 425 -22.72 3.57 -38.76
CA PHE A 425 -21.56 2.76 -38.40
C PHE A 425 -20.63 3.59 -37.53
N THR A 426 -19.71 2.91 -36.86
CA THR A 426 -18.86 3.57 -35.88
C THR A 426 -17.39 3.50 -36.28
N VAL A 427 -16.65 4.50 -35.80
CA VAL A 427 -15.20 4.56 -35.85
C VAL A 427 -14.74 4.86 -34.43
N SER A 428 -13.76 4.10 -33.94
CA SER A 428 -13.33 4.23 -32.56
C SER A 428 -11.81 4.12 -32.47
N TYR A 429 -11.25 4.75 -31.46
CA TYR A 429 -9.84 4.53 -31.19
C TYR A 429 -9.62 4.60 -29.68
N THR A 430 -8.65 3.81 -29.21
CA THR A 430 -8.30 3.77 -27.80
C THR A 430 -6.82 4.08 -27.62
N LYS A 431 -6.51 4.87 -26.59
CA LYS A 431 -5.16 5.17 -26.16
C LYS A 431 -5.03 4.91 -24.65
N ILE A 432 -3.84 4.46 -24.23
CA ILE A 432 -3.53 4.30 -22.83
C ILE A 432 -3.30 5.67 -22.22
N LEU A 433 -4.09 6.00 -21.20
CA LEU A 433 -3.92 7.23 -20.42
C LEU A 433 -3.01 7.05 -19.19
N GLU A 434 -3.20 5.96 -18.43
CA GLU A 434 -2.37 5.64 -17.25
C GLU A 434 -2.10 4.14 -17.28
N ARG A 435 -0.82 3.75 -17.30
CA ARG A 435 -0.47 2.34 -17.38
C ARG A 435 -0.69 1.64 -16.04
N ASN A 436 -0.22 2.24 -14.95
CA ASN A 436 -0.38 1.67 -13.61
C ASN A 436 0.02 0.19 -13.58
N TRP A 437 -0.90 -0.73 -13.27
CA TRP A 437 -0.50 -2.14 -13.08
C TRP A 437 0.11 -2.76 -14.33
N LEU A 438 -0.15 -2.21 -15.51
CA LEU A 438 0.47 -2.75 -16.71
C LEU A 438 1.98 -2.68 -16.68
N ASP A 439 2.54 -1.77 -15.88
CA ASP A 439 3.99 -1.79 -15.70
C ASP A 439 4.44 -2.75 -14.61
N ILE A 440 3.52 -3.42 -13.91
CA ILE A 440 3.93 -4.30 -12.82
C ILE A 440 3.75 -5.74 -13.30
N TYR A 441 2.50 -6.13 -13.52
CA TYR A 441 2.20 -7.40 -14.18
C TYR A 441 2.25 -7.17 -15.68
N HIS A 442 3.47 -7.04 -16.19
CA HIS A 442 3.66 -6.53 -17.53
C HIS A 442 3.55 -7.63 -18.57
N PHE A 443 2.47 -8.40 -18.53
CA PHE A 443 2.29 -9.52 -19.46
C PHE A 443 0.98 -9.39 -20.23
N HIS A 444 0.52 -8.16 -20.45
CA HIS A 444 -0.77 -7.91 -21.09
C HIS A 444 -0.62 -6.77 -22.08
N ASN A 445 -0.66 -7.07 -23.36
CA ASN A 445 -0.59 -6.02 -24.36
C ASN A 445 -1.93 -5.31 -24.51
N VAL A 446 -1.88 -4.00 -24.66
CA VAL A 446 -3.05 -3.17 -24.90
C VAL A 446 -2.91 -2.59 -26.30
N LYS A 447 -3.90 -2.86 -27.16
CA LYS A 447 -3.91 -2.32 -28.51
C LYS A 447 -4.24 -0.83 -28.48
N GLU A 448 -3.36 -0.01 -29.05
CA GLU A 448 -3.60 1.42 -29.19
C GLU A 448 -3.67 1.81 -30.66
N ASP A 449 -4.60 2.70 -30.97
CA ASP A 449 -4.85 3.18 -32.32
C ASP A 449 -4.41 4.64 -32.45
N LYS A 450 -4.00 5.02 -33.65
CA LYS A 450 -3.65 6.43 -33.87
C LYS A 450 -4.92 7.28 -33.75
N PRO A 451 -4.81 8.47 -33.18
CA PRO A 451 -6.00 9.29 -32.96
C PRO A 451 -6.71 9.70 -34.24
N ILE A 452 -8.00 10.01 -34.11
CA ILE A 452 -8.85 10.47 -35.21
C ILE A 452 -9.68 11.64 -34.67
N PHE A 453 -9.52 12.82 -35.26
CA PHE A 453 -10.11 14.04 -34.74
C PHE A 453 -11.21 14.50 -35.68
N LEU A 454 -12.45 14.37 -35.23
CA LEU A 454 -13.64 14.70 -35.98
C LEU A 454 -14.62 15.35 -35.02
N SER A 455 -15.45 16.23 -35.55
CA SER A 455 -16.43 16.96 -34.77
C SER A 455 -17.84 16.56 -35.18
N LYS A 456 -18.76 16.63 -34.22
CA LYS A 456 -20.17 16.40 -34.52
C LYS A 456 -20.59 17.32 -35.65
N GLY A 457 -21.20 16.76 -36.70
CA GLY A 457 -21.63 17.51 -37.86
C GLY A 457 -20.70 17.43 -39.05
N ASP A 458 -19.45 17.03 -38.84
CA ASP A 458 -18.52 16.83 -39.95
C ASP A 458 -19.10 15.83 -40.94
N GLU A 459 -18.85 16.07 -42.23
CA GLU A 459 -19.40 15.23 -43.29
C GLU A 459 -18.28 14.74 -44.19
N GLY A 460 -18.47 13.51 -44.70
CA GLY A 460 -17.55 12.94 -45.67
C GLY A 460 -18.27 12.04 -46.63
N LYS A 461 -17.53 11.30 -47.46
CA LYS A 461 -18.14 10.43 -48.45
C LYS A 461 -17.55 9.04 -48.39
N ILE A 462 -18.41 8.04 -48.61
CA ILE A 462 -17.97 6.67 -48.86
C ILE A 462 -17.55 6.58 -50.32
N VAL A 463 -16.25 6.44 -50.55
CA VAL A 463 -15.72 6.55 -51.92
C VAL A 463 -15.48 5.18 -52.54
N ASP A 464 -15.19 4.17 -51.72
CA ASP A 464 -14.79 2.87 -52.25
C ASP A 464 -15.18 1.78 -51.25
N GLY A 465 -14.82 0.53 -51.57
CA GLY A 465 -15.13 -0.58 -50.69
C GLY A 465 -14.94 -1.91 -51.38
N LYS A 466 -15.13 -2.98 -50.60
CA LYS A 466 -14.92 -4.35 -51.03
C LYS A 466 -15.87 -5.29 -50.29
N VAL A 467 -16.39 -6.27 -51.02
CA VAL A 467 -17.03 -7.43 -50.42
C VAL A 467 -15.92 -8.45 -50.15
N ASN A 468 -15.88 -8.97 -48.93
CA ASN A 468 -14.85 -9.93 -48.52
C ASN A 468 -15.50 -11.19 -47.95
N ILE A 469 -14.92 -12.34 -48.30
CA ILE A 469 -15.41 -13.64 -47.83
C ILE A 469 -14.81 -13.95 -46.47
N SER A 470 -15.62 -14.53 -45.59
CA SER A 470 -15.19 -14.89 -44.25
C SER A 470 -15.60 -16.32 -43.97
N LEU A 471 -14.61 -17.19 -43.78
CA LEU A 471 -14.83 -18.62 -43.57
C LEU A 471 -15.01 -18.94 -42.09
N SER A 472 -16.04 -19.72 -41.78
CA SER A 472 -16.30 -20.07 -40.40
C SER A 472 -15.14 -20.90 -39.83
N LYS A 473 -15.04 -20.94 -38.49
CA LYS A 473 -13.81 -21.48 -37.92
C LYS A 473 -14.06 -22.65 -36.98
N PRO A 474 -13.14 -23.61 -36.92
CA PRO A 474 -13.28 -24.70 -35.96
C PRO A 474 -13.02 -24.25 -34.54
N THR A 475 -13.62 -24.97 -33.60
CA THR A 475 -13.14 -24.89 -32.23
C THR A 475 -11.65 -25.27 -32.20
N SER A 476 -10.87 -24.51 -31.46
CA SER A 476 -9.44 -24.76 -31.46
C SER A 476 -9.15 -26.13 -30.84
N ARG A 477 -8.09 -26.76 -31.34
CA ARG A 477 -7.50 -27.89 -30.65
C ARG A 477 -7.11 -27.50 -29.22
N TYR A 478 -7.10 -28.51 -28.34
CA TYR A 478 -6.70 -28.30 -26.96
C TYR A 478 -5.20 -28.00 -26.86
N THR A 479 -4.86 -27.04 -26.00
CA THR A 479 -3.59 -26.99 -25.31
C THR A 479 -3.74 -27.62 -23.93
N LYS A 480 -2.60 -27.86 -23.27
CA LYS A 480 -2.64 -28.31 -21.89
C LYS A 480 -3.42 -27.34 -21.04
N VAL A 481 -3.12 -26.05 -21.18
CA VAL A 481 -3.84 -24.99 -20.45
C VAL A 481 -5.32 -25.02 -20.81
N SER A 482 -5.63 -25.14 -22.10
CA SER A 482 -7.02 -25.17 -22.52
C SER A 482 -7.72 -26.44 -22.02
N LEU A 483 -7.05 -27.58 -22.08
CA LEU A 483 -7.62 -28.79 -21.48
C LEU A 483 -7.82 -28.62 -19.97
N LEU A 484 -6.84 -28.04 -19.30
CA LEU A 484 -6.92 -27.84 -17.85
C LEU A 484 -8.12 -26.97 -17.51
N LYS A 485 -8.35 -25.92 -18.30
CA LYS A 485 -9.53 -25.07 -18.09
C LYS A 485 -10.82 -25.86 -18.23
N TRP A 486 -10.89 -26.73 -19.22
CA TRP A 486 -12.08 -27.57 -19.36
C TRP A 486 -12.28 -28.47 -18.15
N MET A 487 -11.20 -29.10 -17.67
CA MET A 487 -11.32 -29.93 -16.48
C MET A 487 -11.87 -29.13 -15.31
N GLU A 488 -11.29 -27.96 -15.05
CA GLU A 488 -11.79 -27.12 -13.95
C GLU A 488 -13.26 -26.79 -14.13
N SER A 489 -13.63 -26.37 -15.34
CA SER A 489 -15.00 -25.94 -15.62
C SER A 489 -16.00 -27.07 -15.49
N SER A 490 -15.61 -28.29 -15.87
CA SER A 490 -16.46 -29.46 -15.73
C SER A 490 -16.34 -30.13 -14.37
N ASN A 491 -15.51 -29.60 -13.48
CA ASN A 491 -15.33 -30.13 -12.13
C ASN A 491 -14.82 -31.56 -12.15
N LEU A 492 -13.93 -31.86 -13.09
CA LEU A 492 -13.20 -33.12 -13.13
C LEU A 492 -11.88 -33.00 -12.39
N GLY A 493 -11.64 -33.89 -11.44
CA GLY A 493 -10.45 -33.85 -10.63
C GLY A 493 -10.49 -32.67 -9.68
N THR A 494 -9.33 -32.39 -9.10
CA THR A 494 -9.10 -31.22 -8.27
C THR A 494 -7.99 -30.38 -8.87
N GLU A 495 -7.90 -29.11 -8.46
CA GLU A 495 -6.84 -28.28 -9.03
C GLU A 495 -5.47 -28.88 -8.75
N ALA A 496 -5.35 -29.67 -7.69
CA ALA A 496 -4.09 -30.36 -7.42
C ALA A 496 -3.84 -31.56 -8.34
N THR A 497 -4.89 -32.22 -8.84
CA THR A 497 -4.67 -33.43 -9.63
C THR A 497 -4.74 -33.22 -11.14
N ARG A 498 -5.40 -32.16 -11.61
CA ARG A 498 -5.68 -32.04 -13.04
C ARG A 498 -4.40 -32.00 -13.86
N GLY A 499 -3.39 -31.30 -13.35
CA GLY A 499 -2.14 -31.19 -14.08
C GLY A 499 -1.44 -32.52 -14.20
N ARG A 500 -1.53 -33.35 -13.16
CA ARG A 500 -0.89 -34.66 -13.20
C ARG A 500 -1.62 -35.60 -14.15
N ILE A 501 -2.95 -35.56 -14.13
CA ILE A 501 -3.72 -36.39 -15.07
C ILE A 501 -3.31 -36.08 -16.50
N ILE A 502 -3.24 -34.79 -16.85
CA ILE A 502 -2.76 -34.45 -18.20
C ILE A 502 -1.39 -35.08 -18.44
N GLU A 503 -0.45 -34.94 -17.49
CA GLU A 503 0.88 -35.50 -17.73
C GLU A 503 0.85 -37.01 -17.79
N ILE A 504 0.02 -37.67 -16.97
CA ILE A 504 -0.06 -39.13 -17.05
C ILE A 504 -0.58 -39.57 -18.41
N LEU A 505 -1.50 -38.81 -19.01
CA LEU A 505 -2.00 -39.18 -20.32
C LEU A 505 -0.89 -39.16 -21.37
N VAL A 506 -0.01 -38.18 -21.30
CA VAL A 506 1.13 -38.13 -22.23
C VAL A 506 2.12 -39.25 -21.94
N LYS A 507 2.45 -39.46 -20.66
CA LYS A 507 3.42 -40.48 -20.29
C LYS A 507 2.97 -41.88 -20.73
N ARG A 508 1.69 -42.21 -20.52
CA ARG A 508 1.16 -43.48 -20.95
C ARG A 508 0.77 -43.51 -22.43
N LYS A 509 1.10 -42.43 -23.17
CA LYS A 509 1.03 -42.41 -24.64
C LYS A 509 -0.40 -42.45 -25.17
N TYR A 510 -1.37 -41.89 -24.45
CA TYR A 510 -2.67 -41.71 -25.07
C TYR A 510 -2.80 -40.35 -25.73
N LEU A 511 -2.04 -39.37 -25.23
CA LEU A 511 -1.99 -38.05 -25.82
C LEU A 511 -0.56 -37.79 -26.25
N THR A 512 -0.40 -36.81 -27.13
CA THR A 512 0.94 -36.42 -27.55
C THR A 512 0.96 -34.92 -27.78
N ASN A 513 2.15 -34.40 -27.93
CA ASN A 513 2.36 -32.98 -28.04
C ASN A 513 2.66 -32.60 -29.47
N ASN A 514 1.73 -31.92 -30.14
CA ASN A 514 2.01 -31.43 -31.50
C ASN A 514 2.09 -29.89 -31.39
N GLY A 515 3.30 -29.41 -31.16
CA GLY A 515 3.53 -28.03 -30.85
C GLY A 515 2.82 -27.65 -29.58
N ARG A 516 2.13 -26.51 -29.58
CA ARG A 516 1.35 -26.09 -28.41
C ARG A 516 0.09 -26.93 -28.18
N TYR A 517 -0.26 -27.83 -29.11
CA TYR A 517 -1.53 -28.54 -29.08
C TYR A 517 -1.31 -29.99 -28.66
N ILE A 518 -2.26 -30.51 -27.92
CA ILE A 518 -2.16 -31.87 -27.42
C ILE A 518 -3.22 -32.68 -28.14
N ILE A 519 -2.79 -33.72 -28.84
CA ILE A 519 -3.69 -34.50 -29.70
C ILE A 519 -3.62 -35.97 -29.31
N PRO A 520 -4.64 -36.75 -29.66
CA PRO A 520 -4.58 -38.18 -29.39
C PRO A 520 -3.49 -38.84 -30.19
N THR A 521 -2.93 -39.90 -29.62
CA THR A 521 -2.24 -40.95 -30.37
C THR A 521 -3.28 -41.94 -30.88
N LYS A 522 -2.84 -42.87 -31.73
CA LYS A 522 -3.78 -43.88 -32.21
C LYS A 522 -4.34 -44.70 -31.05
N LEU A 523 -3.46 -45.10 -30.13
CA LEU A 523 -3.87 -45.87 -28.97
C LEU A 523 -4.90 -45.11 -28.14
N GLY A 524 -4.62 -43.84 -27.83
CA GLY A 524 -5.59 -43.05 -27.11
C GLY A 524 -6.92 -42.99 -27.85
N PHE A 525 -6.85 -42.76 -29.16
CA PHE A 525 -8.04 -42.74 -29.99
C PHE A 525 -8.86 -44.02 -29.81
N TYR A 526 -8.21 -45.18 -29.96
CA TYR A 526 -8.93 -46.45 -29.88
C TYR A 526 -9.50 -46.69 -28.49
N ILE A 527 -8.70 -46.43 -27.45
CA ILE A 527 -9.20 -46.64 -26.09
C ILE A 527 -10.39 -45.73 -25.82
N ALA A 528 -10.30 -44.48 -26.25
CA ALA A 528 -11.44 -43.58 -26.07
C ALA A 528 -12.68 -44.11 -26.78
N GLU A 529 -12.52 -44.57 -28.02
CA GLU A 529 -13.70 -45.07 -28.74
C GLU A 529 -14.27 -46.32 -28.08
N ILE A 530 -13.40 -47.22 -27.64
CA ILE A 530 -13.86 -48.42 -26.95
C ILE A 530 -14.62 -48.05 -25.68
N LEU A 531 -14.04 -47.21 -24.84
CA LEU A 531 -14.74 -46.83 -23.62
C LEU A 531 -16.07 -46.14 -23.95
N ASN A 532 -16.05 -45.25 -24.94
CA ASN A 532 -17.26 -44.60 -25.43
C ASN A 532 -18.29 -45.62 -25.91
N LYS A 533 -17.87 -46.50 -26.81
CA LYS A 533 -18.80 -47.49 -27.37
C LYS A 533 -19.38 -48.39 -26.29
N PHE A 534 -18.53 -49.01 -25.47
CA PHE A 534 -19.01 -50.09 -24.61
C PHE A 534 -19.28 -49.71 -23.16
N PHE A 535 -18.68 -48.64 -22.62
CA PHE A 535 -18.88 -48.29 -21.20
C PHE A 535 -19.15 -46.80 -21.06
N PRO A 536 -20.24 -46.32 -21.65
CA PRO A 536 -20.44 -44.85 -21.71
C PRO A 536 -20.60 -44.20 -20.35
N ASP A 537 -21.12 -44.93 -19.36
CA ASP A 537 -21.32 -44.37 -18.03
C ASP A 537 -20.02 -43.97 -17.36
N ILE A 538 -18.96 -44.78 -17.53
CA ILE A 538 -17.72 -44.46 -16.81
C ILE A 538 -16.98 -43.30 -17.43
N VAL A 539 -17.33 -42.88 -18.64
CA VAL A 539 -16.69 -41.73 -19.26
C VAL A 539 -17.67 -40.59 -19.45
N ASP A 540 -18.81 -40.67 -18.78
CA ASP A 540 -19.79 -39.60 -18.82
C ASP A 540 -19.35 -38.46 -17.91
N VAL A 541 -19.12 -37.29 -18.50
CA VAL A 541 -18.60 -36.15 -17.74
C VAL A 541 -19.56 -35.79 -16.61
N ARG A 542 -20.87 -35.86 -16.86
CA ARG A 542 -21.83 -35.48 -15.82
C ARG A 542 -21.77 -36.43 -14.63
N MET A 543 -21.62 -37.73 -14.87
CA MET A 543 -21.55 -38.67 -13.75
C MET A 543 -20.23 -38.55 -13.00
N THR A 544 -19.13 -38.30 -13.72
CA THR A 544 -17.86 -38.03 -13.06
C THR A 544 -17.98 -36.84 -12.10
N ALA A 545 -18.56 -35.73 -12.57
CA ALA A 545 -18.72 -34.57 -11.71
C ALA A 545 -19.64 -34.88 -10.54
N ASP A 546 -20.67 -35.68 -10.78
CA ASP A 546 -21.53 -36.18 -9.68
C ASP A 546 -20.68 -36.77 -8.57
N MET A 547 -19.80 -37.72 -8.92
CA MET A 547 -18.93 -38.33 -7.91
C MET A 547 -18.06 -37.30 -7.23
N GLU A 548 -17.54 -36.34 -8.01
CA GLU A 548 -16.76 -35.25 -7.44
C GLU A 548 -17.55 -34.50 -6.38
N SER A 549 -18.85 -34.27 -6.64
CA SER A 549 -19.68 -33.56 -5.66
C SER A 549 -19.83 -34.37 -4.37
N LYS A 550 -20.00 -35.69 -4.50
CA LYS A 550 -20.10 -36.51 -3.29
C LYS A 550 -18.79 -36.47 -2.50
N LEU A 551 -17.65 -36.55 -3.20
CA LEU A 551 -16.38 -36.48 -2.50
C LEU A 551 -16.26 -35.18 -1.72
N GLU A 552 -16.65 -34.06 -2.35
CA GLU A 552 -16.66 -32.76 -1.69
C GLU A 552 -17.57 -32.76 -0.48
N MET A 553 -18.71 -33.43 -0.55
CA MET A 553 -19.59 -33.48 0.61
C MET A 553 -19.00 -34.26 1.79
N ILE A 554 -18.04 -35.16 1.57
CA ILE A 554 -17.45 -35.87 2.71
C ILE A 554 -16.74 -34.88 3.62
N LYS A 555 -16.11 -33.86 3.04
CA LYS A 555 -15.34 -32.90 3.84
C LYS A 555 -16.20 -32.19 4.87
N THR A 556 -17.47 -31.99 4.59
CA THR A 556 -18.32 -31.18 5.46
C THR A 556 -19.01 -32.00 6.55
N GLY A 557 -18.87 -33.32 6.52
CA GLY A 557 -19.64 -34.16 7.41
C GLY A 557 -21.04 -34.43 6.91
N LYS A 558 -21.37 -34.00 5.69
CA LYS A 558 -22.72 -34.15 5.15
C LYS A 558 -22.99 -35.56 4.61
N VAL A 559 -21.99 -36.26 4.08
CA VAL A 559 -22.16 -37.67 3.70
C VAL A 559 -21.02 -38.50 4.26
N LEU A 560 -21.33 -39.75 4.59
CA LEU A 560 -20.32 -40.67 5.09
C LEU A 560 -19.44 -41.18 3.97
N GLU A 561 -18.14 -41.29 4.26
CA GLU A 561 -17.23 -41.94 3.32
C GLU A 561 -17.68 -43.38 3.03
N SER A 562 -18.10 -44.12 4.06
CA SER A 562 -18.51 -45.50 3.83
C SER A 562 -19.65 -45.58 2.83
N LYS A 563 -20.53 -44.57 2.80
CA LYS A 563 -21.63 -44.57 1.85
C LYS A 563 -21.14 -44.31 0.44
N VAL A 564 -20.16 -43.42 0.27
CA VAL A 564 -19.61 -43.25 -1.06
C VAL A 564 -18.91 -44.51 -1.53
N ILE A 565 -18.25 -45.22 -0.61
CA ILE A 565 -17.58 -46.48 -0.96
C ILE A 565 -18.60 -47.51 -1.43
N LYS A 566 -19.67 -47.73 -0.64
CA LYS A 566 -20.76 -48.64 -1.06
C LYS A 566 -21.31 -48.27 -2.42
N GLU A 567 -21.55 -46.98 -2.67
CA GLU A 567 -22.13 -46.60 -3.94
C GLU A 567 -21.18 -46.87 -5.08
N ASN A 568 -19.90 -46.75 -4.80
CA ASN A 568 -18.91 -47.02 -5.84
C ASN A 568 -18.85 -48.51 -6.17
N ILE A 569 -18.99 -49.37 -5.16
CA ILE A 569 -19.11 -50.81 -5.40
C ILE A 569 -20.31 -51.10 -6.28
N GLU A 570 -21.48 -50.51 -5.95
CA GLU A 570 -22.63 -50.64 -6.83
C GLU A 570 -22.27 -50.28 -8.27
N LYS A 571 -21.52 -49.18 -8.48
CA LYS A 571 -21.16 -48.81 -9.85
C LYS A 571 -20.22 -49.83 -10.47
N LEU A 572 -19.27 -50.35 -9.69
CA LEU A 572 -18.38 -51.39 -10.20
C LEU A 572 -19.18 -52.63 -10.63
N ASN A 573 -20.13 -53.04 -9.80
CA ASN A 573 -20.94 -54.21 -10.15
C ASN A 573 -21.68 -54.00 -11.47
N LYS A 574 -22.12 -52.78 -11.75
CA LYS A 574 -22.75 -52.49 -13.03
C LYS A 574 -21.75 -52.57 -14.17
N PHE A 575 -20.54 -52.05 -13.95
CA PHE A 575 -19.51 -52.19 -14.97
C PHE A 575 -19.20 -53.66 -15.23
N ILE A 576 -19.10 -54.46 -14.15
CA ILE A 576 -18.85 -55.90 -14.31
C ILE A 576 -19.87 -56.53 -15.24
N GLU A 577 -21.17 -56.33 -14.96
CA GLU A 577 -22.22 -56.85 -15.85
C GLU A 577 -21.96 -56.46 -17.30
N GLU A 578 -21.81 -55.15 -17.57
CA GLU A 578 -21.58 -54.70 -18.95
C GLU A 578 -20.34 -55.32 -19.55
N TYR A 579 -19.34 -55.60 -18.71
CA TYR A 579 -18.10 -56.16 -19.21
C TYR A 579 -18.24 -57.61 -19.62
N LYS A 580 -18.92 -58.41 -18.80
CA LYS A 580 -19.16 -59.81 -19.17
C LYS A 580 -19.83 -59.89 -20.54
N VAL A 581 -20.88 -59.08 -20.75
CA VAL A 581 -21.59 -59.06 -22.03
C VAL A 581 -20.63 -58.73 -23.18
N ASN A 582 -19.91 -57.62 -23.07
CA ASN A 582 -19.19 -57.05 -24.21
C ASN A 582 -17.74 -57.46 -24.29
N LYS A 583 -17.28 -58.34 -23.40
CA LYS A 583 -15.86 -58.61 -23.26
C LYS A 583 -15.23 -59.06 -24.57
N ASP A 584 -15.92 -59.93 -25.31
CA ASP A 584 -15.35 -60.47 -26.54
C ASP A 584 -15.19 -59.38 -27.59
N LYS A 585 -16.20 -58.52 -27.71
CA LYS A 585 -16.13 -57.42 -28.69
C LYS A 585 -15.14 -56.36 -28.26
N VAL A 586 -15.06 -56.08 -26.95
CA VAL A 586 -14.01 -55.20 -26.44
C VAL A 586 -12.65 -55.75 -26.81
N GLY A 587 -12.46 -57.05 -26.61
CA GLY A 587 -11.16 -57.64 -26.93
C GLY A 587 -10.89 -57.64 -28.42
N GLU A 588 -11.93 -57.86 -29.22
CA GLU A 588 -11.79 -57.80 -30.67
C GLU A 588 -11.37 -56.41 -31.11
N SER A 589 -12.06 -55.38 -30.60
CA SER A 589 -11.69 -54.00 -30.96
C SER A 589 -10.24 -53.70 -30.58
N LEU A 590 -9.83 -54.05 -29.36
CA LEU A 590 -8.44 -53.84 -28.96
C LEU A 590 -7.48 -54.57 -29.88
N ALA A 591 -7.90 -55.75 -30.37
CA ALA A 591 -7.04 -56.51 -31.27
C ALA A 591 -6.87 -55.78 -32.59
N LYS A 592 -7.99 -55.41 -33.24
CA LYS A 592 -7.92 -54.62 -34.46
C LYS A 592 -7.08 -53.37 -34.27
N ALA A 593 -7.17 -52.77 -33.08
CA ALA A 593 -6.49 -51.50 -32.81
C ALA A 593 -4.99 -51.61 -33.06
N LEU A 594 -4.36 -52.64 -32.49
CA LEU A 594 -2.92 -52.82 -32.60
C LEU A 594 -2.51 -53.69 -33.78
N GLY A 595 -3.36 -53.78 -34.80
CA GLY A 595 -3.06 -54.58 -35.98
C GLY A 595 -2.95 -56.05 -35.70
N LEU A 596 -3.45 -56.51 -34.55
CA LEU A 596 -3.25 -57.90 -34.15
C LEU A 596 -4.04 -58.85 -35.03
N ILE A 597 -5.25 -58.48 -35.43
CA ILE A 597 -5.99 -59.21 -36.46
C ILE A 597 -6.16 -58.28 -37.65
N LYS A 598 -5.93 -58.83 -38.85
CA LYS A 598 -5.89 -58.00 -40.05
C LYS A 598 -7.29 -57.50 -40.41
N ILE A 599 -7.37 -56.22 -40.78
CA ILE A 599 -8.61 -55.58 -41.15
C ILE A 599 -8.48 -55.06 -42.57
N VAL A 600 -9.62 -54.90 -43.23
CA VAL A 600 -9.68 -54.19 -44.50
C VAL A 600 -9.59 -52.70 -44.20
N LYS A 601 -8.45 -52.10 -44.50
CA LYS A 601 -8.21 -50.71 -44.14
C LYS A 601 -8.99 -49.77 -45.04
N CYS A 602 -9.28 -48.59 -44.50
CA CYS A 602 -9.95 -47.51 -45.20
C CYS A 602 -9.05 -47.00 -46.33
N LYS A 603 -9.67 -46.40 -47.36
CA LYS A 603 -8.91 -45.89 -48.49
C LYS A 603 -7.92 -44.80 -48.09
N TYR A 604 -8.21 -44.05 -47.02
CA TYR A 604 -7.39 -42.91 -46.66
C TYR A 604 -6.78 -42.97 -45.26
N CYS A 605 -7.07 -44.01 -44.47
CA CYS A 605 -6.45 -44.16 -43.15
C CYS A 605 -6.39 -45.64 -42.82
N ASP A 606 -5.96 -45.95 -41.60
CA ASP A 606 -5.77 -47.32 -41.15
C ASP A 606 -6.99 -47.91 -40.45
N LEU A 607 -8.03 -47.12 -40.22
CA LEU A 607 -9.19 -47.62 -39.52
C LEU A 607 -9.96 -48.61 -40.41
N GLU A 608 -10.80 -49.40 -39.77
CA GLU A 608 -11.55 -50.40 -40.51
C GLU A 608 -12.63 -49.74 -41.36
N GLN A 609 -12.86 -50.30 -42.54
CA GLN A 609 -13.87 -49.75 -43.43
C GLN A 609 -15.27 -49.96 -42.86
N TYR A 610 -16.19 -49.11 -43.30
CA TYR A 610 -17.56 -49.10 -42.82
C TYR A 610 -18.52 -49.19 -44.01
N LYS A 611 -18.37 -48.28 -44.96
CA LYS A 611 -19.13 -48.29 -46.20
C LYS A 611 -18.26 -47.67 -47.30
N ASP A 612 -18.46 -48.15 -48.53
CA ASP A 612 -17.85 -47.55 -49.72
C ASP A 612 -16.32 -47.55 -49.65
N GLY A 613 -15.75 -48.52 -48.92
CA GLY A 613 -14.32 -48.55 -48.74
C GLY A 613 -13.80 -47.48 -47.80
N LEU A 614 -14.68 -46.83 -47.07
CA LEU A 614 -14.36 -45.71 -46.19
C LEU A 614 -14.62 -46.11 -44.74
N CYS A 615 -13.75 -45.69 -43.84
CA CYS A 615 -14.02 -45.92 -42.43
C CYS A 615 -15.19 -45.03 -41.98
N LYS A 616 -15.70 -45.29 -40.77
CA LYS A 616 -16.85 -44.55 -40.30
C LYS A 616 -16.60 -43.03 -40.32
N TYR A 617 -15.35 -42.59 -40.13
CA TYR A 617 -15.06 -41.16 -40.04
C TYR A 617 -14.92 -40.54 -41.43
N HIS A 618 -14.22 -41.21 -42.33
CA HIS A 618 -14.15 -40.71 -43.70
C HIS A 618 -15.52 -40.76 -44.39
N TYR A 619 -16.35 -41.74 -44.04
CA TYR A 619 -17.70 -41.77 -44.58
C TYR A 619 -18.52 -40.60 -44.07
N GLU A 620 -18.42 -40.27 -42.77
CA GLU A 620 -19.13 -39.10 -42.32
C GLU A 620 -18.53 -37.85 -42.96
N ALA A 621 -17.21 -37.86 -43.19
CA ALA A 621 -16.60 -36.69 -43.84
C ALA A 621 -17.23 -36.42 -45.19
N LYS A 622 -17.45 -37.47 -45.97
CA LYS A 622 -18.06 -37.33 -47.30
C LYS A 622 -19.47 -36.75 -47.20
N VAL A 623 -20.30 -37.32 -46.33
CA VAL A 623 -21.62 -36.76 -46.05
C VAL A 623 -21.53 -35.27 -45.74
N ARG A 624 -20.67 -34.88 -44.79
CA ARG A 624 -20.54 -33.46 -44.45
C ARG A 624 -20.11 -32.65 -45.66
N LEU A 625 -19.16 -33.17 -46.42
CA LEU A 625 -18.67 -32.46 -47.58
C LEU A 625 -19.80 -32.15 -48.56
N LEU A 626 -20.56 -33.18 -48.93
CA LEU A 626 -21.62 -33.01 -49.92
C LEU A 626 -22.55 -31.89 -49.49
N ASP A 627 -22.93 -31.88 -48.21
CA ASP A 627 -23.80 -30.83 -47.69
C ASP A 627 -23.10 -29.48 -47.66
N ALA A 628 -21.81 -29.44 -47.31
CA ALA A 628 -21.12 -28.16 -47.22
C ALA A 628 -20.96 -27.53 -48.59
N VAL A 629 -20.59 -28.33 -49.60
CA VAL A 629 -20.50 -27.84 -50.98
C VAL A 629 -21.81 -27.19 -51.40
N GLU A 630 -22.94 -27.85 -51.10
CA GLU A 630 -24.24 -27.28 -51.44
C GLU A 630 -24.41 -25.91 -50.81
N ILE A 631 -24.02 -25.77 -49.54
CA ILE A 631 -24.07 -24.45 -48.89
C ILE A 631 -23.14 -23.47 -49.58
N TRP A 632 -21.92 -23.90 -49.92
CA TRP A 632 -21.00 -23.04 -50.64
C TRP A 632 -21.60 -22.56 -51.96
N LYS A 633 -22.29 -23.46 -52.66
CA LYS A 633 -22.85 -23.11 -53.97
C LYS A 633 -23.93 -22.06 -53.81
N GLU A 634 -24.90 -22.32 -52.91
CA GLU A 634 -26.00 -21.41 -52.66
C GLU A 634 -25.53 -20.05 -52.22
N ARG A 635 -24.34 -19.96 -51.61
CA ARG A 635 -23.89 -18.70 -51.03
C ARG A 635 -22.93 -17.96 -51.93
N THR A 636 -22.09 -18.65 -52.69
CA THR A 636 -21.04 -17.99 -53.45
C THR A 636 -21.26 -17.98 -54.96
N LYS A 637 -22.05 -18.91 -55.49
CA LYS A 637 -22.22 -19.15 -56.92
C LYS A 637 -20.97 -19.70 -57.57
N TYR A 638 -19.93 -19.98 -56.81
CA TYR A 638 -18.73 -20.59 -57.40
C TYR A 638 -19.10 -21.94 -58.00
N ASP A 639 -18.36 -22.34 -59.02
CA ASP A 639 -18.61 -23.65 -59.59
C ASP A 639 -17.99 -24.72 -58.68
N HIS A 640 -18.30 -25.98 -59.01
CA HIS A 640 -17.93 -27.09 -58.16
C HIS A 640 -16.43 -27.15 -57.89
N LYS A 641 -15.62 -27.16 -58.96
CA LYS A 641 -14.18 -27.29 -58.79
C LYS A 641 -13.60 -26.16 -57.92
N LYS A 642 -14.16 -24.96 -58.04
CA LYS A 642 -13.62 -23.84 -57.28
C LYS A 642 -13.99 -23.94 -55.80
N ILE A 643 -15.21 -24.41 -55.51
CA ILE A 643 -15.59 -24.65 -54.13
C ILE A 643 -14.65 -25.66 -53.49
N LEU A 644 -14.34 -26.74 -54.22
CA LEU A 644 -13.45 -27.75 -53.67
C LEU A 644 -12.07 -27.16 -53.41
N LYS A 645 -11.58 -26.33 -54.32
CA LYS A 645 -10.27 -25.72 -54.14
C LYS A 645 -10.25 -24.81 -52.91
N ARG A 646 -11.33 -24.07 -52.67
CA ARG A 646 -11.37 -23.16 -51.52
C ARG A 646 -11.46 -23.93 -50.21
N ILE A 647 -12.14 -25.07 -50.22
CA ILE A 647 -12.17 -25.91 -49.02
C ILE A 647 -10.80 -26.56 -48.82
N SER A 648 -10.17 -27.01 -49.90
CA SER A 648 -8.89 -27.68 -49.79
C SER A 648 -7.79 -26.75 -49.28
N SER A 649 -7.88 -25.46 -49.64
CA SER A 649 -6.87 -24.48 -49.25
C SER A 649 -7.04 -23.97 -47.81
N SER A 650 -8.23 -24.07 -47.25
CA SER A 650 -8.44 -23.57 -45.89
C SER A 650 -7.88 -24.54 -44.87
N LYS A 651 -7.06 -24.04 -43.97
CA LYS A 651 -6.54 -24.81 -42.86
C LYS A 651 -7.58 -25.08 -41.80
N SER A 652 -8.77 -24.49 -41.91
CA SER A 652 -9.89 -24.84 -41.04
C SER A 652 -10.49 -26.22 -41.38
N THR A 653 -10.22 -26.74 -42.56
CA THR A 653 -10.85 -27.96 -43.04
C THR A 653 -10.24 -29.18 -42.35
N GLY A 654 -11.09 -30.00 -41.73
CA GLY A 654 -10.60 -31.19 -41.05
C GLY A 654 -9.88 -32.13 -42.00
N LYS A 655 -8.99 -32.93 -41.42
CA LYS A 655 -8.15 -33.82 -42.23
C LYS A 655 -8.97 -34.93 -42.90
N TYR A 656 -10.03 -35.43 -42.24
CA TYR A 656 -10.87 -36.42 -42.90
C TYR A 656 -11.52 -35.83 -44.15
N VAL A 657 -12.06 -34.61 -44.03
CA VAL A 657 -12.69 -33.94 -45.17
C VAL A 657 -11.65 -33.68 -46.25
N LYS A 658 -10.47 -33.19 -45.85
CA LYS A 658 -9.39 -32.89 -46.78
C LYS A 658 -8.97 -34.11 -47.58
N ASP A 659 -9.02 -35.31 -46.96
CA ASP A 659 -8.74 -36.53 -47.71
C ASP A 659 -9.76 -36.72 -48.82
N ILE A 660 -11.05 -36.54 -48.49
CA ILE A 660 -12.10 -36.69 -49.49
C ILE A 660 -11.94 -35.63 -50.57
N VAL A 661 -11.68 -34.38 -50.17
CA VAL A 661 -11.59 -33.29 -51.13
C VAL A 661 -10.47 -33.52 -52.11
N THR A 662 -9.28 -33.89 -51.60
CA THR A 662 -8.13 -34.13 -52.49
C THR A 662 -8.45 -35.25 -53.49
N TYR A 663 -9.16 -36.27 -53.03
CA TYR A 663 -9.56 -37.36 -53.93
C TYR A 663 -10.39 -36.82 -55.08
N MET A 664 -11.43 -36.04 -54.76
CA MET A 664 -12.34 -35.55 -55.79
C MET A 664 -11.64 -34.61 -56.78
N LEU A 665 -10.64 -33.87 -56.32
CA LEU A 665 -9.84 -33.05 -57.24
C LEU A 665 -8.86 -33.88 -58.04
N SER A 666 -8.49 -35.06 -57.54
CA SER A 666 -7.63 -35.96 -58.30
C SER A 666 -8.41 -36.80 -59.30
N SER A 667 -9.73 -36.85 -59.17
CA SER A 667 -10.58 -37.65 -60.06
C SER A 667 -10.65 -37.05 -61.46
N GLU A 668 -11.20 -37.85 -62.37
CA GLU A 668 -11.32 -37.49 -63.78
C GLU A 668 -12.48 -38.24 -64.44
N MET B 1 -30.83 25.06 -24.24
CA MET B 1 -29.44 24.92 -23.80
C MET B 1 -29.23 25.56 -22.41
N ASN B 2 -28.92 24.72 -21.42
CA ASN B 2 -28.67 25.18 -20.06
C ASN B 2 -27.16 25.32 -19.86
N LEU B 3 -26.73 26.55 -19.57
CA LEU B 3 -25.30 26.83 -19.59
C LEU B 3 -24.55 26.00 -18.56
N CYS B 4 -25.10 25.88 -17.35
CA CYS B 4 -24.47 25.19 -16.23
C CYS B 4 -24.95 23.76 -16.06
N ASN B 5 -25.55 23.18 -17.09
CA ASN B 5 -25.84 21.75 -17.10
C ASN B 5 -24.60 21.03 -17.53
N VAL B 6 -24.24 19.96 -16.82
CA VAL B 6 -23.05 19.21 -17.17
C VAL B 6 -23.15 17.83 -16.55
N ASN B 7 -22.55 16.85 -17.21
CA ASN B 7 -22.53 15.50 -16.64
C ASN B 7 -21.26 14.80 -17.09
N ASN B 8 -21.01 13.63 -16.52
CA ASN B 8 -19.82 12.84 -16.83
C ASN B 8 -18.55 13.69 -16.70
N TYR B 9 -18.35 14.24 -15.51
CA TYR B 9 -17.28 15.18 -15.28
C TYR B 9 -16.41 14.70 -14.13
N TYR B 10 -15.17 15.19 -14.10
CA TYR B 10 -14.27 14.96 -12.98
C TYR B 10 -14.32 16.19 -12.10
N LEU B 11 -14.37 15.97 -10.80
CA LEU B 11 -14.60 17.06 -9.87
C LEU B 11 -13.26 17.55 -9.29
N ILE B 12 -12.92 18.80 -9.53
CA ILE B 12 -11.67 19.35 -9.04
C ILE B 12 -11.96 20.20 -7.81
N ILE B 13 -11.36 19.84 -6.69
CA ILE B 13 -11.56 20.55 -5.43
C ILE B 13 -10.36 21.44 -5.16
N ALA B 14 -10.62 22.74 -5.09
CA ALA B 14 -9.63 23.75 -4.77
C ALA B 14 -9.90 24.26 -3.37
N GLU B 15 -8.87 24.82 -2.76
CA GLU B 15 -9.00 25.16 -1.37
C GLU B 15 -9.76 26.46 -1.18
N LYS B 16 -9.63 27.40 -2.11
CA LYS B 16 -10.20 28.75 -2.01
C LYS B 16 -10.79 29.15 -3.36
N SER B 17 -11.74 30.08 -3.35
CA SER B 17 -12.36 30.50 -4.61
C SER B 17 -11.35 31.09 -5.59
N LYS B 18 -10.38 31.86 -5.10
CA LYS B 18 -9.43 32.44 -6.02
C LYS B 18 -8.63 31.37 -6.74
N ALA B 19 -8.29 30.28 -6.03
CA ALA B 19 -7.57 29.19 -6.64
C ALA B 19 -8.41 28.47 -7.67
N ALA B 20 -9.67 28.17 -7.32
CA ALA B 20 -10.59 27.55 -8.27
C ALA B 20 -10.62 28.34 -9.57
N LYS B 21 -10.69 29.67 -9.48
CA LYS B 21 -10.78 30.49 -10.68
C LYS B 21 -9.47 30.47 -11.48
N LYS B 22 -8.33 30.52 -10.80
CA LYS B 22 -7.06 30.43 -11.53
C LYS B 22 -6.91 29.08 -12.20
N ILE B 23 -7.34 28.01 -11.51
CA ILE B 23 -7.32 26.70 -12.15
C ILE B 23 -8.19 26.69 -13.39
N ALA B 24 -9.40 27.26 -13.28
CA ALA B 24 -10.34 27.25 -14.38
C ALA B 24 -9.78 27.98 -15.59
N GLU B 25 -9.19 29.15 -15.36
CA GLU B 25 -8.67 29.93 -16.49
C GLU B 25 -7.41 29.31 -17.05
N ALA B 26 -6.71 28.49 -16.27
CA ALA B 26 -5.55 27.83 -16.82
C ALA B 26 -5.94 26.66 -17.70
N LEU B 27 -7.02 25.96 -17.34
CA LEU B 27 -7.39 24.75 -18.07
C LEU B 27 -8.21 25.04 -19.33
N SER B 28 -8.77 26.25 -19.47
CA SER B 28 -9.60 26.56 -20.62
C SER B 28 -9.50 28.05 -20.93
N GLU B 29 -9.56 28.39 -22.22
CA GLU B 29 -9.52 29.79 -22.59
C GLU B 29 -10.84 30.50 -22.31
N LYS B 30 -11.91 29.74 -22.14
CA LYS B 30 -13.22 30.29 -21.79
C LYS B 30 -13.90 29.31 -20.83
N PRO B 31 -13.51 29.34 -19.56
CA PRO B 31 -14.25 28.57 -18.55
C PRO B 31 -15.64 29.14 -18.35
N ILE B 32 -16.55 28.29 -17.89
CA ILE B 32 -17.92 28.67 -17.62
C ILE B 32 -18.09 28.91 -16.12
N LEU B 33 -18.51 30.12 -15.75
CA LEU B 33 -18.82 30.45 -14.35
C LEU B 33 -20.27 30.11 -14.04
N CYS B 34 -20.46 29.29 -13.01
CA CYS B 34 -21.78 28.94 -12.49
C CYS B 34 -21.83 29.23 -11.00
N ARG B 35 -23.05 29.22 -10.47
CA ARG B 35 -23.27 29.59 -9.08
C ARG B 35 -24.41 28.76 -8.51
N LYS B 36 -24.17 28.13 -7.36
CA LYS B 36 -25.15 27.30 -6.70
C LYS B 36 -24.91 27.38 -5.20
N TYR B 37 -25.99 27.40 -4.41
CA TYR B 37 -25.92 27.58 -2.96
C TYR B 37 -25.15 28.84 -2.61
N ASN B 38 -25.18 29.83 -3.50
CA ASN B 38 -24.42 31.07 -3.35
C ASN B 38 -22.91 30.87 -3.42
N VAL B 39 -22.43 29.82 -4.09
CA VAL B 39 -21.01 29.58 -4.25
C VAL B 39 -20.68 29.53 -5.74
N SER B 40 -19.65 30.26 -6.14
CA SER B 40 -19.28 30.26 -7.53
C SER B 40 -18.37 29.07 -7.82
N TYR B 41 -18.61 28.43 -8.95
CA TYR B 41 -17.81 27.31 -9.38
C TYR B 41 -17.67 27.38 -10.89
N TRP B 42 -16.87 26.50 -11.47
CA TRP B 42 -16.44 26.63 -12.84
C TRP B 42 -16.62 25.30 -13.55
N ILE B 43 -17.06 25.36 -14.80
CA ILE B 43 -17.16 24.17 -15.65
C ILE B 43 -16.21 24.36 -16.81
N ILE B 44 -15.41 23.34 -17.08
CA ILE B 44 -14.51 23.30 -18.23
C ILE B 44 -15.04 22.21 -19.16
N LYS B 45 -15.65 22.62 -20.27
CA LYS B 45 -15.98 21.69 -21.33
C LYS B 45 -14.90 21.61 -22.40
N ASP B 46 -13.88 22.47 -22.32
CA ASP B 46 -12.91 22.69 -23.40
C ASP B 46 -11.67 21.80 -23.31
N HIS B 47 -11.08 21.63 -22.13
CA HIS B 47 -9.74 21.06 -22.02
C HIS B 47 -9.74 19.60 -22.48
N ASN B 48 -9.17 19.38 -23.66
CA ASN B 48 -9.29 18.12 -24.38
C ASN B 48 -10.75 17.71 -24.46
N SER B 49 -11.07 16.44 -24.21
CA SER B 49 -12.46 16.05 -24.28
C SER B 49 -13.07 15.64 -22.95
N SER B 50 -12.27 15.46 -21.89
CA SER B 50 -12.85 15.24 -20.57
C SER B 50 -13.40 16.55 -20.00
N LYS B 51 -14.47 16.44 -19.23
CA LYS B 51 -15.11 17.60 -18.63
C LYS B 51 -14.74 17.70 -17.16
N TYR B 52 -14.64 18.92 -16.67
CA TYR B 52 -14.17 19.14 -15.31
C TYR B 52 -15.08 20.16 -14.65
N VAL B 53 -15.38 19.95 -13.38
CA VAL B 53 -16.02 20.96 -12.55
C VAL B 53 -15.05 21.32 -11.44
N ILE B 54 -14.85 22.62 -11.24
CA ILE B 54 -13.87 23.13 -10.30
C ILE B 54 -14.60 23.91 -9.21
N VAL B 55 -14.45 23.47 -7.96
CA VAL B 55 -15.28 23.95 -6.86
C VAL B 55 -14.38 24.32 -5.68
N PRO B 56 -14.62 25.42 -4.98
CA PRO B 56 -13.79 25.73 -3.81
C PRO B 56 -14.32 25.10 -2.53
N ALA B 57 -13.39 24.74 -1.65
CA ALA B 57 -13.75 24.27 -0.32
C ALA B 57 -13.94 25.40 0.68
N ALA B 58 -13.34 26.57 0.45
CA ALA B 58 -13.30 27.73 1.34
C ALA B 58 -12.37 27.55 2.54
N GLY B 59 -11.74 26.39 2.71
CA GLY B 59 -11.00 26.02 3.90
C GLY B 59 -11.43 24.64 4.36
N HIS B 60 -11.13 24.32 5.61
CA HIS B 60 -11.59 23.05 6.19
C HIS B 60 -13.10 22.94 6.10
N LEU B 61 -13.60 21.80 5.68
CA LEU B 61 -15.01 21.53 5.86
C LEU B 61 -15.30 20.54 6.98
N PHE B 62 -14.29 19.85 7.49
CA PHE B 62 -14.47 18.85 8.53
C PHE B 62 -13.62 19.20 9.74
N GLY B 63 -14.07 18.72 10.91
CA GLY B 63 -13.34 18.91 12.15
C GLY B 63 -13.53 17.71 13.03
N LEU B 64 -12.74 17.66 14.10
CA LEU B 64 -12.79 16.52 15.00
C LEU B 64 -13.84 16.75 16.07
N LYS B 65 -14.60 15.70 16.37
CA LYS B 65 -15.52 15.71 17.49
C LYS B 65 -15.33 14.40 18.25
N GLY B 66 -15.33 14.49 19.58
CA GLY B 66 -15.20 13.29 20.40
C GLY B 66 -16.16 13.25 21.58
N GLU B 67 -15.84 12.47 22.60
CA GLU B 67 -16.70 12.36 23.77
C GLU B 67 -16.67 13.64 24.61
N SER B 68 -17.79 13.91 25.27
CA SER B 68 -17.80 14.91 26.33
C SER B 68 -17.05 14.38 27.55
N GLY B 69 -16.70 15.27 28.44
CA GLY B 69 -16.08 14.81 29.67
C GLY B 69 -14.60 14.45 29.53
N PHE B 70 -14.04 13.98 30.65
CA PHE B 70 -12.64 13.62 30.76
C PHE B 70 -12.52 12.23 31.35
N PRO B 71 -11.67 11.35 30.78
CA PRO B 71 -10.82 11.53 29.60
C PRO B 71 -11.57 11.32 28.29
N VAL B 72 -10.88 11.68 27.21
CA VAL B 72 -11.35 11.54 25.83
C VAL B 72 -10.31 10.72 25.10
N TYR B 73 -10.70 9.54 24.61
CA TYR B 73 -9.81 8.68 23.85
C TYR B 73 -10.01 8.73 22.33
N ASP B 74 -11.13 9.24 21.85
CA ASP B 74 -11.49 9.09 20.46
C ASP B 74 -11.90 10.41 19.83
N ALA B 75 -11.62 10.52 18.54
CA ALA B 75 -11.96 11.70 17.76
C ALA B 75 -12.19 11.28 16.32
N ASP B 76 -13.32 11.70 15.76
CA ASP B 76 -13.73 11.40 14.41
C ASP B 76 -14.17 12.68 13.69
N TRP B 77 -14.06 12.64 12.35
CA TRP B 77 -14.31 13.82 11.53
C TRP B 77 -15.81 13.98 11.33
N LYS B 78 -16.30 15.18 11.58
CA LYS B 78 -17.68 15.53 11.29
C LYS B 78 -17.68 16.84 10.54
N PRO B 79 -18.75 17.15 9.80
CA PRO B 79 -18.82 18.45 9.11
C PRO B 79 -18.72 19.57 10.13
N LEU B 80 -17.86 20.54 9.83
CA LEU B 80 -17.72 21.67 10.75
C LEU B 80 -19.04 22.40 10.97
N TRP B 81 -19.92 22.47 9.95
CA TRP B 81 -21.14 23.25 10.19
C TRP B 81 -22.04 22.58 11.23
N GLU B 82 -21.93 21.25 11.41
CA GLU B 82 -22.69 20.54 12.43
C GLU B 82 -22.08 20.56 13.83
N ILE B 83 -20.80 20.88 14.00
CA ILE B 83 -20.20 20.77 15.33
C ILE B 83 -19.57 22.08 15.81
N ASP B 84 -19.45 23.07 14.95
CA ASP B 84 -18.84 24.33 15.35
C ASP B 84 -19.78 25.48 15.02
N LYS B 85 -20.18 26.23 16.03
CA LYS B 85 -21.10 27.35 15.86
C LYS B 85 -20.52 28.40 14.92
N ASN B 86 -19.23 28.61 14.98
CA ASN B 86 -18.53 29.63 14.23
C ASN B 86 -18.22 29.16 12.78
N SER B 87 -18.74 28.02 12.37
CA SER B 87 -18.48 27.45 11.06
C SER B 87 -19.69 27.27 10.18
N TYR B 88 -20.83 27.82 10.53
CA TYR B 88 -22.03 27.56 9.75
C TYR B 88 -21.90 28.10 8.33
N TYR B 89 -21.12 29.17 8.15
CA TYR B 89 -20.90 29.68 6.80
C TYR B 89 -20.33 28.62 5.87
N THR B 90 -19.64 27.60 6.42
CA THR B 90 -19.03 26.59 5.58
C THR B 90 -20.05 25.64 5.00
N LYS B 91 -21.28 25.66 5.53
CA LYS B 91 -22.28 24.71 5.07
C LYS B 91 -22.51 24.82 3.56
N ARG B 92 -22.59 26.05 3.04
CA ARG B 92 -22.87 26.18 1.62
C ARG B 92 -21.85 25.45 0.75
N TYR B 93 -20.56 25.55 1.12
CA TYR B 93 -19.53 24.86 0.36
C TYR B 93 -19.69 23.35 0.51
N TYR B 94 -20.03 22.91 1.72
CA TYR B 94 -20.28 21.50 1.96
C TYR B 94 -21.43 21.00 1.09
N GLN B 95 -22.51 21.78 1.01
CA GLN B 95 -23.65 21.36 0.20
C GLN B 95 -23.30 21.36 -1.28
N LEU B 96 -22.64 22.41 -1.77
CA LEU B 96 -22.29 22.42 -3.19
C LEU B 96 -21.45 21.20 -3.55
N ILE B 97 -20.41 20.93 -2.76
CA ILE B 97 -19.50 19.83 -3.08
C ILE B 97 -20.22 18.49 -3.01
N SER B 98 -21.05 18.30 -1.98
CA SER B 98 -21.83 17.09 -1.86
C SER B 98 -22.72 16.90 -3.07
N SER B 99 -23.43 17.96 -3.48
CA SER B 99 -24.30 17.85 -4.64
C SER B 99 -23.52 17.56 -5.93
N LEU B 100 -22.35 18.19 -6.09
CA LEU B 100 -21.59 17.94 -7.31
C LEU B 100 -20.85 16.61 -7.25
N SER B 101 -20.52 16.11 -6.05
CA SER B 101 -19.82 14.84 -5.96
C SER B 101 -20.67 13.65 -6.43
N LYS B 102 -21.99 13.72 -6.32
CA LYS B 102 -22.83 12.55 -6.63
C LYS B 102 -22.65 12.07 -8.07
N TYR B 103 -22.60 12.98 -9.03
CA TYR B 103 -22.51 12.60 -10.44
C TYR B 103 -21.10 12.76 -11.01
N ALA B 104 -20.08 12.68 -10.17
CA ALA B 104 -18.71 12.90 -10.63
C ALA B 104 -18.07 11.56 -10.98
N LEU B 105 -17.37 11.52 -12.12
CA LEU B 105 -16.66 10.30 -12.50
C LEU B 105 -15.43 10.09 -11.63
N GLY B 106 -14.88 11.15 -11.07
CA GLY B 106 -13.67 11.01 -10.29
C GLY B 106 -13.35 12.34 -9.66
N PHE B 107 -12.33 12.33 -8.82
CA PHE B 107 -12.05 13.47 -7.98
C PHE B 107 -10.57 13.81 -8.05
N ILE B 108 -10.29 15.11 -8.00
CA ILE B 108 -8.94 15.63 -8.07
C ILE B 108 -8.78 16.63 -6.93
N ASN B 109 -7.85 16.36 -6.03
CA ASN B 109 -7.55 17.31 -4.97
C ASN B 109 -6.56 18.32 -5.52
N ALA B 110 -7.02 19.54 -5.76
CA ALA B 110 -6.13 20.64 -6.07
C ALA B 110 -6.07 21.66 -4.94
N CYS B 111 -6.11 21.21 -3.68
CA CYS B 111 -5.85 22.14 -2.61
C CYS B 111 -4.37 22.48 -2.60
N ASP B 112 -3.98 23.40 -1.72
CA ASP B 112 -2.58 23.81 -1.72
C ASP B 112 -1.65 22.64 -1.41
N TYR B 113 -0.40 22.81 -1.84
CA TYR B 113 0.60 21.74 -1.83
C TYR B 113 1.34 21.77 -0.50
N ASP B 114 0.61 21.39 0.53
CA ASP B 114 1.16 21.16 1.85
C ASP B 114 0.31 20.09 2.52
N ILE B 115 0.74 19.68 3.71
CA ILE B 115 0.05 18.62 4.42
C ILE B 115 -1.43 19.00 4.68
N GLU B 116 -1.68 20.27 5.01
CA GLU B 116 -3.06 20.72 5.27
C GLU B 116 -3.94 20.57 4.03
N GLY B 117 -3.43 20.99 2.88
CA GLY B 117 -4.21 20.80 1.66
C GLY B 117 -4.39 19.33 1.32
N SER B 118 -3.41 18.50 1.67
CA SER B 118 -3.58 17.06 1.50
C SER B 118 -4.73 16.54 2.37
N VAL B 119 -4.79 16.96 3.64
CA VAL B 119 -5.87 16.49 4.52
C VAL B 119 -7.23 17.02 4.06
N ILE B 120 -7.31 18.32 3.74
CA ILE B 120 -8.59 18.92 3.39
C ILE B 120 -9.23 18.21 2.21
N GLY B 121 -8.48 18.06 1.12
CA GLY B 121 -9.05 17.41 -0.05
C GLY B 121 -9.35 15.95 0.21
N TYR B 122 -8.51 15.26 0.97
CA TYR B 122 -8.79 13.88 1.34
C TYR B 122 -10.09 13.76 2.11
N LEU B 123 -10.24 14.51 3.20
CA LEU B 123 -11.47 14.40 3.97
C LEU B 123 -12.70 14.77 3.14
N ILE B 124 -12.58 15.74 2.24
CA ILE B 124 -13.72 16.10 1.40
C ILE B 124 -14.04 14.98 0.40
N ILE B 125 -13.02 14.44 -0.26
CA ILE B 125 -13.27 13.36 -1.22
C ILE B 125 -13.74 12.11 -0.49
N LYS B 126 -13.07 11.71 0.59
CA LYS B 126 -13.47 10.50 1.29
C LYS B 126 -14.94 10.56 1.73
N ASN B 127 -15.34 11.66 2.36
CA ASN B 127 -16.62 11.80 3.01
C ASN B 127 -17.74 12.22 2.09
N LEU B 128 -17.46 13.06 1.09
CA LEU B 128 -18.48 13.51 0.15
C LEU B 128 -18.40 12.87 -1.23
N GLY B 129 -17.25 12.29 -1.58
CA GLY B 129 -17.10 11.69 -2.89
C GLY B 129 -16.72 10.22 -2.81
N ASP B 130 -15.75 9.80 -3.61
CA ASP B 130 -15.36 8.39 -3.67
C ASP B 130 -13.84 8.33 -3.62
N ILE B 131 -13.29 7.99 -2.45
CA ILE B 131 -11.86 7.98 -2.22
C ILE B 131 -11.15 7.03 -3.16
N LYS B 132 -11.87 6.07 -3.76
CA LYS B 132 -11.32 5.11 -4.69
C LYS B 132 -11.11 5.69 -6.08
N LYS B 133 -11.61 6.89 -6.35
CA LYS B 133 -11.42 7.54 -7.63
C LYS B 133 -10.78 8.92 -7.42
N ALA B 134 -9.70 8.94 -6.67
CA ALA B 134 -9.09 10.19 -6.25
C ALA B 134 -7.66 10.33 -6.78
N LYS B 135 -7.34 11.55 -7.21
CA LYS B 135 -6.03 11.95 -7.70
C LYS B 135 -5.66 13.29 -7.09
N ARG B 136 -4.40 13.68 -7.27
CA ARG B 136 -3.80 14.87 -6.64
C ARG B 136 -3.10 15.70 -7.70
N MET B 137 -3.37 16.99 -7.71
CA MET B 137 -2.53 17.96 -8.42
C MET B 137 -1.60 18.62 -7.40
N LYS B 138 -0.33 18.73 -7.76
CA LYS B 138 0.66 19.29 -6.85
C LYS B 138 1.32 20.45 -7.57
N PHE B 139 0.94 21.68 -7.24
CA PHE B 139 1.58 22.84 -7.88
C PHE B 139 2.07 23.79 -6.82
N SER B 140 3.15 24.50 -7.14
CA SER B 140 3.74 25.40 -6.18
C SER B 140 3.44 26.87 -6.46
N ALA B 141 2.62 27.14 -7.46
CA ALA B 141 2.19 28.50 -7.78
C ALA B 141 0.96 28.32 -8.62
N LEU B 142 0.09 29.34 -8.59
CA LEU B 142 -1.14 29.35 -9.36
C LEU B 142 -0.96 30.14 -10.66
N THR B 143 0.15 29.92 -11.37
CA THR B 143 0.30 30.37 -12.74
C THR B 143 -0.22 29.30 -13.68
N LYS B 144 -0.57 29.75 -14.89
CA LYS B 144 -1.11 28.82 -15.87
C LYS B 144 -0.16 27.65 -16.13
N SER B 145 1.13 27.94 -16.27
CA SER B 145 2.04 26.86 -16.61
C SER B 145 2.25 25.91 -15.43
N ASP B 146 2.34 26.42 -14.20
CA ASP B 146 2.47 25.52 -13.06
C ASP B 146 1.24 24.64 -12.89
N ILE B 147 0.06 25.21 -13.19
CA ILE B 147 -1.19 24.46 -13.04
C ILE B 147 -1.30 23.40 -14.13
N LEU B 148 -0.98 23.79 -15.36
CA LEU B 148 -1.05 22.85 -16.48
C LEU B 148 -0.07 21.73 -16.30
N SER B 149 1.13 22.07 -15.81
CA SER B 149 2.10 21.04 -15.52
C SER B 149 1.63 20.12 -14.40
N ALA B 150 1.04 20.68 -13.34
CA ALA B 150 0.51 19.82 -12.27
C ALA B 150 -0.57 18.90 -12.79
N PHE B 151 -1.37 19.43 -13.73
CA PHE B 151 -2.45 18.67 -14.34
C PHE B 151 -1.92 17.50 -15.15
N ARG B 152 -0.88 17.72 -15.95
CA ARG B 152 -0.26 16.62 -16.70
C ARG B 152 0.34 15.59 -15.76
N ASN B 153 0.90 16.02 -14.64
CA ASN B 153 1.55 15.10 -13.72
C ASN B 153 0.66 14.66 -12.57
N ILE B 154 -0.66 14.75 -12.74
CA ILE B 154 -1.59 14.25 -11.75
C ILE B 154 -1.18 12.83 -11.30
N SER B 155 -1.27 12.60 -9.99
CA SER B 155 -0.81 11.37 -9.37
C SER B 155 -1.83 10.91 -8.34
N ALA B 156 -1.57 9.74 -7.77
CA ALA B 156 -2.31 9.32 -6.61
C ALA B 156 -2.15 10.33 -5.48
N LEU B 157 -3.14 10.32 -4.58
CA LEU B 157 -2.98 10.98 -3.30
C LEU B 157 -1.80 10.38 -2.55
N ASP B 158 -1.09 11.22 -1.80
CA ASP B 158 0.06 10.80 -1.04
C ASP B 158 -0.40 10.47 0.37
N TYR B 159 -0.55 9.17 0.66
CA TYR B 159 -1.20 8.80 1.91
C TYR B 159 -0.29 9.03 3.10
N ASP B 160 1.02 9.03 2.88
CA ASP B 160 1.92 9.44 3.96
C ASP B 160 1.65 10.88 4.38
N MET B 161 1.45 11.76 3.39
CA MET B 161 1.17 13.14 3.71
C MET B 161 -0.15 13.26 4.43
N ILE B 162 -1.17 12.55 3.93
CA ILE B 162 -2.49 12.57 4.55
C ILE B 162 -2.42 12.06 6.00
N ASN B 163 -1.75 10.94 6.20
CA ASN B 163 -1.71 10.32 7.53
C ASN B 163 -0.91 11.15 8.50
N ALA B 164 0.14 11.82 8.01
CA ALA B 164 0.89 12.72 8.88
C ALA B 164 0.02 13.88 9.33
N GLY B 165 -0.82 14.39 8.43
CA GLY B 165 -1.65 15.53 8.78
C GLY B 165 -2.79 15.12 9.68
N ILE B 166 -3.37 13.94 9.41
CA ILE B 166 -4.44 13.43 10.27
C ILE B 166 -3.90 13.13 11.66
N ALA B 167 -2.71 12.53 11.76
CA ALA B 167 -2.14 12.24 13.07
C ALA B 167 -1.88 13.52 13.85
N ARG B 168 -1.30 14.54 13.20
CA ARG B 168 -1.07 15.80 13.92
C ARG B 168 -2.38 16.37 14.44
N HIS B 169 -3.39 16.43 13.58
CA HIS B 169 -4.68 16.98 13.99
C HIS B 169 -5.26 16.21 15.16
N LYS B 170 -5.23 14.88 15.08
CA LYS B 170 -5.86 14.07 16.13
C LYS B 170 -5.09 14.16 17.44
N ILE B 171 -3.78 14.18 17.38
CA ILE B 171 -2.99 14.25 18.60
C ILE B 171 -3.02 15.65 19.19
N ASP B 172 -3.06 16.68 18.33
CA ASP B 172 -3.27 18.04 18.86
C ASP B 172 -4.61 18.11 19.56
N TRP B 173 -5.65 17.54 18.95
CA TRP B 173 -6.99 17.63 19.51
C TRP B 173 -7.09 16.85 20.81
N LEU B 174 -6.57 15.63 20.85
CA LEU B 174 -6.63 14.85 22.07
C LEU B 174 -5.90 15.51 23.24
N TRP B 175 -4.71 16.07 23.00
CA TRP B 175 -4.01 16.72 24.10
C TRP B 175 -4.70 18.00 24.52
N GLY B 176 -5.15 18.81 23.55
CA GLY B 176 -5.82 20.05 23.89
C GLY B 176 -7.08 19.82 24.73
N ILE B 177 -7.89 18.87 24.30
CA ILE B 177 -9.18 18.63 24.95
C ILE B 177 -8.98 18.04 26.35
N ASN B 178 -8.10 17.06 26.46
CA ASN B 178 -7.93 16.36 27.74
C ASN B 178 -7.28 17.24 28.79
N VAL B 179 -6.21 17.94 28.41
CA VAL B 179 -5.52 18.74 29.41
C VAL B 179 -6.39 19.92 29.80
N SER B 180 -7.07 20.56 28.84
CA SER B 180 -7.84 21.75 29.21
C SER B 180 -9.03 21.38 30.08
N ARG B 181 -9.72 20.29 29.74
CA ARG B 181 -10.83 19.82 30.58
C ARG B 181 -10.37 19.35 31.95
N ALA B 182 -9.26 18.62 32.01
CA ALA B 182 -8.71 18.27 33.33
C ALA B 182 -8.51 19.51 34.19
N LEU B 183 -7.97 20.59 33.61
CA LEU B 183 -7.76 21.81 34.36
C LEU B 183 -9.09 22.41 34.82
N MET B 184 -10.02 22.61 33.87
CA MET B 184 -11.33 23.17 34.22
C MET B 184 -12.04 22.30 35.24
N ILE B 185 -11.89 20.98 35.14
CA ILE B 185 -12.64 20.09 36.01
C ILE B 185 -12.06 20.14 37.42
N SER B 186 -10.73 20.20 37.53
CA SER B 186 -10.10 20.32 38.84
C SER B 186 -10.63 21.54 39.59
N LEU B 187 -10.83 22.65 38.88
CA LEU B 187 -11.31 23.83 39.58
C LEU B 187 -12.78 23.69 39.94
N GLN B 188 -13.59 23.11 39.05
CA GLN B 188 -15.00 22.92 39.37
C GLN B 188 -15.17 22.04 40.60
N ASP B 189 -14.32 21.02 40.74
CA ASP B 189 -14.43 20.11 41.87
C ASP B 189 -13.90 20.72 43.16
N PHE B 190 -12.98 21.68 43.08
CA PHE B 190 -12.43 22.28 44.28
C PHE B 190 -13.14 23.56 44.70
N ALA B 191 -13.59 24.38 43.77
CA ALA B 191 -14.18 25.67 44.13
C ALA B 191 -15.58 25.85 43.59
N LYS B 192 -16.12 24.89 42.83
CA LYS B 192 -17.46 24.94 42.25
C LYS B 192 -17.65 26.13 41.34
N LYS B 193 -16.57 26.62 40.72
CA LYS B 193 -16.64 27.70 39.76
C LYS B 193 -16.15 27.20 38.41
N ARG B 194 -16.78 27.70 37.36
CA ARG B 194 -16.43 27.32 35.99
C ARG B 194 -15.75 28.50 35.31
N VAL B 195 -14.44 28.39 35.10
CA VAL B 195 -13.69 29.31 34.26
C VAL B 195 -13.18 28.52 33.06
N ILE B 196 -13.31 29.11 31.87
CA ILE B 196 -12.73 28.53 30.67
C ILE B 196 -11.22 28.62 30.77
N LEU B 197 -10.54 27.48 30.67
CA LEU B 197 -9.08 27.43 30.60
C LEU B 197 -8.72 26.61 29.38
N SER B 198 -7.56 26.89 28.81
CA SER B 198 -7.15 26.22 27.59
C SER B 198 -5.73 25.68 27.72
N ALA B 199 -5.46 24.63 26.96
CA ALA B 199 -4.10 24.12 26.87
C ALA B 199 -3.93 23.52 25.49
N GLY B 200 -2.69 23.26 25.13
CA GLY B 200 -2.43 22.69 23.82
C GLY B 200 -1.07 22.07 23.78
N ARG B 201 -0.93 21.09 22.88
CA ARG B 201 0.30 20.34 22.77
C ARG B 201 1.49 21.26 22.57
N VAL B 202 1.36 22.27 21.72
CA VAL B 202 2.45 23.20 21.45
C VAL B 202 2.25 24.52 22.19
N GLN B 203 1.00 24.97 22.32
CA GLN B 203 0.74 26.20 23.07
C GLN B 203 1.35 26.13 24.47
N SER B 204 1.10 25.05 25.19
CA SER B 204 1.48 25.01 26.60
C SER B 204 2.99 25.03 26.78
N PRO B 205 3.81 24.19 26.10
CA PRO B 205 5.27 24.38 26.19
C PRO B 205 5.69 25.78 25.83
N THR B 206 5.10 26.33 24.76
CA THR B 206 5.49 27.66 24.34
C THR B 206 5.19 28.67 25.43
N LEU B 207 4.03 28.55 26.07
CA LEU B 207 3.72 29.47 27.16
C LEU B 207 4.72 29.31 28.31
N VAL B 208 5.11 28.08 28.60
CA VAL B 208 5.99 27.85 29.74
C VAL B 208 7.36 28.48 29.48
N GLN B 209 7.83 28.39 28.23
CA GLN B 209 9.09 29.04 27.84
C GLN B 209 9.05 30.54 28.09
N VAL B 210 7.99 31.21 27.64
CA VAL B 210 7.87 32.65 27.90
C VAL B 210 7.85 32.91 29.40
N VAL B 211 7.16 32.07 30.16
CA VAL B 211 7.03 32.34 31.59
C VAL B 211 8.33 32.05 32.31
N ASN B 212 8.96 30.91 32.00
CA ASN B 212 10.30 30.61 32.53
C ASN B 212 11.24 31.77 32.29
N SER B 213 11.32 32.25 31.03
CA SER B 213 12.24 33.31 30.70
C SER B 213 11.92 34.58 31.45
N GLU B 214 10.64 34.94 31.59
CA GLU B 214 10.36 36.17 32.33
C GLU B 214 10.82 36.05 33.78
N ILE B 215 10.61 34.88 34.41
CA ILE B 215 11.03 34.68 35.80
C ILE B 215 12.54 34.89 35.92
N GLU B 216 13.32 34.21 35.08
CA GLU B 216 14.77 34.38 35.14
C GLU B 216 15.16 35.83 34.94
N ARG B 217 14.56 36.47 33.94
CA ARG B 217 14.82 37.87 33.68
C ARG B 217 14.52 38.72 34.91
N ASN B 218 13.43 38.40 35.62
CA ASN B 218 13.06 39.20 36.79
C ASN B 218 13.91 38.88 38.02
N LEU B 219 14.77 37.86 37.94
CA LEU B 219 15.72 37.51 39.00
C LEU B 219 17.15 37.91 38.64
N PHE B 220 17.38 38.40 37.42
CA PHE B 220 18.70 38.74 36.93
C PHE B 220 19.33 39.88 37.72
N ILE B 221 20.65 39.80 37.89
CA ILE B 221 21.43 40.86 38.50
C ILE B 221 22.65 41.07 37.63
N PRO B 222 22.85 42.27 37.07
CA PRO B 222 24.05 42.51 36.28
C PRO B 222 25.29 42.34 37.14
N LEU B 223 26.29 41.61 36.62
CA LEU B 223 27.58 41.46 37.26
C LEU B 223 28.64 42.32 36.57
N PRO B 224 29.53 42.97 37.32
CA PRO B 224 30.50 43.86 36.69
C PRO B 224 31.74 43.15 36.20
N LYS B 225 32.28 43.68 35.09
CA LYS B 225 33.56 43.26 34.54
C LYS B 225 34.27 44.52 34.04
N PHE B 226 35.54 44.37 33.65
CA PHE B 226 36.36 45.55 33.40
C PHE B 226 37.20 45.41 32.13
N THR B 227 37.13 46.45 31.29
CA THR B 227 38.00 46.62 30.14
C THR B 227 38.71 47.97 30.23
N VAL B 228 39.86 48.05 29.57
CA VAL B 228 40.69 49.24 29.55
C VAL B 228 40.63 49.87 28.17
N SER B 229 40.26 51.15 28.12
CA SER B 229 40.34 51.95 26.90
C SER B 229 41.52 52.92 27.01
N ILE B 230 42.13 53.21 25.86
CA ILE B 230 43.27 54.13 25.78
C ILE B 230 43.02 55.13 24.66
N ILE B 231 43.60 56.31 24.81
CA ILE B 231 43.56 57.36 23.79
C ILE B 231 44.95 57.48 23.21
N VAL B 232 45.07 57.20 21.90
CA VAL B 232 46.35 57.13 21.22
C VAL B 232 46.54 58.40 20.39
N LYS B 233 47.73 58.99 20.51
CA LYS B 233 48.09 60.24 19.82
C LYS B 233 49.18 59.92 18.81
N ILE B 234 48.78 59.81 17.54
CA ILE B 234 49.69 59.52 16.43
C ILE B 234 49.28 60.39 15.24
N LYS B 235 50.25 61.09 14.65
CA LYS B 235 50.01 62.02 13.54
C LYS B 235 48.95 63.04 13.99
N ASP B 236 47.95 63.37 13.16
CA ASP B 236 46.88 64.24 13.62
C ASP B 236 45.85 63.50 14.47
N TYR B 237 45.92 62.18 14.54
CA TYR B 237 44.84 61.39 15.10
C TYR B 237 44.85 61.40 16.62
N SER B 238 43.64 61.35 17.18
CA SER B 238 43.40 60.97 18.57
C SER B 238 42.40 59.82 18.53
N LEU B 239 42.88 58.61 18.80
CA LEU B 239 42.12 57.39 18.61
C LEU B 239 41.73 56.79 19.95
N ASN B 240 40.44 56.58 20.16
CA ASN B 240 39.96 55.86 21.32
C ASN B 240 39.92 54.38 20.96
N ILE B 241 40.66 53.56 21.69
CA ILE B 241 40.78 52.13 21.40
C ILE B 241 40.45 51.34 22.66
N LYS B 242 39.39 50.55 22.60
CA LYS B 242 39.06 49.61 23.67
C LYS B 242 39.97 48.40 23.55
N VAL B 243 40.77 48.13 24.58
CA VAL B 243 41.73 47.05 24.51
C VAL B 243 41.01 45.71 24.62
N ASN B 244 41.44 44.75 23.78
CA ASN B 244 40.72 43.50 23.57
C ASN B 244 40.60 42.63 24.82
N LYS B 245 41.51 42.76 25.78
CA LYS B 245 41.47 41.89 26.95
C LYS B 245 40.49 42.42 28.00
N GLU B 246 39.97 41.49 28.80
CA GLU B 246 38.97 41.78 29.83
C GLU B 246 39.50 41.38 31.20
N PHE B 247 39.05 42.09 32.23
CA PHE B 247 39.53 41.88 33.58
C PHE B 247 38.36 41.67 34.53
N GLU B 248 38.49 40.69 35.42
CA GLU B 248 37.49 40.52 36.48
C GLU B 248 37.55 41.67 37.46
N LYS B 249 38.74 41.98 37.98
CA LYS B 249 38.88 42.91 39.10
C LYS B 249 39.43 44.25 38.64
N ILE B 250 38.95 45.32 39.28
CA ILE B 250 39.24 46.68 38.84
C ILE B 250 40.69 47.07 39.15
N THR B 251 41.30 46.44 40.17
CA THR B 251 42.70 46.74 40.46
C THR B 251 43.62 46.20 39.38
N GLU B 252 43.40 44.95 38.95
CA GLU B 252 44.15 44.42 37.82
C GLU B 252 43.96 45.29 36.57
N ALA B 253 42.79 45.90 36.42
CA ALA B 253 42.52 46.73 35.26
C ALA B 253 43.24 48.08 35.36
N LYS B 254 43.16 48.72 36.52
CA LYS B 254 43.82 50.01 36.71
C LYS B 254 45.33 49.87 36.62
N GLU B 255 45.88 48.77 37.15
CA GLU B 255 47.31 48.50 37.04
C GLU B 255 47.70 48.23 35.60
N PHE B 256 46.81 47.61 34.83
CA PHE B 256 47.09 47.38 33.41
C PHE B 256 47.04 48.68 32.61
N LEU B 257 46.14 49.60 32.99
CA LEU B 257 46.00 50.85 32.27
C LEU B 257 47.27 51.68 32.34
N ASN B 258 47.74 51.95 33.56
CA ASN B 258 48.82 52.92 33.74
C ASN B 258 50.20 52.32 33.46
N LYS B 259 50.33 51.00 33.37
CA LYS B 259 51.55 50.42 32.81
C LYS B 259 51.58 50.49 31.28
N LEU B 260 50.58 51.15 30.67
CA LEU B 260 50.57 51.47 29.25
C LEU B 260 50.63 52.96 28.98
N ILE B 261 50.20 53.80 29.92
CA ILE B 261 50.23 55.25 29.71
C ILE B 261 51.66 55.71 29.54
N ASN B 262 51.87 56.61 28.57
CA ASN B 262 53.15 57.23 28.20
C ASN B 262 54.11 56.27 27.48
N LYS B 263 53.72 55.02 27.24
CA LYS B 263 54.57 54.14 26.46
C LYS B 263 54.46 54.47 24.97
N THR B 264 55.37 53.92 24.19
CA THR B 264 55.40 54.16 22.75
C THR B 264 54.84 52.95 22.01
N VAL B 265 54.06 53.23 20.95
CA VAL B 265 53.48 52.20 20.09
C VAL B 265 53.74 52.62 18.65
N LYS B 266 54.13 51.65 17.82
CA LYS B 266 54.42 51.92 16.41
C LYS B 266 53.73 50.90 15.51
N VAL B 267 53.32 51.37 14.33
CA VAL B 267 52.58 50.58 13.35
C VAL B 267 53.53 49.52 12.79
N VAL B 268 53.26 48.25 13.10
CA VAL B 268 54.11 47.15 12.65
C VAL B 268 53.55 46.41 11.43
N GLU B 269 52.30 46.67 11.05
CA GLU B 269 51.72 45.97 9.90
C GLU B 269 50.51 46.72 9.38
N VAL B 270 50.41 46.82 8.05
CA VAL B 270 49.24 47.34 7.36
C VAL B 270 48.76 46.26 6.41
N GLU B 271 47.45 46.06 6.36
CA GLU B 271 46.86 45.06 5.49
C GLU B 271 45.59 45.63 4.85
N ASN B 272 45.50 45.50 3.52
CA ASN B 272 44.35 45.98 2.76
C ASN B 272 43.65 44.79 2.13
N ARG B 273 42.33 44.71 2.32
CA ARG B 273 41.56 43.53 1.94
C ARG B 273 40.26 43.95 1.28
N VAL B 274 39.83 43.14 0.31
CA VAL B 274 38.52 43.25 -0.32
C VAL B 274 37.70 42.07 0.16
N ARG B 275 36.64 42.34 0.92
CA ARG B 275 35.78 41.27 1.43
C ARG B 275 34.36 41.42 0.89
N LEU B 276 33.73 40.28 0.58
CA LEU B 276 32.40 40.25 -0.01
C LEU B 276 31.35 40.15 1.07
N LEU B 277 30.36 41.05 1.01
CA LEU B 277 29.17 40.96 1.84
C LEU B 277 28.07 40.27 1.01
N GLU B 278 27.81 39.03 1.35
CA GLU B 278 27.00 38.15 0.51
C GLU B 278 25.58 38.67 0.35
N ARG B 279 25.06 38.55 -0.87
CA ARG B 279 23.67 38.87 -1.10
C ARG B 279 22.79 37.85 -0.38
N PRO B 280 21.59 38.25 0.03
CA PRO B 280 20.70 37.32 0.73
C PRO B 280 20.21 36.21 -0.19
N SER B 281 19.80 35.11 0.44
CA SER B 281 19.08 34.02 -0.20
C SER B 281 17.59 34.31 -0.23
N PRO B 282 16.85 33.67 -1.13
CA PRO B 282 15.38 33.76 -1.11
C PRO B 282 14.78 33.33 0.23
N PHE B 283 13.66 33.94 0.56
CA PHE B 283 12.92 33.67 1.80
C PHE B 283 12.40 32.23 1.87
N ASN B 284 12.52 31.61 3.05
CA ASN B 284 11.51 30.62 3.46
C ASN B 284 10.47 31.39 4.29
N LEU B 285 9.47 30.67 4.79
CA LEU B 285 8.39 31.39 5.47
C LEU B 285 8.88 32.05 6.75
N THR B 286 9.71 31.34 7.51
CA THR B 286 10.24 31.89 8.76
C THR B 286 11.01 33.19 8.50
N ASP B 287 11.93 33.15 7.54
CA ASP B 287 12.69 34.35 7.21
C ASP B 287 11.78 35.52 6.86
N LEU B 288 10.77 35.25 6.03
CA LEU B 288 9.83 36.30 5.63
C LEU B 288 9.11 36.85 6.84
N GLN B 289 8.66 35.97 7.74
CA GLN B 289 7.98 36.44 8.95
C GLN B 289 8.91 37.27 9.82
N ILE B 290 10.16 36.84 9.95
CA ILE B 290 11.11 37.59 10.75
C ILE B 290 11.36 38.97 10.15
N GLU B 291 11.67 39.00 8.85
CA GLU B 291 11.94 40.28 8.19
C GLU B 291 10.72 41.18 8.17
N ALA B 292 9.52 40.65 7.92
CA ALA B 292 8.37 41.55 7.91
C ALA B 292 7.99 42.00 9.32
N GLY B 293 8.27 41.17 10.34
CA GLY B 293 8.08 41.63 11.71
C GLY B 293 9.04 42.75 12.05
N ARG B 294 10.33 42.55 11.74
CA ARG B 294 11.36 43.55 12.02
C ARG B 294 11.08 44.87 11.33
N ILE B 295 10.69 44.81 10.06
CA ILE B 295 10.58 46.02 9.25
C ILE B 295 9.24 46.70 9.44
N TYR B 296 8.14 45.95 9.49
CA TYR B 296 6.82 46.53 9.44
C TYR B 296 5.94 46.23 10.65
N GLY B 297 6.45 45.49 11.65
CA GLY B 297 5.64 45.16 12.80
C GLY B 297 4.50 44.19 12.54
N ILE B 298 4.50 43.51 11.39
CA ILE B 298 3.41 42.61 11.05
C ILE B 298 3.64 41.27 11.76
N SER B 299 2.60 40.76 12.41
CA SER B 299 2.72 39.56 13.21
C SER B 299 3.00 38.33 12.33
N PRO B 300 3.64 37.29 12.87
CA PRO B 300 3.90 36.11 12.03
C PRO B 300 2.64 35.51 11.42
N TYR B 301 1.56 35.42 12.20
CA TYR B 301 0.29 34.95 11.68
C TYR B 301 -0.14 35.76 10.47
N ASN B 302 -0.11 37.09 10.58
CA ASN B 302 -0.61 37.94 9.52
C ASN B 302 0.28 37.87 8.28
N VAL B 303 1.59 37.77 8.46
CA VAL B 303 2.51 37.61 7.32
C VAL B 303 2.13 36.40 6.50
N GLU B 304 1.91 35.27 7.17
CA GLU B 304 1.58 34.03 6.48
C GLU B 304 0.25 34.14 5.74
N ARG B 305 -0.73 34.82 6.33
CA ARG B 305 -2.02 35.00 5.66
C ARG B 305 -1.88 35.92 4.45
N ILE B 306 -1.11 37.00 4.59
CA ILE B 306 -0.87 37.90 3.46
C ILE B 306 -0.15 37.17 2.33
N ALA B 307 0.88 36.38 2.68
CA ALA B 307 1.59 35.62 1.65
C ALA B 307 0.68 34.60 0.98
N GLU B 308 -0.21 33.97 1.74
CA GLU B 308 -1.20 33.07 1.12
C GLU B 308 -2.04 33.83 0.10
N ASP B 309 -2.57 34.98 0.50
CA ASP B 309 -3.35 35.81 -0.41
C ASP B 309 -2.57 36.17 -1.67
N LEU B 310 -1.32 36.60 -1.51
CA LEU B 310 -0.48 36.92 -2.65
C LEU B 310 -0.29 35.69 -3.54
N TYR B 311 -0.15 34.51 -2.94
CA TYR B 311 -0.01 33.30 -3.75
C TYR B 311 -1.31 32.99 -4.48
N LEU B 312 -2.43 33.28 -3.82
CA LEU B 312 -3.74 33.08 -4.45
C LEU B 312 -3.96 34.09 -5.57
N ASP B 313 -3.34 35.27 -5.49
CA ASP B 313 -3.33 36.23 -6.58
C ASP B 313 -2.45 35.78 -7.75
N GLY B 314 -1.68 34.71 -7.59
CA GLY B 314 -0.78 34.29 -8.66
C GLY B 314 0.52 35.06 -8.70
N LEU B 315 0.85 35.79 -7.64
CA LEU B 315 1.94 36.74 -7.62
C LEU B 315 3.22 36.18 -7.04
N ILE B 316 3.11 35.22 -6.11
CA ILE B 316 4.24 34.58 -5.49
C ILE B 316 4.00 33.08 -5.47
N SER B 317 5.06 32.35 -5.20
CA SER B 317 4.96 30.91 -5.07
C SER B 317 4.44 30.56 -3.68
N PHE B 318 3.99 29.33 -3.52
CA PHE B 318 3.28 28.92 -2.31
C PHE B 318 4.16 29.08 -1.07
N PRO B 319 3.71 29.81 -0.05
CA PRO B 319 4.64 30.30 0.97
C PRO B 319 4.99 29.32 2.08
N ARG B 320 4.26 28.20 2.23
CA ARG B 320 4.58 27.27 3.32
C ARG B 320 5.75 26.41 2.87
N THR B 321 6.96 26.86 3.18
CA THR B 321 8.14 26.08 2.86
C THR B 321 9.23 26.42 3.86
N ASN B 322 10.09 25.44 4.11
CA ASN B 322 11.31 25.66 4.86
C ASN B 322 12.49 25.98 3.95
N SER B 323 12.32 25.80 2.65
CA SER B 323 13.43 25.90 1.73
C SER B 323 13.90 27.34 1.56
N GLN B 324 15.21 27.49 1.48
CA GLN B 324 15.86 28.73 1.11
C GLN B 324 16.51 28.62 -0.25
N LYS B 325 16.08 27.64 -1.05
CA LYS B 325 16.67 27.33 -2.33
C LYS B 325 15.65 27.53 -3.44
N ILE B 326 16.15 27.91 -4.61
CA ILE B 326 15.33 27.89 -5.81
C ILE B 326 16.03 26.96 -6.79
N PRO B 327 15.53 25.75 -7.02
CA PRO B 327 16.24 24.79 -7.86
C PRO B 327 16.12 25.14 -9.32
N SER B 328 16.97 24.48 -10.11
CA SER B 328 17.10 24.72 -11.54
C SER B 328 15.84 24.35 -12.32
N THR B 329 14.86 23.71 -11.70
CA THR B 329 13.59 23.50 -12.41
C THR B 329 12.78 24.78 -12.52
N ILE B 330 13.12 25.81 -11.75
CA ILE B 330 12.42 27.09 -11.82
C ILE B 330 13.14 27.97 -12.83
N SER B 331 12.39 28.54 -13.76
CA SER B 331 12.95 29.47 -14.74
C SER B 331 13.17 30.83 -14.10
N ILE B 332 14.40 31.10 -13.69
CA ILE B 332 14.75 32.43 -13.21
C ILE B 332 14.46 33.48 -14.28
N TYR B 333 14.77 33.16 -15.54
CA TYR B 333 14.64 34.13 -16.63
C TYR B 333 13.19 34.57 -16.81
N ASN B 334 12.24 33.64 -16.74
CA ASN B 334 10.83 33.98 -16.92
C ASN B 334 10.34 34.92 -15.84
N ILE B 335 10.77 34.70 -14.59
CA ILE B 335 10.40 35.59 -13.49
C ILE B 335 10.92 36.99 -13.74
N ILE B 336 12.22 37.09 -14.05
CA ILE B 336 12.87 38.36 -14.32
C ILE B 336 12.19 39.07 -15.46
N LYS B 337 11.86 38.32 -16.52
CA LYS B 337 11.19 38.92 -17.66
C LYS B 337 9.80 39.43 -17.29
N GLY B 338 9.10 38.74 -16.40
CA GLY B 338 7.80 39.24 -15.96
C GLY B 338 7.94 40.50 -15.11
N LEU B 339 8.89 40.50 -14.16
CA LEU B 339 9.14 41.67 -13.33
C LEU B 339 9.57 42.87 -14.17
N GLU B 340 10.31 42.62 -15.26
CA GLU B 340 10.71 43.72 -16.15
C GLU B 340 9.47 44.40 -16.74
N ASN B 341 8.40 43.65 -16.93
CA ASN B 341 7.12 44.19 -17.41
C ASN B 341 6.17 44.48 -16.24
N SER B 342 6.63 45.29 -15.29
CA SER B 342 5.89 45.57 -14.07
C SER B 342 6.47 46.84 -13.46
N SER B 343 5.90 47.26 -12.35
CA SER B 343 6.45 48.41 -11.63
C SER B 343 7.86 48.17 -11.10
N TYR B 344 8.37 46.93 -11.18
CA TYR B 344 9.74 46.63 -10.76
C TYR B 344 10.72 46.76 -11.90
N ARG B 345 10.27 47.30 -13.04
CA ARG B 345 11.12 47.43 -14.22
C ARG B 345 12.47 48.06 -13.91
N LYS B 346 12.46 49.22 -13.24
CA LYS B 346 13.72 49.91 -13.01
C LYS B 346 14.61 49.15 -12.06
N LEU B 347 14.02 48.41 -11.12
CA LEU B 347 14.84 47.61 -10.22
C LEU B 347 15.49 46.45 -10.98
N VAL B 348 14.75 45.84 -11.89
CA VAL B 348 15.31 44.79 -12.73
C VAL B 348 16.45 45.34 -13.58
N ASP B 349 16.27 46.55 -14.14
CA ASP B 349 17.33 47.14 -14.95
C ASP B 349 18.59 47.34 -14.13
N LEU B 350 18.42 47.70 -12.85
CA LEU B 350 19.57 47.80 -11.96
C LEU B 350 20.21 46.43 -11.70
N VAL B 351 19.39 45.38 -11.57
CA VAL B 351 19.98 44.05 -11.40
C VAL B 351 20.78 43.67 -12.65
N ARG B 352 20.23 43.95 -13.82
CA ARG B 352 20.95 43.69 -15.06
C ARG B 352 22.29 44.43 -15.11
N LYS B 353 22.31 45.70 -14.70
CA LYS B 353 23.54 46.48 -14.74
C LYS B 353 24.56 45.91 -13.76
N ILE B 354 24.12 45.63 -12.55
CA ILE B 354 25.00 45.10 -11.52
C ILE B 354 25.66 43.82 -11.98
N THR B 355 24.89 42.94 -12.63
CA THR B 355 25.37 41.58 -12.89
C THR B 355 25.86 41.39 -14.31
N GLY B 356 25.67 42.38 -15.17
CA GLY B 356 25.95 42.22 -16.60
C GLY B 356 24.94 41.37 -17.32
N GLY B 357 23.78 41.12 -16.73
CA GLY B 357 22.79 40.28 -17.36
C GLY B 357 22.90 38.81 -17.03
N LYS B 358 23.49 38.47 -15.90
CA LYS B 358 23.61 37.07 -15.47
C LYS B 358 22.93 36.93 -14.12
N TYR B 359 21.87 36.14 -14.05
CA TYR B 359 21.03 36.08 -12.85
C TYR B 359 21.19 34.72 -12.18
N VAL B 360 21.91 34.69 -11.06
CA VAL B 360 22.24 33.45 -10.37
C VAL B 360 21.71 33.56 -8.94
N VAL B 361 20.82 32.65 -8.55
CA VAL B 361 20.31 32.64 -7.18
C VAL B 361 21.42 32.30 -6.20
N LYS B 362 21.58 33.13 -5.19
CA LYS B 362 22.34 32.81 -4.00
C LYS B 362 21.57 31.78 -3.16
N GLN B 363 21.93 30.50 -3.32
CA GLN B 363 21.20 29.42 -2.68
C GLN B 363 21.42 29.46 -1.18
N GLY B 364 20.34 29.34 -0.40
CA GLY B 364 20.45 29.36 1.05
C GLY B 364 20.71 27.97 1.62
N ILE B 365 20.78 27.90 2.94
CA ILE B 365 21.16 26.63 3.57
C ILE B 365 19.98 25.66 3.64
N LYS B 366 18.83 26.10 4.14
CA LYS B 366 17.76 25.13 4.36
C LYS B 366 17.17 24.67 3.04
N ASP B 367 16.65 23.45 3.03
CA ASP B 367 16.09 22.88 1.82
C ASP B 367 14.71 22.28 2.11
N ASP B 368 13.97 22.04 1.04
CA ASP B 368 12.66 21.42 1.07
C ASP B 368 12.42 21.03 -0.37
N PRO B 369 12.90 19.85 -0.79
CA PRO B 369 13.09 19.59 -2.23
C PRO B 369 11.87 19.81 -3.09
N ALA B 370 10.69 19.52 -2.58
CA ALA B 370 9.50 19.69 -3.40
C ALA B 370 8.87 21.08 -3.29
N HIS B 371 9.42 21.98 -2.46
CA HIS B 371 8.78 23.26 -2.19
C HIS B 371 9.82 24.38 -2.25
N PRO B 372 10.01 24.98 -3.41
CA PRO B 372 11.05 26.02 -3.55
C PRO B 372 10.78 27.21 -2.64
N ALA B 373 11.85 27.95 -2.37
CA ALA B 373 11.81 29.17 -1.59
C ALA B 373 10.80 30.15 -2.18
N ILE B 374 10.29 31.01 -1.32
CA ILE B 374 9.28 31.98 -1.73
C ILE B 374 9.91 32.95 -2.72
N HIS B 375 9.26 33.12 -3.87
CA HIS B 375 9.77 34.02 -4.90
C HIS B 375 8.60 34.59 -5.66
N PRO B 376 8.74 35.77 -6.29
CA PRO B 376 7.72 36.26 -7.20
C PRO B 376 7.61 35.36 -8.42
N THR B 377 6.36 35.21 -8.91
CA THR B 377 6.14 34.45 -10.14
C THR B 377 6.54 35.26 -11.37
N GLY B 378 6.64 36.57 -11.23
CA GLY B 378 6.84 37.44 -12.38
C GLY B 378 5.56 38.09 -12.88
N GLU B 379 4.40 37.63 -12.43
CA GLU B 379 3.18 38.33 -12.80
C GLU B 379 3.14 39.68 -12.09
N ALA B 380 2.49 40.64 -12.71
CA ALA B 380 2.67 42.03 -12.26
C ALA B 380 1.75 42.36 -11.11
N PRO B 381 2.27 42.87 -10.00
CA PRO B 381 1.40 43.35 -8.93
C PRO B 381 0.66 44.60 -9.36
N LYS B 382 -0.63 44.65 -9.06
CA LYS B 382 -1.46 45.81 -9.37
C LYS B 382 -2.52 45.98 -8.29
N ASN B 383 -2.73 47.21 -7.81
CA ASN B 383 -3.86 47.48 -6.90
C ASN B 383 -3.78 46.66 -5.63
N LEU B 384 -2.55 46.47 -5.08
CA LEU B 384 -2.52 45.67 -3.86
C LEU B 384 -2.88 46.52 -2.65
N PRO B 385 -3.70 45.98 -1.75
CA PRO B 385 -3.81 46.59 -0.42
C PRO B 385 -2.44 46.81 0.19
N ASN B 386 -2.40 47.70 1.17
CA ASN B 386 -1.12 48.23 1.63
C ASN B 386 -0.27 47.16 2.29
N SER B 387 -0.85 46.37 3.19
CA SER B 387 -0.06 45.33 3.84
C SER B 387 0.40 44.28 2.84
N LYS B 388 -0.43 43.97 1.84
CA LYS B 388 -0.09 43.04 0.76
C LYS B 388 1.13 43.53 -0.01
N PHE B 389 1.10 44.80 -0.43
CA PHE B 389 2.20 45.35 -1.18
C PHE B 389 3.48 45.33 -0.37
N LYS B 390 3.40 45.63 0.92
CA LYS B 390 4.60 45.57 1.73
C LYS B 390 5.23 44.19 1.71
N ILE B 391 4.42 43.13 1.85
CA ILE B 391 4.96 41.77 1.83
C ILE B 391 5.44 41.40 0.44
N TYR B 392 4.64 41.72 -0.59
CA TYR B 392 5.08 41.41 -1.94
C TYR B 392 6.41 42.06 -2.22
N ASP B 393 6.55 43.33 -1.86
CA ASP B 393 7.78 44.07 -2.15
C ASP B 393 8.97 43.46 -1.42
N LEU B 394 8.76 42.98 -0.19
CA LEU B 394 9.86 42.29 0.49
C LEU B 394 10.30 41.07 -0.30
N ILE B 395 9.33 40.29 -0.77
CA ILE B 395 9.64 39.03 -1.42
C ILE B 395 10.35 39.30 -2.73
N ALA B 396 9.84 40.25 -3.51
CA ALA B 396 10.43 40.56 -4.80
C ALA B 396 11.83 41.14 -4.65
N ARG B 397 12.00 42.09 -3.72
CA ARG B 397 13.35 42.64 -3.52
C ARG B 397 14.31 41.61 -2.94
N ARG B 398 13.81 40.73 -2.08
CA ARG B 398 14.67 39.66 -1.58
C ARG B 398 15.12 38.76 -2.73
N PHE B 399 14.18 38.38 -3.59
CA PHE B 399 14.53 37.53 -4.74
C PHE B 399 15.46 38.27 -5.68
N LEU B 400 15.10 39.52 -6.03
CA LEU B 400 15.96 40.27 -6.94
C LEU B 400 17.33 40.49 -6.31
N GLY B 401 17.37 40.69 -4.99
CA GLY B 401 18.67 40.74 -4.32
C GLY B 401 19.45 39.45 -4.45
N SER B 402 18.76 38.31 -4.33
CA SER B 402 19.43 37.02 -4.38
C SER B 402 20.02 36.73 -5.75
N VAL B 403 19.47 37.33 -6.81
CA VAL B 403 20.05 37.12 -8.14
C VAL B 403 20.93 38.29 -8.59
N SER B 404 21.29 39.20 -7.67
CA SER B 404 22.12 40.33 -8.07
C SER B 404 23.61 40.00 -7.85
N ALA B 405 24.32 40.76 -7.02
CA ALA B 405 25.72 40.43 -6.74
C ALA B 405 26.05 40.80 -5.31
N ASP B 406 27.08 40.13 -4.77
CA ASP B 406 27.51 40.45 -3.43
C ASP B 406 28.03 41.88 -3.38
N ALA B 407 27.78 42.55 -2.25
CA ALA B 407 28.36 43.86 -2.02
C ALA B 407 29.84 43.71 -1.69
N LYS B 408 30.64 44.68 -2.12
CA LYS B 408 32.07 44.61 -1.91
C LYS B 408 32.50 45.66 -0.90
N LEU B 409 33.30 45.23 0.06
CA LEU B 409 33.79 46.07 1.14
C LEU B 409 35.32 46.05 1.17
N SER B 410 35.91 47.20 1.42
CA SER B 410 37.35 47.32 1.57
C SER B 410 37.68 47.24 3.05
N ASN B 411 38.58 46.32 3.40
CA ASN B 411 39.01 46.14 4.76
C ASN B 411 40.50 46.50 4.86
N THR B 412 40.83 47.42 5.75
CA THR B 412 42.23 47.77 6.01
C THR B 412 42.46 47.73 7.52
N ILE B 413 43.42 46.91 7.94
CA ILE B 413 43.66 46.62 9.35
C ILE B 413 45.07 47.04 9.70
N TYR B 414 45.22 47.91 10.69
CA TYR B 414 46.51 48.37 11.18
C TYR B 414 46.86 47.60 12.46
N THR B 415 47.94 46.84 12.42
CA THR B 415 48.46 46.15 13.60
C THR B 415 49.50 47.02 14.29
N LEU B 416 49.25 47.36 15.55
CA LEU B 416 50.14 48.22 16.32
C LEU B 416 50.76 47.40 17.46
N LYS B 417 52.10 47.34 17.48
CA LYS B 417 52.86 46.66 18.53
C LYS B 417 53.25 47.66 19.62
N VAL B 418 52.99 47.29 20.88
CA VAL B 418 53.51 48.03 22.03
C VAL B 418 54.94 47.56 22.27
N SER B 419 55.85 48.50 22.48
CA SER B 419 57.27 48.24 22.27
C SER B 419 57.83 47.24 23.27
N ASP B 420 57.45 47.37 24.55
CA ASP B 420 58.10 46.61 25.61
C ASP B 420 57.26 45.45 26.14
N PHE B 421 55.96 45.39 25.81
CA PHE B 421 55.09 44.41 26.44
C PHE B 421 54.48 43.48 25.40
N PRO B 422 54.13 42.24 25.79
CA PRO B 422 53.53 41.30 24.83
C PRO B 422 52.09 41.64 24.48
N LEU B 423 51.88 42.77 23.80
CA LEU B 423 50.55 43.20 23.40
C LEU B 423 50.57 43.85 22.03
N GLU B 424 49.73 43.35 21.13
CA GLU B 424 49.43 44.00 19.87
C GLU B 424 47.94 44.29 19.81
N PHE B 425 47.58 45.49 19.36
CA PHE B 425 46.19 45.85 19.16
C PHE B 425 46.01 46.39 17.74
N THR B 426 44.78 46.30 17.24
CA THR B 426 44.49 46.66 15.86
C THR B 426 43.50 47.82 15.80
N VAL B 427 43.65 48.63 14.74
CA VAL B 427 42.67 49.65 14.37
C VAL B 427 42.32 49.41 12.91
N SER B 428 41.04 49.15 12.64
CA SER B 428 40.57 48.72 11.34
C SER B 428 39.49 49.68 10.83
N TYR B 429 39.35 49.75 9.51
CA TYR B 429 38.36 50.60 8.89
C TYR B 429 37.88 49.96 7.59
N THR B 430 36.58 50.06 7.37
CA THR B 430 35.91 49.40 6.26
C THR B 430 35.03 50.41 5.55
N LYS B 431 35.00 50.36 4.22
CA LYS B 431 34.02 51.13 3.46
C LYS B 431 33.44 50.28 2.35
N ILE B 432 32.27 50.71 1.88
CA ILE B 432 31.50 50.03 0.86
C ILE B 432 32.08 50.37 -0.50
N LEU B 433 32.80 49.44 -1.13
CA LEU B 433 33.24 49.66 -2.51
C LEU B 433 32.06 49.61 -3.49
N GLU B 434 31.28 48.51 -3.48
CA GLU B 434 30.11 48.36 -4.35
C GLU B 434 28.89 47.98 -3.52
N ARG B 435 27.80 48.75 -3.64
CA ARG B 435 26.60 48.50 -2.85
C ARG B 435 25.82 47.30 -3.37
N ASN B 436 25.56 47.26 -4.67
CA ASN B 436 24.95 46.11 -5.32
C ASN B 436 23.61 45.73 -4.67
N TRP B 437 23.48 44.52 -4.10
CA TRP B 437 22.19 44.10 -3.55
C TRP B 437 21.65 45.05 -2.50
N LEU B 438 22.54 45.79 -1.81
CA LEU B 438 22.07 46.76 -0.82
C LEU B 438 21.11 47.76 -1.41
N ASP B 439 21.20 48.01 -2.72
CA ASP B 439 20.24 48.88 -3.35
C ASP B 439 18.95 48.16 -3.73
N ILE B 440 18.98 46.83 -3.75
CA ILE B 440 17.83 46.04 -4.18
C ILE B 440 17.03 45.69 -2.93
N TYR B 441 17.61 44.88 -2.04
CA TYR B 441 17.02 44.55 -0.75
C TYR B 441 17.51 45.57 0.28
N HIS B 442 16.96 46.77 0.18
CA HIS B 442 17.49 47.93 0.88
C HIS B 442 16.96 48.01 2.30
N PHE B 443 17.07 46.91 3.03
CA PHE B 443 16.63 46.85 4.42
C PHE B 443 17.77 46.47 5.34
N HIS B 444 19.00 46.57 4.86
CA HIS B 444 20.20 46.28 5.65
C HIS B 444 21.12 47.49 5.65
N ASN B 445 21.28 48.12 6.82
CA ASN B 445 22.21 49.22 6.95
C ASN B 445 23.61 48.71 7.24
N VAL B 446 24.60 49.33 6.60
CA VAL B 446 26.00 49.01 6.80
C VAL B 446 26.67 50.24 7.39
N LYS B 447 27.03 50.18 8.68
CA LYS B 447 27.73 51.27 9.32
C LYS B 447 29.20 51.27 8.89
N GLU B 448 29.69 52.44 8.49
CA GLU B 448 31.03 52.61 7.95
C GLU B 448 31.94 53.35 8.93
N ASP B 449 33.24 53.25 8.65
CA ASP B 449 34.28 53.91 9.44
C ASP B 449 34.92 55.01 8.61
N LYS B 450 35.02 56.21 9.18
CA LYS B 450 35.75 57.29 8.51
C LYS B 450 37.20 56.88 8.37
N PRO B 451 37.81 57.04 7.19
CA PRO B 451 39.14 56.45 6.96
C PRO B 451 40.20 57.02 7.89
N ILE B 452 41.17 56.15 8.21
CA ILE B 452 42.31 56.51 9.04
C ILE B 452 43.55 56.18 8.24
N PHE B 453 44.39 57.19 8.04
CA PHE B 453 45.53 57.10 7.12
C PHE B 453 46.81 57.10 7.93
N LEU B 454 47.49 55.96 7.93
CA LEU B 454 48.65 55.66 8.75
C LEU B 454 49.60 54.81 7.92
N SER B 455 50.90 55.08 8.05
CA SER B 455 51.91 54.38 7.27
C SER B 455 52.72 53.46 8.17
N LYS B 456 53.01 52.27 7.65
CA LYS B 456 53.79 51.25 8.34
C LYS B 456 55.11 51.81 8.90
N GLY B 457 55.23 51.86 10.23
CA GLY B 457 56.47 52.23 10.88
C GLY B 457 56.35 53.40 11.84
N ASP B 458 55.39 54.30 11.59
CA ASP B 458 55.31 55.51 12.41
C ASP B 458 54.68 55.19 13.77
N GLU B 459 55.03 56.02 14.77
CA GLU B 459 54.72 55.72 16.16
C GLU B 459 53.88 56.84 16.78
N GLY B 460 52.89 56.44 17.57
CA GLY B 460 52.18 57.32 18.46
C GLY B 460 52.43 56.94 19.91
N LYS B 461 51.85 57.74 20.80
CA LYS B 461 52.01 57.49 22.23
C LYS B 461 50.67 57.59 22.94
N ILE B 462 50.47 56.69 23.91
CA ILE B 462 49.24 56.62 24.69
C ILE B 462 49.24 57.77 25.69
N VAL B 463 48.40 58.78 25.45
CA VAL B 463 48.37 59.95 26.31
C VAL B 463 47.47 59.72 27.52
N ASP B 464 46.39 58.98 27.33
CA ASP B 464 45.31 58.91 28.31
C ASP B 464 44.69 57.52 28.23
N GLY B 465 43.75 57.26 29.13
CA GLY B 465 43.08 55.97 29.15
C GLY B 465 42.12 55.86 30.31
N LYS B 466 41.15 54.96 30.13
CA LYS B 466 40.08 54.71 31.09
C LYS B 466 39.98 53.22 31.38
N VAL B 467 39.73 52.90 32.64
CA VAL B 467 39.20 51.61 33.03
C VAL B 467 37.67 51.71 32.99
N ASN B 468 37.03 50.76 32.33
CA ASN B 468 35.59 50.83 32.08
C ASN B 468 34.88 49.60 32.63
N ILE B 469 33.74 49.85 33.27
CA ILE B 469 32.92 48.79 33.86
C ILE B 469 31.82 48.41 32.88
N SER B 470 31.66 47.12 32.63
CA SER B 470 30.63 46.60 31.74
C SER B 470 29.73 45.65 32.51
N LEU B 471 28.48 46.04 32.71
CA LEU B 471 27.52 45.22 33.44
C LEU B 471 26.96 44.13 32.54
N SER B 472 26.92 42.89 33.04
CA SER B 472 26.40 41.76 32.28
C SER B 472 24.93 42.00 31.90
N LYS B 473 24.47 41.23 30.91
CA LYS B 473 23.21 41.54 30.23
C LYS B 473 22.18 40.42 30.42
N PRO B 474 20.94 40.74 30.76
CA PRO B 474 19.90 39.71 30.80
C PRO B 474 19.49 39.33 29.38
N THR B 475 18.91 38.15 29.24
CA THR B 475 18.32 37.79 27.95
C THR B 475 17.16 38.74 27.68
N SER B 476 16.94 39.03 26.40
CA SER B 476 15.90 39.99 26.06
C SER B 476 14.52 39.36 26.26
N ARG B 477 13.52 40.20 26.58
CA ARG B 477 12.15 39.74 26.48
C ARG B 477 11.86 39.28 25.05
N TYR B 478 10.94 38.34 24.93
CA TYR B 478 10.54 37.85 23.61
C TYR B 478 9.72 38.89 22.87
N THR B 479 9.98 38.99 21.58
CA THR B 479 9.05 39.49 20.59
C THR B 479 8.38 38.31 19.89
N LYS B 480 7.29 38.59 19.19
CA LYS B 480 6.67 37.53 18.41
C LYS B 480 7.67 36.89 17.46
N VAL B 481 8.52 37.70 16.82
CA VAL B 481 9.53 37.17 15.90
C VAL B 481 10.59 36.38 16.66
N SER B 482 11.08 36.93 17.78
CA SER B 482 12.03 36.18 18.60
C SER B 482 11.41 34.86 19.11
N LEU B 483 10.18 34.92 19.60
CA LEU B 483 9.53 33.69 20.07
C LEU B 483 9.36 32.69 18.94
N LEU B 484 8.93 33.17 17.77
CA LEU B 484 8.81 32.31 16.59
C LEU B 484 10.12 31.61 16.29
N LYS B 485 11.22 32.35 16.34
CA LYS B 485 12.51 31.76 15.99
C LYS B 485 12.88 30.68 17.00
N TRP B 486 12.58 30.92 18.28
CA TRP B 486 12.80 29.91 19.31
C TRP B 486 11.96 28.67 19.03
N MET B 487 10.74 28.85 18.49
CA MET B 487 9.91 27.70 18.15
C MET B 487 10.52 26.92 16.99
N GLU B 488 10.96 27.62 15.94
CA GLU B 488 11.62 26.94 14.83
C GLU B 488 12.88 26.21 15.31
N SER B 489 13.71 26.90 16.07
CA SER B 489 14.94 26.31 16.55
C SER B 489 14.66 25.12 17.47
N SER B 490 13.62 25.20 18.33
CA SER B 490 13.29 24.08 19.20
C SER B 490 12.49 22.99 18.48
N ASN B 491 12.07 23.22 17.24
CA ASN B 491 11.26 22.28 16.46
C ASN B 491 9.90 21.99 17.12
N LEU B 492 9.26 23.03 17.63
CA LEU B 492 7.88 22.96 18.11
C LEU B 492 6.93 23.49 17.05
N GLY B 493 5.86 22.74 16.78
CA GLY B 493 4.96 23.10 15.69
C GLY B 493 5.65 23.01 14.34
N THR B 494 4.95 23.51 13.31
CA THR B 494 5.52 23.61 11.96
C THR B 494 5.49 25.06 11.49
N GLU B 495 6.17 25.32 10.37
CA GLU B 495 6.24 26.71 9.90
C GLU B 495 4.85 27.23 9.55
N ALA B 496 3.91 26.34 9.30
CA ALA B 496 2.54 26.76 9.04
C ALA B 496 1.73 26.99 10.32
N THR B 497 2.10 26.36 11.45
CA THR B 497 1.30 26.50 12.67
C THR B 497 1.87 27.46 13.70
N ARG B 498 3.18 27.72 13.68
CA ARG B 498 3.80 28.52 14.74
C ARG B 498 3.17 29.90 14.88
N GLY B 499 2.90 30.57 13.75
CA GLY B 499 2.32 31.89 13.83
C GLY B 499 0.96 31.90 14.48
N ARG B 500 0.17 30.87 14.20
CA ARG B 500 -1.16 30.74 14.75
C ARG B 500 -1.12 30.43 16.24
N ILE B 501 -0.16 29.60 16.66
CA ILE B 501 -0.01 29.29 18.08
C ILE B 501 0.29 30.55 18.87
N ILE B 502 1.17 31.40 18.35
CA ILE B 502 1.46 32.67 19.00
C ILE B 502 0.19 33.51 19.13
N GLU B 503 -0.58 33.64 18.04
CA GLU B 503 -1.79 34.44 18.12
C GLU B 503 -2.82 33.81 19.04
N ILE B 504 -2.90 32.47 19.07
CA ILE B 504 -3.82 31.79 19.99
C ILE B 504 -3.46 32.09 21.45
N LEU B 505 -2.15 32.15 21.78
CA LEU B 505 -1.80 32.43 23.17
C LEU B 505 -2.22 33.83 23.58
N VAL B 506 -2.13 34.78 22.65
CA VAL B 506 -2.60 36.14 22.92
C VAL B 506 -4.11 36.19 23.00
N LYS B 507 -4.78 35.54 22.05
CA LYS B 507 -6.24 35.53 22.04
C LYS B 507 -6.81 34.89 23.30
N ARG B 508 -6.18 33.84 23.79
CA ARG B 508 -6.66 33.24 25.02
C ARG B 508 -6.16 33.96 26.28
N LYS B 509 -5.50 35.11 26.09
CA LYS B 509 -5.11 36.01 27.20
C LYS B 509 -4.14 35.34 28.17
N TYR B 510 -3.29 34.43 27.66
CA TYR B 510 -2.16 33.90 28.42
C TYR B 510 -0.91 34.72 28.20
N LEU B 511 -0.75 35.28 27.02
CA LEU B 511 0.25 36.29 26.75
C LEU B 511 -0.43 37.59 26.40
N THR B 512 0.33 38.68 26.45
CA THR B 512 -0.17 39.99 26.06
C THR B 512 0.94 40.76 25.40
N ASN B 513 0.56 41.78 24.62
CA ASN B 513 1.52 42.59 23.87
C ASN B 513 1.85 43.86 24.66
N ASN B 514 3.05 43.91 25.24
CA ASN B 514 3.58 45.09 25.91
C ASN B 514 4.58 45.78 24.97
N GLY B 515 4.08 46.74 24.20
CA GLY B 515 4.92 47.41 23.21
C GLY B 515 5.27 46.46 22.07
N ARG B 516 6.56 46.28 21.87
CA ARG B 516 7.03 45.35 20.88
C ARG B 516 7.28 43.98 21.45
N TYR B 517 7.00 43.84 22.74
CA TYR B 517 7.32 42.63 23.48
C TYR B 517 6.06 41.85 23.82
N ILE B 518 6.19 40.53 23.84
CA ILE B 518 5.09 39.64 24.16
C ILE B 518 5.43 38.98 25.50
N ILE B 519 4.54 39.15 26.47
CA ILE B 519 4.83 38.82 27.87
C ILE B 519 3.65 38.08 28.48
N PRO B 520 3.86 37.33 29.55
CA PRO B 520 2.75 36.61 30.18
C PRO B 520 1.77 37.55 30.86
N THR B 521 0.49 37.18 30.82
CA THR B 521 -0.46 37.76 31.74
C THR B 521 -0.37 37.04 33.08
N LYS B 522 -1.03 37.61 34.10
CA LYS B 522 -1.06 36.93 35.39
C LYS B 522 -1.63 35.54 35.26
N LEU B 523 -2.72 35.38 34.49
CA LEU B 523 -3.30 34.07 34.25
C LEU B 523 -2.34 33.14 33.53
N GLY B 524 -1.74 33.59 32.43
CA GLY B 524 -0.77 32.74 31.74
C GLY B 524 0.37 32.33 32.66
N PHE B 525 0.85 33.26 33.48
CA PHE B 525 1.83 32.95 34.52
C PHE B 525 1.37 31.80 35.41
N TYR B 526 0.17 31.89 35.98
CA TYR B 526 -0.22 30.81 36.90
C TYR B 526 -0.40 29.49 36.18
N ILE B 527 -0.97 29.50 34.98
CA ILE B 527 -1.19 28.27 34.22
C ILE B 527 0.15 27.60 33.93
N ALA B 528 1.10 28.38 33.43
CA ALA B 528 2.43 27.83 33.18
C ALA B 528 3.02 27.24 34.45
N GLU B 529 2.88 27.92 35.58
CA GLU B 529 3.45 27.39 36.81
C GLU B 529 2.72 26.13 37.23
N ILE B 530 1.40 26.11 37.10
CA ILE B 530 0.69 24.89 37.46
C ILE B 530 1.07 23.74 36.53
N LEU B 531 1.15 23.99 35.22
CA LEU B 531 1.52 22.90 34.32
C LEU B 531 2.93 22.41 34.62
N ASN B 532 3.85 23.35 34.84
CA ASN B 532 5.23 23.00 35.15
C ASN B 532 5.32 22.21 36.45
N LYS B 533 4.58 22.66 37.48
CA LYS B 533 4.63 22.03 38.79
C LYS B 533 4.05 20.62 38.77
N PHE B 534 2.88 20.44 38.15
CA PHE B 534 2.19 19.17 38.29
C PHE B 534 2.31 18.23 37.09
N PHE B 535 2.53 18.75 35.88
CA PHE B 535 2.68 17.89 34.69
C PHE B 535 3.89 18.33 33.88
N PRO B 536 5.09 18.17 34.44
CA PRO B 536 6.28 18.64 33.73
C PRO B 536 6.47 18.01 32.36
N ASP B 537 6.00 16.78 32.15
CA ASP B 537 6.26 16.09 30.88
C ASP B 537 5.54 16.73 29.70
N ILE B 538 4.31 17.21 29.91
CA ILE B 538 3.54 17.74 28.79
C ILE B 538 4.02 19.12 28.37
N VAL B 539 4.83 19.78 29.18
CA VAL B 539 5.37 21.06 28.79
C VAL B 539 6.88 20.98 28.55
N ASP B 540 7.40 19.76 28.45
CA ASP B 540 8.82 19.54 28.28
C ASP B 540 9.21 19.68 26.80
N VAL B 541 10.06 20.67 26.52
CA VAL B 541 10.42 21.01 25.14
C VAL B 541 10.97 19.80 24.40
N ARG B 542 11.88 19.05 25.03
CA ARG B 542 12.54 17.95 24.33
C ARG B 542 11.55 16.85 23.97
N MET B 543 10.63 16.51 24.88
CA MET B 543 9.64 15.51 24.55
C MET B 543 8.64 16.02 23.50
N THR B 544 8.28 17.32 23.55
CA THR B 544 7.41 17.85 22.51
C THR B 544 8.08 17.71 21.14
N ALA B 545 9.36 18.08 21.05
CA ALA B 545 10.09 17.98 19.78
C ALA B 545 10.26 16.54 19.32
N ASP B 546 10.42 15.60 20.25
CA ASP B 546 10.45 14.18 19.88
C ASP B 546 9.14 13.76 19.22
N MET B 547 8.01 14.20 19.78
CA MET B 547 6.74 13.93 19.13
C MET B 547 6.70 14.57 17.74
N GLU B 548 7.23 15.78 17.60
CA GLU B 548 7.28 16.41 16.28
C GLU B 548 8.10 15.57 15.30
N SER B 549 9.22 15.00 15.75
CA SER B 549 10.03 14.15 14.86
C SER B 549 9.25 12.92 14.41
N LYS B 550 8.45 12.34 15.30
CA LYS B 550 7.66 11.19 14.91
C LYS B 550 6.58 11.57 13.90
N LEU B 551 5.99 12.75 14.04
CA LEU B 551 5.00 13.19 13.05
C LEU B 551 5.66 13.39 11.69
N GLU B 552 6.88 13.94 11.69
CA GLU B 552 7.65 14.02 10.45
C GLU B 552 7.94 12.64 9.86
N MET B 553 8.25 11.66 10.72
CA MET B 553 8.53 10.31 10.24
C MET B 553 7.32 9.68 9.57
N ILE B 554 6.09 10.03 9.98
CA ILE B 554 4.94 9.53 9.23
C ILE B 554 5.01 10.07 7.81
N LYS B 555 5.32 11.35 7.69
CA LYS B 555 5.36 12.06 6.42
C LYS B 555 6.38 11.46 5.47
N THR B 556 7.49 10.94 6.01
CA THR B 556 8.57 10.34 5.24
C THR B 556 8.42 8.83 5.12
N GLY B 557 7.31 8.26 5.59
CA GLY B 557 7.07 6.83 5.51
C GLY B 557 7.82 5.98 6.53
N LYS B 558 8.55 6.56 7.47
CA LYS B 558 9.39 5.79 8.38
C LYS B 558 8.63 5.18 9.55
N VAL B 559 7.45 5.72 9.89
CA VAL B 559 6.68 5.20 11.01
C VAL B 559 5.21 5.24 10.63
N LEU B 560 4.45 4.31 11.21
CA LEU B 560 3.04 4.16 10.89
C LEU B 560 2.20 5.10 11.73
N GLU B 561 1.22 5.71 11.09
CA GLU B 561 0.31 6.61 11.79
C GLU B 561 -0.30 5.95 13.02
N SER B 562 -0.80 4.72 12.86
CA SER B 562 -1.44 4.04 13.98
C SER B 562 -0.50 3.94 15.17
N LYS B 563 0.80 3.82 14.93
CA LYS B 563 1.75 3.65 16.03
C LYS B 563 1.93 4.95 16.80
N VAL B 564 2.01 6.08 16.11
CA VAL B 564 2.06 7.35 16.81
C VAL B 564 0.76 7.57 17.59
N ILE B 565 -0.37 7.12 17.04
CA ILE B 565 -1.64 7.27 17.75
C ILE B 565 -1.64 6.44 19.04
N LYS B 566 -1.32 5.14 18.90
CA LYS B 566 -1.12 4.29 20.09
C LYS B 566 -0.19 4.93 21.09
N GLU B 567 0.96 5.45 20.64
CA GLU B 567 1.90 6.00 21.60
C GLU B 567 1.32 7.23 22.29
N ASN B 568 0.45 7.98 21.61
CA ASN B 568 -0.09 9.14 22.29
C ASN B 568 -1.15 8.76 23.30
N ILE B 569 -1.89 7.68 23.04
CA ILE B 569 -2.83 7.18 24.03
C ILE B 569 -2.11 6.71 25.30
N GLU B 570 -0.97 6.05 25.14
CA GLU B 570 -0.16 5.70 26.31
C GLU B 570 0.28 6.94 27.08
N LYS B 571 0.66 7.99 26.36
CA LYS B 571 1.07 9.22 27.03
C LYS B 571 -0.12 9.84 27.73
N LEU B 572 -1.31 9.70 27.13
CA LEU B 572 -2.53 10.19 27.77
C LEU B 572 -2.81 9.41 29.05
N ASN B 573 -2.70 8.09 28.99
CA ASN B 573 -2.93 7.31 30.19
C ASN B 573 -1.99 7.72 31.31
N LYS B 574 -0.73 8.01 30.97
CA LYS B 574 0.21 8.49 31.99
C LYS B 574 -0.27 9.82 32.58
N PHE B 575 -0.77 10.71 31.73
CA PHE B 575 -1.34 11.97 32.21
C PHE B 575 -2.55 11.73 33.13
N ILE B 576 -3.44 10.81 32.76
CA ILE B 576 -4.63 10.54 33.57
C ILE B 576 -4.23 10.09 34.98
N GLU B 577 -3.27 9.17 35.06
CA GLU B 577 -2.73 8.74 36.36
C GLU B 577 -2.21 9.92 37.18
N GLU B 578 -1.40 10.80 36.56
CA GLU B 578 -0.85 11.89 37.34
C GLU B 578 -1.94 12.84 37.76
N TYR B 579 -2.90 13.07 36.86
CA TYR B 579 -4.04 13.92 37.16
C TYR B 579 -4.83 13.41 38.35
N LYS B 580 -5.10 12.10 38.40
CA LYS B 580 -5.89 11.55 39.50
C LYS B 580 -5.17 11.73 40.84
N VAL B 581 -3.84 11.62 40.86
CA VAL B 581 -3.09 11.96 42.06
C VAL B 581 -3.23 13.45 42.41
N ASN B 582 -2.97 14.35 41.46
CA ASN B 582 -2.75 15.76 41.80
C ASN B 582 -3.99 16.63 41.67
N LYS B 583 -5.14 16.03 41.40
CA LYS B 583 -6.31 16.79 40.99
C LYS B 583 -6.67 17.87 42.00
N ASP B 584 -6.68 17.54 43.28
CA ASP B 584 -7.16 18.50 44.28
C ASP B 584 -6.19 19.67 44.43
N LYS B 585 -4.88 19.39 44.46
CA LYS B 585 -3.90 20.47 44.52
C LYS B 585 -3.96 21.35 43.28
N VAL B 586 -4.15 20.74 42.10
CA VAL B 586 -4.29 21.51 40.87
C VAL B 586 -5.50 22.44 40.96
N GLY B 587 -6.64 21.89 41.43
CA GLY B 587 -7.82 22.73 41.60
C GLY B 587 -7.62 23.82 42.64
N GLU B 588 -6.88 23.49 43.70
CA GLU B 588 -6.58 24.48 44.74
C GLU B 588 -5.69 25.59 44.20
N SER B 589 -4.65 25.22 43.43
CA SER B 589 -3.76 26.22 42.85
C SER B 589 -4.52 27.15 41.92
N LEU B 590 -5.36 26.60 41.04
CA LEU B 590 -6.14 27.43 40.12
C LEU B 590 -7.10 28.32 40.91
N ALA B 591 -7.65 27.79 42.00
CA ALA B 591 -8.53 28.59 42.84
C ALA B 591 -7.78 29.76 43.46
N LYS B 592 -6.57 29.50 43.96
CA LYS B 592 -5.73 30.57 44.49
C LYS B 592 -5.35 31.56 43.40
N ALA B 593 -4.97 31.04 42.21
CA ALA B 593 -4.67 31.90 41.07
C ALA B 593 -5.78 32.90 40.80
N LEU B 594 -7.04 32.44 40.83
CA LEU B 594 -8.16 33.29 40.46
C LEU B 594 -8.69 34.10 41.63
N GLY B 595 -7.95 34.17 42.73
CA GLY B 595 -8.39 34.92 43.90
C GLY B 595 -9.66 34.37 44.53
N LEU B 596 -9.94 33.09 44.30
CA LEU B 596 -11.20 32.50 44.74
C LEU B 596 -11.11 31.99 46.18
N ILE B 597 -9.91 31.61 46.61
CA ILE B 597 -9.69 31.32 48.03
C ILE B 597 -8.51 32.18 48.50
N LYS B 598 -8.55 32.56 49.77
CA LYS B 598 -7.59 33.51 50.29
C LYS B 598 -6.25 32.86 50.56
N ILE B 599 -5.19 33.66 50.41
CA ILE B 599 -3.81 33.24 50.59
C ILE B 599 -3.13 34.22 51.53
N VAL B 600 -2.09 33.75 52.20
CA VAL B 600 -1.17 34.63 52.91
C VAL B 600 -0.19 35.20 51.89
N LYS B 601 -0.27 36.50 51.65
CA LYS B 601 0.42 37.12 50.53
C LYS B 601 1.86 37.47 50.91
N CYS B 602 2.73 37.38 49.90
CA CYS B 602 4.14 37.73 50.05
C CYS B 602 4.30 39.17 50.51
N LYS B 603 5.40 39.44 51.21
CA LYS B 603 5.64 40.78 51.72
C LYS B 603 5.84 41.80 50.60
N TYR B 604 6.26 41.38 49.41
CA TYR B 604 6.56 42.31 48.32
C TYR B 604 5.59 42.23 47.14
N CYS B 605 4.61 41.34 47.14
CA CYS B 605 3.74 41.19 45.97
C CYS B 605 2.49 40.41 46.36
N ASP B 606 1.70 40.02 45.35
CA ASP B 606 0.42 39.36 45.59
C ASP B 606 0.50 37.84 45.50
N LEU B 607 1.67 37.28 45.21
CA LEU B 607 1.82 35.84 45.18
C LEU B 607 1.80 35.27 46.60
N GLU B 608 1.57 33.95 46.69
CA GLU B 608 1.47 33.30 47.99
C GLU B 608 2.84 33.16 48.63
N GLN B 609 2.90 33.37 49.94
CA GLN B 609 4.18 33.27 50.63
C GLN B 609 4.69 31.84 50.58
N TYR B 610 6.02 31.72 50.52
CA TYR B 610 6.70 30.44 50.45
C TYR B 610 7.54 30.21 51.70
N LYS B 611 8.55 31.03 51.95
CA LYS B 611 9.33 31.03 53.18
C LYS B 611 9.61 32.46 53.62
N ASP B 612 9.76 32.65 54.93
CA ASP B 612 10.15 33.93 55.49
C ASP B 612 9.22 35.06 55.07
N GLY B 613 7.93 34.76 54.93
CA GLY B 613 6.94 35.71 54.44
C GLY B 613 7.11 36.15 52.99
N LEU B 614 7.98 35.49 52.23
CA LEU B 614 8.24 35.83 50.83
C LEU B 614 7.68 34.75 49.92
N CYS B 615 7.16 35.16 48.76
CA CYS B 615 6.83 34.21 47.72
C CYS B 615 8.11 33.56 47.19
N LYS B 616 7.96 32.44 46.48
CA LYS B 616 9.15 31.68 46.08
C LYS B 616 10.06 32.50 45.18
N TYR B 617 9.52 33.51 44.48
CA TYR B 617 10.35 34.27 43.56
C TYR B 617 11.15 35.32 44.31
N HIS B 618 10.49 36.08 45.18
CA HIS B 618 11.20 37.04 46.01
C HIS B 618 12.15 36.36 46.99
N TYR B 619 11.79 35.16 47.47
CA TYR B 619 12.75 34.40 48.28
C TYR B 619 14.03 34.14 47.48
N GLU B 620 13.89 33.54 46.30
CA GLU B 620 15.08 33.30 45.48
C GLU B 620 15.76 34.61 45.08
N ALA B 621 15.00 35.71 45.01
CA ALA B 621 15.62 36.97 44.66
C ALA B 621 16.65 37.40 45.71
N LYS B 622 16.29 37.29 47.00
CA LYS B 622 17.23 37.55 48.09
C LYS B 622 18.47 36.66 47.99
N VAL B 623 18.29 35.39 47.66
CA VAL B 623 19.44 34.51 47.46
C VAL B 623 20.33 35.05 46.35
N ARG B 624 19.72 35.43 45.22
CA ARG B 624 20.48 35.99 44.12
C ARG B 624 21.24 37.25 44.53
N LEU B 625 20.57 38.11 45.31
CA LEU B 625 21.15 39.39 45.69
C LEU B 625 22.35 39.20 46.62
N LEU B 626 22.24 38.30 47.61
CA LEU B 626 23.36 38.03 48.49
C LEU B 626 24.60 37.60 47.70
N ASP B 627 24.44 36.61 46.83
CA ASP B 627 25.56 36.19 46.00
C ASP B 627 26.05 37.32 45.12
N ALA B 628 25.14 38.10 44.54
CA ALA B 628 25.61 39.13 43.62
C ALA B 628 26.37 40.24 44.35
N VAL B 629 25.92 40.63 45.54
CA VAL B 629 26.67 41.61 46.32
C VAL B 629 28.09 41.12 46.57
N GLU B 630 28.24 39.83 46.87
CA GLU B 630 29.56 39.26 47.13
C GLU B 630 30.46 39.37 45.91
N ILE B 631 29.92 39.05 44.73
CA ILE B 631 30.73 39.14 43.52
C ILE B 631 31.07 40.59 43.21
N TRP B 632 30.11 41.50 43.33
CA TRP B 632 30.40 42.92 43.18
C TRP B 632 31.52 43.37 44.12
N LYS B 633 31.45 42.94 45.38
CA LYS B 633 32.50 43.28 46.35
C LYS B 633 33.85 42.73 45.92
N GLU B 634 33.89 41.44 45.54
CA GLU B 634 35.16 40.82 45.14
C GLU B 634 35.80 41.53 43.96
N ARG B 635 35.01 42.13 43.08
CA ARG B 635 35.52 42.65 41.81
C ARG B 635 35.70 44.15 41.80
N THR B 636 34.87 44.92 42.50
CA THR B 636 34.97 46.37 42.45
C THR B 636 35.58 46.98 43.70
N LYS B 637 35.65 46.24 44.81
CA LYS B 637 36.05 46.76 46.11
C LYS B 637 35.12 47.86 46.61
N TYR B 638 33.98 48.08 45.97
CA TYR B 638 33.03 49.07 46.45
C TYR B 638 32.45 48.63 47.79
N ASP B 639 31.98 49.59 48.57
CA ASP B 639 31.32 49.22 49.81
C ASP B 639 29.90 48.75 49.53
N HIS B 640 29.21 48.30 50.58
CA HIS B 640 27.92 47.67 50.42
C HIS B 640 26.91 48.60 49.78
N LYS B 641 26.68 49.78 50.38
CA LYS B 641 25.63 50.65 49.89
C LYS B 641 25.92 51.16 48.48
N LYS B 642 27.19 51.33 48.12
CA LYS B 642 27.50 51.70 46.73
C LYS B 642 27.04 50.59 45.77
N ILE B 643 27.29 49.34 46.15
CA ILE B 643 26.91 48.22 45.29
C ILE B 643 25.40 48.19 45.09
N LEU B 644 24.64 48.25 46.19
CA LEU B 644 23.18 48.25 46.09
C LEU B 644 22.69 49.40 45.23
N LYS B 645 23.30 50.57 45.36
CA LYS B 645 22.93 51.71 44.54
C LYS B 645 23.17 51.42 43.06
N ARG B 646 24.30 50.79 42.74
CA ARG B 646 24.58 50.45 41.34
C ARG B 646 23.61 49.40 40.83
N ILE B 647 23.30 48.40 41.65
CA ILE B 647 22.35 47.38 41.23
C ILE B 647 20.96 47.98 41.04
N SER B 648 20.50 48.77 42.01
CA SER B 648 19.18 49.38 41.92
C SER B 648 19.05 50.28 40.70
N SER B 649 20.13 50.98 40.31
CA SER B 649 20.01 51.97 39.24
C SER B 649 20.18 51.37 37.85
N SER B 650 20.76 50.17 37.72
CA SER B 650 20.84 49.52 36.42
C SER B 650 19.47 49.02 36.00
N LYS B 651 19.14 49.23 34.72
CA LYS B 651 17.87 48.74 34.20
C LYS B 651 17.89 47.26 33.87
N SER B 652 19.04 46.59 33.98
CA SER B 652 19.13 45.15 33.78
C SER B 652 18.68 44.34 34.99
N THR B 653 18.44 44.98 36.13
CA THR B 653 18.11 44.28 37.37
C THR B 653 16.64 43.84 37.35
N GLY B 654 16.42 42.53 37.47
CA GLY B 654 15.06 42.00 37.46
C GLY B 654 14.20 42.63 38.53
N LYS B 655 12.89 42.66 38.27
CA LYS B 655 11.98 43.37 39.16
C LYS B 655 11.87 42.71 40.54
N TYR B 656 12.01 41.39 40.62
CA TYR B 656 11.98 40.73 41.95
C TYR B 656 13.12 41.26 42.81
N VAL B 657 14.32 41.35 42.22
CA VAL B 657 15.46 41.87 42.97
C VAL B 657 15.28 43.36 43.25
N LYS B 658 14.88 44.13 42.24
CA LYS B 658 14.71 45.57 42.41
C LYS B 658 13.71 45.89 43.52
N ASP B 659 12.65 45.09 43.63
CA ASP B 659 11.69 45.24 44.72
C ASP B 659 12.38 45.31 46.08
N ILE B 660 13.29 44.38 46.34
CA ILE B 660 13.92 44.30 47.65
C ILE B 660 15.02 45.35 47.80
N VAL B 661 15.84 45.51 46.76
CA VAL B 661 16.98 46.41 46.83
C VAL B 661 16.53 47.82 47.19
N THR B 662 15.37 48.23 46.68
CA THR B 662 14.90 49.60 46.90
C THR B 662 14.72 49.88 48.39
N TYR B 663 14.16 48.93 49.13
CA TYR B 663 13.95 49.14 50.56
C TYR B 663 15.25 49.03 51.35
N MET B 664 16.18 48.20 50.89
CA MET B 664 17.49 48.13 51.54
C MET B 664 18.25 49.45 51.42
N LEU B 665 17.81 50.34 50.53
CA LEU B 665 18.40 51.67 50.40
C LEU B 665 17.63 52.72 51.21
N MET C 1 53.79 -12.37 -1.90
CA MET C 1 54.82 -11.53 -2.49
C MET C 1 55.01 -11.84 -3.98
N ASN C 2 54.34 -12.89 -4.46
CA ASN C 2 54.09 -13.05 -5.88
C ASN C 2 52.74 -12.40 -6.16
N LEU C 3 52.76 -11.23 -6.79
CA LEU C 3 51.53 -10.47 -7.00
C LEU C 3 50.49 -11.27 -7.77
N CYS C 4 50.91 -11.93 -8.86
CA CYS C 4 50.02 -12.65 -9.74
C CYS C 4 49.88 -14.13 -9.36
N ASN C 5 50.14 -14.47 -8.10
CA ASN C 5 49.88 -15.80 -7.56
C ASN C 5 48.47 -15.82 -6.98
N VAL C 6 47.67 -16.83 -7.34
CA VAL C 6 46.33 -16.97 -6.79
C VAL C 6 45.87 -18.41 -6.99
N ASN C 7 45.07 -18.90 -6.03
CA ASN C 7 44.45 -20.21 -6.11
C ASN C 7 43.10 -20.15 -5.41
N ASN C 8 42.29 -21.19 -5.61
CA ASN C 8 40.93 -21.28 -5.07
C ASN C 8 40.09 -20.05 -5.45
N TYR C 9 39.89 -19.88 -6.76
CA TYR C 9 39.18 -18.73 -7.29
C TYR C 9 38.05 -19.19 -8.19
N TYR C 10 37.06 -18.31 -8.32
CA TYR C 10 36.03 -18.43 -9.35
C TYR C 10 36.45 -17.61 -10.57
N LEU C 11 36.44 -18.24 -11.73
CA LEU C 11 36.87 -17.59 -12.97
C LEU C 11 35.67 -16.89 -13.60
N ILE C 12 35.79 -15.58 -13.79
CA ILE C 12 34.75 -14.79 -14.42
C ILE C 12 35.16 -14.58 -15.87
N ILE C 13 34.28 -14.94 -16.80
CA ILE C 13 34.59 -14.82 -18.22
C ILE C 13 33.80 -13.65 -18.79
N ALA C 14 34.52 -12.63 -19.22
CA ALA C 14 33.95 -11.48 -19.92
C ALA C 14 34.25 -11.56 -21.40
N GLU C 15 33.45 -10.86 -22.19
CA GLU C 15 33.55 -10.98 -23.64
C GLU C 15 34.73 -10.19 -24.18
N LYS C 16 34.91 -8.96 -23.72
CA LYS C 16 35.94 -8.06 -24.23
C LYS C 16 36.76 -7.50 -23.08
N SER C 17 37.99 -7.11 -23.40
CA SER C 17 38.92 -6.57 -22.40
C SER C 17 38.35 -5.35 -21.68
N LYS C 18 37.68 -4.46 -22.41
CA LYS C 18 37.07 -3.32 -21.74
C LYS C 18 36.07 -3.76 -20.70
N ALA C 19 35.30 -4.81 -21.00
CA ALA C 19 34.31 -5.30 -20.06
C ALA C 19 34.98 -5.95 -18.86
N ALA C 20 35.99 -6.80 -19.11
CA ALA C 20 36.65 -7.46 -17.99
C ALA C 20 37.21 -6.43 -17.04
N LYS C 21 37.83 -5.37 -17.57
CA LYS C 21 38.30 -4.28 -16.75
C LYS C 21 37.17 -3.65 -15.95
N LYS C 22 36.04 -3.34 -16.61
CA LYS C 22 34.95 -2.64 -15.92
C LYS C 22 34.39 -3.53 -14.82
N ILE C 23 34.36 -4.83 -15.04
CA ILE C 23 33.95 -5.74 -13.98
C ILE C 23 34.98 -5.72 -12.85
N ALA C 24 36.26 -5.75 -13.20
CA ALA C 24 37.29 -5.80 -12.17
C ALA C 24 37.27 -4.54 -11.31
N GLU C 25 37.08 -3.36 -11.91
CA GLU C 25 36.97 -2.13 -11.11
C GLU C 25 35.69 -2.11 -10.29
N ALA C 26 34.64 -2.78 -10.78
CA ALA C 26 33.40 -2.85 -10.02
C ALA C 26 33.57 -3.64 -8.73
N LEU C 27 34.45 -4.64 -8.73
CA LEU C 27 34.58 -5.59 -7.64
C LEU C 27 35.75 -5.29 -6.69
N SER C 28 36.65 -4.38 -7.03
CA SER C 28 37.75 -4.08 -6.12
C SER C 28 38.28 -2.68 -6.36
N GLU C 29 38.62 -2.00 -5.28
CA GLU C 29 39.22 -0.69 -5.41
C GLU C 29 40.65 -0.79 -5.94
N LYS C 30 41.30 -1.93 -5.78
CA LYS C 30 42.64 -2.15 -6.33
C LYS C 30 42.72 -3.54 -6.95
N PRO C 31 42.10 -3.72 -8.11
CA PRO C 31 42.27 -4.98 -8.84
C PRO C 31 43.73 -5.14 -9.28
N ILE C 32 44.12 -6.39 -9.47
CA ILE C 32 45.49 -6.72 -9.87
C ILE C 32 45.49 -7.06 -11.35
N LEU C 33 46.23 -6.29 -12.13
CA LEU C 33 46.45 -6.59 -13.53
C LEU C 33 47.61 -7.55 -13.65
N CYS C 34 47.39 -8.66 -14.36
CA CYS C 34 48.42 -9.64 -14.66
C CYS C 34 48.44 -9.88 -16.16
N ARG C 35 49.44 -10.62 -16.62
CA ARG C 35 49.58 -10.87 -18.05
C ARG C 35 50.22 -12.24 -18.23
N LYS C 36 49.52 -13.13 -18.94
CA LYS C 36 50.08 -14.43 -19.28
C LYS C 36 49.72 -14.74 -20.72
N TYR C 37 50.63 -15.43 -21.40
CA TYR C 37 50.67 -15.47 -22.87
C TYR C 37 50.85 -14.03 -23.31
N ASN C 38 49.90 -13.40 -23.97
CA ASN C 38 50.01 -11.98 -24.23
C ASN C 38 48.68 -11.29 -23.96
N VAL C 39 47.98 -11.77 -22.93
CA VAL C 39 46.64 -11.33 -22.60
C VAL C 39 46.63 -10.82 -21.17
N SER C 40 46.08 -9.62 -20.98
CA SER C 40 45.90 -9.07 -19.64
C SER C 40 44.67 -9.68 -19.00
N TYR C 41 44.83 -10.11 -17.74
CA TYR C 41 43.70 -10.61 -16.96
C TYR C 41 43.77 -10.00 -15.56
N TRP C 42 42.72 -10.23 -14.76
CA TRP C 42 42.56 -9.55 -13.48
C TRP C 42 42.32 -10.56 -12.36
N ILE C 43 42.88 -10.26 -11.20
CA ILE C 43 42.70 -11.02 -9.96
C ILE C 43 42.06 -10.10 -8.92
N ILE C 44 40.98 -10.55 -8.30
CA ILE C 44 40.31 -9.84 -7.22
C ILE C 44 40.49 -10.68 -5.96
N LYS C 45 41.37 -10.25 -5.05
CA LYS C 45 41.59 -10.94 -3.78
C LYS C 45 40.88 -10.32 -2.59
N ASP C 46 40.37 -9.09 -2.72
CA ASP C 46 39.83 -8.36 -1.58
C ASP C 46 38.31 -8.35 -1.49
N HIS C 47 37.59 -8.73 -2.55
CA HIS C 47 36.13 -8.69 -2.53
C HIS C 47 35.59 -9.86 -1.71
N ASN C 48 35.19 -9.57 -0.48
CA ASN C 48 34.55 -10.53 0.44
C ASN C 48 35.48 -11.71 0.71
N SER C 49 34.90 -12.88 0.98
CA SER C 49 35.68 -14.04 1.37
C SER C 49 36.22 -14.84 0.19
N SER C 50 35.57 -14.77 -0.97
CA SER C 50 35.96 -15.57 -2.12
C SER C 50 36.87 -14.76 -3.02
N LYS C 51 37.73 -15.46 -3.76
CA LYS C 51 38.64 -14.89 -4.74
C LYS C 51 38.09 -15.07 -6.16
N TYR C 52 38.54 -14.20 -7.06
CA TYR C 52 38.00 -14.12 -8.43
C TYR C 52 39.11 -13.79 -9.42
N VAL C 53 39.05 -14.45 -10.58
CA VAL C 53 39.92 -14.13 -11.70
C VAL C 53 39.04 -13.78 -12.88
N ILE C 54 39.33 -12.63 -13.50
CA ILE C 54 38.51 -12.09 -14.58
C ILE C 54 39.32 -12.09 -15.85
N VAL C 55 38.81 -12.79 -16.86
CA VAL C 55 39.58 -13.04 -18.07
C VAL C 55 38.71 -12.70 -19.28
N PRO C 56 39.27 -12.08 -20.31
CA PRO C 56 38.48 -11.76 -21.50
C PRO C 56 38.56 -12.86 -22.55
N ALA C 57 37.45 -13.09 -23.23
CA ALA C 57 37.42 -14.05 -24.32
C ALA C 57 37.80 -13.44 -25.66
N ALA C 58 37.74 -12.11 -25.78
CA ALA C 58 37.98 -11.33 -27.01
C ALA C 58 36.95 -11.60 -28.10
N GLY C 59 35.85 -12.27 -27.79
CA GLY C 59 34.91 -12.65 -28.81
C GLY C 59 34.76 -14.16 -28.88
N HIS C 60 34.16 -14.65 -29.95
CA HIS C 60 34.06 -16.08 -30.15
C HIS C 60 35.44 -16.72 -30.03
N LEU C 61 35.49 -17.85 -29.33
CA LEU C 61 36.69 -18.68 -29.31
C LEU C 61 36.49 -20.01 -30.01
N PHE C 62 35.25 -20.41 -30.24
CA PHE C 62 34.94 -21.68 -30.83
C PHE C 62 34.09 -21.46 -32.07
N GLY C 63 34.19 -22.38 -33.02
CA GLY C 63 33.41 -22.33 -34.23
C GLY C 63 32.97 -23.72 -34.61
N LEU C 64 31.97 -23.77 -35.49
CA LEU C 64 31.48 -25.03 -36.01
C LEU C 64 32.38 -25.50 -37.14
N LYS C 65 32.73 -26.79 -37.13
CA LYS C 65 33.40 -27.42 -38.26
C LYS C 65 32.82 -28.81 -38.50
N GLY C 66 32.72 -29.19 -39.76
CA GLY C 66 32.24 -30.51 -40.13
C GLY C 66 33.06 -31.16 -41.23
N GLU C 67 32.44 -32.09 -41.94
CA GLU C 67 33.09 -32.81 -43.04
C GLU C 67 33.15 -31.95 -44.30
N SER C 68 34.27 -32.02 -45.01
CA SER C 68 34.40 -31.30 -46.28
C SER C 68 33.51 -31.94 -47.35
N GLY C 69 33.36 -31.24 -48.47
CA GLY C 69 32.55 -31.74 -49.56
C GLY C 69 31.07 -31.56 -49.32
N PHE C 70 30.29 -32.03 -50.29
CA PHE C 70 28.87 -31.75 -50.34
C PHE C 70 28.09 -33.04 -50.61
N PRO C 71 27.03 -33.32 -49.84
CA PRO C 71 26.60 -32.48 -48.71
C PRO C 71 27.31 -32.80 -47.40
N VAL C 72 27.00 -32.02 -46.36
CA VAL C 72 27.51 -32.22 -45.00
C VAL C 72 26.36 -32.00 -44.02
N TYR C 73 26.18 -32.96 -43.12
CA TYR C 73 25.01 -32.98 -42.26
C TYR C 73 25.27 -32.62 -40.81
N ASP C 74 26.51 -32.76 -40.33
CA ASP C 74 26.83 -32.61 -38.92
C ASP C 74 27.98 -31.64 -38.75
N ALA C 75 27.99 -30.97 -37.60
CA ALA C 75 29.08 -30.07 -37.26
C ALA C 75 29.27 -30.11 -35.75
N ASP C 76 30.53 -30.02 -35.34
CA ASP C 76 30.89 -29.98 -33.93
C ASP C 76 31.66 -28.71 -33.66
N TRP C 77 31.63 -28.26 -32.40
CA TRP C 77 32.35 -27.06 -31.99
C TRP C 77 33.82 -27.39 -31.80
N LYS C 78 34.68 -26.57 -32.39
CA LYS C 78 36.12 -26.70 -32.33
C LYS C 78 36.73 -25.33 -32.05
N PRO C 79 37.87 -25.29 -31.37
CA PRO C 79 38.54 -24.01 -31.15
C PRO C 79 38.82 -23.30 -32.47
N LEU C 80 38.69 -21.97 -32.46
CA LEU C 80 38.77 -21.22 -33.70
C LEU C 80 40.18 -21.25 -34.29
N TRP C 81 41.20 -21.12 -33.44
CA TRP C 81 42.57 -21.11 -33.94
C TRP C 81 42.94 -22.39 -34.69
N GLU C 82 42.20 -23.48 -34.45
CA GLU C 82 42.46 -24.73 -35.14
C GLU C 82 41.85 -24.81 -36.53
N ILE C 83 40.86 -23.97 -36.86
CA ILE C 83 40.06 -24.20 -38.07
C ILE C 83 39.92 -22.95 -38.93
N ASP C 84 40.43 -21.81 -38.47
CA ASP C 84 40.32 -20.57 -39.22
C ASP C 84 41.67 -19.86 -39.27
N LYS C 85 42.02 -19.38 -40.46
CA LYS C 85 43.30 -18.71 -40.67
C LYS C 85 43.33 -17.35 -39.97
N ASN C 86 42.28 -16.56 -40.11
CA ASN C 86 42.25 -15.22 -39.53
C ASN C 86 41.92 -15.22 -38.04
N SER C 87 41.55 -16.38 -37.49
CA SER C 87 41.24 -16.52 -36.06
C SER C 87 42.41 -17.07 -35.26
N TYR C 88 43.60 -17.14 -35.86
CA TYR C 88 44.77 -17.65 -35.14
C TYR C 88 45.09 -16.78 -33.93
N TYR C 89 44.91 -15.45 -34.04
CA TYR C 89 45.21 -14.56 -32.94
C TYR C 89 44.38 -14.86 -31.69
N THR C 90 43.27 -15.57 -31.84
CA THR C 90 42.45 -15.90 -30.68
C THR C 90 43.09 -16.96 -29.80
N LYS C 91 44.12 -17.66 -30.30
CA LYS C 91 44.67 -18.80 -29.58
C LYS C 91 45.22 -18.42 -28.22
N ARG C 92 45.85 -17.24 -28.11
CA ARG C 92 46.35 -16.79 -26.81
C ARG C 92 45.24 -16.69 -25.78
N TYR C 93 44.06 -16.23 -26.18
CA TYR C 93 42.92 -16.19 -25.26
C TYR C 93 42.47 -17.60 -24.89
N TYR C 94 42.44 -18.51 -25.87
CA TYR C 94 42.11 -19.91 -25.61
C TYR C 94 43.08 -20.55 -24.64
N GLN C 95 44.37 -20.23 -24.77
CA GLN C 95 45.38 -20.81 -23.87
C GLN C 95 45.24 -20.25 -22.47
N LEU C 96 45.06 -18.93 -22.35
CA LEU C 96 44.98 -18.31 -21.04
C LEU C 96 43.81 -18.85 -20.24
N ILE C 97 42.63 -18.90 -20.86
CA ILE C 97 41.46 -19.40 -20.18
C ILE C 97 41.64 -20.87 -19.83
N SER C 98 42.27 -21.63 -20.72
CA SER C 98 42.47 -23.06 -20.48
C SER C 98 43.30 -23.29 -19.23
N SER C 99 44.38 -22.52 -19.06
CA SER C 99 45.22 -22.66 -17.88
C SER C 99 44.51 -22.17 -16.62
N LEU C 100 43.75 -21.08 -16.73
CA LEU C 100 43.09 -20.55 -15.53
C LEU C 100 41.90 -21.41 -15.11
N SER C 101 41.30 -22.14 -16.06
CA SER C 101 40.17 -23.00 -15.72
C SER C 101 40.61 -24.25 -14.95
N LYS C 102 41.91 -24.59 -14.97
CA LYS C 102 42.39 -25.76 -14.25
C LYS C 102 42.17 -25.60 -12.74
N TYR C 103 42.57 -24.46 -12.17
CA TYR C 103 42.53 -24.25 -10.73
C TYR C 103 41.34 -23.40 -10.31
N ALA C 104 40.16 -23.68 -10.85
CA ALA C 104 38.98 -22.84 -10.68
C ALA C 104 37.91 -23.59 -9.89
N LEU C 105 37.42 -22.95 -8.82
CA LEU C 105 36.33 -23.51 -8.05
C LEU C 105 35.00 -23.44 -8.79
N GLY C 106 34.89 -22.53 -9.75
CA GLY C 106 33.65 -22.36 -10.48
C GLY C 106 33.82 -21.27 -11.51
N PHE C 107 32.78 -21.10 -12.32
CA PHE C 107 32.84 -20.23 -13.47
C PHE C 107 31.61 -19.36 -13.53
N ILE C 108 31.81 -18.11 -13.93
CA ILE C 108 30.72 -17.17 -14.13
C ILE C 108 30.79 -16.64 -15.56
N ASN C 109 29.69 -16.78 -16.32
CA ASN C 109 29.57 -16.17 -17.64
C ASN C 109 29.06 -14.75 -17.47
N ALA C 110 29.96 -13.78 -17.61
CA ALA C 110 29.61 -12.36 -17.56
C ALA C 110 29.68 -11.69 -18.94
N CYS C 111 29.66 -12.48 -20.02
CA CYS C 111 29.57 -11.89 -21.35
C CYS C 111 28.30 -11.05 -21.45
N ASP C 112 28.15 -10.40 -22.60
CA ASP C 112 27.06 -9.44 -22.78
C ASP C 112 25.71 -10.15 -22.66
N TYR C 113 24.70 -9.38 -22.24
CA TYR C 113 23.40 -9.93 -21.88
C TYR C 113 22.57 -10.13 -23.14
N ASP C 114 22.99 -11.10 -23.95
CA ASP C 114 22.21 -11.49 -25.11
C ASP C 114 22.52 -12.93 -25.44
N ILE C 115 21.85 -13.45 -26.45
CA ILE C 115 22.00 -14.86 -26.79
C ILE C 115 23.45 -15.15 -27.17
N GLU C 116 24.08 -14.25 -27.91
CA GLU C 116 25.46 -14.46 -28.31
C GLU C 116 26.39 -14.55 -27.11
N GLY C 117 26.23 -13.65 -26.15
CA GLY C 117 26.99 -13.77 -24.91
C GLY C 117 26.67 -15.03 -24.14
N SER C 118 25.42 -15.49 -24.18
CA SER C 118 25.09 -16.76 -23.55
C SER C 118 25.84 -17.91 -24.20
N VAL C 119 25.96 -17.89 -25.54
CA VAL C 119 26.63 -18.98 -26.23
C VAL C 119 28.12 -18.94 -25.97
N ILE C 120 28.74 -17.77 -26.10
CA ILE C 120 30.19 -17.66 -25.93
C ILE C 120 30.60 -18.15 -24.56
N GLY C 121 29.93 -17.64 -23.51
CA GLY C 121 30.26 -18.09 -22.17
C GLY C 121 30.05 -19.59 -22.00
N TYR C 122 28.92 -20.10 -22.49
CA TYR C 122 28.63 -21.52 -22.35
C TYR C 122 29.68 -22.37 -23.06
N LEU C 123 30.01 -22.02 -24.31
CA LEU C 123 30.96 -22.84 -25.06
C LEU C 123 32.31 -22.90 -24.37
N ILE C 124 32.75 -21.77 -23.82
CA ILE C 124 34.06 -21.72 -23.17
C ILE C 124 34.06 -22.58 -21.92
N ILE C 125 33.05 -22.40 -21.06
CA ILE C 125 32.98 -23.15 -19.80
C ILE C 125 32.80 -24.65 -20.06
N LYS C 126 31.97 -25.04 -21.02
CA LYS C 126 31.77 -26.46 -21.23
C LYS C 126 33.05 -27.14 -21.72
N ASN C 127 33.82 -26.44 -22.56
CA ASN C 127 34.98 -27.07 -23.20
C ASN C 127 36.29 -26.83 -22.47
N LEU C 128 36.41 -25.76 -21.69
CA LEU C 128 37.64 -25.52 -20.94
C LEU C 128 37.48 -25.61 -19.43
N GLY C 129 36.25 -25.58 -18.92
CA GLY C 129 35.98 -25.60 -17.49
C GLY C 129 35.03 -26.72 -17.15
N ASP C 130 34.12 -26.45 -16.21
CA ASP C 130 33.15 -27.42 -15.73
C ASP C 130 31.76 -26.81 -15.82
N ILE C 131 30.96 -27.30 -16.78
CA ILE C 131 29.63 -26.74 -17.01
C ILE C 131 28.71 -26.95 -15.81
N LYS C 132 29.01 -27.92 -14.93
CA LYS C 132 28.19 -28.15 -13.75
C LYS C 132 28.42 -27.13 -12.66
N LYS C 133 29.46 -26.31 -12.75
CA LYS C 133 29.75 -25.30 -11.73
C LYS C 133 29.79 -23.91 -12.37
N ALA C 134 28.72 -23.54 -13.06
CA ALA C 134 28.69 -22.32 -13.86
C ALA C 134 27.45 -21.52 -13.54
N LYS C 135 27.61 -20.21 -13.45
CA LYS C 135 26.49 -19.30 -13.24
C LYS C 135 26.57 -18.12 -14.19
N ARG C 136 25.54 -17.30 -14.17
CA ARG C 136 25.35 -16.24 -15.16
C ARG C 136 25.17 -14.91 -14.45
N MET C 137 25.91 -13.90 -14.88
CA MET C 137 25.64 -12.51 -14.55
C MET C 137 24.91 -11.85 -15.71
N LYS C 138 23.80 -11.19 -15.40
CA LYS C 138 22.95 -10.56 -16.42
C LYS C 138 22.84 -9.06 -16.11
N PHE C 139 23.56 -8.24 -16.86
CA PHE C 139 23.53 -6.80 -16.67
C PHE C 139 23.29 -6.09 -18.00
N SER C 140 22.52 -5.01 -17.96
CA SER C 140 22.20 -4.25 -19.16
C SER C 140 23.06 -3.01 -19.34
N ALA C 141 24.03 -2.77 -18.46
CA ALA C 141 24.99 -1.68 -18.64
C ALA C 141 26.24 -2.04 -17.86
N LEU C 142 27.36 -1.44 -18.25
CA LEU C 142 28.63 -1.73 -17.57
C LEU C 142 28.99 -0.65 -16.55
N THR C 143 28.01 -0.26 -15.74
CA THR C 143 28.20 0.60 -14.58
C THR C 143 28.53 -0.24 -13.34
N LYS C 144 29.12 0.40 -12.34
CA LYS C 144 29.45 -0.31 -11.10
C LYS C 144 28.21 -0.88 -10.43
N SER C 145 27.13 -0.09 -10.36
CA SER C 145 25.93 -0.57 -9.69
C SER C 145 25.30 -1.74 -10.43
N ASP C 146 25.19 -1.64 -11.75
CA ASP C 146 24.53 -2.69 -12.52
C ASP C 146 25.36 -3.96 -12.52
N ILE C 147 26.68 -3.84 -12.52
CA ILE C 147 27.54 -5.00 -12.46
C ILE C 147 27.39 -5.71 -11.12
N LEU C 148 27.43 -4.94 -10.03
CA LEU C 148 27.33 -5.52 -8.69
C LEU C 148 25.94 -6.13 -8.47
N SER C 149 24.89 -5.47 -8.94
CA SER C 149 23.55 -6.01 -8.79
C SER C 149 23.37 -7.33 -9.53
N ALA C 150 24.03 -7.49 -10.67
CA ALA C 150 24.00 -8.77 -11.36
C ALA C 150 24.87 -9.79 -10.64
N PHE C 151 25.94 -9.32 -10.00
CA PHE C 151 26.78 -10.19 -9.19
C PHE C 151 26.01 -10.73 -7.97
N ARG C 152 25.34 -9.86 -7.22
CA ARG C 152 24.56 -10.29 -6.07
C ARG C 152 23.36 -11.13 -6.47
N ASN C 153 22.65 -10.73 -7.53
CA ASN C 153 21.52 -11.52 -8.02
C ASN C 153 21.94 -12.50 -9.08
N ILE C 154 23.11 -13.12 -8.89
CA ILE C 154 23.62 -14.04 -9.88
C ILE C 154 22.66 -15.22 -10.00
N SER C 155 22.67 -15.88 -11.16
CA SER C 155 21.78 -17.00 -11.42
C SER C 155 22.51 -18.04 -12.26
N ALA C 156 21.86 -19.19 -12.44
CA ALA C 156 22.41 -20.24 -13.29
C ALA C 156 22.15 -19.93 -14.76
N LEU C 157 22.81 -20.71 -15.63
CA LEU C 157 22.76 -20.49 -17.06
C LEU C 157 21.34 -20.70 -17.60
N ASP C 158 20.96 -19.89 -18.60
CA ASP C 158 19.61 -19.93 -19.17
C ASP C 158 19.68 -20.78 -20.42
N TYR C 159 19.34 -22.07 -20.28
CA TYR C 159 19.55 -23.01 -21.37
C TYR C 159 18.60 -22.77 -22.53
N ASP C 160 17.50 -22.08 -22.27
CA ASP C 160 16.64 -21.65 -23.36
C ASP C 160 17.36 -20.65 -24.25
N MET C 161 18.11 -19.71 -23.65
CA MET C 161 18.93 -18.79 -24.43
C MET C 161 20.08 -19.51 -25.12
N ILE C 162 20.78 -20.37 -24.39
CA ILE C 162 21.95 -21.07 -24.96
C ILE C 162 21.52 -21.90 -26.16
N ASN C 163 20.48 -22.72 -26.00
CA ASN C 163 20.05 -23.58 -27.09
C ASN C 163 19.54 -22.76 -28.27
N ALA C 164 18.87 -21.63 -28.02
CA ALA C 164 18.46 -20.76 -29.12
C ALA C 164 19.66 -20.35 -29.96
N GLY C 165 20.73 -19.92 -29.32
CA GLY C 165 21.88 -19.43 -30.05
C GLY C 165 22.66 -20.49 -30.76
N ILE C 166 22.84 -21.64 -30.10
CA ILE C 166 23.53 -22.76 -30.73
C ILE C 166 22.73 -23.29 -31.92
N ALA C 167 21.42 -23.43 -31.76
CA ALA C 167 20.60 -23.86 -32.89
C ALA C 167 20.73 -22.88 -34.05
N ARG C 168 20.68 -21.58 -33.77
CA ARG C 168 20.82 -20.59 -34.83
C ARG C 168 22.15 -20.76 -35.55
N HIS C 169 23.24 -20.91 -34.78
CA HIS C 169 24.56 -21.08 -35.38
C HIS C 169 24.63 -22.35 -36.22
N LYS C 170 23.95 -23.42 -35.79
CA LYS C 170 24.07 -24.70 -36.49
C LYS C 170 23.28 -24.70 -37.81
N ILE C 171 22.04 -24.22 -37.80
CA ILE C 171 21.29 -24.21 -39.06
C ILE C 171 21.80 -23.12 -40.00
N ASP C 172 22.46 -22.07 -39.48
CA ASP C 172 23.13 -21.11 -40.34
C ASP C 172 24.35 -21.72 -41.00
N TRP C 173 25.18 -22.42 -40.23
CA TRP C 173 26.31 -23.13 -40.79
C TRP C 173 25.85 -24.14 -41.83
N LEU C 174 24.89 -25.00 -41.47
CA LEU C 174 24.34 -25.99 -42.39
C LEU C 174 23.93 -25.38 -43.71
N TRP C 175 23.03 -24.40 -43.68
CA TRP C 175 22.57 -23.83 -44.93
C TRP C 175 23.71 -23.14 -45.65
N GLY C 176 24.55 -22.42 -44.92
CA GLY C 176 25.61 -21.65 -45.55
C GLY C 176 26.62 -22.53 -46.25
N ILE C 177 27.09 -23.56 -45.56
CA ILE C 177 28.10 -24.45 -46.14
C ILE C 177 27.52 -25.21 -47.33
N ASN C 178 26.34 -25.80 -47.15
CA ASN C 178 25.80 -26.68 -48.17
C ASN C 178 25.44 -25.92 -49.45
N VAL C 179 24.80 -24.76 -49.31
CA VAL C 179 24.39 -24.04 -50.52
C VAL C 179 25.60 -23.43 -51.21
N SER C 180 26.55 -22.90 -50.44
CA SER C 180 27.69 -22.25 -51.08
C SER C 180 28.57 -23.27 -51.81
N ARG C 181 28.76 -24.46 -51.22
CA ARG C 181 29.59 -25.46 -51.87
C ARG C 181 28.90 -26.04 -53.09
N ALA C 182 27.60 -26.28 -53.01
CA ALA C 182 26.85 -26.70 -54.19
C ALA C 182 27.03 -25.70 -55.34
N LEU C 183 26.94 -24.40 -55.05
CA LEU C 183 27.14 -23.40 -56.08
C LEU C 183 28.57 -23.47 -56.62
N MET C 184 29.56 -23.59 -55.73
CA MET C 184 30.95 -23.62 -56.19
C MET C 184 31.23 -24.90 -56.97
N ILE C 185 30.60 -26.00 -56.56
CA ILE C 185 30.83 -27.26 -57.25
C ILE C 185 30.26 -27.20 -58.66
N SER C 186 29.02 -26.71 -58.82
CA SER C 186 28.38 -26.66 -60.13
C SER C 186 29.23 -25.94 -61.18
N LEU C 187 30.17 -25.09 -60.77
CA LEU C 187 31.07 -24.40 -61.68
C LEU C 187 32.35 -25.16 -61.98
N GLN C 188 32.51 -26.39 -61.48
CA GLN C 188 33.77 -27.12 -61.72
C GLN C 188 33.89 -27.57 -63.17
N ASP C 189 32.76 -27.88 -63.83
CA ASP C 189 32.76 -28.24 -65.26
C ASP C 189 33.02 -27.04 -66.16
N PHE C 190 32.87 -25.82 -65.64
CA PHE C 190 32.95 -24.62 -66.45
C PHE C 190 34.22 -23.80 -66.17
N ALA C 191 34.98 -24.15 -65.14
CA ALA C 191 36.19 -23.42 -64.78
C ALA C 191 37.23 -24.39 -64.24
N LYS C 192 38.49 -24.13 -64.61
CA LYS C 192 39.58 -24.98 -64.14
C LYS C 192 39.76 -24.85 -62.65
N LYS C 193 39.86 -23.63 -62.16
CA LYS C 193 40.24 -23.33 -60.79
C LYS C 193 39.02 -22.91 -59.96
N ARG C 194 39.16 -23.08 -58.66
CA ARG C 194 38.06 -22.78 -57.73
C ARG C 194 37.70 -21.29 -57.77
N VAL C 195 36.41 -21.02 -57.81
CA VAL C 195 35.87 -19.68 -57.60
C VAL C 195 35.10 -19.70 -56.28
N ILE C 196 35.43 -18.76 -55.40
CA ILE C 196 34.76 -18.66 -54.11
C ILE C 196 33.36 -18.11 -54.33
N LEU C 197 32.36 -18.85 -53.88
CA LEU C 197 30.99 -18.36 -53.84
C LEU C 197 30.44 -18.57 -52.44
N SER C 198 29.47 -17.75 -52.07
CA SER C 198 28.90 -17.81 -50.72
C SER C 198 27.39 -17.73 -50.76
N ALA C 199 26.78 -18.29 -49.73
CA ALA C 199 25.34 -18.27 -49.56
C ALA C 199 25.07 -18.26 -48.07
N GLY C 200 23.82 -17.99 -47.70
CA GLY C 200 23.48 -17.86 -46.30
C GLY C 200 22.00 -17.91 -46.07
N ARG C 201 21.61 -18.54 -44.97
CA ARG C 201 20.21 -18.72 -44.66
C ARG C 201 19.44 -17.41 -44.76
N VAL C 202 20.02 -16.32 -44.28
CA VAL C 202 19.38 -15.00 -44.34
C VAL C 202 19.96 -14.16 -45.46
N GLN C 203 21.28 -14.23 -45.70
CA GLN C 203 21.87 -13.46 -46.79
C GLN C 203 21.11 -13.66 -48.09
N SER C 204 20.80 -14.92 -48.43
CA SER C 204 20.32 -15.23 -49.78
C SER C 204 18.92 -14.70 -50.02
N PRO C 205 17.94 -14.91 -49.13
CA PRO C 205 16.65 -14.22 -49.34
C PRO C 205 16.78 -12.71 -49.32
N THR C 206 17.72 -12.18 -48.53
CA THR C 206 17.95 -10.74 -48.55
C THR C 206 18.47 -10.28 -49.91
N LEU C 207 19.42 -11.02 -50.48
CA LEU C 207 19.91 -10.69 -51.81
C LEU C 207 18.79 -10.71 -52.83
N VAL C 208 17.98 -11.77 -52.80
CA VAL C 208 16.90 -11.92 -53.78
C VAL C 208 15.91 -10.76 -53.66
N GLN C 209 15.61 -10.33 -52.44
CA GLN C 209 14.70 -9.21 -52.27
C GLN C 209 15.25 -7.95 -52.93
N VAL C 210 16.54 -7.67 -52.75
CA VAL C 210 17.12 -6.49 -53.38
C VAL C 210 17.05 -6.61 -54.90
N VAL C 211 17.33 -7.80 -55.44
CA VAL C 211 17.32 -7.98 -56.89
C VAL C 211 15.90 -7.87 -57.44
N ASN C 212 14.94 -8.52 -56.79
CA ASN C 212 13.56 -8.48 -57.29
C ASN C 212 13.02 -7.06 -57.26
N SER C 213 13.34 -6.31 -56.21
CA SER C 213 12.85 -4.94 -56.14
C SER C 213 13.54 -4.08 -57.19
N GLU C 214 14.82 -4.36 -57.46
CA GLU C 214 15.55 -3.64 -58.48
C GLU C 214 14.93 -3.86 -59.86
N ILE C 215 14.57 -5.09 -60.15
CA ILE C 215 13.97 -5.40 -61.45
C ILE C 215 12.64 -4.67 -61.60
N GLU C 216 11.78 -4.77 -60.57
CA GLU C 216 10.48 -4.12 -60.63
C GLU C 216 10.62 -2.59 -60.73
N ARG C 217 11.60 -2.03 -60.03
CA ARG C 217 11.88 -0.60 -60.16
C ARG C 217 12.29 -0.26 -61.60
N ASN C 218 13.07 -1.14 -62.23
CA ASN C 218 13.56 -0.87 -63.58
C ASN C 218 12.50 -1.09 -64.66
N LEU C 219 11.42 -1.79 -64.34
CA LEU C 219 10.31 -2.02 -65.26
C LEU C 219 9.15 -1.06 -65.03
N PHE C 220 9.27 -0.16 -64.07
CA PHE C 220 8.14 0.67 -63.68
C PHE C 220 7.79 1.67 -64.77
N ILE C 221 6.50 1.90 -64.96
CA ILE C 221 6.00 2.97 -65.80
C ILE C 221 4.96 3.75 -65.01
N PRO C 222 5.13 5.06 -64.85
CA PRO C 222 4.08 5.84 -64.18
C PRO C 222 2.82 5.89 -65.02
N LEU C 223 1.68 5.70 -64.36
CA LEU C 223 0.33 5.83 -64.85
C LEU C 223 -0.27 7.13 -64.35
N PRO C 224 -0.95 7.86 -65.23
CA PRO C 224 -1.48 9.18 -64.86
C PRO C 224 -2.83 9.08 -64.18
N LYS C 225 -3.02 9.95 -63.19
CA LYS C 225 -4.33 10.21 -62.60
C LYS C 225 -4.50 11.72 -62.52
N PHE C 226 -5.65 12.16 -62.00
CA PHE C 226 -5.96 13.58 -62.08
C PHE C 226 -6.62 14.08 -60.80
N THR C 227 -6.15 15.26 -60.37
CA THR C 227 -6.69 16.01 -59.25
C THR C 227 -6.93 17.45 -59.68
N VAL C 228 -7.85 18.12 -58.97
CA VAL C 228 -8.25 19.48 -59.29
C VAL C 228 -7.77 20.41 -58.17
N SER C 229 -6.97 21.41 -58.56
CA SER C 229 -6.54 22.51 -57.70
C SER C 229 -7.33 23.77 -58.05
N ILE C 230 -7.59 24.61 -57.03
CA ILE C 230 -8.36 25.86 -57.20
C ILE C 230 -7.66 27.00 -56.48
N ILE C 231 -7.90 28.22 -56.96
CA ILE C 231 -7.45 29.43 -56.29
C ILE C 231 -8.68 30.12 -55.71
N VAL C 232 -8.72 30.26 -54.39
CA VAL C 232 -9.79 30.96 -53.70
C VAL C 232 -9.29 32.34 -53.30
N LYS C 233 -10.02 33.37 -53.70
CA LYS C 233 -9.70 34.71 -53.25
C LYS C 233 -10.72 35.12 -52.20
N ILE C 234 -10.24 35.44 -51.00
CA ILE C 234 -11.12 35.82 -49.89
C ILE C 234 -10.38 36.87 -49.09
N LYS C 235 -11.08 37.97 -48.79
CA LYS C 235 -10.45 39.15 -48.21
C LYS C 235 -9.40 39.57 -49.24
N ASP C 236 -8.15 39.80 -48.84
CA ASP C 236 -7.10 40.02 -49.80
C ASP C 236 -6.24 38.78 -50.04
N TYR C 237 -6.53 37.67 -49.35
CA TYR C 237 -5.76 36.45 -49.53
C TYR C 237 -6.05 35.82 -50.88
N SER C 238 -5.05 35.11 -51.39
CA SER C 238 -5.20 34.22 -52.54
C SER C 238 -4.69 32.85 -52.09
N LEU C 239 -5.61 31.93 -51.84
CA LEU C 239 -5.26 30.63 -51.26
C LEU C 239 -5.28 29.56 -52.34
N ASN C 240 -4.16 28.83 -52.46
CA ASN C 240 -4.08 27.71 -53.39
C ASN C 240 -4.48 26.44 -52.64
N ILE C 241 -5.55 25.79 -53.10
CA ILE C 241 -6.13 24.66 -52.39
C ILE C 241 -6.25 23.49 -53.35
N LYS C 242 -5.72 22.34 -52.93
CA LYS C 242 -5.90 21.09 -53.66
C LYS C 242 -7.18 20.43 -53.15
N VAL C 243 -8.12 20.16 -54.06
CA VAL C 243 -9.38 19.51 -53.67
C VAL C 243 -9.13 18.02 -53.48
N ASN C 244 -9.70 17.48 -52.40
CA ASN C 244 -9.61 16.05 -52.10
C ASN C 244 -10.66 15.33 -52.91
N LYS C 245 -10.34 15.12 -54.18
CA LYS C 245 -11.18 14.39 -55.12
C LYS C 245 -10.23 13.73 -56.11
N GLU C 246 -10.59 12.52 -56.54
CA GLU C 246 -9.75 11.72 -57.41
C GLU C 246 -10.43 11.51 -58.75
N PHE C 247 -9.67 11.66 -59.84
CA PHE C 247 -10.19 11.48 -61.19
C PHE C 247 -9.29 10.56 -61.98
N GLU C 248 -9.89 9.56 -62.63
CA GLU C 248 -9.15 8.72 -63.58
C GLU C 248 -8.87 9.49 -64.87
N LYS C 249 -9.94 9.92 -65.54
CA LYS C 249 -9.81 10.53 -66.86
C LYS C 249 -9.86 12.05 -66.78
N ILE C 250 -9.13 12.68 -67.69
CA ILE C 250 -8.99 14.14 -67.70
C ILE C 250 -10.33 14.80 -68.00
N THR C 251 -11.23 14.08 -68.69
CA THR C 251 -12.54 14.64 -69.02
C THR C 251 -13.37 14.88 -67.76
N GLU C 252 -13.41 13.89 -66.85
CA GLU C 252 -14.18 14.03 -65.62
C GLU C 252 -13.64 15.15 -64.73
N ALA C 253 -12.33 15.42 -64.81
CA ALA C 253 -11.72 16.42 -63.94
C ALA C 253 -12.05 17.83 -64.40
N LYS C 254 -11.90 18.10 -65.71
CA LYS C 254 -12.24 19.43 -66.22
C LYS C 254 -13.70 19.77 -65.97
N GLU C 255 -14.59 18.79 -66.11
CA GLU C 255 -16.01 18.99 -65.86
C GLU C 255 -16.29 19.40 -64.41
N PHE C 256 -15.51 18.87 -63.46
CA PHE C 256 -15.62 19.27 -62.06
C PHE C 256 -15.00 20.65 -61.83
N LEU C 257 -13.85 20.91 -62.46
CA LEU C 257 -13.20 22.22 -62.31
C LEU C 257 -14.05 23.34 -62.91
N ASN C 258 -14.72 23.09 -64.03
CA ASN C 258 -15.56 24.11 -64.61
C ASN C 258 -16.84 24.33 -63.81
N LYS C 259 -17.27 23.34 -63.01
CA LYS C 259 -18.42 23.55 -62.14
C LYS C 259 -18.10 24.46 -60.96
N LEU C 260 -16.81 24.70 -60.69
CA LEU C 260 -16.36 25.47 -59.53
C LEU C 260 -15.89 26.88 -59.88
N ILE C 261 -15.37 27.09 -61.08
CA ILE C 261 -14.80 28.39 -61.43
C ILE C 261 -15.87 29.46 -61.25
N ASN C 262 -15.51 30.53 -60.53
CA ASN C 262 -16.34 31.70 -60.21
C ASN C 262 -17.46 31.40 -59.21
N LYS C 263 -17.43 30.25 -58.53
CA LYS C 263 -18.40 30.02 -57.46
C LYS C 263 -18.01 30.82 -56.22
N THR C 264 -19.00 31.07 -55.36
CA THR C 264 -18.79 31.76 -54.09
C THR C 264 -18.42 30.73 -53.03
N VAL C 265 -17.54 31.13 -52.09
CA VAL C 265 -17.18 30.31 -50.93
C VAL C 265 -17.39 31.11 -49.66
N LYS C 266 -17.88 30.44 -48.62
CA LYS C 266 -18.17 31.09 -47.36
C LYS C 266 -17.49 30.32 -46.23
N VAL C 267 -16.93 31.06 -45.27
CA VAL C 267 -16.34 30.43 -44.10
C VAL C 267 -17.49 30.03 -43.18
N VAL C 268 -17.78 28.72 -43.12
CA VAL C 268 -18.89 28.23 -42.30
C VAL C 268 -18.44 27.71 -40.93
N GLU C 269 -17.13 27.56 -40.70
CA GLU C 269 -16.64 27.09 -39.39
C GLU C 269 -15.18 27.47 -39.21
N VAL C 270 -14.86 28.08 -38.08
CA VAL C 270 -13.49 28.30 -37.63
C VAL C 270 -13.25 27.46 -36.39
N GLU C 271 -12.15 26.70 -36.39
CA GLU C 271 -11.82 25.86 -35.24
C GLU C 271 -10.36 26.04 -34.86
N ASN C 272 -10.13 26.50 -33.63
CA ASN C 272 -8.80 26.55 -33.03
C ASN C 272 -8.70 25.40 -32.04
N ARG C 273 -7.78 24.48 -32.29
CA ARG C 273 -7.54 23.35 -31.39
C ARG C 273 -6.06 23.23 -31.10
N VAL C 274 -5.74 22.97 -29.84
CA VAL C 274 -4.36 22.69 -29.44
C VAL C 274 -4.15 21.18 -29.56
N ARG C 275 -3.18 20.78 -30.37
CA ARG C 275 -2.86 19.37 -30.59
C ARG C 275 -1.43 19.09 -30.15
N LEU C 276 -1.23 17.92 -29.56
CA LEU C 276 0.09 17.51 -29.13
C LEU C 276 0.83 16.87 -30.31
N LEU C 277 2.11 17.25 -30.45
CA LEU C 277 3.07 16.50 -31.29
C LEU C 277 3.87 15.67 -30.32
N GLU C 278 3.60 14.36 -30.29
CA GLU C 278 4.14 13.54 -29.22
C GLU C 278 5.65 13.49 -29.30
N ARG C 279 6.27 13.39 -28.13
CA ARG C 279 7.70 13.24 -28.02
C ARG C 279 8.11 11.81 -28.40
N PRO C 280 9.31 11.61 -28.94
CA PRO C 280 9.69 10.27 -29.42
C PRO C 280 9.87 9.30 -28.28
N SER C 281 9.90 8.03 -28.62
CA SER C 281 10.24 7.04 -27.61
C SER C 281 11.73 6.74 -27.67
N PRO C 282 12.30 6.17 -26.61
CA PRO C 282 13.72 5.79 -26.66
C PRO C 282 13.98 4.77 -27.77
N PHE C 283 15.23 4.73 -28.23
CA PHE C 283 15.63 3.89 -29.37
C PHE C 283 15.65 2.42 -28.98
N ASN C 284 15.22 1.55 -29.90
CA ASN C 284 15.80 0.21 -29.91
C ASN C 284 16.91 0.23 -30.95
N LEU C 285 17.63 -0.89 -31.11
CA LEU C 285 18.79 -0.87 -32.01
C LEU C 285 18.37 -0.47 -33.41
N THR C 286 17.24 -1.01 -33.88
CA THR C 286 16.82 -0.75 -35.26
C THR C 286 16.53 0.73 -35.48
N ASP C 287 15.79 1.33 -34.55
CA ASP C 287 15.52 2.76 -34.64
C ASP C 287 16.80 3.58 -34.63
N LEU C 288 17.76 3.20 -33.78
CA LEU C 288 19.04 3.91 -33.76
C LEU C 288 19.76 3.78 -35.11
N GLN C 289 19.78 2.57 -35.69
CA GLN C 289 20.45 2.39 -36.97
C GLN C 289 19.77 3.21 -38.06
N ILE C 290 18.43 3.27 -38.03
CA ILE C 290 17.69 4.00 -39.06
C ILE C 290 17.98 5.49 -38.98
N GLU C 291 17.93 6.05 -37.76
CA GLU C 291 18.14 7.48 -37.59
C GLU C 291 19.59 7.88 -37.87
N ALA C 292 20.55 7.10 -37.36
CA ALA C 292 21.95 7.39 -37.61
C ALA C 292 22.28 7.17 -39.08
N GLY C 293 21.65 6.20 -39.71
CA GLY C 293 21.80 6.06 -41.14
C GLY C 293 21.24 7.25 -41.90
N ARG C 294 20.03 7.69 -41.56
CA ARG C 294 19.46 8.81 -42.33
C ARG C 294 20.21 10.11 -42.04
N ILE C 295 20.52 10.38 -40.78
CA ILE C 295 21.10 11.67 -40.43
C ILE C 295 22.56 11.74 -40.85
N TYR C 296 23.33 10.69 -40.55
CA TYR C 296 24.79 10.75 -40.74
C TYR C 296 25.34 9.82 -41.81
N GLY C 297 24.52 9.00 -42.44
CA GLY C 297 25.05 8.05 -43.41
C GLY C 297 25.85 6.91 -42.83
N ILE C 298 25.73 6.63 -41.53
CA ILE C 298 26.52 5.54 -40.93
C ILE C 298 25.80 4.22 -41.16
N SER C 299 26.54 3.21 -41.59
CA SER C 299 25.91 1.95 -41.96
C SER C 299 25.37 1.24 -40.72
N PRO C 300 24.37 0.38 -40.88
CA PRO C 300 23.83 -0.32 -39.71
C PRO C 300 24.87 -1.11 -38.94
N TYR C 301 25.79 -1.75 -39.64
CA TYR C 301 26.85 -2.49 -38.97
C TYR C 301 27.72 -1.57 -38.13
N ASN C 302 28.10 -0.40 -38.67
CA ASN C 302 28.92 0.51 -37.88
C ASN C 302 28.15 1.17 -36.74
N VAL C 303 26.85 1.44 -36.88
CA VAL C 303 26.10 1.95 -35.72
C VAL C 303 26.15 0.96 -34.57
N GLU C 304 25.93 -0.31 -34.87
CA GLU C 304 25.93 -1.32 -33.82
C GLU C 304 27.29 -1.42 -33.15
N ARG C 305 28.35 -1.42 -33.95
CA ARG C 305 29.70 -1.47 -33.41
C ARG C 305 29.98 -0.26 -32.53
N ILE C 306 29.64 0.95 -33.02
CA ILE C 306 29.89 2.15 -32.23
C ILE C 306 29.05 2.13 -30.95
N ALA C 307 27.82 1.67 -31.04
CA ALA C 307 26.98 1.61 -29.84
C ALA C 307 27.55 0.60 -28.86
N GLU C 308 28.10 -0.49 -29.37
CA GLU C 308 28.72 -1.46 -28.49
C GLU C 308 29.96 -0.86 -27.82
N ASP C 309 30.74 -0.06 -28.55
CA ASP C 309 31.89 0.63 -27.94
C ASP C 309 31.44 1.57 -26.83
N LEU C 310 30.34 2.30 -27.06
CA LEU C 310 29.84 3.22 -26.03
C LEU C 310 29.37 2.45 -24.81
N TYR C 311 28.72 1.31 -25.02
CA TYR C 311 28.34 0.42 -23.93
C TYR C 311 29.57 -0.06 -23.17
N LEU C 312 30.61 -0.48 -23.89
CA LEU C 312 31.84 -0.94 -23.23
C LEU C 312 32.52 0.18 -22.46
N ASP C 313 32.26 1.45 -22.82
CA ASP C 313 32.76 2.60 -22.07
C ASP C 313 31.95 2.88 -20.81
N GLY C 314 30.81 2.23 -20.62
CA GLY C 314 29.92 2.56 -19.53
C GLY C 314 28.95 3.69 -19.78
N LEU C 315 28.84 4.19 -21.02
CA LEU C 315 28.05 5.39 -21.34
C LEU C 315 26.61 5.11 -21.72
N ILE C 316 26.30 3.95 -22.27
CA ILE C 316 24.92 3.65 -22.67
C ILE C 316 24.56 2.24 -22.21
N SER C 317 23.26 1.96 -22.21
CA SER C 317 22.85 0.60 -21.93
C SER C 317 23.19 -0.28 -23.13
N PHE C 318 23.13 -1.59 -22.89
CA PHE C 318 23.48 -2.58 -23.90
C PHE C 318 22.60 -2.41 -25.14
N PRO C 319 23.19 -2.22 -26.32
CA PRO C 319 22.40 -1.79 -27.48
C PRO C 319 21.65 -2.87 -28.21
N ARG C 320 21.91 -4.16 -27.96
CA ARG C 320 21.17 -5.18 -28.70
C ARG C 320 19.86 -5.38 -27.96
N THR C 321 18.85 -4.62 -28.38
CA THR C 321 17.51 -4.76 -27.84
C THR C 321 16.51 -4.37 -28.91
N ASN C 322 15.34 -4.99 -28.86
CA ASN C 322 14.21 -4.56 -29.63
C ASN C 322 13.26 -3.65 -28.85
N SER C 323 13.48 -3.48 -27.56
CA SER C 323 12.54 -2.72 -26.72
C SER C 323 12.58 -1.23 -27.03
N GLN C 324 11.40 -0.62 -27.14
CA GLN C 324 11.27 0.82 -27.19
C GLN C 324 10.76 1.39 -25.87
N LYS C 325 10.96 0.66 -24.79
CA LYS C 325 10.45 1.02 -23.49
C LYS C 325 11.59 1.04 -22.49
N ILE C 326 11.49 1.93 -21.52
CA ILE C 326 12.42 1.96 -20.41
C ILE C 326 11.58 1.59 -19.19
N PRO C 327 11.91 0.53 -18.48
CA PRO C 327 11.04 0.16 -17.38
C PRO C 327 10.97 1.28 -16.36
N SER C 328 9.79 1.50 -15.82
CA SER C 328 9.48 2.63 -14.96
C SER C 328 10.30 2.51 -13.68
N THR C 329 11.01 1.40 -13.52
CA THR C 329 11.89 1.16 -12.41
C THR C 329 13.29 1.74 -12.52
N ILE C 330 13.68 2.23 -13.69
CA ILE C 330 14.98 2.86 -13.90
C ILE C 330 14.84 4.33 -13.54
N SER C 331 15.84 4.86 -12.84
CA SER C 331 15.77 6.23 -12.32
C SER C 331 16.17 7.20 -13.43
N ILE C 332 15.18 7.76 -14.12
CA ILE C 332 15.43 8.87 -15.03
C ILE C 332 16.20 9.98 -14.29
N TYR C 333 15.77 10.28 -13.07
CA TYR C 333 16.36 11.37 -12.29
C TYR C 333 17.86 11.16 -12.13
N ASN C 334 18.28 9.94 -11.75
CA ASN C 334 19.71 9.67 -11.56
C ASN C 334 20.50 9.79 -12.85
N ILE C 335 19.91 9.38 -13.97
CA ILE C 335 20.58 9.53 -15.26
C ILE C 335 20.82 11.01 -15.55
N ILE C 336 19.75 11.80 -15.47
CA ILE C 336 19.86 13.25 -15.65
C ILE C 336 20.92 13.83 -14.72
N LYS C 337 20.90 13.42 -13.46
CA LYS C 337 21.81 14.03 -12.50
C LYS C 337 23.26 13.72 -12.87
N GLY C 338 23.52 12.51 -13.37
CA GLY C 338 24.86 12.19 -13.84
C GLY C 338 25.34 13.12 -14.93
N LEU C 339 24.42 13.59 -15.79
CA LEU C 339 24.74 14.42 -16.96
C LEU C 339 24.72 15.91 -16.67
N GLU C 340 24.18 16.33 -15.51
CA GLU C 340 23.96 17.76 -15.25
C GLU C 340 25.25 18.58 -15.27
N ASN C 341 26.38 18.01 -14.87
CA ASN C 341 27.66 18.73 -14.95
C ASN C 341 28.50 18.33 -16.16
N SER C 342 28.04 17.35 -16.94
CA SER C 342 28.71 16.92 -18.16
C SER C 342 28.66 18.03 -19.19
N SER C 343 29.27 17.76 -20.35
CA SER C 343 29.15 18.65 -21.48
C SER C 343 27.70 18.79 -21.96
N TYR C 344 26.79 17.94 -21.51
CA TYR C 344 25.37 18.10 -21.78
C TYR C 344 24.65 18.96 -20.72
N ARG C 345 25.41 19.71 -19.91
CA ARG C 345 24.83 20.54 -18.86
C ARG C 345 23.66 21.39 -19.38
N LYS C 346 23.87 22.10 -20.49
CA LYS C 346 22.82 22.98 -21.02
C LYS C 346 21.57 22.20 -21.40
N LEU C 347 21.73 21.00 -21.96
CA LEU C 347 20.58 20.22 -22.38
C LEU C 347 19.78 19.73 -21.17
N VAL C 348 20.49 19.32 -20.11
CA VAL C 348 19.85 18.87 -18.89
C VAL C 348 19.06 20.00 -18.23
N ASP C 349 19.65 21.21 -18.17
CA ASP C 349 18.91 22.33 -17.60
C ASP C 349 17.66 22.64 -18.44
N LEU C 350 17.75 22.52 -19.76
CA LEU C 350 16.56 22.71 -20.58
C LEU C 350 15.52 21.64 -20.31
N VAL C 351 15.95 20.38 -20.15
CA VAL C 351 14.96 19.37 -19.83
C VAL C 351 14.35 19.63 -18.46
N ARG C 352 15.16 20.07 -17.49
CA ARG C 352 14.59 20.36 -16.18
C ARG C 352 13.59 21.50 -16.26
N LYS C 353 13.88 22.53 -17.07
CA LYS C 353 12.94 23.64 -17.22
C LYS C 353 11.65 23.20 -17.88
N ILE C 354 11.73 22.29 -18.86
CA ILE C 354 10.55 21.87 -19.59
C ILE C 354 9.63 21.03 -18.69
N THR C 355 10.21 20.19 -17.84
CA THR C 355 9.45 19.20 -17.11
C THR C 355 9.20 19.56 -15.65
N GLY C 356 9.78 20.64 -15.15
CA GLY C 356 9.81 20.82 -13.70
C GLY C 356 10.50 19.73 -12.92
N GLY C 357 11.25 18.85 -13.58
CA GLY C 357 11.87 17.76 -12.87
C GLY C 357 10.99 16.55 -12.69
N LYS C 358 9.78 16.54 -13.31
CA LYS C 358 8.92 15.37 -13.39
C LYS C 358 9.13 14.71 -14.75
N TYR C 359 9.82 13.57 -14.74
CA TYR C 359 10.25 12.86 -15.94
C TYR C 359 9.32 11.68 -16.22
N VAL C 360 8.64 11.71 -17.36
CA VAL C 360 7.75 10.62 -17.77
C VAL C 360 8.22 10.12 -19.13
N VAL C 361 8.78 8.90 -19.17
CA VAL C 361 9.22 8.30 -20.44
C VAL C 361 8.03 8.06 -21.36
N LYS C 362 8.12 8.52 -22.59
CA LYS C 362 7.12 8.19 -23.59
C LYS C 362 7.41 6.78 -24.12
N GLN C 363 6.79 5.78 -23.49
CA GLN C 363 7.07 4.39 -23.82
C GLN C 363 6.65 4.09 -25.26
N GLY C 364 7.43 3.24 -25.94
CA GLY C 364 7.16 2.91 -27.32
C GLY C 364 6.45 1.57 -27.43
N ILE C 365 6.18 1.17 -28.67
CA ILE C 365 5.34 -0.01 -28.88
C ILE C 365 6.09 -1.30 -28.52
N LYS C 366 7.29 -1.50 -29.07
CA LYS C 366 7.93 -2.80 -29.01
C LYS C 366 8.52 -3.09 -27.64
N ASP C 367 8.50 -4.38 -27.29
CA ASP C 367 8.93 -4.90 -26.00
C ASP C 367 10.16 -5.77 -26.18
N ASP C 368 10.88 -5.94 -25.08
CA ASP C 368 12.00 -6.84 -24.92
C ASP C 368 12.19 -6.82 -23.41
N PRO C 369 11.41 -7.62 -22.68
CA PRO C 369 11.20 -7.33 -21.25
C PRO C 369 12.47 -7.34 -20.41
N ALA C 370 13.47 -8.13 -20.79
CA ALA C 370 14.71 -8.17 -20.01
C ALA C 370 15.73 -7.12 -20.46
N HIS C 371 15.47 -6.39 -21.54
CA HIS C 371 16.46 -5.50 -22.13
C HIS C 371 15.82 -4.15 -22.43
N PRO C 372 16.01 -3.15 -21.58
CA PRO C 372 15.40 -1.84 -21.80
C PRO C 372 15.90 -1.22 -23.09
N ALA C 373 15.13 -0.23 -23.58
CA ALA C 373 15.56 0.53 -24.72
C ALA C 373 16.92 1.17 -24.47
N ILE C 374 17.54 1.63 -25.55
CA ILE C 374 18.89 2.20 -25.48
C ILE C 374 18.84 3.58 -24.84
N HIS C 375 19.59 3.78 -23.77
CA HIS C 375 19.60 5.05 -23.05
C HIS C 375 20.97 5.30 -22.44
N PRO C 376 21.32 6.57 -22.18
CA PRO C 376 22.58 6.84 -21.51
C PRO C 376 22.54 6.39 -20.05
N THR C 377 23.70 5.95 -19.55
CA THR C 377 23.78 5.51 -18.17
C THR C 377 23.82 6.67 -17.20
N GLY C 378 24.15 7.86 -17.67
CA GLY C 378 24.41 8.98 -16.81
C GLY C 378 25.88 9.19 -16.51
N GLU C 379 26.74 8.24 -16.84
CA GLU C 379 28.16 8.53 -16.77
C GLU C 379 28.48 9.56 -17.85
N ALA C 380 29.39 10.46 -17.52
CA ALA C 380 29.65 11.62 -18.36
C ALA C 380 30.48 11.24 -19.58
N PRO C 381 30.06 11.61 -20.78
CA PRO C 381 30.95 11.41 -21.93
C PRO C 381 32.09 12.41 -21.88
N LYS C 382 33.29 11.95 -22.24
CA LYS C 382 34.45 12.83 -22.20
C LYS C 382 35.25 12.66 -23.49
N ASN C 383 35.37 13.75 -24.26
CA ASN C 383 36.18 13.78 -25.47
C ASN C 383 35.82 12.64 -26.41
N LEU C 384 34.54 12.46 -26.67
CA LEU C 384 34.18 11.40 -27.61
C LEU C 384 34.70 11.78 -28.99
N PRO C 385 35.41 10.88 -29.66
CA PRO C 385 35.74 11.10 -31.07
C PRO C 385 34.48 10.98 -31.95
N ASN C 386 34.66 11.42 -33.19
CA ASN C 386 33.61 11.77 -34.14
C ASN C 386 32.41 10.81 -34.16
N SER C 387 32.61 9.57 -34.60
CA SER C 387 31.44 8.70 -34.77
C SER C 387 30.81 8.35 -33.41
N LYS C 388 31.63 8.08 -32.38
CA LYS C 388 31.10 7.86 -31.04
C LYS C 388 30.30 9.06 -30.55
N PHE C 389 30.78 10.28 -30.82
CA PHE C 389 30.04 11.47 -30.39
C PHE C 389 28.67 11.54 -31.07
N LYS C 390 28.63 11.26 -32.37
CA LYS C 390 27.37 11.34 -33.12
C LYS C 390 26.35 10.36 -32.58
N ILE C 391 26.75 9.11 -32.35
CA ILE C 391 25.83 8.08 -31.86
C ILE C 391 25.42 8.36 -30.43
N TYR C 392 26.38 8.73 -29.57
CA TYR C 392 26.02 9.07 -28.19
C TYR C 392 25.05 10.24 -28.16
N ASP C 393 25.29 11.23 -29.01
CA ASP C 393 24.41 12.40 -29.03
C ASP C 393 23.00 12.03 -29.49
N LEU C 394 22.87 11.18 -30.50
CA LEU C 394 21.56 10.69 -30.92
C LEU C 394 20.84 9.99 -29.77
N ILE C 395 21.52 9.04 -29.13
CA ILE C 395 20.93 8.27 -28.03
C ILE C 395 20.48 9.18 -26.89
N ALA C 396 21.34 10.13 -26.50
CA ALA C 396 21.04 10.97 -25.34
C ALA C 396 19.92 11.96 -25.66
N ARG C 397 19.91 12.50 -26.86
CA ARG C 397 18.87 13.45 -27.21
C ARG C 397 17.54 12.76 -27.42
N ARG C 398 17.57 11.51 -27.90
CA ARG C 398 16.34 10.76 -28.08
C ARG C 398 15.76 10.38 -26.72
N PHE C 399 16.62 9.91 -25.81
CA PHE C 399 16.23 9.63 -24.44
C PHE C 399 15.73 10.89 -23.76
N LEU C 400 16.48 11.99 -23.88
CA LEU C 400 16.10 13.19 -23.13
C LEU C 400 14.82 13.77 -23.70
N GLY C 401 14.62 13.67 -25.02
CA GLY C 401 13.38 14.15 -25.59
C GLY C 401 12.21 13.28 -25.17
N SER C 402 12.47 12.00 -24.91
CA SER C 402 11.40 11.08 -24.55
C SER C 402 10.94 11.28 -23.11
N VAL C 403 11.79 11.85 -22.24
CA VAL C 403 11.35 12.10 -20.87
C VAL C 403 10.94 13.54 -20.68
N SER C 404 10.80 14.30 -21.76
CA SER C 404 10.57 15.73 -21.62
C SER C 404 9.08 16.03 -21.74
N ALA C 405 8.64 16.66 -22.82
CA ALA C 405 7.24 17.03 -22.90
C ALA C 405 6.88 17.08 -24.37
N ASP C 406 5.61 16.79 -24.66
CA ASP C 406 5.14 16.83 -26.03
C ASP C 406 5.13 18.25 -26.54
N ALA C 407 5.38 18.41 -27.83
CA ALA C 407 5.22 19.72 -28.43
C ALA C 407 3.75 20.08 -28.54
N LYS C 408 3.46 21.37 -28.39
CA LYS C 408 2.10 21.90 -28.44
C LYS C 408 1.92 22.72 -29.70
N LEU C 409 1.01 22.28 -30.56
CA LEU C 409 0.72 22.94 -31.82
C LEU C 409 -0.67 23.56 -31.74
N SER C 410 -0.79 24.78 -32.26
CA SER C 410 -2.09 25.39 -32.46
C SER C 410 -2.44 25.19 -33.93
N ASN C 411 -3.46 24.40 -34.18
CA ASN C 411 -3.97 24.21 -35.53
C ASN C 411 -5.22 25.04 -35.68
N THR C 412 -5.24 25.92 -36.67
CA THR C 412 -6.42 26.69 -37.02
C THR C 412 -6.99 26.12 -38.30
N ILE C 413 -8.25 25.72 -38.26
CA ILE C 413 -8.92 25.08 -39.39
C ILE C 413 -10.12 25.92 -39.77
N TYR C 414 -10.13 26.37 -41.02
CA TYR C 414 -11.28 27.04 -41.61
C TYR C 414 -11.98 26.06 -42.54
N THR C 415 -13.29 25.92 -42.37
CA THR C 415 -14.12 25.12 -43.28
C THR C 415 -14.85 26.06 -44.22
N LEU C 416 -14.66 25.88 -45.52
CA LEU C 416 -15.28 26.76 -46.51
C LEU C 416 -16.30 25.97 -47.32
N LYS C 417 -17.52 26.49 -47.40
CA LYS C 417 -18.59 25.88 -48.18
C LYS C 417 -18.69 26.59 -49.53
N VAL C 418 -18.66 25.82 -50.61
CA VAL C 418 -18.90 26.35 -51.95
C VAL C 418 -20.39 26.59 -52.11
N SER C 419 -20.76 27.86 -52.34
CA SER C 419 -22.17 28.24 -52.36
C SER C 419 -22.88 27.62 -53.55
N ASP C 420 -24.02 27.00 -53.29
CA ASP C 420 -24.91 26.31 -54.24
C ASP C 420 -24.36 24.95 -54.66
N PHE C 421 -23.20 24.51 -54.17
CA PHE C 421 -22.53 23.33 -54.68
C PHE C 421 -22.15 22.37 -53.56
N PRO C 422 -22.22 21.05 -53.81
CA PRO C 422 -21.88 20.05 -52.77
C PRO C 422 -20.37 19.83 -52.60
N LEU C 423 -19.68 20.85 -52.11
CA LEU C 423 -18.25 20.74 -51.82
C LEU C 423 -17.89 21.63 -50.65
N GLU C 424 -17.33 21.03 -49.61
CA GLU C 424 -16.68 21.76 -48.52
C GLU C 424 -15.21 21.41 -48.51
N PHE C 425 -14.36 22.43 -48.35
CA PHE C 425 -12.92 22.21 -48.22
C PHE C 425 -12.39 23.00 -47.04
N THR C 426 -11.24 22.57 -46.55
CA THR C 426 -10.62 23.19 -45.39
C THR C 426 -9.30 23.84 -45.76
N VAL C 427 -9.04 24.97 -45.12
CA VAL C 427 -7.73 25.61 -45.08
C VAL C 427 -7.26 25.54 -43.64
N SER C 428 -6.09 24.98 -43.41
CA SER C 428 -5.54 24.90 -42.08
C SER C 428 -4.11 25.43 -42.11
N TYR C 429 -3.67 25.96 -40.98
CA TYR C 429 -2.30 26.40 -40.82
C TYR C 429 -1.89 26.10 -39.38
N THR C 430 -0.66 25.64 -39.20
CA THR C 430 -0.18 25.17 -37.92
C THR C 430 0.94 26.07 -37.41
N LYS C 431 0.93 26.32 -36.12
CA LYS C 431 1.86 27.21 -35.45
C LYS C 431 2.36 26.50 -34.19
N ILE C 432 3.68 26.41 -34.02
CA ILE C 432 4.20 25.71 -32.85
C ILE C 432 4.13 26.65 -31.65
N LEU C 433 3.46 26.20 -30.60
CA LEU C 433 3.33 26.98 -29.38
C LEU C 433 4.49 26.71 -28.43
N GLU C 434 4.85 25.44 -28.27
CA GLU C 434 5.94 25.03 -27.38
C GLU C 434 6.69 23.92 -28.09
N ARG C 435 7.95 24.19 -28.44
CA ARG C 435 8.75 23.22 -29.17
C ARG C 435 9.08 22.02 -28.29
N ASN C 436 9.29 22.25 -27.00
CA ASN C 436 9.67 21.21 -26.03
C ASN C 436 10.67 20.20 -26.63
N TRP C 437 10.24 18.94 -26.82
CA TRP C 437 11.16 17.88 -27.23
C TRP C 437 11.86 18.19 -28.55
N LEU C 438 11.24 19.00 -29.41
CA LEU C 438 11.81 19.33 -30.71
C LEU C 438 13.12 20.08 -30.63
N ASP C 439 13.38 20.76 -29.52
CA ASP C 439 14.68 21.38 -29.32
C ASP C 439 15.69 20.42 -28.71
N ILE C 440 15.26 19.26 -28.24
CA ILE C 440 16.17 18.29 -27.64
C ILE C 440 16.61 17.31 -28.73
N TYR C 441 15.64 16.56 -29.28
CA TYR C 441 15.90 15.71 -30.45
C TYR C 441 15.64 16.57 -31.69
N HIS C 442 16.63 17.40 -32.02
CA HIS C 442 16.46 18.52 -32.95
C HIS C 442 16.83 18.16 -34.38
N PHE C 443 16.56 16.94 -34.84
CA PHE C 443 17.09 16.49 -36.12
C PHE C 443 16.07 16.54 -37.26
N HIS C 444 14.84 16.94 -37.01
CA HIS C 444 13.81 16.93 -38.06
C HIS C 444 12.98 18.18 -37.97
N ASN C 445 12.85 18.91 -39.08
CA ASN C 445 12.03 20.12 -39.09
C ASN C 445 10.55 19.78 -39.15
N VAL C 446 9.77 20.49 -38.34
CA VAL C 446 8.31 20.43 -38.41
C VAL C 446 7.86 21.63 -39.23
N LYS C 447 7.00 21.39 -40.23
CA LYS C 447 6.56 22.46 -41.11
C LYS C 447 5.56 23.38 -40.39
N GLU C 448 5.84 24.67 -40.41
CA GLU C 448 4.92 25.71 -39.96
C GLU C 448 4.42 26.49 -41.17
N ASP C 449 3.26 27.12 -41.01
CA ASP C 449 2.55 27.73 -42.12
C ASP C 449 2.39 29.24 -41.89
N LYS C 450 2.21 29.95 -42.98
CA LYS C 450 1.95 31.39 -42.90
C LYS C 450 0.58 31.61 -42.26
N PRO C 451 0.46 32.55 -41.31
CA PRO C 451 -0.83 32.74 -40.64
C PRO C 451 -1.91 33.26 -41.59
N ILE C 452 -3.12 32.78 -41.40
CA ILE C 452 -4.30 33.19 -42.18
C ILE C 452 -5.40 33.52 -41.18
N PHE C 453 -5.92 34.75 -41.22
CA PHE C 453 -6.93 35.20 -40.27
C PHE C 453 -8.27 35.36 -40.99
N LEU C 454 -9.19 34.44 -40.71
CA LEU C 454 -10.51 34.44 -41.33
C LEU C 454 -11.56 34.38 -40.24
N SER C 455 -12.76 34.84 -40.58
CA SER C 455 -13.88 34.85 -39.66
C SER C 455 -15.01 34.03 -40.25
N LYS C 456 -15.78 33.38 -39.39
CA LYS C 456 -17.01 32.75 -39.86
C LYS C 456 -17.88 33.79 -40.56
N GLY C 457 -18.38 33.44 -41.74
CA GLY C 457 -19.18 34.34 -42.53
C GLY C 457 -18.40 35.12 -43.58
N ASP C 458 -17.08 35.14 -43.48
CA ASP C 458 -16.28 35.72 -44.57
C ASP C 458 -16.53 34.97 -45.86
N GLU C 459 -16.64 35.73 -46.95
CA GLU C 459 -16.94 35.17 -48.25
C GLU C 459 -15.85 35.51 -49.26
N GLY C 460 -15.68 34.61 -50.23
CA GLY C 460 -14.82 34.84 -51.36
C GLY C 460 -15.29 34.14 -52.61
N LYS C 461 -14.41 34.06 -53.59
CA LYS C 461 -14.73 33.42 -54.85
C LYS C 461 -13.58 32.52 -55.29
N ILE C 462 -13.95 31.43 -55.96
CA ILE C 462 -13.02 30.55 -56.67
C ILE C 462 -12.72 31.22 -58.01
N VAL C 463 -11.63 31.99 -58.08
CA VAL C 463 -11.40 32.76 -59.30
C VAL C 463 -10.76 31.92 -60.41
N ASP C 464 -9.98 30.90 -60.06
CA ASP C 464 -9.20 30.15 -61.06
C ASP C 464 -8.91 28.74 -60.55
N GLY C 465 -8.22 27.95 -61.38
CA GLY C 465 -7.89 26.58 -61.04
C GLY C 465 -7.21 25.82 -62.16
N LYS C 466 -6.55 24.71 -61.83
CA LYS C 466 -5.88 23.87 -62.82
C LYS C 466 -6.20 22.41 -62.55
N VAL C 467 -6.54 21.69 -63.61
CA VAL C 467 -6.54 20.23 -63.57
C VAL C 467 -5.09 19.78 -63.63
N ASN C 468 -4.68 18.98 -62.65
CA ASN C 468 -3.28 18.60 -62.50
C ASN C 468 -3.10 17.09 -62.69
N ILE C 469 -2.09 16.71 -63.46
CA ILE C 469 -1.74 15.32 -63.67
C ILE C 469 -0.76 14.90 -62.59
N SER C 470 -1.00 13.74 -61.99
CA SER C 470 -0.10 13.17 -60.98
C SER C 470 0.31 11.78 -61.43
N LEU C 471 1.61 11.61 -61.68
CA LEU C 471 2.14 10.32 -62.11
C LEU C 471 2.38 9.44 -60.90
N SER C 472 1.94 8.17 -60.98
CA SER C 472 2.20 7.22 -59.91
C SER C 472 3.71 7.02 -59.75
N LYS C 473 4.09 6.55 -58.57
CA LYS C 473 5.51 6.49 -58.25
C LYS C 473 5.94 5.07 -57.98
N PRO C 474 7.18 4.71 -58.34
CA PRO C 474 7.71 3.40 -57.98
C PRO C 474 8.22 3.39 -56.55
N THR C 475 8.37 2.17 -56.02
CA THR C 475 9.04 2.02 -54.73
C THR C 475 10.50 2.39 -54.88
N SER C 476 10.98 3.25 -53.98
CA SER C 476 12.36 3.72 -54.06
C SER C 476 13.34 2.55 -53.94
N ARG C 477 14.51 2.72 -54.55
CA ARG C 477 15.58 1.75 -54.37
C ARG C 477 15.94 1.64 -52.89
N TYR C 478 16.48 0.49 -52.52
CA TYR C 478 16.87 0.28 -51.13
C TYR C 478 18.09 1.12 -50.77
N THR C 479 18.06 1.71 -49.58
CA THR C 479 19.27 2.09 -48.86
C THR C 479 19.56 1.02 -47.82
N LYS C 480 20.78 1.05 -47.28
CA LYS C 480 21.07 0.17 -46.15
C LYS C 480 20.00 0.28 -45.07
N VAL C 481 19.55 1.50 -44.77
CA VAL C 481 18.52 1.70 -43.76
C VAL C 481 17.18 1.10 -44.19
N SER C 482 16.74 1.39 -45.42
CA SER C 482 15.42 0.89 -45.83
C SER C 482 15.44 -0.62 -46.00
N LEU C 483 16.57 -1.16 -46.43
CA LEU C 483 16.71 -2.61 -46.46
C LEU C 483 16.70 -3.19 -45.04
N LEU C 484 17.48 -2.59 -44.13
CA LEU C 484 17.42 -3.03 -42.74
C LEU C 484 15.98 -3.00 -42.20
N LYS C 485 15.21 -2.00 -42.60
CA LYS C 485 13.82 -1.92 -42.12
C LYS C 485 12.97 -3.03 -42.69
N TRP C 486 13.22 -3.38 -43.96
CA TRP C 486 12.52 -4.52 -44.58
C TRP C 486 12.84 -5.80 -43.82
N MET C 487 14.11 -6.01 -43.46
CA MET C 487 14.47 -7.22 -42.74
C MET C 487 13.75 -7.29 -41.40
N GLU C 488 13.70 -6.18 -40.67
CA GLU C 488 12.97 -6.21 -39.41
C GLU C 488 11.50 -6.48 -39.66
N SER C 489 10.92 -5.79 -40.63
CA SER C 489 9.49 -5.92 -40.90
C SER C 489 9.16 -7.34 -41.37
N SER C 490 10.07 -7.99 -42.08
CA SER C 490 9.84 -9.36 -42.54
C SER C 490 10.40 -10.41 -41.59
N ASN C 491 10.98 -10.00 -40.46
CA ASN C 491 11.49 -10.93 -39.45
C ASN C 491 12.55 -11.87 -40.03
N LEU C 492 13.49 -11.31 -40.78
CA LEU C 492 14.63 -12.06 -41.28
C LEU C 492 15.87 -11.69 -40.48
N GLY C 493 16.54 -12.69 -39.92
CA GLY C 493 17.64 -12.40 -39.03
C GLY C 493 17.11 -11.85 -37.71
N THR C 494 18.05 -11.33 -36.93
CA THR C 494 17.75 -10.65 -35.69
C THR C 494 18.35 -9.25 -35.74
N GLU C 495 17.90 -8.39 -34.83
CA GLU C 495 18.40 -7.02 -34.80
C GLU C 495 19.91 -6.99 -34.58
N ALA C 496 20.49 -8.03 -33.97
CA ALA C 496 21.93 -8.11 -33.80
C ALA C 496 22.67 -8.57 -35.06
N THR C 497 22.03 -9.31 -35.96
CA THR C 497 22.72 -9.89 -37.12
C THR C 497 22.45 -9.17 -38.45
N ARG C 498 21.39 -8.37 -38.54
CA ARG C 498 20.99 -7.84 -39.83
C ARG C 498 22.04 -6.89 -40.40
N GLY C 499 22.61 -6.03 -39.57
CA GLY C 499 23.65 -5.14 -40.06
C GLY C 499 24.85 -5.89 -40.62
N ARG C 500 25.23 -6.99 -39.97
CA ARG C 500 26.37 -7.75 -40.47
C ARG C 500 26.04 -8.42 -41.79
N ILE C 501 24.83 -8.95 -41.90
CA ILE C 501 24.40 -9.57 -43.14
C ILE C 501 24.49 -8.60 -44.30
N ILE C 502 24.02 -7.36 -44.08
CA ILE C 502 24.08 -6.35 -45.12
C ILE C 502 25.53 -6.08 -45.51
N GLU C 503 26.43 -5.95 -44.53
CA GLU C 503 27.84 -5.67 -44.85
C GLU C 503 28.49 -6.84 -45.57
N ILE C 504 28.19 -8.06 -45.14
CA ILE C 504 28.73 -9.24 -45.79
C ILE C 504 28.33 -9.29 -47.26
N LEU C 505 27.05 -9.01 -47.57
CA LEU C 505 26.65 -8.99 -48.98
C LEU C 505 27.46 -7.99 -49.79
N VAL C 506 27.85 -6.87 -49.18
CA VAL C 506 28.71 -5.92 -49.86
C VAL C 506 30.15 -6.42 -49.92
N LYS C 507 30.62 -7.00 -48.82
CA LYS C 507 32.00 -7.51 -48.79
C LYS C 507 32.20 -8.61 -49.83
N ARG C 508 31.23 -9.50 -49.97
CA ARG C 508 31.32 -10.61 -50.91
C ARG C 508 30.87 -10.24 -52.32
N LYS C 509 30.76 -8.94 -52.61
CA LYS C 509 30.59 -8.37 -53.94
C LYS C 509 29.25 -8.74 -54.59
N TYR C 510 28.23 -9.12 -53.82
CA TYR C 510 26.91 -9.35 -54.40
C TYR C 510 26.09 -8.06 -54.44
N LEU C 511 26.36 -7.14 -53.52
CA LEU C 511 25.78 -5.82 -53.52
C LEU C 511 26.90 -4.80 -53.62
N THR C 512 26.55 -3.60 -54.10
CA THR C 512 27.50 -2.50 -54.11
C THR C 512 26.77 -1.22 -53.70
N ASN C 513 27.56 -0.18 -53.47
CA ASN C 513 27.08 1.09 -52.92
C ASN C 513 27.05 2.11 -54.05
N ASN C 514 25.87 2.38 -54.57
CA ASN C 514 25.67 3.42 -55.58
C ASN C 514 25.15 4.67 -54.85
N GLY C 515 26.08 5.46 -54.34
CA GLY C 515 25.68 6.61 -53.56
C GLY C 515 24.91 6.18 -52.33
N ARG C 516 23.76 6.82 -52.12
CA ARG C 516 22.91 6.46 -51.00
C ARG C 516 22.27 5.08 -51.16
N TYR C 517 22.21 4.57 -52.38
CA TYR C 517 21.42 3.38 -52.68
C TYR C 517 22.31 2.16 -52.77
N ILE C 518 21.76 1.02 -52.36
CA ILE C 518 22.46 -0.25 -52.44
C ILE C 518 21.82 -1.04 -53.57
N ILE C 519 22.66 -1.55 -54.46
CA ILE C 519 22.21 -2.17 -55.71
C ILE C 519 23.03 -3.41 -55.98
N PRO C 520 22.45 -4.41 -56.65
CA PRO C 520 23.18 -5.66 -56.87
C PRO C 520 24.32 -5.42 -57.84
N THR C 521 25.37 -6.22 -57.69
CA THR C 521 26.35 -6.37 -58.76
C THR C 521 25.79 -7.35 -59.79
N LYS C 522 26.53 -7.54 -60.87
CA LYS C 522 26.17 -8.55 -61.87
C LYS C 522 26.15 -9.93 -61.22
N LEU C 523 27.21 -10.28 -60.48
CA LEU C 523 27.25 -11.58 -59.81
C LEU C 523 26.06 -11.76 -58.87
N GLY C 524 25.80 -10.77 -58.01
CA GLY C 524 24.68 -10.89 -57.10
C GLY C 524 23.35 -11.03 -57.82
N PHE C 525 23.21 -10.31 -58.94
CA PHE C 525 22.02 -10.42 -59.77
C PHE C 525 21.81 -11.86 -60.23
N TYR C 526 22.86 -12.48 -60.78
CA TYR C 526 22.72 -13.84 -61.30
C TYR C 526 22.45 -14.84 -60.20
N ILE C 527 23.11 -14.69 -59.05
CA ILE C 527 22.88 -15.63 -57.96
C ILE C 527 21.45 -15.55 -57.45
N ALA C 528 20.92 -14.34 -57.32
CA ALA C 528 19.51 -14.19 -56.95
C ALA C 528 18.59 -14.92 -57.93
N GLU C 529 18.77 -14.67 -59.23
CA GLU C 529 17.93 -15.32 -60.23
C GLU C 529 18.07 -16.84 -60.19
N ILE C 530 19.29 -17.34 -60.01
CA ILE C 530 19.50 -18.79 -59.92
C ILE C 530 18.74 -19.37 -58.72
N LEU C 531 18.98 -18.83 -57.53
CA LEU C 531 18.29 -19.32 -56.35
C LEU C 531 16.77 -19.17 -56.50
N ASN C 532 16.31 -18.07 -57.09
CA ASN C 532 14.89 -17.91 -57.33
C ASN C 532 14.37 -18.98 -58.28
N LYS C 533 15.09 -19.19 -59.40
CA LYS C 533 14.65 -20.12 -60.43
C LYS C 533 14.67 -21.56 -59.96
N PHE C 534 15.75 -21.99 -59.29
CA PHE C 534 15.94 -23.41 -59.02
C PHE C 534 15.74 -23.84 -57.57
N PHE C 535 15.75 -22.91 -56.60
CA PHE C 535 15.56 -23.27 -55.19
C PHE C 535 14.68 -22.23 -54.51
N PRO C 536 13.44 -22.06 -55.00
CA PRO C 536 12.60 -20.98 -54.47
C PRO C 536 12.37 -21.04 -52.96
N ASP C 537 12.47 -22.22 -52.34
CA ASP C 537 12.14 -22.35 -50.94
C ASP C 537 13.20 -21.75 -50.03
N ILE C 538 14.46 -21.80 -50.44
CA ILE C 538 15.50 -21.27 -49.56
C ILE C 538 15.62 -19.76 -49.64
N VAL C 539 14.92 -19.12 -50.56
CA VAL C 539 14.88 -17.67 -50.63
C VAL C 539 13.48 -17.14 -50.40
N ASP C 540 12.60 -17.98 -49.88
CA ASP C 540 11.22 -17.61 -49.58
C ASP C 540 11.19 -16.82 -48.29
N VAL C 541 10.67 -15.59 -48.36
CA VAL C 541 10.68 -14.72 -47.19
C VAL C 541 9.83 -15.33 -46.08
N ARG C 542 8.60 -15.78 -46.40
CA ARG C 542 7.69 -16.31 -45.39
C ARG C 542 8.28 -17.54 -44.70
N MET C 543 8.96 -18.40 -45.47
CA MET C 543 9.56 -19.59 -44.88
C MET C 543 10.75 -19.25 -44.01
N THR C 544 11.62 -18.36 -44.49
CA THR C 544 12.71 -17.87 -43.64
C THR C 544 12.14 -17.29 -42.35
N ALA C 545 11.14 -16.41 -42.45
CA ALA C 545 10.54 -15.84 -41.24
C ALA C 545 9.89 -16.92 -40.38
N ASP C 546 9.32 -17.95 -41.00
CA ASP C 546 8.80 -19.07 -40.22
C ASP C 546 9.90 -19.71 -39.38
N MET C 547 11.07 -19.95 -40.00
CA MET C 547 12.21 -20.49 -39.29
C MET C 547 12.72 -19.55 -38.19
N GLU C 548 12.69 -18.24 -38.43
CA GLU C 548 13.08 -17.31 -37.36
C GLU C 548 12.14 -17.43 -36.18
N SER C 549 10.83 -17.50 -36.45
CA SER C 549 9.86 -17.71 -35.38
C SER C 549 10.17 -18.97 -34.59
N LYS C 550 10.59 -20.03 -35.27
CA LYS C 550 10.89 -21.27 -34.56
C LYS C 550 12.12 -21.11 -33.69
N LEU C 551 13.16 -20.46 -34.20
CA LEU C 551 14.32 -20.14 -33.38
C LEU C 551 13.91 -19.31 -32.18
N GLU C 552 13.02 -18.34 -32.41
CA GLU C 552 12.47 -17.55 -31.31
C GLU C 552 11.78 -18.44 -30.28
N MET C 553 11.04 -19.46 -30.74
CA MET C 553 10.33 -20.33 -29.80
C MET C 553 11.26 -21.20 -28.97
N ILE C 554 12.49 -21.45 -29.45
CA ILE C 554 13.48 -22.09 -28.58
C ILE C 554 13.80 -21.18 -27.41
N LYS C 555 14.05 -19.90 -27.70
CA LYS C 555 14.47 -18.94 -26.69
C LYS C 555 13.44 -18.86 -25.56
N THR C 556 12.16 -18.96 -25.91
CA THR C 556 11.09 -18.82 -24.93
C THR C 556 10.66 -20.14 -24.31
N GLY C 557 11.33 -21.24 -24.65
CA GLY C 557 11.04 -22.54 -24.08
C GLY C 557 9.86 -23.28 -24.70
N LYS C 558 9.36 -22.82 -25.85
CA LYS C 558 8.14 -23.37 -26.43
C LYS C 558 8.37 -24.40 -27.53
N VAL C 559 9.62 -24.63 -27.95
CA VAL C 559 9.95 -25.75 -28.83
C VAL C 559 11.36 -26.19 -28.47
N LEU C 560 11.65 -27.47 -28.71
CA LEU C 560 12.96 -28.02 -28.40
C LEU C 560 13.92 -27.81 -29.57
N GLU C 561 15.19 -27.53 -29.23
CA GLU C 561 16.21 -27.36 -30.25
C GLU C 561 16.27 -28.55 -31.19
N SER C 562 16.17 -29.77 -30.64
CA SER C 562 16.32 -30.97 -31.45
C SER C 562 15.34 -31.00 -32.61
N LYS C 563 14.10 -30.54 -32.38
CA LYS C 563 13.10 -30.58 -33.42
C LYS C 563 13.38 -29.58 -34.52
N VAL C 564 13.83 -28.37 -34.16
CA VAL C 564 14.16 -27.38 -35.19
C VAL C 564 15.30 -27.90 -36.07
N ILE C 565 16.31 -28.50 -35.45
CA ILE C 565 17.40 -29.10 -36.22
C ILE C 565 16.84 -30.11 -37.22
N LYS C 566 16.00 -31.03 -36.73
CA LYS C 566 15.45 -32.07 -37.61
C LYS C 566 14.68 -31.45 -38.77
N GLU C 567 13.88 -30.42 -38.50
CA GLU C 567 13.09 -29.82 -39.58
C GLU C 567 13.98 -29.19 -40.64
N ASN C 568 15.18 -28.76 -40.26
CA ASN C 568 16.07 -28.15 -41.23
C ASN C 568 16.78 -29.20 -42.07
N ILE C 569 17.02 -30.38 -41.49
CA ILE C 569 17.57 -31.48 -42.27
C ILE C 569 16.59 -31.88 -43.38
N GLU C 570 15.28 -31.93 -43.06
CA GLU C 570 14.27 -32.19 -44.08
C GLU C 570 14.30 -31.13 -45.16
N LYS C 571 14.40 -29.84 -44.79
CA LYS C 571 14.52 -28.78 -45.78
C LYS C 571 15.84 -28.89 -46.56
N LEU C 572 16.89 -29.38 -45.92
CA LEU C 572 18.18 -29.49 -46.60
C LEU C 572 18.13 -30.55 -47.70
N ASN C 573 17.59 -31.73 -47.38
CA ASN C 573 17.50 -32.80 -48.37
C ASN C 573 16.66 -32.38 -49.57
N LYS C 574 15.59 -31.60 -49.32
CA LYS C 574 14.79 -31.09 -50.42
C LYS C 574 15.62 -30.20 -51.34
N PHE C 575 16.53 -29.40 -50.78
CA PHE C 575 17.43 -28.59 -51.60
C PHE C 575 18.40 -29.46 -52.37
N ILE C 576 19.01 -30.46 -51.70
CA ILE C 576 20.00 -31.31 -52.34
C ILE C 576 19.44 -31.94 -53.61
N GLU C 577 18.24 -32.51 -53.51
CA GLU C 577 17.61 -33.15 -54.67
C GLU C 577 17.42 -32.16 -55.81
N GLU C 578 16.94 -30.95 -55.48
CA GLU C 578 16.79 -29.93 -56.52
C GLU C 578 18.13 -29.58 -57.14
N TYR C 579 19.22 -29.72 -56.38
CA TYR C 579 20.54 -29.39 -56.90
C TYR C 579 21.02 -30.45 -57.89
N LYS C 580 20.91 -31.73 -57.52
CA LYS C 580 21.31 -32.81 -58.42
C LYS C 580 20.56 -32.72 -59.75
N VAL C 581 19.28 -32.37 -59.70
CA VAL C 581 18.49 -32.25 -60.92
C VAL C 581 19.00 -31.09 -61.78
N ASN C 582 19.25 -29.94 -61.17
CA ASN C 582 19.51 -28.71 -61.90
C ASN C 582 20.99 -28.32 -61.90
N LYS C 583 21.88 -29.24 -61.51
CA LYS C 583 23.28 -28.87 -61.26
C LYS C 583 23.94 -28.22 -62.48
N ASP C 584 23.65 -28.72 -63.68
CA ASP C 584 24.34 -28.25 -64.88
C ASP C 584 23.94 -26.81 -65.22
N LYS C 585 22.65 -26.53 -65.28
CA LYS C 585 22.20 -25.17 -65.61
C LYS C 585 22.67 -24.15 -64.58
N VAL C 586 22.67 -24.53 -63.31
CA VAL C 586 23.17 -23.63 -62.26
C VAL C 586 24.61 -23.24 -62.56
N GLY C 587 25.47 -24.24 -62.83
CA GLY C 587 26.86 -23.93 -63.18
C GLY C 587 26.97 -23.07 -64.42
N GLU C 588 26.11 -23.31 -65.41
CA GLU C 588 26.15 -22.54 -66.65
C GLU C 588 25.76 -21.08 -66.41
N SER C 589 24.69 -20.85 -65.64
CA SER C 589 24.29 -19.48 -65.32
C SER C 589 25.39 -18.77 -64.53
N LEU C 590 26.02 -19.50 -63.61
CA LEU C 590 27.15 -18.93 -62.86
C LEU C 590 28.29 -18.56 -63.80
N ALA C 591 28.59 -19.43 -64.76
CA ALA C 591 29.65 -19.13 -65.72
C ALA C 591 29.36 -17.84 -66.46
N LYS C 592 28.11 -17.66 -66.91
CA LYS C 592 27.71 -16.39 -67.54
C LYS C 592 27.86 -15.23 -66.57
N ALA C 593 27.53 -15.44 -65.29
CA ALA C 593 27.67 -14.39 -64.29
C ALA C 593 29.11 -13.91 -64.20
N LEU C 594 30.06 -14.84 -64.21
CA LEU C 594 31.48 -14.54 -64.05
C LEU C 594 32.15 -14.16 -65.35
N GLY C 595 31.39 -14.00 -66.43
CA GLY C 595 31.97 -13.71 -67.73
C GLY C 595 32.78 -14.85 -68.31
N LEU C 596 32.54 -16.09 -67.86
CA LEU C 596 33.31 -17.25 -68.30
C LEU C 596 32.77 -17.89 -69.58
N ILE C 597 31.47 -17.78 -69.85
CA ILE C 597 30.88 -18.15 -71.13
C ILE C 597 30.51 -16.86 -71.86
N LYS C 598 31.03 -16.69 -73.07
CA LYS C 598 30.71 -15.49 -73.85
C LYS C 598 29.31 -15.62 -74.45
N ILE C 599 28.55 -14.52 -74.40
CA ILE C 599 27.16 -14.47 -74.82
C ILE C 599 26.95 -13.22 -75.66
N VAL C 600 25.85 -13.22 -76.42
CA VAL C 600 25.43 -12.03 -77.14
C VAL C 600 24.49 -11.25 -76.24
N LYS C 601 24.89 -10.04 -75.89
CA LYS C 601 24.22 -9.32 -74.84
C LYS C 601 23.10 -8.45 -75.41
N CYS C 602 22.16 -8.12 -74.53
CA CYS C 602 21.11 -7.17 -74.85
C CYS C 602 21.69 -5.88 -75.42
N LYS C 603 20.89 -5.19 -76.24
CA LYS C 603 21.33 -3.92 -76.80
C LYS C 603 21.61 -2.88 -75.72
N TYR C 604 20.85 -2.92 -74.62
CA TYR C 604 20.81 -1.84 -73.66
C TYR C 604 21.46 -2.18 -72.33
N CYS C 605 21.74 -3.45 -72.06
CA CYS C 605 22.33 -3.82 -70.79
C CYS C 605 23.27 -5.02 -71.00
N ASP C 606 23.80 -5.54 -69.90
CA ASP C 606 24.83 -6.58 -69.93
C ASP C 606 24.26 -8.00 -69.88
N LEU C 607 22.95 -8.15 -69.85
CA LEU C 607 22.34 -9.48 -69.80
C LEU C 607 22.17 -10.03 -71.20
N GLU C 608 21.93 -11.34 -71.27
CA GLU C 608 21.88 -12.02 -72.56
C GLU C 608 20.58 -11.70 -73.29
N GLN C 609 20.69 -11.51 -74.61
CA GLN C 609 19.51 -11.28 -75.42
C GLN C 609 18.56 -12.49 -75.35
N TYR C 610 17.26 -12.18 -75.47
CA TYR C 610 16.18 -13.16 -75.40
C TYR C 610 15.38 -13.17 -76.70
N LYS C 611 14.72 -12.05 -77.03
CA LYS C 611 14.04 -11.87 -78.30
C LYS C 611 14.25 -10.43 -78.76
N ASP C 612 14.33 -10.26 -80.09
CA ASP C 612 14.41 -8.93 -80.71
C ASP C 612 15.66 -8.16 -80.28
N GLY C 613 16.72 -8.87 -79.93
CA GLY C 613 17.94 -8.21 -79.47
C GLY C 613 17.87 -7.67 -78.07
N LEU C 614 16.83 -7.99 -77.33
CA LEU C 614 16.62 -7.49 -75.97
C LEU C 614 16.71 -8.63 -74.98
N CYS C 615 17.23 -8.35 -73.79
CA CYS C 615 17.22 -9.37 -72.76
C CYS C 615 15.80 -9.61 -72.25
N LYS C 616 15.66 -10.63 -71.41
CA LYS C 616 14.34 -11.03 -70.94
C LYS C 616 13.63 -9.87 -70.25
N TYR C 617 14.39 -8.97 -69.63
CA TYR C 617 13.79 -7.90 -68.86
C TYR C 617 13.49 -6.67 -69.73
N HIS C 618 14.35 -6.36 -70.71
CA HIS C 618 14.02 -5.33 -71.66
C HIS C 618 12.84 -5.76 -72.55
N TYR C 619 12.70 -7.06 -72.79
CA TYR C 619 11.55 -7.54 -73.53
C TYR C 619 10.27 -7.30 -72.74
N GLU C 620 10.25 -7.74 -71.47
CA GLU C 620 9.14 -7.44 -70.57
C GLU C 620 8.87 -5.94 -70.49
N ALA C 621 9.93 -5.13 -70.49
CA ALA C 621 9.77 -3.67 -70.47
C ALA C 621 9.01 -3.17 -71.69
N LYS C 622 9.24 -3.80 -72.85
CA LYS C 622 8.52 -3.44 -74.07
C LYS C 622 7.04 -3.82 -73.97
N VAL C 623 6.76 -5.01 -73.43
CA VAL C 623 5.39 -5.46 -73.22
C VAL C 623 4.66 -4.50 -72.30
N ARG C 624 5.31 -4.09 -71.20
CA ARG C 624 4.63 -3.21 -70.25
C ARG C 624 4.46 -1.81 -70.82
N LEU C 625 5.39 -1.36 -71.65
CA LEU C 625 5.26 -0.06 -72.29
C LEU C 625 4.03 -0.03 -73.19
N LEU C 626 3.90 -1.01 -74.09
CA LEU C 626 2.71 -1.15 -74.93
C LEU C 626 1.44 -1.06 -74.09
N ASP C 627 1.39 -1.77 -72.97
CA ASP C 627 0.19 -1.75 -72.15
C ASP C 627 -0.02 -0.39 -71.48
N ALA C 628 1.04 0.18 -70.91
CA ALA C 628 0.89 1.48 -70.24
C ALA C 628 0.46 2.56 -71.23
N VAL C 629 1.03 2.55 -72.45
CA VAL C 629 0.68 3.58 -73.43
C VAL C 629 -0.82 3.57 -73.71
N GLU C 630 -1.42 2.39 -73.77
CA GLU C 630 -2.87 2.32 -73.98
C GLU C 630 -3.62 2.89 -72.78
N ILE C 631 -3.11 2.67 -71.57
CA ILE C 631 -3.75 3.22 -70.37
C ILE C 631 -3.62 4.74 -70.37
N TRP C 632 -2.45 5.25 -70.79
CA TRP C 632 -2.27 6.69 -70.94
C TRP C 632 -3.22 7.28 -71.98
N LYS C 633 -3.44 6.56 -73.08
CA LYS C 633 -4.37 7.03 -74.09
C LYS C 633 -5.80 7.03 -73.56
N GLU C 634 -6.16 6.01 -72.79
CA GLU C 634 -7.51 5.95 -72.24
C GLU C 634 -7.78 7.10 -71.28
N ARG C 635 -6.82 7.46 -70.44
CA ARG C 635 -7.05 8.40 -69.34
C ARG C 635 -6.78 9.85 -69.72
N THR C 636 -5.81 10.11 -70.60
CA THR C 636 -5.40 11.47 -70.92
C THR C 636 -5.92 11.96 -72.26
N LYS C 637 -6.29 11.06 -73.17
CA LYS C 637 -6.61 11.36 -74.57
C LYS C 637 -5.45 12.05 -75.30
N TYR C 638 -4.22 11.89 -74.82
CA TYR C 638 -3.07 12.38 -75.55
C TYR C 638 -2.78 11.44 -76.74
N ASP C 639 -2.12 12.00 -77.75
CA ASP C 639 -1.75 11.17 -78.89
C ASP C 639 -0.51 10.35 -78.55
N HIS C 640 -0.09 9.51 -79.50
CA HIS C 640 0.97 8.55 -79.23
C HIS C 640 2.27 9.24 -78.85
N LYS C 641 2.75 10.17 -79.70
CA LYS C 641 4.06 10.76 -79.48
C LYS C 641 4.13 11.54 -78.17
N LYS C 642 3.04 12.20 -77.77
CA LYS C 642 3.06 12.96 -76.54
C LYS C 642 3.11 12.04 -75.31
N ILE C 643 2.41 10.90 -75.36
CA ILE C 643 2.49 9.93 -74.28
C ILE C 643 3.92 9.42 -74.11
N LEU C 644 4.60 9.11 -75.22
CA LEU C 644 5.98 8.62 -75.16
C LEU C 644 6.93 9.69 -74.67
N LYS C 645 6.68 10.96 -75.02
CA LYS C 645 7.52 12.03 -74.52
C LYS C 645 7.31 12.26 -73.03
N ARG C 646 6.06 12.20 -72.58
CA ARG C 646 5.79 12.39 -71.16
C ARG C 646 6.38 11.26 -70.31
N ILE C 647 6.27 10.02 -70.79
CA ILE C 647 6.84 8.89 -70.07
C ILE C 647 8.37 8.97 -70.06
N SER C 648 8.97 9.33 -71.19
CA SER C 648 10.43 9.47 -71.23
C SER C 648 10.91 10.58 -70.29
N SER C 649 10.07 11.58 -70.03
CA SER C 649 10.47 12.73 -69.25
C SER C 649 10.38 12.50 -67.74
N SER C 650 9.56 11.54 -67.31
CA SER C 650 9.40 11.25 -65.90
C SER C 650 10.58 10.40 -65.40
N LYS C 651 11.16 10.80 -64.27
CA LYS C 651 12.22 10.02 -63.64
C LYS C 651 11.70 8.84 -62.85
N SER C 652 10.38 8.72 -62.68
CA SER C 652 9.80 7.51 -62.12
C SER C 652 9.95 6.32 -63.07
N THR C 653 10.16 6.57 -64.35
CA THR C 653 10.19 5.51 -65.34
C THR C 653 11.46 4.70 -65.20
N GLY C 654 11.30 3.38 -65.12
CA GLY C 654 12.44 2.51 -64.98
C GLY C 654 13.40 2.63 -66.16
N LYS C 655 14.66 2.27 -65.88
CA LYS C 655 15.70 2.38 -66.89
C LYS C 655 15.44 1.44 -68.07
N TYR C 656 14.98 0.21 -67.80
CA TYR C 656 14.67 -0.72 -68.89
C TYR C 656 13.62 -0.13 -69.83
N VAL C 657 12.55 0.43 -69.26
CA VAL C 657 11.48 1.03 -70.05
C VAL C 657 11.97 2.28 -70.77
N LYS C 658 12.78 3.11 -70.08
CA LYS C 658 13.33 4.31 -70.72
C LYS C 658 14.19 3.97 -71.94
N ASP C 659 14.88 2.84 -71.93
CA ASP C 659 15.64 2.40 -73.10
C ASP C 659 14.73 2.17 -74.29
N ILE C 660 13.60 1.49 -74.08
CA ILE C 660 12.69 1.19 -75.18
C ILE C 660 12.00 2.47 -75.65
N VAL C 661 11.64 3.36 -74.71
CA VAL C 661 10.97 4.61 -75.09
C VAL C 661 11.86 5.45 -75.98
N THR C 662 13.16 5.51 -75.67
CA THR C 662 14.09 6.33 -76.45
C THR C 662 14.25 5.80 -77.86
N TYR C 663 14.30 4.48 -78.03
CA TYR C 663 14.42 3.89 -79.37
C TYR C 663 13.18 4.19 -80.21
N MET C 664 12.00 4.11 -79.60
CA MET C 664 10.74 4.34 -80.32
C MET C 664 10.58 5.79 -80.74
N LEU C 665 11.22 6.72 -80.02
CA LEU C 665 11.21 8.12 -80.45
C LEU C 665 12.27 8.43 -81.49
N SER C 666 13.26 7.54 -81.66
CA SER C 666 14.24 7.72 -82.74
C SER C 666 13.56 7.64 -84.10
N SER C 667 12.59 6.74 -84.24
CA SER C 667 11.90 6.52 -85.51
C SER C 667 10.47 7.04 -85.46
N MET D 1 -60.20 -4.73 6.00
CA MET D 1 -59.72 -3.49 5.39
C MET D 1 -58.89 -2.69 6.40
N ASN D 2 -59.20 -2.83 7.69
CA ASN D 2 -58.42 -2.17 8.73
C ASN D 2 -57.07 -2.89 8.87
N LEU D 3 -55.99 -2.15 8.65
CA LEU D 3 -54.65 -2.73 8.71
C LEU D 3 -54.39 -3.40 10.07
N CYS D 4 -54.86 -2.78 11.15
CA CYS D 4 -54.54 -3.22 12.50
C CYS D 4 -55.62 -4.06 13.15
N ASN D 5 -56.51 -4.65 12.35
CA ASN D 5 -57.50 -5.58 12.87
C ASN D 5 -56.94 -6.99 12.83
N VAL D 6 -57.09 -7.74 13.93
CA VAL D 6 -56.55 -9.09 13.99
C VAL D 6 -57.33 -9.85 15.05
N ASN D 7 -57.42 -11.17 14.87
CA ASN D 7 -58.02 -12.06 15.86
C ASN D 7 -57.26 -13.39 15.83
N ASN D 8 -57.56 -14.25 16.80
CA ASN D 8 -56.94 -15.58 16.88
C ASN D 8 -55.43 -15.49 16.84
N TYR D 9 -54.88 -14.75 17.80
CA TYR D 9 -53.46 -14.46 17.85
C TYR D 9 -52.89 -14.87 19.20
N TYR D 10 -51.59 -15.10 19.21
CA TYR D 10 -50.82 -15.25 20.43
C TYR D 10 -50.19 -13.92 20.78
N LEU D 11 -50.28 -13.56 22.06
CA LEU D 11 -49.74 -12.28 22.53
C LEU D 11 -48.31 -12.47 23.04
N ILE D 12 -47.38 -11.70 22.49
CA ILE D 12 -45.98 -11.70 22.90
C ILE D 12 -45.74 -10.44 23.70
N ILE D 13 -45.37 -10.59 24.97
CA ILE D 13 -45.12 -9.44 25.83
C ILE D 13 -43.63 -9.19 25.93
N ALA D 14 -43.21 -8.01 25.53
CA ALA D 14 -41.83 -7.58 25.58
C ALA D 14 -41.69 -6.51 26.65
N GLU D 15 -40.45 -6.32 27.12
CA GLU D 15 -40.24 -5.48 28.30
C GLU D 15 -40.27 -3.99 27.96
N LYS D 16 -39.72 -3.63 26.79
CA LYS D 16 -39.61 -2.25 26.34
C LYS D 16 -39.93 -2.17 24.86
N SER D 17 -40.33 -0.97 24.46
CA SER D 17 -40.73 -0.73 23.07
C SER D 17 -39.64 -1.10 22.08
N LYS D 18 -38.37 -0.80 22.41
CA LYS D 18 -37.30 -1.13 21.48
C LYS D 18 -37.20 -2.63 21.27
N ALA D 19 -37.45 -3.41 22.32
CA ALA D 19 -37.44 -4.87 22.20
C ALA D 19 -38.63 -5.36 21.37
N ALA D 20 -39.82 -4.83 21.63
CA ALA D 20 -40.98 -5.25 20.83
C ALA D 20 -40.68 -5.09 19.35
N LYS D 21 -40.06 -3.98 18.97
CA LYS D 21 -39.77 -3.76 17.56
C LYS D 21 -38.75 -4.78 17.04
N LYS D 22 -37.67 -5.00 17.79
CA LYS D 22 -36.68 -5.96 17.35
C LYS D 22 -37.27 -7.36 17.22
N ILE D 23 -38.24 -7.69 18.06
CA ILE D 23 -38.89 -9.00 17.94
C ILE D 23 -39.78 -9.06 16.72
N ALA D 24 -40.54 -7.98 16.46
CA ALA D 24 -41.37 -7.91 15.26
C ALA D 24 -40.56 -8.02 13.98
N GLU D 25 -39.45 -7.29 13.91
CA GLU D 25 -38.62 -7.34 12.70
C GLU D 25 -37.90 -8.67 12.57
N ALA D 26 -37.64 -9.35 13.70
CA ALA D 26 -37.02 -10.67 13.61
C ALA D 26 -38.01 -11.71 13.09
N LEU D 27 -39.30 -11.51 13.37
CA LEU D 27 -40.32 -12.50 13.07
C LEU D 27 -40.92 -12.35 11.68
N SER D 28 -40.71 -11.21 11.04
CA SER D 28 -41.38 -10.94 9.78
C SER D 28 -40.56 -9.93 9.00
N GLU D 29 -40.58 -10.07 7.67
CA GLU D 29 -40.02 -9.04 6.81
C GLU D 29 -40.97 -7.85 6.67
N LYS D 30 -42.26 -8.05 6.89
CA LYS D 30 -43.25 -6.99 6.80
C LYS D 30 -44.09 -7.02 8.08
N PRO D 31 -43.50 -6.63 9.21
CA PRO D 31 -44.32 -6.46 10.41
C PRO D 31 -45.24 -5.29 10.23
N ILE D 32 -46.38 -5.34 10.91
CA ILE D 32 -47.34 -4.26 10.87
C ILE D 32 -47.20 -3.42 12.14
N LEU D 33 -46.81 -2.16 11.99
CA LEU D 33 -46.85 -1.21 13.10
C LEU D 33 -48.30 -0.75 13.32
N CYS D 34 -48.71 -0.74 14.58
CA CYS D 34 -50.02 -0.25 15.01
C CYS D 34 -49.85 0.64 16.23
N ARG D 35 -50.94 1.28 16.63
CA ARG D 35 -50.92 2.20 17.76
C ARG D 35 -52.28 2.19 18.44
N LYS D 36 -52.27 2.13 19.78
CA LYS D 36 -53.51 2.18 20.55
C LYS D 36 -53.16 2.64 21.96
N TYR D 37 -54.02 3.49 22.55
CA TYR D 37 -53.74 4.16 23.82
C TYR D 37 -52.38 4.84 23.77
N ASN D 38 -52.00 5.34 22.60
CA ASN D 38 -50.71 6.02 22.39
C ASN D 38 -49.53 5.09 22.67
N VAL D 39 -49.68 3.79 22.40
CA VAL D 39 -48.61 2.81 22.56
C VAL D 39 -48.42 2.08 21.25
N SER D 40 -47.23 2.17 20.67
CA SER D 40 -46.92 1.38 19.48
C SER D 40 -46.88 -0.11 19.80
N TYR D 41 -47.32 -0.93 18.85
CA TYR D 41 -47.29 -2.37 18.99
C TYR D 41 -47.32 -2.98 17.59
N TRP D 42 -47.09 -4.29 17.51
CA TRP D 42 -46.81 -4.92 16.22
C TRP D 42 -47.63 -6.19 16.04
N ILE D 43 -48.09 -6.42 14.82
CA ILE D 43 -48.85 -7.60 14.45
C ILE D 43 -48.06 -8.40 13.44
N ILE D 44 -47.96 -9.70 13.68
CA ILE D 44 -47.22 -10.60 12.80
C ILE D 44 -48.26 -11.55 12.22
N LYS D 45 -48.69 -11.28 10.99
CA LYS D 45 -49.53 -12.21 10.24
C LYS D 45 -48.72 -13.08 9.30
N ASP D 46 -47.48 -12.66 9.00
CA ASP D 46 -46.65 -13.33 8.01
C ASP D 46 -46.07 -14.64 8.51
N HIS D 47 -45.66 -14.69 9.78
CA HIS D 47 -44.91 -15.83 10.29
C HIS D 47 -45.80 -17.06 10.38
N ASN D 48 -45.73 -17.89 9.36
CA ASN D 48 -46.35 -19.23 9.34
C ASN D 48 -47.87 -19.11 9.49
N SER D 49 -48.50 -20.17 10.05
CA SER D 49 -49.95 -20.25 10.11
C SER D 49 -50.53 -19.43 11.26
N SER D 50 -49.79 -19.29 12.36
CA SER D 50 -50.30 -18.63 13.54
C SER D 50 -50.03 -17.13 13.47
N LYS D 51 -50.87 -16.36 14.17
CA LYS D 51 -50.72 -14.92 14.23
C LYS D 51 -50.20 -14.50 15.61
N TYR D 52 -49.37 -13.46 15.61
CA TYR D 52 -48.76 -12.98 16.84
C TYR D 52 -48.93 -11.47 16.94
N VAL D 53 -49.19 -11.00 18.15
CA VAL D 53 -49.16 -9.57 18.46
C VAL D 53 -48.07 -9.34 19.50
N ILE D 54 -47.27 -8.31 19.30
CA ILE D 54 -46.09 -8.02 20.11
C ILE D 54 -46.29 -6.65 20.74
N VAL D 55 -46.35 -6.62 22.07
CA VAL D 55 -46.74 -5.46 22.87
C VAL D 55 -45.68 -5.18 23.94
N PRO D 56 -45.37 -3.92 24.22
CA PRO D 56 -44.39 -3.60 25.27
C PRO D 56 -45.05 -3.35 26.62
N ALA D 57 -44.32 -3.71 27.67
CA ALA D 57 -44.75 -3.52 29.04
C ALA D 57 -44.18 -2.26 29.68
N ALA D 58 -43.15 -1.64 29.08
CA ALA D 58 -42.48 -0.44 29.56
C ALA D 58 -41.77 -0.63 30.90
N GLY D 59 -41.66 -1.85 31.40
CA GLY D 59 -41.04 -2.10 32.68
C GLY D 59 -42.03 -2.81 33.58
N HIS D 60 -41.80 -2.79 34.88
CA HIS D 60 -42.81 -3.28 35.79
C HIS D 60 -44.16 -2.62 35.48
N LEU D 61 -45.22 -3.41 35.52
CA LEU D 61 -46.57 -2.86 35.49
C LEU D 61 -47.30 -3.06 36.81
N PHE D 62 -46.73 -3.84 37.72
CA PHE D 62 -47.34 -4.13 39.01
C PHE D 62 -46.33 -3.83 40.11
N GLY D 63 -46.86 -3.54 41.30
CA GLY D 63 -46.05 -3.39 42.49
C GLY D 63 -46.81 -3.92 43.69
N LEU D 64 -46.08 -4.22 44.75
CA LEU D 64 -46.68 -4.71 45.98
C LEU D 64 -47.38 -3.57 46.72
N LYS D 65 -48.53 -3.88 47.31
CA LYS D 65 -49.26 -2.92 48.14
C LYS D 65 -49.89 -3.66 49.31
N GLY D 66 -49.64 -3.17 50.51
CA GLY D 66 -50.27 -3.72 51.70
C GLY D 66 -51.09 -2.66 52.42
N GLU D 67 -51.60 -3.01 53.58
CA GLU D 67 -52.39 -2.07 54.36
C GLU D 67 -51.46 -1.12 55.12
N SER D 68 -51.99 0.04 55.48
CA SER D 68 -51.21 1.07 56.16
C SER D 68 -50.90 0.67 57.60
N GLY D 69 -50.09 1.49 58.25
CA GLY D 69 -49.73 1.26 59.63
C GLY D 69 -48.72 0.16 59.81
N PHE D 70 -48.38 -0.07 61.08
CA PHE D 70 -47.34 -0.99 61.51
C PHE D 70 -47.87 -1.83 62.66
N PRO D 71 -47.54 -3.14 62.70
CA PRO D 71 -46.82 -3.81 61.62
C PRO D 71 -47.77 -4.31 60.53
N VAL D 72 -47.23 -4.58 59.35
CA VAL D 72 -48.00 -5.09 58.21
C VAL D 72 -47.28 -6.33 57.69
N TYR D 73 -48.03 -7.43 57.52
CA TYR D 73 -47.45 -8.73 57.24
C TYR D 73 -47.67 -9.23 55.83
N ASP D 74 -48.57 -8.60 55.07
CA ASP D 74 -49.03 -9.11 53.80
C ASP D 74 -48.97 -8.01 52.77
N ALA D 75 -48.70 -8.41 51.52
CA ALA D 75 -48.74 -7.48 50.41
C ALA D 75 -49.20 -8.25 49.18
N ASP D 76 -49.97 -7.57 48.34
CA ASP D 76 -50.50 -8.15 47.12
C ASP D 76 -50.15 -7.27 45.94
N TRP D 77 -50.06 -7.88 44.75
CA TRP D 77 -49.66 -7.17 43.54
C TRP D 77 -50.83 -6.36 43.00
N LYS D 78 -50.58 -5.08 42.75
CA LYS D 78 -51.60 -4.19 42.22
C LYS D 78 -51.01 -3.38 41.07
N PRO D 79 -51.83 -2.93 40.13
CA PRO D 79 -51.32 -2.11 39.03
C PRO D 79 -50.56 -0.91 39.56
N LEU D 80 -49.35 -0.71 39.03
CA LEU D 80 -48.50 0.39 39.51
C LEU D 80 -49.20 1.75 39.35
N TRP D 81 -49.97 1.93 38.27
CA TRP D 81 -50.61 3.22 38.07
C TRP D 81 -51.67 3.51 39.12
N GLU D 82 -52.14 2.49 39.83
CA GLU D 82 -53.13 2.66 40.89
C GLU D 82 -52.53 2.96 42.26
N ILE D 83 -51.25 2.68 42.47
CA ILE D 83 -50.70 2.69 43.83
C ILE D 83 -49.45 3.56 43.93
N ASP D 84 -48.92 4.00 42.80
CA ASP D 84 -47.69 4.79 42.77
C ASP D 84 -47.93 6.06 41.98
N LYS D 85 -47.62 7.20 42.60
CA LYS D 85 -47.87 8.49 41.96
C LYS D 85 -46.98 8.68 40.74
N ASN D 86 -45.70 8.30 40.85
CA ASN D 86 -44.75 8.43 39.75
C ASN D 86 -44.97 7.42 38.64
N SER D 87 -45.95 6.52 38.76
CA SER D 87 -46.15 5.44 37.80
C SER D 87 -47.47 5.56 37.04
N TYR D 88 -48.08 6.75 37.04
CA TYR D 88 -49.30 6.92 36.26
C TYR D 88 -49.05 6.70 34.77
N TYR D 89 -47.85 7.02 34.28
CA TYR D 89 -47.55 6.88 32.86
C TYR D 89 -47.66 5.44 32.38
N THR D 90 -47.51 4.46 33.28
CA THR D 90 -47.59 3.05 32.90
C THR D 90 -49.00 2.58 32.62
N LYS D 91 -50.00 3.45 32.83
CA LYS D 91 -51.38 3.04 32.64
C LYS D 91 -51.67 2.68 31.20
N ARG D 92 -51.16 3.46 30.24
CA ARG D 92 -51.53 3.20 28.85
C ARG D 92 -51.00 1.84 28.39
N TYR D 93 -49.81 1.45 28.87
CA TYR D 93 -49.29 0.11 28.62
C TYR D 93 -50.16 -0.96 29.27
N TYR D 94 -50.55 -0.73 30.52
CA TYR D 94 -51.49 -1.61 31.20
C TYR D 94 -52.76 -1.77 30.37
N GLN D 95 -53.30 -0.65 29.89
CA GLN D 95 -54.56 -0.71 29.16
C GLN D 95 -54.41 -1.46 27.85
N LEU D 96 -53.34 -1.19 27.11
CA LEU D 96 -53.15 -1.87 25.83
C LEU D 96 -53.02 -3.39 26.02
N ILE D 97 -52.15 -3.83 26.94
CA ILE D 97 -52.00 -5.26 27.18
C ILE D 97 -53.32 -5.86 27.66
N SER D 98 -54.07 -5.14 28.50
CA SER D 98 -55.34 -5.64 29.01
C SER D 98 -56.31 -5.94 27.88
N SER D 99 -56.54 -4.96 27.00
CA SER D 99 -57.47 -5.19 25.90
C SER D 99 -56.98 -6.29 24.96
N LEU D 100 -55.69 -6.27 24.63
CA LEU D 100 -55.20 -7.31 23.73
C LEU D 100 -55.24 -8.70 24.37
N SER D 101 -55.07 -8.78 25.70
CA SER D 101 -55.07 -10.08 26.37
C SER D 101 -56.45 -10.75 26.34
N LYS D 102 -57.53 -9.97 26.23
CA LYS D 102 -58.87 -10.56 26.25
C LYS D 102 -59.03 -11.61 25.17
N TYR D 103 -58.64 -11.27 23.94
CA TYR D 103 -58.93 -12.06 22.75
C TYR D 103 -57.67 -12.73 22.19
N ALA D 104 -56.77 -13.17 23.06
CA ALA D 104 -55.56 -13.86 22.66
C ALA D 104 -55.70 -15.34 22.97
N LEU D 105 -55.20 -16.17 22.05
CA LEU D 105 -55.20 -17.62 22.24
C LEU D 105 -54.18 -18.07 23.26
N GLY D 106 -53.17 -17.26 23.50
CA GLY D 106 -52.12 -17.65 24.42
C GLY D 106 -51.12 -16.53 24.54
N PHE D 107 -50.11 -16.77 25.37
CA PHE D 107 -49.23 -15.70 25.81
C PHE D 107 -47.79 -16.19 25.85
N ILE D 108 -46.90 -15.27 25.50
CA ILE D 108 -45.47 -15.57 25.45
C ILE D 108 -44.75 -14.46 26.19
N ASN D 109 -44.09 -14.80 27.28
CA ASN D 109 -43.25 -13.83 27.96
C ASN D 109 -41.92 -13.72 27.23
N ALA D 110 -41.71 -12.57 26.58
CA ALA D 110 -40.45 -12.26 25.92
C ALA D 110 -39.74 -11.11 26.62
N CYS D 111 -39.99 -10.94 27.92
CA CYS D 111 -39.23 -9.93 28.62
C CYS D 111 -37.79 -10.39 28.76
N ASP D 112 -36.94 -9.52 29.29
CA ASP D 112 -35.52 -9.84 29.32
C ASP D 112 -35.27 -11.13 30.10
N TYR D 113 -34.14 -11.76 29.76
CA TYR D 113 -33.78 -13.09 30.24
C TYR D 113 -33.02 -12.95 31.57
N ASP D 114 -33.79 -12.61 32.59
CA ASP D 114 -33.32 -12.57 33.95
C ASP D 114 -34.53 -12.72 34.83
N ILE D 115 -34.29 -12.72 36.14
CA ILE D 115 -35.37 -13.01 37.08
C ILE D 115 -36.43 -11.90 37.04
N GLU D 116 -36.01 -10.64 36.95
CA GLU D 116 -36.99 -9.55 36.87
C GLU D 116 -37.87 -9.68 35.64
N GLY D 117 -37.29 -9.99 34.47
CA GLY D 117 -38.12 -10.24 33.30
C GLY D 117 -39.04 -11.44 33.45
N SER D 118 -38.60 -12.48 34.16
CA SER D 118 -39.49 -13.60 34.42
C SER D 118 -40.68 -13.17 35.26
N VAL D 119 -40.42 -12.35 36.30
CA VAL D 119 -41.48 -11.88 37.18
C VAL D 119 -42.42 -10.96 36.43
N ILE D 120 -41.86 -10.00 35.69
CA ILE D 120 -42.69 -8.98 35.07
C ILE D 120 -43.68 -9.61 34.11
N GLY D 121 -43.18 -10.51 33.26
CA GLY D 121 -44.08 -11.23 32.36
C GLY D 121 -45.08 -12.08 33.10
N TYR D 122 -44.61 -12.84 34.11
CA TYR D 122 -45.51 -13.65 34.92
C TYR D 122 -46.67 -12.83 35.46
N LEU D 123 -46.38 -11.70 36.09
CA LEU D 123 -47.46 -10.93 36.73
C LEU D 123 -48.41 -10.36 35.70
N ILE D 124 -47.89 -9.94 34.56
CA ILE D 124 -48.72 -9.38 33.50
C ILE D 124 -49.61 -10.46 32.90
N ILE D 125 -49.05 -11.64 32.61
CA ILE D 125 -49.84 -12.72 32.05
C ILE D 125 -50.86 -13.21 33.06
N LYS D 126 -50.44 -13.39 34.32
CA LYS D 126 -51.36 -13.89 35.34
C LYS D 126 -52.54 -12.95 35.55
N ASN D 127 -52.30 -11.65 35.64
CA ASN D 127 -53.36 -10.73 36.03
C ASN D 127 -54.22 -10.24 34.87
N LEU D 128 -53.65 -10.19 33.66
CA LEU D 128 -54.40 -9.69 32.51
C LEU D 128 -54.77 -10.77 31.51
N GLY D 129 -54.16 -11.95 31.58
CA GLY D 129 -54.43 -13.03 30.64
C GLY D 129 -54.64 -14.34 31.38
N ASP D 130 -54.25 -15.42 30.71
CA ASP D 130 -54.38 -16.77 31.25
C ASP D 130 -52.98 -17.35 31.47
N ILE D 131 -52.59 -17.47 32.74
CA ILE D 131 -51.30 -18.04 33.11
C ILE D 131 -51.17 -19.50 32.72
N LYS D 132 -52.30 -20.18 32.45
CA LYS D 132 -52.33 -21.57 32.04
C LYS D 132 -52.04 -21.76 30.55
N LYS D 133 -51.97 -20.67 29.80
CA LYS D 133 -51.66 -20.71 28.38
C LYS D 133 -50.46 -19.82 28.09
N ALA D 134 -49.38 -19.98 28.86
CA ALA D 134 -48.26 -19.05 28.79
C ALA D 134 -46.98 -19.81 28.48
N LYS D 135 -46.14 -19.21 27.65
CA LYS D 135 -44.82 -19.77 27.34
C LYS D 135 -43.77 -18.67 27.50
N ARG D 136 -42.50 -19.06 27.36
CA ARG D 136 -41.39 -18.16 27.67
C ARG D 136 -40.42 -18.13 26.50
N MET D 137 -40.05 -16.93 26.04
CA MET D 137 -38.93 -16.79 25.13
C MET D 137 -37.71 -16.33 25.92
N LYS D 138 -36.60 -17.02 25.72
CA LYS D 138 -35.35 -16.83 26.45
C LYS D 138 -34.28 -16.52 25.41
N PHE D 139 -33.90 -15.25 25.29
CA PHE D 139 -32.84 -14.86 24.37
C PHE D 139 -31.86 -13.95 25.09
N SER D 140 -30.60 -14.05 24.74
CA SER D 140 -29.55 -13.32 25.44
C SER D 140 -29.12 -12.06 24.69
N ALA D 141 -29.68 -11.82 23.53
CA ALA D 141 -29.45 -10.60 22.77
C ALA D 141 -30.67 -10.39 21.90
N LEU D 142 -30.90 -9.14 21.51
CA LEU D 142 -32.02 -8.88 20.61
C LEU D 142 -31.58 -8.87 19.15
N THR D 143 -30.75 -9.83 18.73
CA THR D 143 -30.45 -10.03 17.32
C THR D 143 -31.50 -10.95 16.71
N LYS D 144 -31.70 -10.79 15.39
CA LYS D 144 -32.70 -11.58 14.70
C LYS D 144 -32.47 -13.08 14.90
N SER D 145 -31.22 -13.53 14.80
CA SER D 145 -30.96 -14.96 14.98
C SER D 145 -31.26 -15.41 16.40
N ASP D 146 -30.86 -14.63 17.41
CA ASP D 146 -31.14 -15.04 18.79
C ASP D 146 -32.64 -15.04 19.09
N ILE D 147 -33.38 -14.05 18.55
CA ILE D 147 -34.82 -13.99 18.74
C ILE D 147 -35.52 -15.16 18.07
N LEU D 148 -35.11 -15.47 16.84
CA LEU D 148 -35.72 -16.59 16.12
C LEU D 148 -35.45 -17.91 16.81
N SER D 149 -34.24 -18.09 17.34
CA SER D 149 -33.93 -19.32 18.05
C SER D 149 -34.78 -19.48 19.31
N ALA D 150 -34.97 -18.39 20.09
CA ALA D 150 -35.83 -18.48 21.28
C ALA D 150 -37.28 -18.69 20.92
N PHE D 151 -37.68 -18.22 19.74
CA PHE D 151 -39.07 -18.35 19.32
C PHE D 151 -39.37 -19.77 18.86
N ARG D 152 -38.55 -20.31 17.96
CA ARG D 152 -38.84 -21.67 17.48
C ARG D 152 -38.54 -22.71 18.54
N ASN D 153 -37.67 -22.40 19.48
CA ASN D 153 -37.42 -23.32 20.59
C ASN D 153 -38.04 -22.73 21.84
N ILE D 154 -39.32 -22.36 21.73
CA ILE D 154 -40.01 -21.77 22.87
C ILE D 154 -39.90 -22.69 24.08
N SER D 155 -39.87 -22.08 25.26
CA SER D 155 -39.71 -22.79 26.52
C SER D 155 -40.97 -22.67 27.35
N ALA D 156 -40.99 -23.43 28.44
CA ALA D 156 -42.04 -23.31 29.45
C ALA D 156 -41.61 -22.25 30.48
N LEU D 157 -42.60 -21.71 31.21
CA LEU D 157 -42.25 -20.80 32.31
C LEU D 157 -41.36 -21.53 33.32
N ASP D 158 -40.42 -20.80 33.91
CA ASP D 158 -39.49 -21.37 34.90
C ASP D 158 -39.90 -20.81 36.26
N TYR D 159 -40.80 -21.54 36.95
CA TYR D 159 -41.32 -21.08 38.24
C TYR D 159 -40.23 -20.96 39.30
N ASP D 160 -39.15 -21.74 39.22
CA ASP D 160 -38.01 -21.50 40.10
C ASP D 160 -37.53 -20.06 39.99
N MET D 161 -37.33 -19.59 38.75
CA MET D 161 -36.99 -18.19 38.50
C MET D 161 -38.10 -17.27 39.02
N ILE D 162 -39.35 -17.55 38.64
CA ILE D 162 -40.46 -16.67 39.02
C ILE D 162 -40.56 -16.57 40.53
N ASN D 163 -40.47 -17.70 41.23
CA ASN D 163 -40.59 -17.68 42.68
C ASN D 163 -39.39 -17.01 43.34
N ALA D 164 -38.18 -17.26 42.84
CA ALA D 164 -37.01 -16.57 43.41
C ALA D 164 -37.21 -15.06 43.37
N GLY D 165 -37.74 -14.55 42.27
CA GLY D 165 -37.98 -13.13 42.13
C GLY D 165 -39.12 -12.61 42.98
N ILE D 166 -40.24 -13.33 43.04
CA ILE D 166 -41.35 -12.87 43.87
C ILE D 166 -40.97 -12.90 45.34
N ALA D 167 -40.32 -13.97 45.78
CA ALA D 167 -39.83 -14.02 47.14
C ALA D 167 -38.95 -12.81 47.45
N ARG D 168 -37.98 -12.51 46.56
CA ARG D 168 -37.10 -11.36 46.81
C ARG D 168 -37.90 -10.08 46.94
N HIS D 169 -38.86 -9.84 46.06
CA HIS D 169 -39.66 -8.62 46.15
C HIS D 169 -40.48 -8.57 47.42
N LYS D 170 -41.00 -9.72 47.88
CA LYS D 170 -41.90 -9.68 49.03
C LYS D 170 -41.13 -9.48 50.33
N ILE D 171 -40.02 -10.20 50.51
CA ILE D 171 -39.24 -9.95 51.71
C ILE D 171 -38.58 -8.58 51.66
N ASP D 172 -38.34 -8.03 50.47
CA ASP D 172 -37.76 -6.68 50.42
C ASP D 172 -38.81 -5.67 50.84
N TRP D 173 -40.04 -5.84 50.37
CA TRP D 173 -41.15 -4.98 50.77
C TRP D 173 -41.43 -5.09 52.27
N LEU D 174 -41.50 -6.32 52.78
CA LEU D 174 -41.73 -6.54 54.19
C LEU D 174 -40.75 -5.78 55.06
N TRP D 175 -39.45 -6.00 54.84
CA TRP D 175 -38.44 -5.30 55.63
C TRP D 175 -38.48 -3.80 55.38
N GLY D 176 -38.60 -3.37 54.14
CA GLY D 176 -38.63 -1.95 53.84
C GLY D 176 -39.77 -1.23 54.53
N ILE D 177 -40.98 -1.78 54.42
CA ILE D 177 -42.17 -1.09 54.89
C ILE D 177 -42.23 -1.09 56.41
N ASN D 178 -41.87 -2.22 57.03
CA ASN D 178 -42.00 -2.33 58.47
C ASN D 178 -40.94 -1.49 59.18
N VAL D 179 -39.67 -1.65 58.82
CA VAL D 179 -38.61 -0.95 59.54
C VAL D 179 -38.72 0.55 59.35
N SER D 180 -38.97 1.00 58.11
CA SER D 180 -39.09 2.43 57.87
C SER D 180 -40.28 3.02 58.60
N ARG D 181 -41.39 2.27 58.68
CA ARG D 181 -42.56 2.78 59.38
C ARG D 181 -42.34 2.78 60.88
N ALA D 182 -41.71 1.74 61.41
CA ALA D 182 -41.34 1.75 62.82
C ALA D 182 -40.48 2.97 63.16
N LEU D 183 -39.52 3.31 62.30
CA LEU D 183 -38.67 4.47 62.56
C LEU D 183 -39.47 5.77 62.52
N MET D 184 -40.31 5.94 61.49
CA MET D 184 -41.09 7.16 61.37
C MET D 184 -42.12 7.29 62.50
N ILE D 185 -42.67 6.16 62.96
CA ILE D 185 -43.62 6.18 64.06
C ILE D 185 -42.92 6.56 65.37
N SER D 186 -41.77 5.93 65.65
CA SER D 186 -41.07 6.24 66.90
C SER D 186 -40.74 7.73 66.98
N LEU D 187 -40.43 8.34 65.85
CA LEU D 187 -40.10 9.76 65.86
C LEU D 187 -41.35 10.62 65.99
N GLN D 188 -42.49 10.14 65.49
CA GLN D 188 -43.73 10.90 65.62
C GLN D 188 -44.10 11.13 67.08
N ASP D 189 -43.53 10.35 68.01
CA ASP D 189 -43.64 10.67 69.43
C ASP D 189 -43.13 12.06 69.75
N PHE D 190 -42.38 12.70 68.84
CA PHE D 190 -41.70 13.96 69.13
C PHE D 190 -41.90 15.06 68.09
N ALA D 191 -42.42 14.76 66.92
CA ALA D 191 -42.61 15.78 65.90
C ALA D 191 -44.09 15.88 65.55
N LYS D 192 -44.55 17.11 65.32
CA LYS D 192 -45.91 17.33 64.84
C LYS D 192 -46.05 16.86 63.40
N LYS D 193 -45.07 17.21 62.56
CA LYS D 193 -45.05 16.76 61.18
C LYS D 193 -44.30 15.45 61.05
N ARG D 194 -44.92 14.49 60.36
CA ARG D 194 -44.26 13.24 60.03
C ARG D 194 -43.11 13.53 59.09
N VAL D 195 -41.91 13.06 59.45
CA VAL D 195 -40.73 13.20 58.61
C VAL D 195 -40.42 11.84 57.97
N ILE D 196 -40.01 11.88 56.72
CA ILE D 196 -39.81 10.66 55.94
C ILE D 196 -38.48 10.02 56.32
N LEU D 197 -38.52 8.75 56.69
CA LEU D 197 -37.33 7.95 56.89
C LEU D 197 -37.49 6.67 56.08
N SER D 198 -36.37 5.99 55.82
CA SER D 198 -36.38 4.79 54.98
C SER D 198 -35.40 3.76 55.50
N ALA D 199 -35.62 2.52 55.08
CA ALA D 199 -34.79 1.38 55.43
C ALA D 199 -34.96 0.34 54.36
N GLY D 200 -34.15 -0.70 54.43
CA GLY D 200 -34.19 -1.69 53.39
C GLY D 200 -33.33 -2.87 53.73
N ARG D 201 -33.78 -4.07 53.35
CA ARG D 201 -33.06 -5.29 53.70
C ARG D 201 -31.60 -5.19 53.34
N VAL D 202 -31.28 -4.53 52.23
CA VAL D 202 -29.91 -4.37 51.78
C VAL D 202 -29.42 -2.94 51.94
N GLN D 203 -30.24 -1.94 51.61
CA GLN D 203 -29.88 -0.56 51.90
C GLN D 203 -29.31 -0.41 53.30
N SER D 204 -30.01 -0.96 54.31
CA SER D 204 -29.63 -0.68 55.70
C SER D 204 -28.29 -1.30 56.08
N PRO D 205 -28.02 -2.58 55.82
CA PRO D 205 -26.67 -3.08 56.13
C PRO D 205 -25.60 -2.44 55.29
N THR D 206 -25.96 -1.95 54.10
CA THR D 206 -24.99 -1.18 53.31
C THR D 206 -24.69 0.16 53.98
N LEU D 207 -25.73 0.92 54.35
CA LEU D 207 -25.49 2.16 55.06
C LEU D 207 -24.64 1.93 56.31
N VAL D 208 -25.03 0.95 57.13
CA VAL D 208 -24.28 0.69 58.35
C VAL D 208 -22.82 0.38 58.05
N GLN D 209 -22.55 -0.36 56.96
CA GLN D 209 -21.16 -0.65 56.61
C GLN D 209 -20.38 0.63 56.33
N VAL D 210 -20.97 1.58 55.60
CA VAL D 210 -20.24 2.81 55.32
C VAL D 210 -20.04 3.62 56.59
N VAL D 211 -21.10 3.74 57.40
CA VAL D 211 -20.98 4.47 58.66
C VAL D 211 -19.94 3.81 59.56
N ASN D 212 -20.00 2.48 59.70
CA ASN D 212 -18.99 1.78 60.48
C ASN D 212 -17.58 2.06 59.97
N SER D 213 -17.40 2.17 58.66
CA SER D 213 -16.03 2.36 58.15
C SER D 213 -15.57 3.80 58.33
N GLU D 214 -16.47 4.76 58.09
CA GLU D 214 -16.17 6.14 58.42
C GLU D 214 -15.82 6.31 59.91
N ILE D 215 -16.50 5.58 60.80
CA ILE D 215 -16.18 5.70 62.22
C ILE D 215 -14.77 5.21 62.48
N GLU D 216 -14.43 4.01 62.00
CA GLU D 216 -13.07 3.50 62.18
C GLU D 216 -12.05 4.39 61.48
N ARG D 217 -12.41 4.90 60.30
CA ARG D 217 -11.54 5.86 59.62
C ARG D 217 -11.23 7.06 60.52
N ASN D 218 -12.24 7.64 61.16
CA ASN D 218 -12.09 8.88 61.92
C ASN D 218 -11.46 8.66 63.28
N LEU D 219 -11.43 7.41 63.75
CA LEU D 219 -10.69 7.01 64.94
C LEU D 219 -9.30 6.48 64.61
N PHE D 220 -8.90 6.44 63.34
CA PHE D 220 -7.63 5.83 62.98
C PHE D 220 -6.46 6.70 63.43
N ILE D 221 -5.40 6.04 63.90
CA ILE D 221 -4.13 6.70 64.18
C ILE D 221 -3.02 5.97 63.42
N PRO D 222 -2.34 6.62 62.49
CA PRO D 222 -1.21 5.95 61.83
C PRO D 222 -0.14 5.59 62.83
N LEU D 223 0.41 4.38 62.67
CA LEU D 223 1.54 3.87 63.46
C LEU D 223 2.79 3.75 62.59
N PRO D 224 3.96 4.12 63.10
CA PRO D 224 5.16 4.10 62.26
C PRO D 224 5.86 2.75 62.25
N LYS D 225 6.40 2.42 61.09
CA LYS D 225 7.41 1.39 60.93
C LYS D 225 8.53 2.02 60.12
N PHE D 226 9.62 1.26 59.95
CA PHE D 226 10.82 1.82 59.35
C PHE D 226 11.37 0.88 58.28
N THR D 227 11.75 1.47 57.15
CA THR D 227 12.34 0.79 56.02
C THR D 227 13.67 1.45 55.71
N VAL D 228 14.55 0.71 55.03
CA VAL D 228 15.87 1.19 54.66
C VAL D 228 15.97 1.24 53.14
N SER D 229 16.35 2.38 52.62
CA SER D 229 16.68 2.51 51.21
C SER D 229 18.18 2.75 51.08
N ILE D 230 18.76 2.20 50.02
CA ILE D 230 20.19 2.32 49.77
C ILE D 230 20.39 2.82 48.34
N ILE D 231 21.52 3.49 48.13
CA ILE D 231 21.99 3.87 46.81
C ILE D 231 23.07 2.88 46.42
N VAL D 232 22.92 2.24 45.26
CA VAL D 232 23.88 1.26 44.76
C VAL D 232 24.53 1.84 43.51
N LYS D 233 25.84 2.00 43.54
CA LYS D 233 26.60 2.45 42.38
C LYS D 233 27.32 1.23 41.80
N ILE D 234 26.87 0.78 40.64
CA ILE D 234 27.43 -0.39 39.96
C ILE D 234 27.41 -0.13 38.45
N LYS D 235 28.51 -0.45 37.77
CA LYS D 235 28.77 -0.09 36.38
C LYS D 235 28.47 1.40 36.21
N ASP D 236 27.69 1.82 35.20
CA ASP D 236 27.38 3.23 35.02
C ASP D 236 26.17 3.70 35.82
N TYR D 237 25.43 2.78 36.43
CA TYR D 237 24.14 3.10 37.01
C TYR D 237 24.26 3.56 38.46
N SER D 238 23.25 4.32 38.90
CA SER D 238 23.09 4.73 40.28
C SER D 238 21.69 4.29 40.71
N LEU D 239 21.62 3.13 41.38
CA LEU D 239 20.37 2.45 41.66
C LEU D 239 19.85 2.84 43.04
N ASN D 240 18.58 3.21 43.11
CA ASN D 240 17.89 3.43 44.38
C ASN D 240 17.10 2.17 44.71
N ILE D 241 17.51 1.47 45.78
CA ILE D 241 16.91 0.19 46.14
C ILE D 241 16.25 0.33 47.51
N LYS D 242 14.96 0.04 47.56
CA LYS D 242 14.25 -0.10 48.82
C LYS D 242 14.42 -1.53 49.31
N VAL D 243 15.00 -1.69 50.50
CA VAL D 243 15.29 -3.01 51.05
C VAL D 243 14.02 -3.63 51.62
N ASN D 244 13.84 -4.94 51.37
CA ASN D 244 12.64 -5.70 51.72
C ASN D 244 12.59 -6.11 53.19
N LYS D 245 13.10 -5.29 54.10
CA LYS D 245 13.09 -5.61 55.52
C LYS D 245 12.37 -4.51 56.27
N GLU D 246 11.59 -4.89 57.27
CA GLU D 246 10.86 -3.95 58.10
C GLU D 246 11.42 -3.93 59.52
N PHE D 247 11.39 -2.76 60.13
CA PHE D 247 11.85 -2.56 61.50
C PHE D 247 10.80 -1.76 62.25
N GLU D 248 10.42 -2.26 63.43
CA GLU D 248 9.46 -1.51 64.24
C GLU D 248 10.13 -0.41 65.05
N LYS D 249 11.39 -0.62 65.47
CA LYS D 249 12.16 0.41 66.17
C LYS D 249 13.14 1.08 65.21
N ILE D 250 13.26 2.40 65.34
CA ILE D 250 14.11 3.19 64.46
C ILE D 250 15.59 2.87 64.67
N THR D 251 15.97 2.47 65.89
CA THR D 251 17.38 2.22 66.17
C THR D 251 17.86 0.92 65.52
N GLU D 252 17.01 -0.11 65.45
CA GLU D 252 17.35 -1.29 64.66
C GLU D 252 17.48 -0.94 63.17
N ALA D 253 16.66 -0.02 62.68
CA ALA D 253 16.77 0.38 61.28
C ALA D 253 18.06 1.15 61.03
N LYS D 254 18.43 2.04 61.96
CA LYS D 254 19.65 2.83 61.80
C LYS D 254 20.90 1.96 61.92
N GLU D 255 20.86 0.96 62.81
CA GLU D 255 21.97 0.00 62.92
C GLU D 255 22.09 -0.84 61.65
N PHE D 256 20.96 -1.25 61.10
CA PHE D 256 20.97 -2.01 59.86
C PHE D 256 21.59 -1.21 58.71
N LEU D 257 21.19 0.05 58.55
CA LEU D 257 21.74 0.89 57.48
C LEU D 257 23.22 1.15 57.69
N ASN D 258 23.63 1.44 58.94
CA ASN D 258 25.05 1.68 59.23
C ASN D 258 25.93 0.50 58.83
N LYS D 259 25.42 -0.72 58.94
CA LYS D 259 26.17 -1.91 58.55
C LYS D 259 26.16 -2.16 57.03
N LEU D 260 25.26 -1.53 56.27
CA LEU D 260 25.27 -1.77 54.83
C LEU D 260 26.11 -0.75 54.07
N ILE D 261 26.15 0.51 54.54
CA ILE D 261 26.83 1.55 53.80
C ILE D 261 28.31 1.21 53.67
N ASN D 262 28.86 1.48 52.48
CA ASN D 262 30.25 1.28 52.08
C ASN D 262 30.58 -0.19 51.80
N LYS D 263 29.64 -1.12 52.01
CA LYS D 263 29.87 -2.48 51.54
C LYS D 263 29.77 -2.53 50.02
N THR D 264 30.33 -3.58 49.44
CA THR D 264 30.19 -3.81 48.01
C THR D 264 29.16 -4.90 47.73
N VAL D 265 28.63 -4.87 46.52
CA VAL D 265 27.65 -5.84 46.04
C VAL D 265 28.16 -6.44 44.73
N LYS D 266 27.87 -7.73 44.53
CA LYS D 266 28.22 -8.42 43.30
C LYS D 266 26.98 -9.12 42.74
N VAL D 267 26.87 -9.12 41.40
CA VAL D 267 25.74 -9.80 40.74
C VAL D 267 26.01 -11.30 40.78
N VAL D 268 25.21 -12.03 41.56
CA VAL D 268 25.38 -13.47 41.67
C VAL D 268 24.44 -14.23 40.76
N GLU D 269 23.57 -13.54 40.03
CA GLU D 269 22.73 -14.18 39.03
C GLU D 269 22.18 -13.14 38.08
N VAL D 270 22.14 -13.51 36.80
CA VAL D 270 21.46 -12.76 35.76
C VAL D 270 20.43 -13.70 35.13
N GLU D 271 19.29 -13.15 34.72
CA GLU D 271 18.22 -14.00 34.21
C GLU D 271 17.37 -13.23 33.21
N ASN D 272 17.00 -13.91 32.13
CA ASN D 272 16.02 -13.43 31.17
C ASN D 272 14.93 -14.48 31.01
N ARG D 273 13.69 -14.02 30.89
CA ARG D 273 12.60 -14.92 30.53
C ARG D 273 11.58 -14.16 29.67
N VAL D 274 10.85 -14.91 28.86
CA VAL D 274 9.80 -14.39 28.00
C VAL D 274 8.48 -14.72 28.68
N ARG D 275 7.87 -13.74 29.35
CA ARG D 275 6.64 -13.95 30.09
C ARG D 275 5.47 -13.23 29.43
N LEU D 276 4.30 -13.85 29.51
CA LEU D 276 3.09 -13.39 28.85
C LEU D 276 2.24 -12.61 29.84
N LEU D 277 1.88 -11.39 29.47
CA LEU D 277 0.96 -10.56 30.25
C LEU D 277 -0.44 -10.81 29.69
N GLU D 278 -1.24 -11.57 30.44
CA GLU D 278 -2.50 -12.09 29.92
C GLU D 278 -3.46 -10.98 29.50
N ARG D 279 -4.15 -11.21 28.39
CA ARG D 279 -5.21 -10.31 27.94
C ARG D 279 -6.42 -10.44 28.85
N PRO D 280 -7.31 -9.45 28.88
CA PRO D 280 -8.43 -9.49 29.83
C PRO D 280 -9.49 -10.47 29.38
N SER D 281 -10.37 -10.86 30.34
CA SER D 281 -11.56 -11.63 29.99
C SER D 281 -12.73 -10.70 29.70
N PRO D 282 -13.76 -11.17 28.99
CA PRO D 282 -14.93 -10.32 28.75
C PRO D 282 -15.57 -9.93 30.07
N PHE D 283 -16.33 -8.85 30.00
CA PHE D 283 -16.93 -8.26 31.20
C PHE D 283 -18.11 -9.08 31.68
N ASN D 284 -18.26 -9.17 33.01
CA ASN D 284 -19.59 -9.32 33.61
C ASN D 284 -20.05 -7.94 33.99
N LEU D 285 -21.29 -7.82 34.48
CA LEU D 285 -21.82 -6.49 34.78
C LEU D 285 -20.96 -5.78 35.82
N THR D 286 -20.54 -6.49 36.87
CA THR D 286 -19.74 -5.87 37.91
C THR D 286 -18.45 -5.28 37.33
N ASP D 287 -17.76 -6.04 36.49
CA ASP D 287 -16.48 -5.59 35.93
C ASP D 287 -16.67 -4.32 35.11
N LEU D 288 -17.73 -4.30 34.30
CA LEU D 288 -18.05 -3.14 33.48
C LEU D 288 -18.31 -1.93 34.34
N GLN D 289 -19.11 -2.08 35.42
CA GLN D 289 -19.38 -0.96 36.30
C GLN D 289 -18.09 -0.47 36.95
N ILE D 290 -17.20 -1.39 37.33
CA ILE D 290 -15.95 -0.98 37.96
C ILE D 290 -15.06 -0.22 36.97
N GLU D 291 -14.88 -0.78 35.78
CA GLU D 291 -14.02 -0.15 34.78
C GLU D 291 -14.61 1.20 34.32
N ALA D 292 -15.91 1.25 34.03
CA ALA D 292 -16.52 2.51 33.62
C ALA D 292 -16.47 3.53 34.72
N GLY D 293 -16.59 3.08 35.97
CA GLY D 293 -16.53 4.01 37.08
C GLY D 293 -15.13 4.53 37.27
N ARG D 294 -14.13 3.64 37.19
CA ARG D 294 -12.76 4.07 37.33
C ARG D 294 -12.36 5.01 36.19
N ILE D 295 -12.65 4.62 34.96
CA ILE D 295 -12.18 5.39 33.82
C ILE D 295 -13.00 6.67 33.64
N TYR D 296 -14.33 6.55 33.62
CA TYR D 296 -15.17 7.69 33.27
C TYR D 296 -15.96 8.32 34.42
N GLY D 297 -15.94 7.72 35.61
CA GLY D 297 -16.76 8.29 36.66
C GLY D 297 -18.24 8.06 36.53
N ILE D 298 -18.65 7.12 35.69
CA ILE D 298 -20.08 6.84 35.52
C ILE D 298 -20.53 5.95 36.67
N SER D 299 -21.63 6.33 37.31
CA SER D 299 -22.07 5.60 38.49
C SER D 299 -22.50 4.20 38.08
N PRO D 300 -22.40 3.22 39.00
CA PRO D 300 -22.84 1.86 38.65
C PRO D 300 -24.28 1.80 38.17
N TYR D 301 -25.18 2.59 38.75
CA TYR D 301 -26.57 2.59 38.27
C TYR D 301 -26.61 3.01 36.81
N ASN D 302 -25.89 4.08 36.45
CA ASN D 302 -25.94 4.59 35.09
C ASN D 302 -25.25 3.66 34.11
N VAL D 303 -24.19 2.98 34.52
CA VAL D 303 -23.57 1.99 33.65
C VAL D 303 -24.59 0.92 33.26
N GLU D 304 -25.28 0.36 34.27
CA GLU D 304 -26.25 -0.69 33.99
C GLU D 304 -27.38 -0.19 33.10
N ARG D 305 -27.87 1.03 33.36
CA ARG D 305 -28.92 1.59 32.51
C ARG D 305 -28.43 1.83 31.10
N ILE D 306 -27.24 2.40 30.95
CA ILE D 306 -26.71 2.59 29.61
C ILE D 306 -26.54 1.25 28.92
N ALA D 307 -26.01 0.26 29.65
CA ALA D 307 -25.78 -1.04 29.01
C ALA D 307 -27.10 -1.66 28.58
N GLU D 308 -28.14 -1.51 29.41
CA GLU D 308 -29.48 -1.94 29.03
C GLU D 308 -29.93 -1.25 27.74
N ASP D 309 -29.68 0.07 27.60
CA ASP D 309 -30.04 0.75 26.35
C ASP D 309 -29.31 0.16 25.15
N LEU D 310 -28.03 -0.20 25.32
CA LEU D 310 -27.25 -0.73 24.21
C LEU D 310 -27.76 -2.11 23.81
N TYR D 311 -28.14 -2.92 24.81
CA TYR D 311 -28.71 -4.24 24.52
C TYR D 311 -30.05 -4.11 23.80
N LEU D 312 -30.82 -3.08 24.16
CA LEU D 312 -32.08 -2.83 23.47
C LEU D 312 -31.85 -2.38 22.04
N ASP D 313 -30.75 -1.68 21.77
CA ASP D 313 -30.34 -1.32 20.42
C ASP D 313 -29.86 -2.51 19.60
N GLY D 314 -29.81 -3.71 20.16
CA GLY D 314 -29.25 -4.87 19.47
C GLY D 314 -27.75 -4.90 19.39
N LEU D 315 -27.06 -4.04 20.16
CA LEU D 315 -25.62 -3.86 20.00
C LEU D 315 -24.79 -4.73 20.92
N ILE D 316 -25.32 -5.14 22.07
CA ILE D 316 -24.56 -5.95 23.01
C ILE D 316 -25.49 -7.02 23.57
N SER D 317 -24.88 -8.03 24.16
CA SER D 317 -25.68 -9.05 24.82
C SER D 317 -26.28 -8.48 26.10
N PHE D 318 -27.29 -9.18 26.59
CA PHE D 318 -28.00 -8.74 27.80
C PHE D 318 -27.03 -8.55 28.96
N PRO D 319 -26.98 -7.35 29.56
CA PRO D 319 -25.87 -7.04 30.48
C PRO D 319 -26.00 -7.62 31.88
N ARG D 320 -27.17 -8.15 32.29
CA ARG D 320 -27.27 -8.59 33.68
C ARG D 320 -26.70 -9.99 33.80
N THR D 321 -25.41 -10.09 34.10
CA THR D 321 -24.82 -11.42 34.19
C THR D 321 -23.60 -11.32 35.09
N ASN D 322 -23.28 -12.45 35.72
CA ASN D 322 -22.07 -12.62 36.50
C ASN D 322 -20.99 -13.35 35.74
N SER D 323 -21.32 -13.92 34.59
CA SER D 323 -20.35 -14.68 33.84
C SER D 323 -19.27 -13.78 33.27
N GLN D 324 -18.02 -14.23 33.41
CA GLN D 324 -16.87 -13.70 32.70
C GLN D 324 -16.40 -14.65 31.60
N LYS D 325 -17.29 -15.51 31.13
CA LYS D 325 -16.97 -16.47 30.08
C LYS D 325 -17.92 -16.29 28.92
N ILE D 326 -17.44 -16.63 27.72
CA ILE D 326 -18.28 -16.66 26.54
C ILE D 326 -18.27 -18.10 26.05
N PRO D 327 -19.41 -18.77 26.00
CA PRO D 327 -19.42 -20.17 25.59
C PRO D 327 -18.92 -20.32 24.16
N SER D 328 -18.40 -21.51 23.87
CA SER D 328 -17.80 -21.76 22.58
C SER D 328 -18.84 -21.92 21.48
N THR D 329 -20.11 -21.97 21.82
CA THR D 329 -21.16 -21.99 20.80
C THR D 329 -21.47 -20.61 20.25
N ILE D 330 -20.90 -19.56 20.82
CA ILE D 330 -20.98 -18.21 20.25
C ILE D 330 -19.90 -18.05 19.18
N SER D 331 -20.30 -17.64 17.98
CA SER D 331 -19.34 -17.40 16.89
C SER D 331 -18.57 -16.11 17.14
N ILE D 332 -17.33 -16.21 17.62
CA ILE D 332 -16.47 -15.04 17.65
C ILE D 332 -16.28 -14.51 16.23
N TYR D 333 -16.10 -15.41 15.26
CA TYR D 333 -15.96 -15.05 13.86
C TYR D 333 -17.09 -14.11 13.43
N ASN D 334 -18.34 -14.47 13.75
CA ASN D 334 -19.48 -13.70 13.24
C ASN D 334 -19.61 -12.33 13.89
N ILE D 335 -19.23 -12.20 15.16
CA ILE D 335 -19.20 -10.89 15.79
C ILE D 335 -18.18 -10.01 15.08
N ILE D 336 -16.95 -10.53 14.89
CA ILE D 336 -15.87 -9.77 14.26
C ILE D 336 -16.27 -9.37 12.85
N LYS D 337 -16.90 -10.27 12.12
CA LYS D 337 -17.30 -9.96 10.75
C LYS D 337 -18.30 -8.80 10.72
N GLY D 338 -19.29 -8.81 11.62
CA GLY D 338 -20.30 -7.77 11.60
C GLY D 338 -19.74 -6.39 11.90
N LEU D 339 -18.64 -6.33 12.63
CA LEU D 339 -18.03 -5.07 12.97
C LEU D 339 -17.03 -4.57 11.94
N GLU D 340 -16.71 -5.39 10.92
CA GLU D 340 -15.54 -5.13 10.09
C GLU D 340 -15.69 -3.88 9.21
N ASN D 341 -16.92 -3.49 8.86
CA ASN D 341 -17.17 -2.26 8.12
C ASN D 341 -17.75 -1.15 8.98
N SER D 342 -17.90 -1.40 10.28
CA SER D 342 -18.37 -0.41 11.23
C SER D 342 -17.26 0.61 11.47
N SER D 343 -17.55 1.59 12.33
CA SER D 343 -16.49 2.52 12.74
C SER D 343 -15.38 1.81 13.52
N TYR D 344 -15.55 0.54 13.90
CA TYR D 344 -14.47 -0.21 14.52
C TYR D 344 -13.64 -1.00 13.49
N ARG D 345 -13.75 -0.65 12.20
CA ARG D 345 -13.02 -1.37 11.15
C ARG D 345 -11.52 -1.45 11.44
N LYS D 346 -10.90 -0.33 11.82
CA LYS D 346 -9.45 -0.37 12.04
C LYS D 346 -9.10 -1.31 13.20
N LEU D 347 -9.90 -1.31 14.27
CA LEU D 347 -9.62 -2.19 15.39
C LEU D 347 -9.82 -3.65 15.02
N VAL D 348 -10.89 -3.94 14.28
CA VAL D 348 -11.14 -5.30 13.81
C VAL D 348 -9.95 -5.79 13.01
N ASP D 349 -9.44 -4.95 12.11
CA ASP D 349 -8.35 -5.42 11.27
C ASP D 349 -7.07 -5.64 12.09
N LEU D 350 -6.82 -4.81 13.10
CA LEU D 350 -5.71 -5.10 14.02
C LEU D 350 -5.89 -6.46 14.70
N VAL D 351 -7.13 -6.81 15.07
CA VAL D 351 -7.34 -8.09 15.74
C VAL D 351 -7.14 -9.25 14.77
N ARG D 352 -7.60 -9.07 13.53
CA ARG D 352 -7.39 -10.07 12.50
C ARG D 352 -5.90 -10.28 12.22
N LYS D 353 -5.13 -9.19 12.21
CA LYS D 353 -3.70 -9.33 11.98
C LYS D 353 -3.02 -9.98 13.18
N ILE D 354 -3.43 -9.62 14.40
CA ILE D 354 -2.79 -10.21 15.57
C ILE D 354 -3.04 -11.71 15.64
N THR D 355 -4.28 -12.13 15.39
CA THR D 355 -4.68 -13.51 15.61
C THR D 355 -4.57 -14.38 14.37
N GLY D 356 -4.50 -13.79 13.18
CA GLY D 356 -4.65 -14.56 11.98
C GLY D 356 -6.04 -15.09 11.76
N GLY D 357 -7.03 -14.61 12.51
CA GLY D 357 -8.38 -15.10 12.37
C GLY D 357 -8.70 -16.31 13.24
N LYS D 358 -7.80 -16.70 14.12
CA LYS D 358 -8.05 -17.76 15.08
C LYS D 358 -8.31 -17.10 16.42
N TYR D 359 -9.56 -17.17 16.87
CA TYR D 359 -10.06 -16.40 18.00
C TYR D 359 -10.23 -17.32 19.21
N VAL D 360 -9.44 -17.07 20.25
CA VAL D 360 -9.58 -17.76 21.52
C VAL D 360 -9.95 -16.72 22.57
N VAL D 361 -11.17 -16.84 23.12
CA VAL D 361 -11.57 -16.06 24.30
C VAL D 361 -10.68 -16.42 25.50
N LYS D 362 -10.17 -15.40 26.17
CA LYS D 362 -9.50 -15.58 27.45
C LYS D 362 -10.59 -15.68 28.51
N GLN D 363 -10.97 -16.91 28.86
CA GLN D 363 -12.11 -17.14 29.73
C GLN D 363 -11.82 -16.63 31.14
N GLY D 364 -12.85 -16.03 31.76
CA GLY D 364 -12.72 -15.52 33.11
C GLY D 364 -13.10 -16.58 34.13
N ILE D 365 -12.95 -16.22 35.41
CA ILE D 365 -13.17 -17.19 36.48
C ILE D 365 -14.66 -17.46 36.67
N LYS D 366 -15.45 -16.40 36.85
CA LYS D 366 -16.86 -16.54 37.22
C LYS D 366 -17.70 -17.02 36.05
N ASP D 367 -18.87 -17.55 36.39
CA ASP D 367 -19.68 -18.37 35.51
C ASP D 367 -21.15 -18.00 35.69
N ASP D 368 -21.93 -18.35 34.69
CA ASP D 368 -23.36 -18.14 34.52
C ASP D 368 -23.65 -18.80 33.18
N PRO D 369 -23.73 -20.13 33.12
CA PRO D 369 -23.76 -20.81 31.81
C PRO D 369 -24.96 -20.43 30.95
N ALA D 370 -26.03 -19.91 31.55
CA ALA D 370 -27.20 -19.48 30.80
C ALA D 370 -27.11 -18.04 30.30
N HIS D 371 -26.18 -17.25 30.81
CA HIS D 371 -26.06 -15.85 30.42
C HIS D 371 -24.59 -15.54 30.18
N PRO D 372 -24.17 -15.44 28.92
CA PRO D 372 -22.74 -15.19 28.64
C PRO D 372 -22.30 -13.81 29.11
N ALA D 373 -20.99 -13.69 29.32
CA ALA D 373 -20.35 -12.42 29.59
C ALA D 373 -20.76 -11.37 28.57
N ILE D 374 -20.59 -10.09 28.94
CA ILE D 374 -21.07 -9.02 28.07
C ILE D 374 -20.17 -8.90 26.85
N HIS D 375 -20.77 -8.84 25.67
CA HIS D 375 -19.98 -8.77 24.44
C HIS D 375 -20.79 -8.07 23.36
N PRO D 376 -20.11 -7.46 22.38
CA PRO D 376 -20.84 -6.91 21.23
C PRO D 376 -21.43 -8.04 20.43
N THR D 377 -22.61 -7.78 19.87
CA THR D 377 -23.29 -8.72 19.00
C THR D 377 -22.69 -8.79 17.62
N GLY D 378 -21.95 -7.77 17.20
CA GLY D 378 -21.51 -7.65 15.84
C GLY D 378 -22.31 -6.67 15.00
N GLU D 379 -23.51 -6.30 15.42
CA GLU D 379 -24.24 -5.24 14.73
C GLU D 379 -23.54 -3.89 14.90
N ALA D 380 -23.64 -3.06 13.88
CA ALA D 380 -22.77 -1.90 13.81
C ALA D 380 -23.35 -0.75 14.63
N PRO D 381 -22.56 -0.17 15.53
CA PRO D 381 -23.04 1.02 16.23
C PRO D 381 -23.06 2.19 15.27
N LYS D 382 -24.08 3.03 15.38
CA LYS D 382 -24.18 4.20 14.52
C LYS D 382 -24.54 5.42 15.34
N ASN D 383 -23.65 6.41 15.33
CA ASN D 383 -23.89 7.72 15.94
C ASN D 383 -24.29 7.59 17.40
N LEU D 384 -23.53 6.80 18.15
CA LEU D 384 -23.81 6.68 19.57
C LEU D 384 -23.51 8.00 20.27
N PRO D 385 -24.44 8.54 21.05
CA PRO D 385 -24.12 9.70 21.89
C PRO D 385 -23.21 9.30 23.05
N ASN D 386 -22.60 10.32 23.65
CA ASN D 386 -21.47 10.29 24.57
C ASN D 386 -21.40 9.10 25.57
N SER D 387 -22.28 8.99 26.56
CA SER D 387 -22.16 7.94 27.54
C SER D 387 -22.34 6.53 26.90
N LYS D 388 -23.28 6.44 25.99
CA LYS D 388 -23.49 5.19 25.25
C LYS D 388 -22.24 4.83 24.45
N PHE D 389 -21.65 5.81 23.76
CA PHE D 389 -20.38 5.56 23.07
C PHE D 389 -19.34 5.00 24.02
N LYS D 390 -19.18 5.64 25.18
CA LYS D 390 -18.13 5.25 26.11
C LYS D 390 -18.29 3.81 26.58
N ILE D 391 -19.52 3.41 26.91
CA ILE D 391 -19.78 2.08 27.44
C ILE D 391 -19.65 1.02 26.35
N TYR D 392 -20.22 1.28 25.17
CA TYR D 392 -20.08 0.35 24.06
C TYR D 392 -18.62 0.12 23.74
N ASP D 393 -17.86 1.20 23.69
CA ASP D 393 -16.44 1.13 23.39
C ASP D 393 -15.68 0.35 24.45
N LEU D 394 -16.00 0.58 25.73
CA LEU D 394 -15.44 -0.26 26.77
C LEU D 394 -15.72 -1.74 26.52
N ILE D 395 -16.99 -2.08 26.21
CA ILE D 395 -17.37 -3.48 26.03
C ILE D 395 -16.69 -4.08 24.81
N ALA D 396 -16.71 -3.36 23.70
CA ALA D 396 -16.12 -3.86 22.47
C ALA D 396 -14.60 -4.02 22.59
N ARG D 397 -13.92 -3.06 23.20
CA ARG D 397 -12.47 -3.18 23.35
C ARG D 397 -12.08 -4.26 24.36
N ARG D 398 -12.85 -4.40 25.45
CA ARG D 398 -12.59 -5.52 26.36
C ARG D 398 -12.79 -6.84 25.64
N PHE D 399 -13.88 -6.94 24.87
CA PHE D 399 -14.14 -8.16 24.15
C PHE D 399 -13.05 -8.46 23.13
N LEU D 400 -12.77 -7.47 22.26
CA LEU D 400 -11.75 -7.70 21.24
C LEU D 400 -10.40 -7.97 21.88
N GLY D 401 -10.09 -7.27 22.98
CA GLY D 401 -8.88 -7.59 23.73
C GLY D 401 -8.84 -9.03 24.20
N SER D 402 -9.99 -9.57 24.64
CA SER D 402 -10.01 -10.94 25.16
C SER D 402 -9.71 -11.97 24.09
N VAL D 403 -10.06 -11.69 22.83
CA VAL D 403 -9.82 -12.64 21.74
C VAL D 403 -8.58 -12.25 20.93
N SER D 404 -7.73 -11.36 21.45
CA SER D 404 -6.56 -10.93 20.69
C SER D 404 -5.34 -11.78 21.06
N ALA D 405 -4.39 -11.23 21.82
CA ALA D 405 -3.28 -12.06 22.29
C ALA D 405 -2.63 -11.38 23.48
N ASP D 406 -2.01 -12.20 24.33
CA ASP D 406 -1.33 -11.66 25.49
C ASP D 406 -0.15 -10.80 25.05
N ALA D 407 0.13 -9.76 25.83
CA ALA D 407 1.34 -8.99 25.60
C ALA D 407 2.56 -9.84 25.93
N LYS D 408 3.64 -9.61 25.20
CA LYS D 408 4.90 -10.32 25.41
C LYS D 408 5.88 -9.37 26.07
N LEU D 409 6.40 -9.77 27.22
CA LEU D 409 7.33 -8.94 27.98
C LEU D 409 8.66 -9.67 28.12
N SER D 410 9.75 -8.92 28.05
CA SER D 410 11.09 -9.43 28.38
C SER D 410 11.43 -8.90 29.76
N ASN D 411 11.50 -9.81 30.73
CA ASN D 411 11.80 -9.47 32.11
C ASN D 411 13.22 -9.91 32.43
N THR D 412 14.03 -8.98 32.96
CA THR D 412 15.42 -9.25 33.30
C THR D 412 15.63 -8.98 34.78
N ILE D 413 16.00 -10.02 35.52
CA ILE D 413 16.14 -9.96 36.98
C ILE D 413 17.60 -10.21 37.33
N TYR D 414 18.19 -9.28 38.07
CA TYR D 414 19.54 -9.44 38.61
C TYR D 414 19.43 -9.69 40.12
N THR D 415 20.05 -10.77 40.59
CA THR D 415 20.23 -10.99 42.02
C THR D 415 21.57 -10.41 42.43
N LEU D 416 21.56 -9.56 43.45
CA LEU D 416 22.77 -8.94 43.96
C LEU D 416 22.99 -9.37 45.41
N LYS D 417 24.22 -9.80 45.72
CA LYS D 417 24.59 -10.20 47.07
C LYS D 417 25.54 -9.16 47.64
N VAL D 418 25.22 -8.66 48.83
CA VAL D 418 26.12 -7.76 49.53
C VAL D 418 27.24 -8.60 50.14
N SER D 419 28.49 -8.18 49.91
CA SER D 419 29.61 -8.83 50.55
C SER D 419 29.60 -8.49 52.04
N ASP D 420 30.10 -9.43 52.86
CA ASP D 420 30.17 -9.27 54.31
C ASP D 420 28.82 -9.28 55.00
N PHE D 421 27.73 -9.27 54.24
CA PHE D 421 26.43 -9.04 54.86
C PHE D 421 25.43 -10.11 54.43
N PRO D 422 24.61 -10.61 55.37
CA PRO D 422 23.58 -11.60 55.03
C PRO D 422 22.36 -10.96 54.35
N LEU D 423 22.58 -10.38 53.18
CA LEU D 423 21.51 -9.72 52.43
C LEU D 423 21.75 -9.88 50.95
N GLU D 424 20.71 -10.34 50.23
CA GLU D 424 20.67 -10.24 48.78
C GLU D 424 19.36 -9.58 48.36
N PHE D 425 19.42 -8.79 47.29
CA PHE D 425 18.28 -8.04 46.79
C PHE D 425 18.26 -8.17 45.28
N THR D 426 17.11 -7.87 44.67
CA THR D 426 16.97 -7.97 43.23
C THR D 426 16.84 -6.59 42.58
N VAL D 427 17.30 -6.51 41.34
CA VAL D 427 17.09 -5.36 40.47
C VAL D 427 16.53 -5.88 39.16
N SER D 428 15.34 -5.40 38.78
CA SER D 428 14.62 -5.86 37.61
C SER D 428 14.33 -4.70 36.67
N TYR D 429 14.07 -5.05 35.41
CA TYR D 429 13.50 -4.13 34.44
C TYR D 429 12.74 -4.93 33.39
N THR D 430 11.57 -4.42 33.01
CA THR D 430 10.73 -5.07 32.01
C THR D 430 10.67 -4.21 30.75
N LYS D 431 10.66 -4.88 29.61
CA LYS D 431 10.50 -4.23 28.32
C LYS D 431 9.41 -4.97 27.55
N ILE D 432 8.44 -4.23 27.03
CA ILE D 432 7.34 -4.84 26.27
C ILE D 432 7.85 -5.19 24.88
N LEU D 433 7.69 -6.45 24.49
CA LEU D 433 8.09 -6.91 23.18
C LEU D 433 6.97 -6.70 22.17
N GLU D 434 5.75 -7.12 22.52
CA GLU D 434 4.56 -6.89 21.72
C GLU D 434 3.45 -6.37 22.62
N ARG D 435 2.85 -5.25 22.22
CA ARG D 435 1.79 -4.63 23.01
C ARG D 435 0.53 -5.50 22.99
N ASN D 436 0.17 -6.00 21.80
CA ASN D 436 -1.05 -6.75 21.55
C ASN D 436 -2.25 -6.12 22.24
N TRP D 437 -2.93 -6.87 23.12
CA TRP D 437 -4.18 -6.35 23.70
C TRP D 437 -3.99 -5.01 24.39
N LEU D 438 -2.77 -4.63 24.75
CA LEU D 438 -2.62 -3.35 25.43
C LEU D 438 -3.01 -2.20 24.52
N ASP D 439 -3.00 -2.42 23.20
CA ASP D 439 -3.41 -1.41 22.23
C ASP D 439 -4.91 -1.41 22.00
N ILE D 440 -5.59 -2.46 22.42
CA ILE D 440 -7.01 -2.58 22.13
C ILE D 440 -7.81 -2.14 23.35
N TYR D 441 -7.63 -2.82 24.48
CA TYR D 441 -8.15 -2.34 25.72
C TYR D 441 -7.09 -1.44 26.32
N HIS D 442 -7.08 -0.20 25.90
CA HIS D 442 -6.00 0.73 26.00
C HIS D 442 -6.12 1.72 27.12
N PHE D 443 -6.77 1.31 28.19
CA PHE D 443 -7.08 2.18 29.27
C PHE D 443 -6.14 2.15 30.48
N HIS D 444 -5.07 1.36 30.41
CA HIS D 444 -4.15 1.22 31.53
C HIS D 444 -2.74 1.04 30.98
N ASN D 445 -1.83 1.94 31.38
CA ASN D 445 -0.42 1.80 31.00
C ASN D 445 0.28 0.75 31.85
N VAL D 446 1.14 -0.01 31.20
CA VAL D 446 2.07 -0.89 31.89
C VAL D 446 3.35 -0.12 32.18
N LYS D 447 3.87 -0.23 33.40
CA LYS D 447 5.09 0.46 33.77
C LYS D 447 6.26 -0.10 32.96
N GLU D 448 6.93 0.78 32.22
CA GLU D 448 8.16 0.43 31.54
C GLU D 448 9.35 0.99 32.30
N ASP D 449 10.47 0.29 32.21
CA ASP D 449 11.67 0.62 32.96
C ASP D 449 12.77 0.97 31.99
N LYS D 450 13.62 1.92 32.37
CA LYS D 450 14.83 2.16 31.61
C LYS D 450 15.72 0.92 31.74
N PRO D 451 16.28 0.42 30.63
CA PRO D 451 17.03 -0.84 30.71
C PRO D 451 18.24 -0.74 31.62
N ILE D 452 18.64 -1.89 32.16
CA ILE D 452 19.79 -2.02 33.04
C ILE D 452 20.60 -3.21 32.55
N PHE D 453 21.84 -2.96 32.13
CA PHE D 453 22.69 -3.97 31.52
C PHE D 453 23.79 -4.35 32.50
N LEU D 454 23.74 -5.59 32.99
CA LEU D 454 24.69 -6.10 33.97
C LEU D 454 25.00 -7.55 33.65
N SER D 455 26.22 -7.96 33.99
CA SER D 455 26.69 -9.32 33.75
C SER D 455 26.93 -10.02 35.08
N LYS D 456 26.72 -11.33 35.10
CA LYS D 456 26.96 -12.11 36.31
C LYS D 456 28.39 -11.93 36.76
N GLY D 457 28.57 -11.55 38.02
CA GLY D 457 29.88 -11.28 38.57
C GLY D 457 30.23 -9.81 38.72
N ASP D 458 29.54 -8.92 38.00
CA ASP D 458 29.80 -7.49 38.14
C ASP D 458 29.58 -7.03 39.58
N GLU D 459 30.39 -6.06 40.01
CA GLU D 459 30.39 -5.62 41.40
C GLU D 459 30.22 -4.12 41.48
N GLY D 460 29.43 -3.68 42.45
CA GLY D 460 29.25 -2.27 42.74
C GLY D 460 29.28 -2.02 44.24
N LYS D 461 28.88 -0.83 44.67
CA LYS D 461 29.06 -0.44 46.06
C LYS D 461 27.85 0.33 46.57
N ILE D 462 27.48 0.05 47.82
CA ILE D 462 26.43 0.78 48.53
C ILE D 462 27.07 2.06 49.09
N VAL D 463 26.87 3.17 48.39
CA VAL D 463 27.60 4.39 48.74
C VAL D 463 26.85 5.24 49.77
N ASP D 464 25.53 5.11 49.84
CA ASP D 464 24.72 5.93 50.73
C ASP D 464 23.43 5.19 51.03
N GLY D 465 22.59 5.82 51.85
CA GLY D 465 21.33 5.21 52.22
C GLY D 465 20.59 6.06 53.24
N LYS D 466 19.29 5.82 53.36
CA LYS D 466 18.46 6.56 54.28
C LYS D 466 17.57 5.59 55.05
N VAL D 467 17.28 5.94 56.31
CA VAL D 467 16.22 5.30 57.09
C VAL D 467 14.93 6.06 56.84
N ASN D 468 13.90 5.36 56.35
CA ASN D 468 12.63 5.96 55.94
C ASN D 468 11.50 5.50 56.85
N ILE D 469 10.71 6.47 57.33
CA ILE D 469 9.55 6.16 58.15
C ILE D 469 8.36 5.85 57.24
N SER D 470 7.53 4.89 57.65
CA SER D 470 6.35 4.49 56.91
C SER D 470 5.17 4.44 57.89
N LEU D 471 4.27 5.41 57.80
CA LEU D 471 3.08 5.46 58.65
C LEU D 471 2.04 4.42 58.21
N SER D 472 1.32 3.83 59.15
CA SER D 472 0.30 2.87 58.75
C SER D 472 -0.86 3.61 58.08
N LYS D 473 -1.66 2.86 57.34
CA LYS D 473 -2.69 3.46 56.51
C LYS D 473 -4.08 3.06 56.98
N PRO D 474 -5.05 3.97 56.90
CA PRO D 474 -6.45 3.58 57.09
C PRO D 474 -7.01 2.96 55.83
N THR D 475 -8.08 2.17 56.01
CA THR D 475 -8.82 1.69 54.84
C THR D 475 -9.40 2.89 54.11
N SER D 476 -9.32 2.87 52.78
CA SER D 476 -9.75 4.02 52.02
C SER D 476 -11.25 4.24 52.17
N ARG D 477 -11.64 5.51 52.09
CA ARG D 477 -13.06 5.83 52.01
C ARG D 477 -13.67 5.18 50.76
N TYR D 478 -14.94 4.81 50.88
CA TYR D 478 -15.64 4.18 49.76
C TYR D 478 -15.83 5.16 48.62
N THR D 479 -15.62 4.66 47.40
CA THR D 479 -16.25 5.21 46.22
C THR D 479 -17.47 4.34 45.86
N LYS D 480 -18.27 4.81 44.89
CA LYS D 480 -19.39 4.00 44.42
C LYS D 480 -18.90 2.65 43.91
N VAL D 481 -17.75 2.64 43.23
CA VAL D 481 -17.23 1.39 42.70
C VAL D 481 -16.75 0.48 43.83
N SER D 482 -16.03 1.03 44.81
CA SER D 482 -15.51 0.15 45.84
C SER D 482 -16.63 -0.31 46.77
N LEU D 483 -17.60 0.57 47.06
CA LEU D 483 -18.79 0.10 47.78
C LEU D 483 -19.51 -0.99 47.02
N LEU D 484 -19.65 -0.83 45.69
CA LEU D 484 -20.21 -1.89 44.85
C LEU D 484 -19.43 -3.18 45.01
N LYS D 485 -18.11 -3.09 44.95
CA LYS D 485 -17.30 -4.30 45.00
C LYS D 485 -17.42 -4.99 46.36
N TRP D 486 -17.55 -4.21 47.44
CA TRP D 486 -17.84 -4.79 48.74
C TRP D 486 -19.21 -5.49 48.75
N MET D 487 -20.23 -4.89 48.12
CA MET D 487 -21.53 -5.56 48.03
C MET D 487 -21.41 -6.91 47.34
N GLU D 488 -20.70 -6.97 46.21
CA GLU D 488 -20.55 -8.23 45.50
C GLU D 488 -19.79 -9.24 46.33
N SER D 489 -18.65 -8.82 46.88
CA SER D 489 -17.79 -9.73 47.64
C SER D 489 -18.53 -10.28 48.87
N SER D 490 -19.37 -9.47 49.48
CA SER D 490 -20.16 -9.86 50.63
C SER D 490 -21.46 -10.53 50.23
N ASN D 491 -21.75 -10.61 48.94
CA ASN D 491 -22.98 -11.21 48.43
C ASN D 491 -24.21 -10.56 49.07
N LEU D 492 -24.30 -9.23 48.92
CA LEU D 492 -25.45 -8.46 49.34
C LEU D 492 -26.14 -7.90 48.10
N GLY D 493 -27.42 -8.19 47.94
CA GLY D 493 -28.15 -7.78 46.75
C GLY D 493 -27.70 -8.63 45.57
N THR D 494 -28.11 -8.21 44.38
CA THR D 494 -27.65 -8.87 43.16
C THR D 494 -26.96 -7.87 42.25
N GLU D 495 -26.31 -8.38 41.18
CA GLU D 495 -25.61 -7.49 40.28
C GLU D 495 -26.58 -6.55 39.61
N ALA D 496 -27.85 -6.95 39.53
CA ALA D 496 -28.90 -6.11 38.96
C ALA D 496 -29.37 -5.04 39.93
N THR D 497 -29.29 -5.26 41.24
CA THR D 497 -29.84 -4.31 42.21
C THR D 497 -28.79 -3.47 42.94
N ARG D 498 -27.51 -3.88 42.94
CA ARG D 498 -26.53 -3.17 43.76
C ARG D 498 -26.40 -1.70 43.37
N GLY D 499 -26.31 -1.40 42.08
CA GLY D 499 -26.14 -0.02 41.66
C GLY D 499 -27.31 0.86 42.05
N ARG D 500 -28.53 0.33 41.96
CA ARG D 500 -29.71 1.09 42.37
C ARG D 500 -29.73 1.32 43.87
N ILE D 501 -29.27 0.35 44.65
CA ILE D 501 -29.25 0.51 46.10
C ILE D 501 -28.33 1.66 46.50
N ILE D 502 -27.17 1.73 45.85
CA ILE D 502 -26.22 2.81 46.10
C ILE D 502 -26.85 4.17 45.78
N GLU D 503 -27.51 4.27 44.62
CA GLU D 503 -28.15 5.52 44.26
C GLU D 503 -29.28 5.86 45.22
N ILE D 504 -30.05 4.86 45.65
CA ILE D 504 -31.15 5.17 46.57
C ILE D 504 -30.60 5.76 47.86
N LEU D 505 -29.47 5.24 48.33
CA LEU D 505 -28.84 5.77 49.55
C LEU D 505 -28.44 7.24 49.37
N VAL D 506 -28.02 7.64 48.17
CA VAL D 506 -27.75 9.04 47.89
C VAL D 506 -29.05 9.84 47.76
N LYS D 507 -30.03 9.28 47.04
CA LYS D 507 -31.29 10.01 46.84
C LYS D 507 -31.99 10.29 48.18
N ARG D 508 -32.03 9.30 49.07
CA ARG D 508 -32.71 9.50 50.35
C ARG D 508 -31.83 10.19 51.39
N LYS D 509 -30.70 10.76 50.93
CA LYS D 509 -29.87 11.68 51.71
C LYS D 509 -29.21 11.01 52.91
N TYR D 510 -29.01 9.69 52.85
CA TYR D 510 -28.24 9.00 53.88
C TYR D 510 -26.75 9.02 53.59
N LEU D 511 -26.38 8.99 52.32
CA LEU D 511 -25.00 9.13 51.86
C LEU D 511 -24.93 10.33 50.94
N THR D 512 -23.72 10.85 50.78
CA THR D 512 -23.52 11.99 49.91
C THR D 512 -22.21 11.81 49.16
N ASN D 513 -22.07 12.57 48.08
CA ASN D 513 -20.91 12.52 47.21
C ASN D 513 -19.93 13.61 47.62
N ASN D 514 -18.88 13.20 48.32
CA ASN D 514 -17.73 14.07 48.63
C ASN D 514 -16.68 13.82 47.54
N GLY D 515 -16.81 14.56 46.43
CA GLY D 515 -15.95 14.36 45.30
C GLY D 515 -16.08 12.95 44.73
N ARG D 516 -14.99 12.21 44.74
CA ARG D 516 -15.05 10.84 44.24
C ARG D 516 -15.54 9.86 45.29
N TYR D 517 -15.52 10.24 46.56
CA TYR D 517 -15.85 9.34 47.65
C TYR D 517 -17.29 9.53 48.08
N ILE D 518 -17.88 8.47 48.62
CA ILE D 518 -19.24 8.52 49.10
C ILE D 518 -19.19 8.37 50.62
N ILE D 519 -19.90 9.24 51.33
CA ILE D 519 -19.74 9.38 52.78
C ILE D 519 -21.09 9.63 53.42
N PRO D 520 -21.23 9.31 54.71
CA PRO D 520 -22.52 9.46 55.39
C PRO D 520 -22.85 10.93 55.60
N THR D 521 -24.14 11.23 55.54
CA THR D 521 -24.67 12.46 56.09
C THR D 521 -24.95 12.26 57.58
N LYS D 522 -25.29 13.37 58.25
CA LYS D 522 -25.65 13.28 59.67
C LYS D 522 -26.84 12.35 59.85
N LEU D 523 -27.83 12.44 58.95
CA LEU D 523 -29.00 11.57 59.05
C LEU D 523 -28.63 10.12 58.85
N GLY D 524 -27.79 9.83 57.84
CA GLY D 524 -27.37 8.47 57.61
C GLY D 524 -26.59 7.92 58.79
N PHE D 525 -25.77 8.76 59.40
CA PHE D 525 -25.00 8.35 60.56
C PHE D 525 -25.93 7.94 61.70
N TYR D 526 -26.92 8.79 61.99
CA TYR D 526 -27.82 8.53 63.10
C TYR D 526 -28.70 7.31 62.85
N ILE D 527 -29.23 7.16 61.62
CA ILE D 527 -30.01 5.97 61.28
C ILE D 527 -29.17 4.72 61.44
N ALA D 528 -27.94 4.75 60.93
CA ALA D 528 -27.05 3.60 61.09
C ALA D 528 -26.83 3.26 62.54
N GLU D 529 -26.58 4.27 63.38
CA GLU D 529 -26.26 4.00 64.77
C GLU D 529 -27.47 3.49 65.52
N ILE D 530 -28.66 4.04 65.22
CA ILE D 530 -29.88 3.53 65.81
C ILE D 530 -30.10 2.07 65.43
N LEU D 531 -29.91 1.75 64.14
CA LEU D 531 -30.12 0.37 63.72
C LEU D 531 -29.06 -0.56 64.33
N ASN D 532 -27.80 -0.10 64.37
CA ASN D 532 -26.76 -0.90 64.99
C ASN D 532 -27.04 -1.09 66.48
N LYS D 533 -27.47 -0.01 67.16
CA LYS D 533 -27.72 -0.09 68.61
C LYS D 533 -28.89 -0.99 68.93
N PHE D 534 -30.04 -0.77 68.26
CA PHE D 534 -31.29 -1.37 68.70
C PHE D 534 -31.71 -2.60 67.92
N PHE D 535 -31.20 -2.81 66.69
CA PHE D 535 -31.65 -3.91 65.84
C PHE D 535 -30.47 -4.49 65.05
N PRO D 536 -29.42 -4.93 65.73
CA PRO D 536 -28.20 -5.31 65.00
C PRO D 536 -28.38 -6.41 63.95
N ASP D 537 -29.30 -7.36 64.17
CA ASP D 537 -29.42 -8.48 63.23
C ASP D 537 -29.82 -8.01 61.84
N ILE D 538 -30.70 -7.02 61.74
CA ILE D 538 -31.18 -6.59 60.42
C ILE D 538 -30.13 -5.80 59.65
N VAL D 539 -28.99 -5.50 60.27
CA VAL D 539 -27.86 -4.89 59.58
C VAL D 539 -26.61 -5.75 59.69
N ASP D 540 -26.75 -6.97 60.17
CA ASP D 540 -25.67 -7.93 60.19
C ASP D 540 -25.39 -8.43 58.78
N VAL D 541 -24.13 -8.32 58.34
CA VAL D 541 -23.77 -8.69 56.97
C VAL D 541 -23.97 -10.18 56.73
N ARG D 542 -23.37 -11.01 57.59
CA ARG D 542 -23.43 -12.47 57.38
C ARG D 542 -24.86 -12.97 57.31
N MET D 543 -25.75 -12.40 58.14
CA MET D 543 -27.15 -12.80 58.09
C MET D 543 -27.82 -12.31 56.82
N THR D 544 -27.46 -11.11 56.35
CA THR D 544 -28.02 -10.64 55.09
C THR D 544 -27.55 -11.51 53.93
N ALA D 545 -26.25 -11.87 53.91
CA ALA D 545 -25.74 -12.76 52.88
C ALA D 545 -26.33 -14.17 53.02
N ASP D 546 -26.70 -14.57 54.24
CA ASP D 546 -27.38 -15.85 54.42
C ASP D 546 -28.75 -15.83 53.75
N MET D 547 -29.49 -14.73 53.89
CA MET D 547 -30.79 -14.65 53.23
C MET D 547 -30.66 -14.63 51.71
N GLU D 548 -29.58 -14.02 51.19
CA GLU D 548 -29.37 -13.98 49.74
C GLU D 548 -29.11 -15.37 49.20
N SER D 549 -28.35 -16.18 49.93
CA SER D 549 -28.12 -17.56 49.53
C SER D 549 -29.42 -18.33 49.49
N LYS D 550 -30.32 -18.06 50.44
CA LYS D 550 -31.60 -18.77 50.45
C LYS D 550 -32.47 -18.34 49.28
N LEU D 551 -32.45 -17.04 48.95
CA LEU D 551 -33.14 -16.59 47.74
C LEU D 551 -32.55 -17.25 46.51
N GLU D 552 -31.23 -17.42 46.50
CA GLU D 552 -30.58 -18.15 45.44
C GLU D 552 -31.02 -19.60 45.40
N MET D 553 -31.30 -20.20 46.56
CA MET D 553 -31.66 -21.61 46.59
C MET D 553 -33.05 -21.84 46.03
N ILE D 554 -33.92 -20.84 46.10
CA ILE D 554 -35.19 -20.92 45.37
C ILE D 554 -34.92 -21.04 43.89
N LYS D 555 -34.11 -20.12 43.36
CA LYS D 555 -33.79 -20.06 41.94
C LYS D 555 -33.30 -21.40 41.41
N THR D 556 -32.56 -22.14 42.22
CA THR D 556 -31.99 -23.42 41.82
C THR D 556 -32.86 -24.60 42.26
N GLY D 557 -34.07 -24.35 42.73
CA GLY D 557 -34.99 -25.41 43.11
C GLY D 557 -34.66 -26.17 44.38
N LYS D 558 -33.79 -25.63 45.25
CA LYS D 558 -33.37 -26.38 46.43
C LYS D 558 -34.13 -26.03 47.69
N VAL D 559 -34.87 -24.93 47.69
CA VAL D 559 -35.76 -24.61 48.81
C VAL D 559 -37.02 -23.98 48.23
N LEU D 560 -38.13 -24.16 48.94
CA LEU D 560 -39.40 -23.61 48.53
C LEU D 560 -39.50 -22.16 48.96
N GLU D 561 -40.17 -21.36 48.14
CA GLU D 561 -40.42 -19.97 48.50
C GLU D 561 -41.12 -19.87 49.86
N SER D 562 -42.07 -20.77 50.12
CA SER D 562 -42.86 -20.70 51.34
C SER D 562 -41.97 -20.79 52.58
N LYS D 563 -40.91 -21.57 52.51
CA LYS D 563 -40.02 -21.70 53.66
C LYS D 563 -39.17 -20.45 53.83
N VAL D 564 -38.81 -19.78 52.74
CA VAL D 564 -38.07 -18.53 52.89
C VAL D 564 -38.97 -17.43 53.46
N ILE D 565 -40.23 -17.36 52.99
CA ILE D 565 -41.16 -16.38 53.53
C ILE D 565 -41.40 -16.62 55.01
N LYS D 566 -41.52 -17.89 55.41
CA LYS D 566 -41.72 -18.22 56.81
C LYS D 566 -40.56 -17.74 57.66
N GLU D 567 -39.33 -18.10 57.30
CA GLU D 567 -38.17 -17.65 58.06
C GLU D 567 -38.10 -16.13 58.14
N ASN D 568 -38.57 -15.45 57.09
CA ASN D 568 -38.55 -13.99 57.09
C ASN D 568 -39.60 -13.44 58.03
N ILE D 569 -40.78 -14.07 58.09
CA ILE D 569 -41.80 -13.63 59.03
C ILE D 569 -41.31 -13.79 60.47
N GLU D 570 -40.64 -14.90 60.76
CA GLU D 570 -40.07 -15.11 62.09
C GLU D 570 -39.09 -14.01 62.45
N LYS D 571 -38.17 -13.70 61.54
CA LYS D 571 -37.21 -12.63 61.81
C LYS D 571 -37.90 -11.29 61.95
N LEU D 572 -38.97 -11.06 61.16
CA LEU D 572 -39.73 -9.82 61.26
C LEU D 572 -40.44 -9.70 62.61
N ASN D 573 -40.96 -10.82 63.13
CA ASN D 573 -41.59 -10.80 64.46
C ASN D 573 -40.57 -10.52 65.56
N LYS D 574 -39.35 -11.07 65.44
CA LYS D 574 -38.29 -10.75 66.39
C LYS D 574 -37.99 -9.25 66.39
N PHE D 575 -37.95 -8.63 65.21
CA PHE D 575 -37.74 -7.19 65.14
C PHE D 575 -38.90 -6.43 65.76
N ILE D 576 -40.12 -6.86 65.47
CA ILE D 576 -41.29 -6.20 66.04
C ILE D 576 -41.24 -6.18 67.57
N GLU D 577 -40.78 -7.28 68.17
CA GLU D 577 -40.66 -7.33 69.62
C GLU D 577 -39.60 -6.37 70.13
N GLU D 578 -38.42 -6.37 69.49
CA GLU D 578 -37.36 -5.44 69.87
C GLU D 578 -37.80 -3.99 69.70
N TYR D 579 -38.69 -3.71 68.75
CA TYR D 579 -39.17 -2.35 68.57
C TYR D 579 -40.13 -1.94 69.69
N LYS D 580 -41.00 -2.86 70.11
CA LYS D 580 -41.91 -2.57 71.21
C LYS D 580 -41.13 -2.22 72.48
N VAL D 581 -40.04 -2.95 72.74
CA VAL D 581 -39.17 -2.66 73.88
C VAL D 581 -38.54 -1.28 73.76
N ASN D 582 -37.94 -0.97 72.61
CA ASN D 582 -37.08 0.20 72.48
C ASN D 582 -37.73 1.37 71.75
N LYS D 583 -39.04 1.32 71.48
CA LYS D 583 -39.67 2.35 70.64
C LYS D 583 -39.42 3.76 71.18
N ASP D 584 -39.43 3.91 72.51
CA ASP D 584 -39.22 5.24 73.09
C ASP D 584 -37.75 5.63 73.05
N LYS D 585 -36.85 4.68 73.36
CA LYS D 585 -35.43 4.91 73.18
C LYS D 585 -35.10 5.29 71.74
N VAL D 586 -35.72 4.61 70.76
CA VAL D 586 -35.47 4.90 69.34
C VAL D 586 -35.97 6.28 68.98
N GLY D 587 -37.24 6.57 69.26
CA GLY D 587 -37.81 7.87 68.90
C GLY D 587 -37.05 9.02 69.54
N GLU D 588 -36.64 8.86 70.80
CA GLU D 588 -35.85 9.89 71.47
C GLU D 588 -34.52 10.10 70.78
N SER D 589 -33.88 9.01 70.34
CA SER D 589 -32.60 9.12 69.65
C SER D 589 -32.76 9.82 68.31
N LEU D 590 -33.80 9.48 67.56
CA LEU D 590 -34.08 10.22 66.33
C LEU D 590 -34.38 11.68 66.64
N ALA D 591 -35.05 11.94 67.77
CA ALA D 591 -35.44 13.30 68.10
C ALA D 591 -34.20 14.16 68.38
N LYS D 592 -33.25 13.63 69.15
CA LYS D 592 -31.99 14.33 69.39
C LYS D 592 -31.24 14.55 68.08
N ALA D 593 -31.23 13.53 67.22
CA ALA D 593 -30.54 13.61 65.93
C ALA D 593 -30.96 14.83 65.13
N LEU D 594 -32.24 15.14 65.12
CA LEU D 594 -32.80 16.19 64.28
C LEU D 594 -33.00 17.50 65.04
N GLY D 595 -32.54 17.58 66.27
CA GLY D 595 -32.64 18.79 67.07
C GLY D 595 -33.98 19.01 67.76
N LEU D 596 -34.85 18.01 67.79
CA LEU D 596 -36.14 18.18 68.47
C LEU D 596 -35.99 18.15 69.99
N ILE D 597 -35.11 17.31 70.50
CA ILE D 597 -34.68 17.35 71.89
C ILE D 597 -33.31 18.02 71.91
N LYS D 598 -33.20 19.11 72.69
CA LYS D 598 -31.93 19.81 72.77
C LYS D 598 -30.97 18.99 73.61
N ILE D 599 -29.70 18.98 73.20
CA ILE D 599 -28.64 18.25 73.89
C ILE D 599 -27.47 19.17 74.09
N VAL D 600 -26.71 18.95 75.16
CA VAL D 600 -25.41 19.60 75.34
C VAL D 600 -24.40 18.84 74.48
N LYS D 601 -23.85 19.51 73.48
CA LYS D 601 -23.05 18.86 72.46
C LYS D 601 -21.60 18.69 72.92
N CYS D 602 -20.93 17.72 72.30
CA CYS D 602 -19.50 17.52 72.48
C CYS D 602 -18.72 18.80 72.11
N LYS D 603 -17.51 18.89 72.69
CA LYS D 603 -16.66 20.05 72.45
C LYS D 603 -16.27 20.21 70.99
N TYR D 604 -16.12 19.09 70.24
CA TYR D 604 -15.60 19.13 68.88
C TYR D 604 -16.57 18.70 67.79
N CYS D 605 -17.76 18.19 68.14
CA CYS D 605 -18.74 17.78 67.12
C CYS D 605 -20.15 17.98 67.69
N ASP D 606 -21.14 17.50 66.93
CA ASP D 606 -22.56 17.64 67.26
C ASP D 606 -23.10 16.52 68.14
N LEU D 607 -22.31 15.50 68.43
CA LEU D 607 -22.80 14.38 69.22
C LEU D 607 -22.92 14.77 70.70
N GLU D 608 -23.67 13.97 71.46
CA GLU D 608 -24.01 14.33 72.83
C GLU D 608 -22.82 14.16 73.78
N GLN D 609 -22.74 15.05 74.77
CA GLN D 609 -21.77 14.92 75.85
C GLN D 609 -21.79 13.53 76.49
N TYR D 610 -20.60 12.99 76.74
CA TYR D 610 -20.39 11.66 77.33
C TYR D 610 -19.45 11.73 78.53
N LYS D 611 -18.18 12.09 78.29
CA LYS D 611 -17.17 12.22 79.33
C LYS D 611 -16.16 13.28 78.92
N ASP D 612 -15.63 14.00 79.91
CA ASP D 612 -14.53 14.96 79.71
C ASP D 612 -14.86 16.03 78.68
N GLY D 613 -16.14 16.42 78.58
CA GLY D 613 -16.55 17.37 77.56
C GLY D 613 -16.63 16.81 76.16
N LEU D 614 -16.47 15.49 76.02
CA LEU D 614 -16.35 14.85 74.72
C LEU D 614 -17.49 13.87 74.53
N CYS D 615 -17.95 13.76 73.28
CA CYS D 615 -18.89 12.70 72.93
C CYS D 615 -18.20 11.34 73.04
N LYS D 616 -19.00 10.29 72.81
CA LYS D 616 -18.51 8.92 72.96
C LYS D 616 -17.36 8.61 72.00
N TYR D 617 -17.39 9.16 70.79
CA TYR D 617 -16.35 8.84 69.81
C TYR D 617 -15.09 9.65 70.04
N HIS D 618 -15.24 10.96 70.30
CA HIS D 618 -14.07 11.75 70.64
C HIS D 618 -13.42 11.28 71.93
N TYR D 619 -14.19 10.68 72.84
CA TYR D 619 -13.58 10.11 74.04
C TYR D 619 -12.76 8.86 73.70
N GLU D 620 -13.30 7.97 72.87
CA GLU D 620 -12.51 6.83 72.41
C GLU D 620 -11.27 7.30 71.65
N ALA D 621 -11.41 8.35 70.83
CA ALA D 621 -10.23 8.92 70.17
C ALA D 621 -9.13 9.23 71.18
N LYS D 622 -9.51 9.84 72.31
CA LYS D 622 -8.55 10.17 73.35
C LYS D 622 -7.89 8.92 73.91
N VAL D 623 -8.69 7.88 74.18
CA VAL D 623 -8.11 6.63 74.68
C VAL D 623 -7.22 5.97 73.62
N ARG D 624 -7.66 6.00 72.35
CA ARG D 624 -6.80 5.49 71.28
C ARG D 624 -5.49 6.25 71.24
N LEU D 625 -5.56 7.57 71.40
CA LEU D 625 -4.41 8.43 71.22
C LEU D 625 -3.34 8.17 72.26
N LEU D 626 -3.73 8.08 73.54
CA LEU D 626 -2.77 7.76 74.59
C LEU D 626 -1.97 6.51 74.25
N ASP D 627 -2.66 5.45 73.83
CA ASP D 627 -1.98 4.22 73.43
C ASP D 627 -1.10 4.44 72.20
N ALA D 628 -1.61 5.13 71.18
CA ALA D 628 -0.82 5.31 69.97
C ALA D 628 0.46 6.09 70.24
N VAL D 629 0.37 7.13 71.08
CA VAL D 629 1.56 7.91 71.43
C VAL D 629 2.60 7.02 72.13
N GLU D 630 2.16 6.09 72.96
CA GLU D 630 3.09 5.16 73.60
C GLU D 630 3.80 4.30 72.56
N ILE D 631 3.05 3.81 71.57
CA ILE D 631 3.64 3.02 70.51
C ILE D 631 4.63 3.86 69.69
N TRP D 632 4.26 5.11 69.37
CA TRP D 632 5.20 6.00 68.68
C TRP D 632 6.47 6.20 69.49
N LYS D 633 6.35 6.37 70.82
CA LYS D 633 7.53 6.61 71.65
C LYS D 633 8.43 5.38 71.68
N GLU D 634 7.84 4.19 71.89
CA GLU D 634 8.61 2.95 71.84
C GLU D 634 9.37 2.80 70.52
N ARG D 635 8.77 3.24 69.42
CA ARG D 635 9.31 2.94 68.10
C ARG D 635 10.22 4.01 67.53
N THR D 636 10.00 5.27 67.86
CA THR D 636 10.77 6.34 67.24
C THR D 636 11.77 7.09 68.12
N LYS D 637 11.55 7.06 69.42
CA LYS D 637 12.35 7.71 70.45
C LYS D 637 11.95 9.23 70.43
N TYR D 638 11.03 9.68 69.56
CA TYR D 638 10.69 11.12 69.48
C TYR D 638 10.05 11.55 70.77
N ASP D 639 10.20 12.80 71.18
CA ASP D 639 9.59 13.26 72.42
C ASP D 639 8.09 13.46 72.22
N HIS D 640 7.41 13.85 73.30
CA HIS D 640 5.95 13.89 73.31
C HIS D 640 5.41 14.86 72.25
N LYS D 641 5.95 16.09 72.21
CA LYS D 641 5.40 17.10 71.31
C LYS D 641 5.69 16.77 69.85
N LYS D 642 6.81 16.10 69.56
CA LYS D 642 7.13 15.73 68.19
C LYS D 642 6.23 14.59 67.70
N ILE D 643 5.90 13.66 68.59
CA ILE D 643 4.96 12.60 68.24
C ILE D 643 3.61 13.19 67.86
N LEU D 644 3.09 14.12 68.68
CA LEU D 644 1.79 14.73 68.40
C LEU D 644 1.83 15.57 67.12
N LYS D 645 2.98 16.20 66.84
CA LYS D 645 3.14 17.01 65.64
C LYS D 645 3.16 16.14 64.39
N ARG D 646 3.75 14.94 64.47
CA ARG D 646 3.73 14.01 63.33
C ARG D 646 2.32 13.47 63.09
N ILE D 647 1.62 13.10 64.16
CA ILE D 647 0.24 12.61 64.06
C ILE D 647 -0.67 13.70 63.49
N SER D 648 -0.53 14.93 64.00
CA SER D 648 -1.30 16.06 63.49
C SER D 648 -1.00 16.34 62.02
N SER D 649 0.21 16.05 61.56
CA SER D 649 0.59 16.39 60.19
C SER D 649 0.18 15.32 59.18
N SER D 650 -0.13 14.11 59.65
CA SER D 650 -0.45 13.02 58.74
C SER D 650 -1.89 13.11 58.25
N LYS D 651 -2.08 12.93 56.95
CA LYS D 651 -3.42 12.85 56.38
C LYS D 651 -4.15 11.58 56.76
N SER D 652 -3.46 10.60 57.34
CA SER D 652 -4.10 9.36 57.74
C SER D 652 -4.80 9.45 59.09
N THR D 653 -4.58 10.52 59.84
CA THR D 653 -5.15 10.63 61.18
C THR D 653 -6.63 11.00 61.08
N GLY D 654 -7.48 10.20 61.71
CA GLY D 654 -8.90 10.47 61.72
C GLY D 654 -9.22 11.82 62.35
N LYS D 655 -10.37 12.36 61.93
CA LYS D 655 -10.80 13.69 62.37
C LYS D 655 -11.02 13.74 63.90
N TYR D 656 -11.63 12.69 64.46
CA TYR D 656 -11.84 12.65 65.91
C TYR D 656 -10.52 12.73 66.65
N VAL D 657 -9.52 11.95 66.20
CA VAL D 657 -8.21 11.97 66.82
C VAL D 657 -7.57 13.34 66.66
N LYS D 658 -7.62 13.88 65.44
CA LYS D 658 -6.96 15.15 65.16
C LYS D 658 -7.50 16.27 66.03
N ASP D 659 -8.79 16.24 66.36
CA ASP D 659 -9.33 17.23 67.28
C ASP D 659 -8.66 17.14 68.64
N ILE D 660 -8.48 15.93 69.17
CA ILE D 660 -7.82 15.73 70.46
C ILE D 660 -6.34 16.13 70.37
N VAL D 661 -5.66 15.78 69.27
CA VAL D 661 -4.24 16.11 69.12
C VAL D 661 -4.02 17.62 69.14
N THR D 662 -4.85 18.36 68.40
CA THR D 662 -4.71 19.81 68.35
C THR D 662 -4.91 20.43 69.72
N TYR D 663 -5.86 19.91 70.51
CA TYR D 663 -6.07 20.44 71.85
C TYR D 663 -4.83 20.26 72.72
N MET D 664 -4.17 19.10 72.62
CA MET D 664 -3.01 18.86 73.46
C MET D 664 -1.81 19.70 73.03
N LEU D 665 -1.77 20.12 71.76
CA LEU D 665 -0.71 21.01 71.30
C LEU D 665 -0.98 22.46 71.66
N SER D 666 -2.10 23.01 71.18
CA SER D 666 -2.50 24.39 71.45
C SER D 666 -1.44 25.40 70.99
ZN ZN E . -10.76 -43.52 -42.73
ZN ZN F . 6.73 38.05 46.21
ZN ZN G . 18.53 -5.70 -71.35
ZN ZN H . -17.43 14.54 69.57
#